data_9GS9
#
_entry.id   9GS9
#
_cell.length_a   1.00
_cell.length_b   1.00
_cell.length_c   1.00
_cell.angle_alpha   90.00
_cell.angle_beta   90.00
_cell.angle_gamma   90.00
#
_symmetry.space_group_name_H-M   'P 1'
#
loop_
_entity.id
_entity.type
_entity.pdbx_description
1 polymer crRNA
2 polymer T-DNA
3 polymer NT-DNA
4 polymer Cas8
5 polymer Cas7.1
6 polymer Cas6
7 polymer TniQ.1
#
loop_
_entity_poly.entity_id
_entity_poly.type
_entity_poly.pdbx_seq_one_letter_code
_entity_poly.pdbx_strand_id
1 'polyribonucleotide' CUGAAAAUACAGUGGGGCCACUAGGGACAGGAUUGGUGACGUGACCUGCCGUAUAGGCAG 1
2 'polydeoxyribonucleotide'
;(DT)(DT)(DT)(DT)(DG)(DG)(DC)(DC)(DG)(DT)(DC)(DA)(DA)(DG)(DG)(DC)(DG)(DA)(DA)(DG)
(DG)(DT)(DC)(DA)(DC)(DC)(DA)(DA)(DT)(DC)(DC)(DT)(DG)(DT)(DC)(DC)(DC)(DT)(DA)(DG)
(DT)(DG)(DG)(DC)(DC)(DC)(DC)(DA)(DC)(DT)(DG)(DT)(DG)(DG)(DC)(DG)(DG)(DT)(DC)(DC)
(DA)(DA)(DT)(DG)(DG)(DC)(DT)(DT)(DG)(DA)(DT)(DG)(DA)(DA)
;
2
3 'polydeoxyribonucleotide' (DA)(DA)(DC)(DC)(DG)(DC)(DC)(DA)(DA)(DA)(DC) 3
4 'polypeptide(L)'
;MHLKELLEITDTTERDRSLRRAFSPYTAMIDITGSEAVALIILLNLTYRKNQVDDLLDKKLAKQALKSEDHINKCIKEIA
WFHTHNLKYPDIRVSKQNLAVEPPTLHSYVLSSANYPKAYGWSHNSAKVNFAKLFVSYFKWQNQVSWLAQVLATNSDNWK
SAFTSLGLSVKAFKSLCVTVKNSLPEEAIPDSVDRYSRQIRMPYHDGYLAVTPVISHVVQSKIQQAAIDKRARFSNVEFT
RPAAVSMLAASLGGVINVLNYPPYIRSKYHGLSNSRAFKLNNGQTVFNVEALLKPELIKALEGIIFSNNALALKQRRQQK
VKNIKELRNTLLEWFSPVFEWRLDAIENGYDLEQLESASERLEYKILSLPDNELPSLTIPLFRLLNEMLGGVSMTQRYAF
HPKLMSPLKAALQWLLVNLTDQKHVLIEEDDEHYRYLHLSGIRVFDAQALSNPYCSGIPSLTAVWGMIHSYQRKLNEALG
TNVRFTSFSWFIRNYSAVAGKKLPELSLQGAQQSRLKRPGIIDGKYCDLVFDLIIHIDGYEDDLQAVDSKPDILKAHFPS
NFAGGVMHQPELNSNINWCCLYSNENQLFEKLRRLPLSGCWVMPTEHKIQDLDELLLLLNSDSKLSPSMMGYMLLTEPMA
RVGSLERLHCYAEPAIGVVKYEAATSVRLKGIGNYFNSAFWMLDAQEKFMLMKKV
;
A
5 'polypeptide(L)'
;MELCNILKYDRSLYPGKAVFFYKTADSDFVPLEADINKIRGPKSGFTEAFTPQFSPKNISPQDLTHNNILTLEECYVPPN
VEHIFCRFSLRVQANSLVPSGCSDPEVFSLLKELAETFKECGGYKELAVRYCRNILIGTWLWRNQNTGNTQIEIKTSKGS
CYLIDNTRKLAWESKWASDDLKVLEELSNEIESALTDPNVFWSADITAKIEASFCQEIYPSQILNDKVKQGEASKQFVKA
KCADGRYAVSFNSVKIGAALQSIDDWWDEDASKRLRVHEFGADKEIGVARRPPDSEQNFYSIFKNTEWYLSALKNCITNK
NEKIDPAIYYLFSVLIKGGMFQKKAEAKKA
;
B,C,D,E,F,G
6 'polypeptide(L)'
;MQRYYFTVHFLPKQANLALLTGRCISIMHGFILKHNIEGMGVTFPAWSDSSIGNEIAFVYTDKEILNTLKDQAYFVDMQD
CGFFKVSQVLAVPDSCEEVRFIRNQAVAKIFTGESRRRLKRLQKRALARGEDFNPKKIEAPREIDIFHRVAMTSKSSQED
YILHIQKQDVDCQAEPYFSNYGLASNEKFKGTVPDLSPSIDRN
;
H
7 'polypeptide(L)'
;MGHHHHHHHHHHGGSENLYFQSGMAFLFSPKARAFSDESLESYLLRVVSENFFDSYEGLSLAIREELHELDFEAHGAFPV
DLKRLNVYHAKHNSHFRMRALGLLETLLDLPRYELQKLALLKSDIKFNSSVALYNNGVDIPLRFIRHHAEEAVDSIPVCS
QCLAEEAYIKQSWHIKWVNACTKHQCALLHNCPECYAPINYIENESITHCSCGFELSCASTSPVNTLSIEHLNKLLDKGE
RNDSNPLFNNMTLTERFAALLWYQERYSQTDNFCLNDAVNYFSKWPAVFNTELDELSKNAEMKLIDLFNKTEFKFIFGDA
ILACPSTQKQSESHFIYRALLDYLVTLVESNPKTKKPNAADLLVSVLEAATLLGTSVEQVYRLYQNGILQTAFRHKMNQR
INPYKGAFFLRHVIEYKTSFGNDKARMYLSAW
;
I,J
#
loop_
_chem_comp.id
_chem_comp.type
_chem_comp.name
_chem_comp.formula
A RNA linking ADENOSINE-5'-MONOPHOSPHATE 'C10 H14 N5 O7 P'
C RNA linking CYTIDINE-5'-MONOPHOSPHATE 'C9 H14 N3 O8 P'
DA DNA linking 2'-DEOXYADENOSINE-5'-MONOPHOSPHATE 'C10 H14 N5 O6 P'
DC DNA linking 2'-DEOXYCYTIDINE-5'-MONOPHOSPHATE 'C9 H14 N3 O7 P'
DG DNA linking 2'-DEOXYGUANOSINE-5'-MONOPHOSPHATE 'C10 H14 N5 O7 P'
DT DNA linking THYMIDINE-5'-MONOPHOSPHATE 'C10 H15 N2 O8 P'
G RNA linking GUANOSINE-5'-MONOPHOSPHATE 'C10 H14 N5 O8 P'
U RNA linking URIDINE-5'-MONOPHOSPHATE 'C9 H13 N2 O9 P'
#
# COMPACT_ATOMS: atom_id res chain seq x y z
N MET D 1 10.74 34.86 -51.29
CA MET D 1 11.00 36.23 -50.75
C MET D 1 10.47 37.28 -51.74
N HIS D 2 10.95 37.24 -52.99
CA HIS D 2 10.55 38.15 -54.10
C HIS D 2 9.30 37.59 -54.79
N LEU D 3 8.59 38.43 -55.54
CA LEU D 3 7.35 38.07 -56.28
C LEU D 3 7.62 36.93 -57.26
N LYS D 4 8.52 37.15 -58.24
CA LYS D 4 8.71 36.26 -59.41
C LYS D 4 9.65 35.09 -59.08
N GLU D 5 10.11 34.97 -57.83
CA GLU D 5 10.71 33.73 -57.28
C GLU D 5 9.65 32.61 -57.25
N LEU D 6 8.38 32.99 -57.04
CA LEU D 6 7.19 32.08 -57.02
C LEU D 6 6.57 31.96 -58.42
N LEU D 7 6.90 32.85 -59.37
CA LEU D 7 6.38 32.81 -60.77
C LEU D 7 7.17 31.79 -61.60
N GLU D 8 8.29 31.26 -61.08
CA GLU D 8 9.18 30.28 -61.78
C GLU D 8 8.45 28.95 -62.04
N ILE D 9 7.42 28.64 -61.25
CA ILE D 9 6.62 27.37 -61.38
C ILE D 9 5.81 27.45 -62.68
N THR D 10 6.08 26.52 -63.61
CA THR D 10 5.41 26.40 -64.95
C THR D 10 3.92 26.06 -64.78
N ASP D 11 3.55 25.28 -63.74
CA ASP D 11 2.14 24.89 -63.44
C ASP D 11 1.41 26.11 -62.86
N THR D 12 0.38 26.60 -63.55
CA THR D 12 -0.33 27.87 -63.25
C THR D 12 -1.16 27.73 -61.96
N THR D 13 -1.73 26.55 -61.70
CA THR D 13 -2.56 26.23 -60.50
C THR D 13 -1.71 26.39 -59.23
N GLU D 14 -0.56 25.73 -59.19
CA GLU D 14 0.45 25.81 -58.09
C GLU D 14 0.91 27.26 -57.91
N ARG D 15 1.16 27.96 -59.03
CA ARG D 15 1.65 29.37 -59.07
C ARG D 15 0.61 30.30 -58.43
N ASP D 16 -0.62 30.27 -58.95
CA ASP D 16 -1.75 31.13 -58.51
C ASP D 16 -2.16 30.79 -57.07
N ARG D 17 -2.11 29.51 -56.68
CA ARG D 17 -2.42 29.05 -55.30
C ARG D 17 -1.39 29.66 -54.33
N SER D 18 -0.10 29.59 -54.68
CA SER D 18 1.03 30.15 -53.91
C SER D 18 0.94 31.69 -53.87
N LEU D 19 0.54 32.32 -54.99
CA LEU D 19 0.35 33.80 -55.10
C LEU D 19 -0.82 34.25 -54.21
N ARG D 20 -1.97 33.56 -54.28
CA ARG D 20 -3.17 33.85 -53.45
C ARG D 20 -2.84 33.65 -51.97
N ARG D 21 -2.04 32.62 -51.63
CA ARG D 21 -1.56 32.38 -50.24
C ARG D 21 -0.57 33.48 -49.83
N ALA D 22 0.30 33.93 -50.74
CA ALA D 22 1.36 34.94 -50.49
C ALA D 22 0.74 36.30 -50.12
N PHE D 23 -0.29 36.74 -50.85
CA PHE D 23 -0.91 38.10 -50.70
C PHE D 23 -2.05 38.08 -49.68
N SER D 24 -2.35 36.94 -49.05
CA SER D 24 -3.32 36.81 -47.93
C SER D 24 -2.64 37.19 -46.62
N PRO D 25 -3.37 37.85 -45.67
CA PRO D 25 -2.77 38.35 -44.43
C PRO D 25 -2.31 37.30 -43.39
N TYR D 26 -2.57 36.00 -43.62
CA TYR D 26 -2.18 34.88 -42.72
C TYR D 26 -0.80 34.30 -43.13
N THR D 27 -0.04 34.98 -44.00
CA THR D 27 1.32 34.59 -44.43
C THR D 27 2.26 35.81 -44.39
N ALA D 28 3.56 35.57 -44.59
CA ALA D 28 4.62 36.60 -44.66
C ALA D 28 4.43 37.45 -45.93
N MET D 29 4.92 38.69 -45.90
CA MET D 29 4.82 39.69 -47.01
C MET D 29 5.97 39.48 -48.00
N ILE D 30 5.65 39.39 -49.29
CA ILE D 30 6.63 39.17 -50.40
C ILE D 30 7.09 40.52 -50.93
N ASP D 31 8.32 40.57 -51.47
CA ASP D 31 8.99 41.82 -51.95
C ASP D 31 8.62 42.04 -53.42
N ILE D 32 8.08 43.23 -53.75
CA ILE D 32 7.64 43.58 -55.13
C ILE D 32 8.43 44.79 -55.65
N THR D 33 9.63 45.03 -55.10
CA THR D 33 10.51 46.19 -55.42
C THR D 33 10.99 46.09 -56.88
N GLY D 34 11.28 44.88 -57.36
CA GLY D 34 11.70 44.60 -58.74
C GLY D 34 10.52 44.48 -59.70
N SER D 35 9.36 44.00 -59.21
CA SER D 35 8.18 43.61 -60.02
C SER D 35 6.95 44.42 -59.59
N GLU D 36 6.65 45.52 -60.30
CA GLU D 36 5.54 46.46 -59.99
C GLU D 36 4.36 46.26 -60.94
N ALA D 37 4.62 46.08 -62.24
CA ALA D 37 3.58 45.88 -63.30
C ALA D 37 2.85 44.56 -63.04
N VAL D 38 3.58 43.45 -63.04
CA VAL D 38 3.06 42.06 -62.78
C VAL D 38 2.32 42.03 -61.44
N ALA D 39 2.81 42.75 -60.42
CA ALA D 39 2.18 42.89 -59.09
C ALA D 39 0.80 43.55 -59.21
N LEU D 40 0.70 44.61 -60.02
CA LEU D 40 -0.57 45.36 -60.25
C LEU D 40 -1.58 44.46 -60.97
N ILE D 41 -1.13 43.63 -61.91
CA ILE D 41 -2.00 42.72 -62.72
C ILE D 41 -2.67 41.72 -61.75
N ILE D 42 -1.87 41.04 -60.92
CA ILE D 42 -2.37 40.00 -59.95
C ILE D 42 -3.23 40.67 -58.86
N LEU D 43 -2.80 41.81 -58.30
CA LEU D 43 -3.56 42.55 -57.24
C LEU D 43 -4.92 43.00 -57.78
N LEU D 44 -5.00 43.40 -59.05
CA LEU D 44 -6.25 43.87 -59.71
C LEU D 44 -7.06 42.66 -60.21
N ASN D 45 -6.41 41.53 -60.50
CA ASN D 45 -7.09 40.25 -60.86
C ASN D 45 -7.62 39.55 -59.60
N LEU D 46 -7.09 39.87 -58.41
CA LEU D 46 -7.61 39.34 -57.11
C LEU D 46 -8.97 39.97 -56.79
N THR D 47 -9.28 41.14 -57.38
CA THR D 47 -10.56 41.90 -57.22
C THR D 47 -11.75 41.10 -57.77
N TYR D 48 -11.51 40.15 -58.69
CA TYR D 48 -12.54 39.25 -59.29
C TYR D 48 -12.78 38.06 -58.36
N ARG D 49 -13.79 37.23 -58.67
CA ARG D 49 -14.07 35.94 -57.99
C ARG D 49 -13.04 34.89 -58.42
N LYS D 50 -12.93 33.81 -57.66
CA LYS D 50 -12.02 32.66 -57.94
C LYS D 50 -12.51 31.90 -59.18
N ASN D 51 -13.82 31.66 -59.28
CA ASN D 51 -14.46 30.88 -60.39
C ASN D 51 -14.61 31.75 -61.65
N GLN D 52 -14.41 33.07 -61.54
CA GLN D 52 -14.43 34.03 -62.68
C GLN D 52 -13.04 34.10 -63.36
N VAL D 53 -11.97 33.78 -62.61
CA VAL D 53 -10.55 33.88 -63.09
C VAL D 53 -9.97 32.48 -63.23
N ASP D 54 -9.43 32.14 -64.42
CA ASP D 54 -8.68 30.89 -64.70
C ASP D 54 -7.24 31.08 -64.22
N ASP D 55 -6.56 32.12 -64.72
CA ASP D 55 -5.15 32.49 -64.40
C ASP D 55 -5.09 33.96 -63.99
N LEU D 56 -4.30 34.29 -62.96
CA LEU D 56 -4.20 35.65 -62.35
C LEU D 56 -3.32 36.58 -63.21
N LEU D 57 -2.52 36.03 -64.14
CA LEU D 57 -1.59 36.82 -65.00
C LEU D 57 -2.21 37.11 -66.37
N ASP D 58 -3.51 36.84 -66.57
CA ASP D 58 -4.29 37.30 -67.75
C ASP D 58 -4.41 38.83 -67.66
N LYS D 59 -3.86 39.55 -68.64
CA LYS D 59 -3.68 41.03 -68.62
C LYS D 59 -4.98 41.73 -69.02
N LYS D 60 -5.80 41.10 -69.88
CA LYS D 60 -6.95 41.77 -70.55
C LYS D 60 -8.09 42.02 -69.56
N LEU D 61 -8.50 41.02 -68.77
CA LEU D 61 -9.64 41.16 -67.82
C LEU D 61 -9.23 42.06 -66.64
N ALA D 62 -7.93 42.22 -66.38
CA ALA D 62 -7.37 43.25 -65.48
C ALA D 62 -7.65 44.64 -66.07
N LYS D 63 -7.38 44.82 -67.38
CA LYS D 63 -7.67 46.09 -68.11
C LYS D 63 -9.19 46.30 -68.23
N GLN D 64 -9.99 45.23 -68.31
CA GLN D 64 -11.49 45.30 -68.33
C GLN D 64 -11.99 45.93 -67.03
N ALA D 65 -11.45 45.50 -65.88
CA ALA D 65 -11.75 46.04 -64.54
C ALA D 65 -11.19 47.47 -64.42
N LEU D 66 -9.95 47.71 -64.87
CA LEU D 66 -9.25 49.01 -64.71
C LEU D 66 -9.90 50.09 -65.57
N LYS D 67 -10.27 49.78 -66.83
CA LYS D 67 -10.93 50.72 -67.77
C LYS D 67 -12.35 51.05 -67.28
N SER D 68 -13.05 50.07 -66.68
CA SER D 68 -14.41 50.23 -66.10
C SER D 68 -14.32 51.03 -64.79
N GLU D 69 -14.77 52.30 -64.81
CA GLU D 69 -14.84 53.18 -63.60
C GLU D 69 -16.21 53.02 -62.92
N ASP D 70 -16.80 51.82 -63.00
CA ASP D 70 -17.80 51.30 -62.04
C ASP D 70 -17.14 50.25 -61.13
N HIS D 71 -15.93 49.80 -61.46
CA HIS D 71 -15.18 48.72 -60.75
C HIS D 71 -14.23 49.35 -59.71
N ILE D 72 -13.40 50.30 -60.15
CA ILE D 72 -12.38 50.99 -59.31
C ILE D 72 -13.10 51.90 -58.29
N ASN D 73 -14.25 52.48 -58.66
CA ASN D 73 -15.12 53.29 -57.77
C ASN D 73 -15.50 52.46 -56.52
N LYS D 74 -15.87 51.20 -56.70
CA LYS D 74 -16.23 50.27 -55.60
C LYS D 74 -15.02 50.01 -54.70
N CYS D 75 -13.84 49.82 -55.29
CA CYS D 75 -12.55 49.59 -54.58
C CYS D 75 -12.17 50.81 -53.73
N ILE D 76 -12.48 52.03 -54.18
CA ILE D 76 -12.22 53.30 -53.43
C ILE D 76 -13.39 53.63 -52.50
N LYS D 77 -14.58 53.04 -52.72
CA LYS D 77 -15.69 53.06 -51.72
C LYS D 77 -15.30 52.22 -50.49
N GLU D 78 -14.54 51.13 -50.67
CA GLU D 78 -14.17 50.17 -49.60
C GLU D 78 -12.98 50.66 -48.76
N ILE D 79 -12.32 51.78 -49.12
CA ILE D 79 -11.14 52.31 -48.38
C ILE D 79 -11.61 52.96 -47.07
N ALA D 80 -12.80 53.58 -47.07
CA ALA D 80 -13.41 54.26 -45.90
C ALA D 80 -13.74 53.25 -44.78
N TRP D 81 -13.86 51.96 -45.09
CA TRP D 81 -14.14 50.85 -44.14
C TRP D 81 -12.86 50.06 -43.81
N PHE D 82 -11.70 50.72 -43.75
CA PHE D 82 -10.40 50.11 -43.33
C PHE D 82 -10.17 50.40 -41.85
N HIS D 83 -10.14 49.33 -41.04
CA HIS D 83 -10.05 49.38 -39.55
C HIS D 83 -8.65 48.94 -39.11
N THR D 84 -8.19 49.48 -37.97
CA THR D 84 -7.06 48.94 -37.16
C THR D 84 -7.62 47.96 -36.13
N HIS D 85 -8.92 48.05 -35.80
CA HIS D 85 -9.63 47.22 -34.79
C HIS D 85 -11.01 46.82 -35.32
N ASN D 86 -11.29 45.51 -35.38
CA ASN D 86 -12.52 44.92 -35.99
C ASN D 86 -13.65 44.94 -34.95
N LEU D 87 -14.65 45.81 -35.14
CA LEU D 87 -15.85 45.96 -34.26
C LEU D 87 -16.86 44.83 -34.52
N LYS D 88 -16.77 44.14 -35.67
CA LYS D 88 -17.72 43.08 -36.10
C LYS D 88 -17.24 41.69 -35.64
N TYR D 89 -16.28 41.61 -34.72
CA TYR D 89 -15.74 40.33 -34.19
C TYR D 89 -16.19 40.11 -32.75
N PRO D 90 -16.75 38.93 -32.37
CA PRO D 90 -17.22 37.91 -33.31
C PRO D 90 -18.67 38.12 -33.81
N ASP D 91 -19.40 39.07 -33.22
CA ASP D 91 -20.81 39.38 -33.55
C ASP D 91 -20.83 40.35 -34.74
N ILE D 92 -21.47 39.95 -35.85
CA ILE D 92 -21.53 40.70 -37.14
C ILE D 92 -22.72 41.67 -37.15
N ARG D 93 -23.53 41.70 -36.08
CA ARG D 93 -24.75 42.56 -35.96
C ARG D 93 -24.38 44.00 -35.59
N VAL D 94 -23.11 44.27 -35.25
CA VAL D 94 -22.59 45.66 -35.01
C VAL D 94 -22.66 46.40 -36.36
N SER D 95 -23.69 47.25 -36.52
CA SER D 95 -24.17 47.78 -37.82
C SER D 95 -23.40 49.04 -38.23
N LYS D 96 -22.66 48.95 -39.34
CA LYS D 96 -22.03 50.09 -40.08
C LYS D 96 -21.24 50.97 -39.10
N GLN D 97 -20.14 50.42 -38.56
CA GLN D 97 -19.18 51.16 -37.69
C GLN D 97 -17.74 50.78 -38.10
N ASN D 98 -16.81 51.73 -37.98
CA ASN D 98 -15.38 51.59 -38.35
C ASN D 98 -14.52 52.27 -37.27
N LEU D 99 -13.58 51.52 -36.68
CA LEU D 99 -12.63 52.04 -35.67
C LEU D 99 -11.21 52.00 -36.26
N ALA D 100 -10.64 53.18 -36.56
CA ALA D 100 -9.25 53.36 -37.04
C ALA D 100 -8.53 54.33 -36.12
N VAL D 101 -7.61 53.82 -35.29
CA VAL D 101 -6.85 54.58 -34.26
C VAL D 101 -5.37 54.16 -34.31
N GLU D 102 -4.49 54.97 -33.72
CA GLU D 102 -3.06 54.62 -33.50
C GLU D 102 -2.97 53.52 -32.45
N PRO D 103 -1.91 52.68 -32.45
CA PRO D 103 -1.67 51.75 -31.34
C PRO D 103 -1.58 52.44 -29.98
N PRO D 104 -1.97 51.76 -28.87
CA PRO D 104 -1.89 52.35 -27.54
C PRO D 104 -0.45 52.42 -27.00
N THR D 105 -0.29 52.79 -25.71
CA THR D 105 1.02 52.93 -25.01
C THR D 105 1.67 51.54 -24.88
N LEU D 106 3.00 51.47 -25.05
CA LEU D 106 3.78 50.21 -24.99
C LEU D 106 4.01 49.85 -23.52
N HIS D 107 3.69 48.60 -23.15
CA HIS D 107 3.86 48.01 -21.79
C HIS D 107 4.81 46.82 -21.89
N SER D 108 5.72 46.68 -20.92
CA SER D 108 6.84 45.70 -20.94
C SER D 108 6.33 44.27 -20.76
N TYR D 109 5.31 44.06 -19.92
CA TYR D 109 4.87 42.74 -19.40
C TYR D 109 3.70 42.17 -20.22
N VAL D 110 2.90 43.00 -20.89
CA VAL D 110 1.74 42.56 -21.73
C VAL D 110 2.06 42.81 -23.20
N LEU D 111 1.31 42.13 -24.08
CA LEU D 111 1.38 42.20 -25.57
C LEU D 111 0.06 42.77 -26.10
N SER D 112 0.16 43.75 -27.01
CA SER D 112 -0.97 44.44 -27.69
C SER D 112 -0.53 44.85 -29.10
N SER D 113 -1.24 45.79 -29.75
CA SER D 113 -0.93 46.32 -31.10
C SER D 113 0.19 47.39 -31.03
N ALA D 114 0.54 47.85 -29.83
CA ALA D 114 1.66 48.79 -29.56
C ALA D 114 3.02 48.17 -29.93
N ASN D 115 3.11 46.83 -29.92
CA ASN D 115 4.37 46.06 -30.14
C ASN D 115 4.64 45.86 -31.65
N TYR D 116 3.77 46.37 -32.54
CA TYR D 116 3.88 46.22 -34.01
C TYR D 116 3.58 47.54 -34.71
N PRO D 117 4.05 47.75 -35.97
CA PRO D 117 3.64 48.90 -36.78
C PRO D 117 2.15 48.83 -37.18
N LYS D 118 1.55 49.99 -37.42
CA LYS D 118 0.10 50.17 -37.70
C LYS D 118 -0.25 49.58 -39.06
N ALA D 119 -0.93 48.42 -39.07
CA ALA D 119 -1.50 47.76 -40.27
C ALA D 119 -3.03 47.81 -40.19
N TYR D 120 -3.69 47.64 -41.34
CA TYR D 120 -5.16 47.79 -41.53
C TYR D 120 -5.77 46.46 -41.99
N GLY D 121 -6.95 46.13 -41.44
CA GLY D 121 -7.89 45.13 -41.98
C GLY D 121 -9.12 45.81 -42.54
N TRP D 122 -10.02 45.04 -43.16
CA TRP D 122 -11.29 45.53 -43.75
C TRP D 122 -12.47 44.70 -43.21
N SER D 123 -13.60 45.36 -42.94
CA SER D 123 -14.87 44.76 -42.48
C SER D 123 -16.03 45.74 -42.69
N HIS D 124 -16.84 45.53 -43.73
CA HIS D 124 -18.06 46.32 -44.06
C HIS D 124 -19.20 45.37 -44.45
N ASN D 125 -19.07 44.71 -45.59
CA ASN D 125 -20.18 44.03 -46.31
C ASN D 125 -19.62 42.92 -47.19
N SER D 126 -20.05 41.67 -46.97
CA SER D 126 -19.54 40.42 -47.61
C SER D 126 -19.57 40.53 -49.14
N ALA D 127 -20.57 41.21 -49.72
CA ALA D 127 -20.75 41.39 -51.19
C ALA D 127 -19.53 42.06 -51.83
N LYS D 128 -18.82 42.92 -51.09
CA LYS D 128 -17.66 43.73 -51.58
C LYS D 128 -16.33 43.17 -51.06
N VAL D 129 -16.29 41.93 -50.57
CA VAL D 129 -15.10 41.33 -49.88
C VAL D 129 -13.90 41.26 -50.86
N ASN D 130 -14.15 41.01 -52.15
CA ASN D 130 -13.10 40.94 -53.20
C ASN D 130 -12.61 42.35 -53.54
N PHE D 131 -13.52 43.34 -53.57
CA PHE D 131 -13.24 44.73 -54.01
C PHE D 131 -12.26 45.44 -53.06
N ALA D 132 -12.14 44.99 -51.80
CA ALA D 132 -11.18 45.48 -50.79
C ALA D 132 -9.76 44.98 -51.10
N LYS D 133 -9.62 43.78 -51.67
CA LYS D 133 -8.33 43.04 -51.83
C LYS D 133 -7.29 43.87 -52.61
N LEU D 134 -7.75 44.75 -53.52
CA LEU D 134 -6.86 45.62 -54.33
C LEU D 134 -6.10 46.61 -53.41
N PHE D 135 -6.81 47.26 -52.48
CA PHE D 135 -6.31 48.44 -51.71
C PHE D 135 -5.99 48.09 -50.25
N VAL D 136 -6.25 46.86 -49.78
CA VAL D 136 -5.98 46.45 -48.37
C VAL D 136 -4.85 45.39 -48.31
N SER D 137 -4.52 44.73 -49.42
CA SER D 137 -3.45 43.69 -49.50
C SER D 137 -2.09 44.34 -49.24
N TYR D 138 -1.35 43.83 -48.24
CA TYR D 138 -0.03 44.36 -47.81
C TYR D 138 1.08 43.65 -48.59
N PHE D 139 2.10 44.40 -49.01
CA PHE D 139 3.31 43.90 -49.71
C PHE D 139 4.55 44.58 -49.16
N LYS D 140 5.74 44.13 -49.60
CA LYS D 140 7.05 44.71 -49.23
C LYS D 140 7.57 45.52 -50.43
N TRP D 141 7.65 46.85 -50.25
CA TRP D 141 8.32 47.80 -51.18
C TRP D 141 9.79 47.95 -50.74
N GLN D 142 10.61 48.69 -51.50
CA GLN D 142 12.07 48.89 -51.33
C GLN D 142 12.62 48.00 -50.19
N ASN D 143 12.43 48.40 -48.93
CA ASN D 143 12.66 47.55 -47.72
C ASN D 143 11.57 47.85 -46.68
N GLN D 144 10.41 48.34 -47.11
CA GLN D 144 9.35 48.91 -46.24
C GLN D 144 8.01 48.21 -46.52
N VAL D 145 7.34 47.75 -45.45
CA VAL D 145 5.92 47.30 -45.45
C VAL D 145 5.06 48.44 -46.01
N SER D 146 4.19 48.15 -46.98
CA SER D 146 3.29 49.13 -47.63
C SER D 146 2.08 48.43 -48.26
N TRP D 147 0.98 49.16 -48.40
CA TRP D 147 -0.22 48.79 -49.18
C TRP D 147 -0.43 49.83 -50.28
N LEU D 148 -1.34 49.54 -51.23
CA LEU D 148 -1.42 50.23 -52.56
C LEU D 148 -1.75 51.71 -52.38
N ALA D 149 -2.74 52.04 -51.55
CA ALA D 149 -3.21 53.42 -51.28
C ALA D 149 -2.07 54.26 -50.68
N GLN D 150 -1.32 53.71 -49.70
CA GLN D 150 -0.21 54.40 -49.00
C GLN D 150 0.95 54.64 -49.98
N VAL D 151 1.30 53.65 -50.81
CA VAL D 151 2.43 53.75 -51.78
C VAL D 151 2.01 54.64 -52.97
N LEU D 152 0.71 54.70 -53.31
CA LEU D 152 0.20 55.61 -54.38
C LEU D 152 -0.13 57.01 -53.83
N ALA D 153 -0.19 57.18 -52.50
CA ALA D 153 -0.51 58.48 -51.83
C ALA D 153 0.56 59.52 -52.16
N THR D 154 1.84 59.18 -51.93
CA THR D 154 3.03 60.07 -52.12
C THR D 154 3.84 59.61 -53.34
N ASN D 155 4.40 58.39 -53.28
CA ASN D 155 5.37 57.86 -54.27
C ASN D 155 4.62 57.27 -55.47
N SER D 156 3.98 58.14 -56.28
CA SER D 156 3.18 57.77 -57.47
C SER D 156 4.09 57.57 -58.70
N ASP D 157 5.14 58.40 -58.83
CA ASP D 157 6.10 58.42 -59.97
C ASP D 157 6.74 57.03 -60.17
N ASN D 158 6.97 56.27 -59.09
CA ASN D 158 7.54 54.90 -59.13
C ASN D 158 6.52 53.92 -59.74
N TRP D 159 5.22 54.22 -59.64
CA TRP D 159 4.09 53.34 -60.09
C TRP D 159 3.42 53.88 -61.37
N LYS D 160 3.77 55.08 -61.83
CA LYS D 160 3.24 55.67 -63.10
C LYS D 160 3.42 54.66 -64.25
N SER D 161 4.64 54.17 -64.44
CA SER D 161 5.04 53.20 -65.50
C SER D 161 4.20 51.93 -65.40
N ALA D 162 4.13 51.35 -64.19
CA ALA D 162 3.39 50.10 -63.87
C ALA D 162 1.90 50.25 -64.19
N PHE D 163 1.31 51.41 -63.93
CA PHE D 163 -0.13 51.71 -64.17
C PHE D 163 -0.37 52.02 -65.66
N THR D 164 0.53 52.78 -66.30
CA THR D 164 0.41 53.19 -67.73
C THR D 164 0.88 52.07 -68.68
N SER D 165 1.51 51.00 -68.16
CA SER D 165 2.00 49.83 -68.96
C SER D 165 0.84 49.07 -69.60
N LEU D 166 -0.36 49.10 -69.01
CA LEU D 166 -1.59 48.45 -69.57
C LEU D 166 -2.22 49.36 -70.63
N GLY D 167 -2.09 50.68 -70.49
CA GLY D 167 -2.74 51.70 -71.36
C GLY D 167 -3.76 52.54 -70.61
N LEU D 168 -3.53 52.79 -69.31
CA LEU D 168 -4.28 53.78 -68.49
C LEU D 168 -3.79 55.19 -68.85
N SER D 169 -4.70 56.17 -68.87
CA SER D 169 -4.40 57.60 -69.17
C SER D 169 -3.69 58.25 -67.98
N VAL D 170 -3.04 59.39 -68.21
CA VAL D 170 -2.36 60.22 -67.16
C VAL D 170 -3.42 61.02 -66.40
N LYS D 171 -4.43 61.54 -67.10
CA LYS D 171 -5.56 62.34 -66.54
C LYS D 171 -6.29 61.51 -65.48
N ALA D 172 -6.74 60.30 -65.87
CA ALA D 172 -7.48 59.34 -65.03
C ALA D 172 -6.60 58.89 -63.84
N PHE D 173 -5.31 58.61 -64.10
CA PHE D 173 -4.34 58.10 -63.10
C PHE D 173 -4.13 59.14 -61.98
N LYS D 174 -3.91 60.41 -62.33
CA LYS D 174 -3.63 61.50 -61.35
C LYS D 174 -4.91 61.87 -60.59
N SER D 175 -6.07 61.82 -61.26
CA SER D 175 -7.41 62.00 -60.63
C SER D 175 -7.70 60.83 -59.66
N LEU D 176 -7.30 59.62 -60.04
CA LEU D 176 -7.36 58.39 -59.19
C LEU D 176 -6.41 58.55 -57.99
N CYS D 177 -5.20 59.07 -58.23
CA CYS D 177 -4.14 59.26 -57.20
C CYS D 177 -4.61 60.27 -56.13
N VAL D 178 -5.17 61.41 -56.54
CA VAL D 178 -5.62 62.50 -55.61
C VAL D 178 -6.87 62.04 -54.84
N THR D 179 -7.82 61.37 -55.49
CA THR D 179 -9.08 60.87 -54.85
C THR D 179 -8.75 59.75 -53.86
N VAL D 180 -7.76 58.88 -54.17
CA VAL D 180 -7.27 57.81 -53.24
C VAL D 180 -6.58 58.46 -52.05
N LYS D 181 -5.71 59.46 -52.29
CA LYS D 181 -4.96 60.19 -51.23
C LYS D 181 -5.94 60.98 -50.34
N ASN D 182 -7.00 61.53 -50.93
CA ASN D 182 -8.09 62.26 -50.21
C ASN D 182 -8.97 61.24 -49.45
N SER D 183 -9.20 60.06 -50.03
CA SER D 183 -10.06 58.97 -49.46
C SER D 183 -9.23 58.00 -48.61
N LEU D 184 -8.05 58.40 -48.11
CA LEU D 184 -7.23 57.58 -47.17
C LEU D 184 -7.97 57.41 -45.86
N PRO D 185 -7.77 56.28 -45.13
CA PRO D 185 -8.45 56.05 -43.85
C PRO D 185 -8.03 57.07 -42.78
N GLU D 186 -8.97 57.93 -42.37
CA GLU D 186 -8.81 58.97 -41.32
C GLU D 186 -8.90 58.32 -39.94
N GLU D 187 -8.80 59.12 -38.88
CA GLU D 187 -9.01 58.68 -37.46
C GLU D 187 -10.52 58.53 -37.22
N ALA D 188 -11.05 57.34 -37.52
CA ALA D 188 -12.49 56.98 -37.40
C ALA D 188 -12.76 56.43 -35.99
N ILE D 189 -13.56 57.16 -35.21
CA ILE D 189 -14.14 56.73 -33.90
C ILE D 189 -15.66 56.83 -34.03
N PRO D 190 -16.43 55.74 -33.78
CA PRO D 190 -17.90 55.80 -33.88
C PRO D 190 -18.54 56.84 -32.93
N ASP D 191 -19.58 57.51 -33.41
CA ASP D 191 -20.28 58.63 -32.71
C ASP D 191 -21.21 58.07 -31.61
N SER D 192 -21.70 56.83 -31.76
CA SER D 192 -22.56 56.12 -30.78
C SER D 192 -22.01 54.72 -30.52
N VAL D 193 -22.31 54.15 -29.34
CA VAL D 193 -21.96 52.75 -28.96
C VAL D 193 -23.10 51.85 -29.49
N ASP D 194 -22.73 50.78 -30.22
CA ASP D 194 -23.71 49.85 -30.87
C ASP D 194 -24.40 49.01 -29.78
N ARG D 195 -25.61 48.53 -30.08
CA ARG D 195 -26.46 47.70 -29.18
C ARG D 195 -25.77 46.36 -28.89
N TYR D 196 -25.00 45.84 -29.86
CA TYR D 196 -24.36 44.50 -29.83
C TYR D 196 -22.88 44.58 -29.46
N SER D 197 -22.33 45.79 -29.27
CA SER D 197 -20.97 46.02 -28.70
C SER D 197 -21.00 45.72 -27.20
N ARG D 198 -20.00 44.97 -26.71
CA ARG D 198 -19.91 44.55 -25.28
C ARG D 198 -19.27 45.70 -24.50
N GLN D 199 -19.95 46.19 -23.46
CA GLN D 199 -19.47 47.26 -22.54
C GLN D 199 -19.22 46.66 -21.17
N ILE D 200 -18.15 47.11 -20.48
CA ILE D 200 -17.88 46.75 -19.05
C ILE D 200 -17.55 48.03 -18.27
N ARG D 201 -17.64 47.95 -16.93
CA ARG D 201 -17.36 49.09 -16.00
C ARG D 201 -15.98 48.88 -15.37
N MET D 202 -15.04 49.79 -15.64
CA MET D 202 -13.68 49.80 -15.02
C MET D 202 -13.57 51.02 -14.10
N PRO D 203 -12.84 50.88 -12.96
CA PRO D 203 -12.78 51.95 -11.95
C PRO D 203 -11.92 53.14 -12.41
N TYR D 204 -12.55 54.29 -12.62
CA TYR D 204 -11.92 55.54 -13.12
C TYR D 204 -11.80 56.54 -11.95
N HIS D 205 -11.24 57.72 -12.23
CA HIS D 205 -10.65 58.70 -11.27
C HIS D 205 -11.36 58.65 -9.90
N ASP D 206 -12.68 58.91 -9.86
CA ASP D 206 -13.50 58.85 -8.62
C ASP D 206 -14.84 58.15 -8.90
N GLY D 207 -14.91 57.31 -9.94
CA GLY D 207 -16.14 56.63 -10.39
C GLY D 207 -15.83 55.45 -11.31
N TYR D 208 -16.64 55.27 -12.34
CA TYR D 208 -16.52 54.15 -13.32
C TYR D 208 -16.46 54.70 -14.75
N LEU D 209 -15.84 53.90 -15.63
CA LEU D 209 -15.68 54.18 -17.09
C LEU D 209 -16.24 52.98 -17.87
N ALA D 210 -17.09 53.25 -18.87
CA ALA D 210 -17.62 52.25 -19.82
C ALA D 210 -16.54 51.92 -20.85
N VAL D 211 -16.08 50.67 -20.87
CA VAL D 211 -14.99 50.16 -21.75
C VAL D 211 -15.57 49.12 -22.71
N THR D 212 -15.39 49.33 -24.02
CA THR D 212 -15.68 48.36 -25.10
C THR D 212 -14.36 47.76 -25.59
N PRO D 213 -14.11 46.45 -25.35
CA PRO D 213 -12.93 45.78 -25.91
C PRO D 213 -13.12 45.45 -27.39
N VAL D 214 -12.15 45.85 -28.23
CA VAL D 214 -12.11 45.53 -29.68
C VAL D 214 -10.77 44.86 -29.98
N ILE D 215 -10.78 43.74 -30.72
CA ILE D 215 -9.55 43.03 -31.18
C ILE D 215 -8.77 43.94 -32.13
N SER D 216 -7.45 43.76 -32.19
CA SER D 216 -6.55 44.41 -33.18
C SER D 216 -6.30 43.43 -34.34
N HIS D 217 -6.39 43.91 -35.58
CA HIS D 217 -6.16 43.15 -36.84
C HIS D 217 -4.74 42.56 -36.84
N VAL D 218 -3.75 43.32 -36.36
CA VAL D 218 -2.30 43.02 -36.44
C VAL D 218 -2.00 41.77 -35.59
N VAL D 219 -2.38 41.80 -34.31
CA VAL D 219 -2.09 40.73 -33.31
C VAL D 219 -2.80 39.44 -33.74
N GLN D 220 -4.03 39.54 -34.24
CA GLN D 220 -4.83 38.40 -34.77
C GLN D 220 -4.08 37.81 -35.97
N SER D 221 -3.73 38.64 -36.96
CA SER D 221 -3.03 38.25 -38.20
C SER D 221 -1.68 37.58 -37.88
N LYS D 222 -0.97 38.06 -36.84
CA LYS D 222 0.30 37.45 -36.35
C LYS D 222 0.03 36.06 -35.75
N ILE D 223 -1.02 35.94 -34.93
CA ILE D 223 -1.42 34.64 -34.29
C ILE D 223 -1.85 33.65 -35.38
N GLN D 224 -2.58 34.12 -36.40
CA GLN D 224 -3.02 33.27 -37.55
C GLN D 224 -1.79 32.76 -38.30
N GLN D 225 -0.85 33.65 -38.67
CA GLN D 225 0.36 33.28 -39.46
C GLN D 225 1.32 32.44 -38.60
N ALA D 226 1.28 32.61 -37.27
CA ALA D 226 2.03 31.74 -36.30
C ALA D 226 1.40 30.34 -36.23
N ALA D 227 0.08 30.25 -36.40
CA ALA D 227 -0.71 28.98 -36.30
C ALA D 227 -0.57 28.14 -37.58
N ILE D 228 -0.46 28.78 -38.75
CA ILE D 228 -0.26 28.08 -40.07
C ILE D 228 1.16 27.48 -40.10
N ASP D 229 2.13 28.14 -39.46
CA ASP D 229 3.56 27.70 -39.37
C ASP D 229 3.71 26.58 -38.33
N LYS D 230 2.69 26.30 -37.52
CA LYS D 230 2.62 25.17 -36.54
C LYS D 230 3.70 25.36 -35.47
N ARG D 231 3.67 26.51 -34.77
CA ARG D 231 4.74 26.98 -33.85
C ARG D 231 4.35 26.76 -32.38
N ALA D 232 3.05 26.63 -32.07
CA ALA D 232 2.50 26.51 -30.70
C ALA D 232 1.22 25.66 -30.72
N ARG D 233 0.61 25.48 -29.55
CA ARG D 233 -0.69 24.77 -29.37
C ARG D 233 -1.83 25.74 -29.69
N PHE D 234 -2.65 25.40 -30.70
CA PHE D 234 -3.81 26.20 -31.17
C PHE D 234 -5.06 25.33 -31.23
N SER D 235 -6.23 25.93 -30.97
CA SER D 235 -7.58 25.33 -31.19
C SER D 235 -8.38 26.26 -32.12
N ASN D 236 -9.46 25.73 -32.71
CA ASN D 236 -10.21 26.35 -33.83
C ASN D 236 -11.51 27.00 -33.33
N VAL D 237 -11.88 28.12 -33.96
CA VAL D 237 -13.22 28.77 -33.88
C VAL D 237 -13.71 28.97 -35.32
N GLU D 238 -14.83 28.33 -35.68
CA GLU D 238 -15.43 28.36 -37.04
C GLU D 238 -16.53 29.42 -37.10
N PHE D 239 -16.62 30.13 -38.23
CA PHE D 239 -17.67 31.14 -38.54
C PHE D 239 -18.50 30.65 -39.74
N THR D 240 -19.79 31.00 -39.77
CA THR D 240 -20.78 30.56 -40.80
C THR D 240 -20.44 31.23 -42.15
N ARG D 241 -20.52 32.57 -42.19
CA ARG D 241 -20.20 33.41 -43.38
C ARG D 241 -19.04 34.34 -43.00
N PRO D 242 -17.77 33.98 -43.32
CA PRO D 242 -16.62 34.71 -42.80
C PRO D 242 -16.40 36.11 -43.41
N ALA D 243 -16.90 36.34 -44.64
CA ALA D 243 -16.76 37.62 -45.40
C ALA D 243 -17.50 38.76 -44.67
N ALA D 244 -18.57 38.44 -43.94
CA ALA D 244 -19.34 39.39 -43.11
C ALA D 244 -18.56 39.81 -41.86
N VAL D 245 -17.64 38.97 -41.39
CA VAL D 245 -16.80 39.20 -40.17
C VAL D 245 -15.66 40.16 -40.55
N SER D 246 -14.79 39.72 -41.47
CA SER D 246 -13.58 40.45 -41.95
C SER D 246 -13.04 39.78 -43.22
N MET D 247 -11.94 40.30 -43.78
CA MET D 247 -11.23 39.73 -44.94
C MET D 247 -10.25 38.64 -44.46
N LEU D 248 -9.62 38.85 -43.29
CA LEU D 248 -8.71 37.88 -42.62
C LEU D 248 -9.46 36.57 -42.36
N ALA D 249 -10.71 36.65 -41.90
CA ALA D 249 -11.60 35.49 -41.62
C ALA D 249 -12.03 34.83 -42.93
N ALA D 250 -12.33 35.65 -43.96
CA ALA D 250 -12.74 35.21 -45.33
C ALA D 250 -11.59 34.46 -46.01
N SER D 251 -10.35 34.91 -45.82
CA SER D 251 -9.11 34.31 -46.40
C SER D 251 -8.87 32.91 -45.83
N LEU D 252 -9.26 32.66 -44.57
CA LEU D 252 -9.00 31.40 -43.82
C LEU D 252 -10.22 30.46 -43.85
N GLY D 253 -11.26 30.79 -44.63
CA GLY D 253 -12.50 29.99 -44.72
C GLY D 253 -13.31 29.98 -43.43
N GLY D 254 -13.14 31.01 -42.58
CA GLY D 254 -13.87 31.17 -41.30
C GLY D 254 -13.26 30.42 -40.14
N VAL D 255 -12.20 29.61 -40.36
CA VAL D 255 -11.55 28.78 -39.31
C VAL D 255 -10.42 29.60 -38.68
N ILE D 256 -10.73 30.30 -37.57
CA ILE D 256 -9.78 31.19 -36.84
C ILE D 256 -9.09 30.37 -35.75
N ASN D 257 -7.77 30.47 -35.63
CA ASN D 257 -6.94 29.76 -34.61
C ASN D 257 -6.80 30.62 -33.36
N VAL D 258 -6.92 30.01 -32.18
CA VAL D 258 -6.74 30.68 -30.85
C VAL D 258 -5.74 29.86 -30.02
N LEU D 259 -4.96 30.55 -29.17
CA LEU D 259 -3.89 29.92 -28.32
C LEU D 259 -4.56 29.03 -27.27
N ASN D 260 -4.40 27.71 -27.39
CA ASN D 260 -5.02 26.68 -26.52
C ASN D 260 -4.00 26.19 -25.49
N TYR D 261 -4.05 26.75 -24.26
CA TYR D 261 -3.21 26.36 -23.10
C TYR D 261 -4.08 26.27 -21.85
N PRO D 262 -4.91 25.21 -21.72
CA PRO D 262 -5.72 25.00 -20.52
C PRO D 262 -4.93 24.31 -19.41
N PRO D 263 -5.36 24.42 -18.13
CA PRO D 263 -4.75 23.65 -17.04
C PRO D 263 -5.08 22.15 -17.15
N TYR D 264 -4.09 21.30 -16.88
CA TYR D 264 -4.18 19.81 -16.94
C TYR D 264 -4.09 19.24 -15.52
N ILE D 265 -5.24 18.89 -14.93
CA ILE D 265 -5.38 18.29 -13.58
C ILE D 265 -5.90 16.86 -13.71
N ARG D 266 -5.06 15.87 -13.35
CA ARG D 266 -5.36 14.42 -13.41
C ARG D 266 -5.50 13.87 -11.98
N SER D 267 -6.49 12.99 -11.78
CA SER D 267 -6.80 12.34 -10.47
C SER D 267 -5.91 11.11 -10.24
N LYS D 268 -5.32 10.55 -11.29
CA LYS D 268 -4.80 9.16 -11.34
C LYS D 268 -3.34 9.09 -10.84
N TYR D 269 -2.48 8.34 -11.53
CA TYR D 269 -1.25 7.71 -10.98
C TYR D 269 -0.13 8.74 -10.80
N HIS D 270 0.85 8.40 -9.95
CA HIS D 270 2.10 9.16 -9.72
C HIS D 270 3.16 8.78 -10.78
N GLY D 271 2.99 7.62 -11.44
CA GLY D 271 3.86 7.12 -12.53
C GLY D 271 3.09 6.10 -13.38
N SER D 273 12.42 9.41 -7.98
CA SER D 273 13.68 9.94 -8.57
C SER D 273 13.85 11.42 -8.19
N ASN D 274 15.01 12.03 -8.51
CA ASN D 274 15.47 13.33 -7.98
C ASN D 274 14.71 14.50 -8.63
N SER D 275 13.53 12.86 -11.01
CA SER D 275 12.69 12.96 -12.22
C SER D 275 12.16 14.39 -12.35
N ARG D 276 11.48 14.91 -11.32
CA ARG D 276 10.80 16.22 -11.31
C ARG D 276 11.83 17.36 -11.39
N ALA D 277 12.92 17.29 -10.62
CA ALA D 277 14.10 18.18 -10.75
C ALA D 277 14.63 18.08 -12.19
N PHE D 278 15.16 16.90 -12.56
CA PHE D 278 15.80 16.62 -13.87
C PHE D 278 14.92 17.09 -15.04
N LYS D 279 13.60 17.08 -14.85
CA LYS D 279 12.57 17.46 -15.86
C LYS D 279 12.33 18.98 -15.88
N LEU D 280 12.43 19.66 -14.73
CA LEU D 280 12.16 21.11 -14.54
C LEU D 280 13.18 21.97 -15.31
N ASN D 281 13.89 21.38 -16.29
CA ASN D 281 15.35 21.49 -16.46
C ASN D 281 15.84 22.95 -16.51
N ASN D 282 15.74 23.64 -15.38
CA ASN D 282 16.79 24.53 -14.83
C ASN D 282 17.82 23.59 -14.19
N GLY D 283 17.55 23.15 -12.96
CA GLY D 283 17.74 21.78 -12.43
C GLY D 283 19.06 21.12 -12.85
N GLN D 284 18.99 19.92 -13.43
CA GLN D 284 19.89 18.78 -13.11
C GLN D 284 19.89 17.73 -14.24
N THR D 285 19.98 16.44 -13.88
CA THR D 285 20.54 15.32 -14.70
C THR D 285 21.89 15.78 -15.27
N VAL D 286 21.92 16.25 -16.53
CA VAL D 286 23.07 16.91 -17.18
C VAL D 286 22.59 18.10 -18.02
N PHE D 287 22.95 19.32 -17.59
CA PHE D 287 23.16 20.53 -18.44
C PHE D 287 21.91 21.42 -18.47
N ASN D 288 21.88 22.37 -19.43
CA ASN D 288 21.08 23.63 -19.44
C ASN D 288 20.54 23.94 -18.04
N VAL D 289 21.42 24.41 -17.11
CA VAL D 289 22.79 24.81 -17.38
C VAL D 289 23.73 24.27 -16.30
N GLU D 290 23.95 22.95 -16.28
CA GLU D 290 25.24 22.34 -15.91
C GLU D 290 26.23 22.55 -17.06
N ALA D 291 27.52 22.63 -16.76
CA ALA D 291 28.06 22.61 -15.41
C ALA D 291 28.71 23.97 -15.11
N LEU D 292 28.49 24.48 -13.90
CA LEU D 292 29.26 25.57 -13.25
C LEU D 292 30.05 24.96 -12.10
N LEU D 293 31.25 24.38 -12.32
CA LEU D 293 32.15 24.41 -13.48
C LEU D 293 31.64 25.25 -14.66
N LYS D 294 32.95 25.92 -10.63
CA LYS D 294 32.82 26.99 -11.64
C LYS D 294 34.15 27.74 -11.71
N PRO D 295 34.08 29.07 -11.71
CA PRO D 295 34.81 29.98 -12.63
C PRO D 295 33.78 30.97 -13.15
N GLU D 296 32.66 30.44 -13.67
CA GLU D 296 31.46 31.20 -14.12
C GLU D 296 30.84 31.97 -12.95
N LEU D 297 30.55 31.28 -11.85
CA LEU D 297 29.96 31.83 -10.60
C LEU D 297 30.97 32.75 -9.90
N ILE D 298 32.24 32.34 -9.83
CA ILE D 298 33.35 33.09 -9.17
C ILE D 298 33.61 34.40 -9.94
N LYS D 299 33.62 34.34 -11.28
CA LYS D 299 33.82 35.48 -12.20
C LYS D 299 32.66 36.48 -12.08
N ALA D 300 31.42 35.98 -11.96
CA ALA D 300 30.18 36.79 -11.82
C ALA D 300 30.21 37.58 -10.51
N LEU D 301 30.65 36.94 -9.41
CA LEU D 301 30.79 37.54 -8.05
C LEU D 301 31.87 38.63 -8.08
N GLU D 302 33.00 38.37 -8.76
CA GLU D 302 34.19 39.27 -8.87
C GLU D 302 33.86 40.50 -9.73
N GLY D 303 32.95 40.35 -10.72
CA GLY D 303 32.46 41.46 -11.58
C GLY D 303 31.49 42.34 -10.78
N ILE D 304 30.55 41.69 -10.09
CA ILE D 304 29.59 42.33 -9.15
C ILE D 304 30.33 43.04 -8.01
N ILE D 305 31.63 42.79 -7.83
CA ILE D 305 32.52 43.51 -6.87
C ILE D 305 32.83 44.92 -7.37
N PHE D 306 31.87 45.56 -8.03
CA PHE D 306 31.47 46.97 -7.79
C PHE D 306 30.85 47.05 -6.39
N SER D 307 31.40 47.89 -5.51
CA SER D 307 31.04 48.03 -4.08
C SER D 307 31.44 46.76 -3.31
N ASN D 308 32.74 46.64 -3.01
CA ASN D 308 33.35 45.90 -1.88
C ASN D 308 33.03 44.40 -1.91
N ASN D 309 34.08 43.56 -2.02
CA ASN D 309 34.06 42.10 -2.23
C ASN D 309 32.90 41.42 -1.50
N ALA D 310 32.70 41.74 -0.22
CA ALA D 310 31.63 41.17 0.65
C ALA D 310 30.24 41.64 0.17
N LEU D 311 30.08 42.96 -0.02
CA LEU D 311 28.81 43.62 -0.43
C LEU D 311 28.41 43.14 -1.84
N ALA D 312 29.40 42.85 -2.68
CA ALA D 312 29.25 42.28 -4.04
C ALA D 312 28.70 40.85 -3.99
N LEU D 313 29.32 39.99 -3.19
CA LEU D 313 28.94 38.56 -3.01
C LEU D 313 27.45 38.48 -2.58
N LYS D 314 27.01 39.42 -1.74
CA LYS D 314 25.60 39.57 -1.29
C LYS D 314 24.70 40.03 -2.44
N GLN D 315 25.19 40.91 -3.32
CA GLN D 315 24.48 41.43 -4.51
C GLN D 315 24.40 40.34 -5.59
N ARG D 316 25.50 39.61 -5.81
CA ARG D 316 25.54 38.36 -6.62
C ARG D 316 24.49 37.40 -6.06
N ARG D 317 24.57 37.09 -4.76
CA ARG D 317 23.63 36.21 -4.02
C ARG D 317 22.18 36.62 -4.32
N GLN D 318 21.82 37.91 -4.23
CA GLN D 318 20.42 38.38 -4.43
C GLN D 318 19.80 37.75 -5.69
N GLN D 319 20.53 37.74 -6.82
CA GLN D 319 20.15 37.07 -8.09
C GLN D 319 20.62 35.60 -8.06
N LYS D 320 21.88 35.37 -7.64
CA LYS D 320 22.55 34.04 -7.57
C LYS D 320 21.97 33.17 -6.46
N VAL D 321 21.34 33.75 -5.43
CA VAL D 321 20.69 33.04 -4.30
C VAL D 321 19.30 32.60 -4.73
N LYS D 322 18.57 33.47 -5.44
CA LYS D 322 17.32 33.15 -6.17
C LYS D 322 17.61 32.04 -7.20
N ASN D 323 18.73 32.16 -7.93
CA ASN D 323 19.25 31.13 -8.85
C ASN D 323 19.68 29.86 -8.07
N ILE D 324 20.34 30.03 -6.92
CA ILE D 324 20.77 28.94 -6.01
C ILE D 324 19.55 28.34 -5.29
N LYS D 325 18.53 29.16 -5.01
CA LYS D 325 17.23 28.73 -4.43
C LYS D 325 16.45 27.92 -5.46
N GLU D 326 16.48 28.35 -6.73
CA GLU D 326 15.84 27.66 -7.88
C GLU D 326 16.43 26.26 -8.07
N LEU D 327 17.75 26.11 -7.87
CA LEU D 327 18.48 24.81 -7.93
C LEU D 327 17.93 23.86 -6.85
N ARG D 328 17.69 24.37 -5.64
CA ARG D 328 17.12 23.61 -4.50
C ARG D 328 15.63 23.31 -4.76
N ASN D 329 14.88 24.28 -5.27
CA ASN D 329 13.44 24.17 -5.63
C ASN D 329 13.25 23.09 -6.70
N THR D 330 14.12 23.08 -7.72
CA THR D 330 14.18 22.04 -8.77
C THR D 330 14.39 20.67 -8.10
N LEU D 331 15.50 20.51 -7.38
CA LEU D 331 15.89 19.30 -6.61
C LEU D 331 14.73 18.83 -5.73
N LEU D 332 13.97 19.76 -5.14
CA LEU D 332 12.85 19.49 -4.20
C LEU D 332 11.56 19.09 -4.93
N GLU D 333 11.42 19.39 -6.22
CA GLU D 333 10.20 19.12 -7.04
C GLU D 333 9.78 17.65 -6.92
N TRP D 334 10.75 16.72 -6.89
CA TRP D 334 10.53 15.25 -6.86
C TRP D 334 10.42 14.76 -5.40
N PHE D 335 11.22 15.33 -4.50
CA PHE D 335 11.11 15.16 -3.03
C PHE D 335 9.69 15.56 -2.57
N SER D 336 9.13 16.60 -3.19
CA SER D 336 7.74 17.09 -3.00
C SER D 336 6.74 16.00 -3.40
N PRO D 337 6.90 15.44 -4.61
CA PRO D 337 6.01 14.40 -5.19
C PRO D 337 6.02 13.16 -4.31
N VAL D 338 7.21 12.63 -3.99
CA VAL D 338 7.42 11.47 -3.07
C VAL D 338 6.61 11.69 -1.79
N PHE D 339 6.99 12.70 -0.98
CA PHE D 339 6.28 13.10 0.26
C PHE D 339 4.77 13.05 0.02
N GLU D 340 4.30 13.84 -0.94
CA GLU D 340 2.89 13.94 -1.37
C GLU D 340 2.26 12.56 -1.37
N TRP D 341 2.75 11.67 -2.24
CA TRP D 341 2.28 10.27 -2.37
C TRP D 341 2.18 9.66 -0.97
N ARG D 342 3.31 9.65 -0.24
CA ARG D 342 3.47 8.98 1.08
C ARG D 342 2.40 9.46 2.07
N LEU D 343 1.86 10.67 1.90
CA LEU D 343 0.71 11.17 2.70
C LEU D 343 -0.56 10.44 2.25
N ASP D 344 -0.95 10.59 0.96
CA ASP D 344 -2.22 10.11 0.37
C ASP D 344 -2.40 8.63 0.73
N ALA D 345 -1.64 7.78 0.06
CA ALA D 345 -1.15 6.44 0.48
C ALA D 345 -1.21 6.23 2.01
N ILE D 346 -0.16 6.66 2.72
CA ILE D 346 0.45 5.92 3.86
C ILE D 346 0.44 4.42 3.53
N GLU D 347 1.14 4.04 2.46
CA GLU D 347 0.90 2.80 1.67
C GLU D 347 1.89 2.66 0.50
N ASN D 348 2.22 3.76 -0.19
CA ASN D 348 2.47 3.79 -1.65
C ASN D 348 3.21 5.07 -2.06
N GLY D 349 3.78 5.05 -3.26
CA GLY D 349 4.32 6.21 -4.01
C GLY D 349 3.43 6.39 -5.25
N TYR D 350 3.97 6.14 -6.44
CA TYR D 350 3.26 5.48 -7.56
C TYR D 350 3.39 3.97 -7.34
N ASP D 351 4.63 3.50 -7.34
CA ASP D 351 5.06 2.10 -7.07
C ASP D 351 5.99 2.12 -5.85
N LEU D 352 5.55 1.51 -4.74
CA LEU D 352 6.23 1.51 -3.42
C LEU D 352 7.66 0.99 -3.55
N GLU D 353 7.84 -0.17 -4.21
CA GLU D 353 9.13 -0.84 -4.44
C GLU D 353 9.98 -0.05 -5.45
N GLN D 354 9.37 0.42 -6.54
CA GLN D 354 10.03 1.21 -7.62
C GLN D 354 10.47 2.58 -7.08
N LEU D 355 9.66 3.20 -6.22
CA LEU D 355 10.02 4.42 -5.44
C LEU D 355 11.26 4.09 -4.59
N GLU D 356 11.15 3.12 -3.68
CA GLU D 356 12.27 2.62 -2.83
C GLU D 356 13.52 2.37 -3.67
N SER D 357 13.36 1.87 -4.90
CA SER D 357 14.46 1.62 -5.88
C SER D 357 15.01 2.96 -6.40
N ALA D 358 14.15 3.91 -6.76
CA ALA D 358 14.52 5.25 -7.30
C ALA D 358 15.40 5.99 -6.27
N SER D 359 16.64 6.31 -6.67
CA SER D 359 17.72 6.88 -5.81
C SER D 359 17.22 8.06 -4.97
N GLU D 360 16.25 8.84 -5.48
CA GLU D 360 15.69 10.04 -4.80
C GLU D 360 14.15 9.98 -4.78
N ARG D 361 13.58 8.96 -4.14
CA ARG D 361 12.11 8.78 -3.99
C ARG D 361 11.73 8.63 -2.50
N LEU D 362 10.44 8.40 -2.24
CA LEU D 362 9.87 8.01 -0.93
C LEU D 362 10.62 6.79 -0.37
N GLU D 363 11.72 7.05 0.35
CA GLU D 363 12.42 6.08 1.21
C GLU D 363 11.80 6.15 2.61
N TYR D 364 11.67 5.00 3.29
CA TYR D 364 11.26 4.91 4.71
C TYR D 364 12.22 5.70 5.61
N LYS D 365 13.40 6.08 5.09
CA LYS D 365 14.39 6.99 5.70
C LYS D 365 13.98 8.46 5.50
N ILE D 366 13.44 8.83 4.33
CA ILE D 366 12.85 10.15 4.05
C ILE D 366 11.52 10.28 4.80
N LEU D 367 10.82 9.15 4.99
CA LEU D 367 9.75 8.94 5.99
C LEU D 367 10.35 9.17 7.38
N SER D 368 9.48 9.55 8.31
CA SER D 368 9.80 10.57 9.32
C SER D 368 8.79 10.51 10.47
N LEU D 369 12.95 11.98 10.87
CA LEU D 369 11.65 12.49 11.36
C LEU D 369 11.65 14.01 11.24
N PRO D 370 7.34 13.32 10.28
CA PRO D 370 7.59 14.66 10.83
C PRO D 370 8.85 15.26 10.20
N ASP D 371 5.66 16.68 8.72
CA ASP D 371 7.01 17.28 8.61
C ASP D 371 7.29 18.18 9.83
N ASN D 372 8.53 18.70 9.92
CA ASN D 372 9.09 19.64 10.94
C ASN D 372 10.49 19.15 11.37
N GLU D 373 10.50 17.99 12.03
CA GLU D 373 11.69 17.36 12.66
C GLU D 373 12.72 16.96 11.59
N LEU D 374 12.29 16.66 10.35
CA LEU D 374 13.16 16.26 9.21
C LEU D 374 13.95 17.48 8.72
N PRO D 375 13.27 18.62 8.65
CA PRO D 375 13.83 19.94 8.33
C PRO D 375 14.76 20.40 9.46
N SER D 376 14.28 20.31 10.70
CA SER D 376 15.06 20.59 11.94
C SER D 376 16.33 19.71 11.95
N LEU D 377 16.21 18.45 11.52
CA LEU D 377 17.34 17.49 11.36
C LEU D 377 18.26 17.94 10.21
N THR D 378 17.66 18.31 9.07
CA THR D 378 18.32 18.66 7.78
C THR D 378 19.08 17.45 7.23
N ILE D 379 20.14 16.99 7.93
CA ILE D 379 20.89 15.72 7.77
C ILE D 379 20.65 15.03 6.41
N PRO D 380 19.39 14.71 6.09
CA PRO D 380 18.91 14.20 4.78
C PRO D 380 19.47 15.04 3.63
N LEU D 381 19.40 16.38 3.73
CA LEU D 381 19.86 17.36 2.73
C LEU D 381 21.38 17.24 2.52
N PHE D 382 22.14 17.10 3.60
CA PHE D 382 23.62 16.91 3.61
C PHE D 382 23.98 15.58 2.93
N ARG D 383 23.29 14.49 3.29
CA ARG D 383 23.47 13.14 2.72
C ARG D 383 23.25 13.17 1.20
N LEU D 384 22.15 13.80 0.75
CA LEU D 384 21.76 13.95 -0.67
C LEU D 384 22.87 14.63 -1.49
N LEU D 385 23.73 15.44 -0.85
CA LEU D 385 24.91 16.07 -1.48
C LEU D 385 25.92 14.99 -1.92
N ASN D 386 26.05 13.90 -1.15
CA ASN D 386 26.90 12.73 -1.50
C ASN D 386 26.26 11.99 -2.69
N GLU D 387 24.94 11.77 -2.64
CA GLU D 387 24.14 11.20 -3.76
C GLU D 387 24.31 12.08 -5.01
N MET D 388 24.42 13.40 -4.84
CA MET D 388 24.69 14.37 -5.93
C MET D 388 26.17 14.33 -6.37
N LEU D 389 26.95 13.35 -5.90
CA LEU D 389 28.18 12.86 -6.59
C LEU D 389 27.78 11.90 -7.71
N GLY D 390 26.61 11.26 -7.60
CA GLY D 390 25.95 10.47 -8.69
C GLY D 390 24.47 10.89 -8.83
N GLY D 391 24.23 12.06 -9.44
CA GLY D 391 22.96 12.55 -10.04
C GLY D 391 22.38 13.69 -9.20
N VAL D 392 21.90 14.73 -9.90
CA VAL D 392 22.01 16.16 -9.55
C VAL D 392 23.43 16.61 -9.90
N SER D 393 23.81 16.40 -11.17
CA SER D 393 25.10 16.79 -11.83
C SER D 393 26.18 15.74 -11.57
N MET D 394 25.90 14.50 -12.02
CA MET D 394 26.84 13.52 -12.61
C MET D 394 28.25 14.11 -12.80
N THR D 395 29.21 13.63 -11.99
CA THR D 395 30.67 13.87 -12.12
C THR D 395 31.02 15.35 -11.95
N GLN D 396 31.08 16.11 -13.05
CA GLN D 396 31.78 17.41 -13.18
C GLN D 396 31.17 18.45 -12.24
N ARG D 397 31.99 19.39 -11.74
CA ARG D 397 31.60 20.61 -11.00
C ARG D 397 31.16 20.26 -9.57
N TYR D 398 32.06 19.66 -8.77
CA TYR D 398 31.77 19.06 -7.45
C TYR D 398 32.34 19.90 -6.29
N ALA D 399 33.60 20.33 -6.38
CA ALA D 399 34.30 21.17 -5.38
C ALA D 399 34.43 22.60 -5.91
N PHE D 400 33.73 22.90 -7.01
CA PHE D 400 34.04 24.00 -7.94
C PHE D 400 33.08 25.17 -7.66
N HIS D 401 33.58 26.40 -7.72
CA HIS D 401 32.80 27.67 -7.57
C HIS D 401 31.49 27.56 -8.34
N PRO D 402 31.53 27.19 -3.33
CA PRO D 402 30.20 27.42 -3.95
C PRO D 402 29.34 26.15 -3.92
N LYS D 403 29.94 24.99 -4.20
CA LYS D 403 29.30 23.67 -4.03
C LYS D 403 28.93 23.48 -2.55
N LEU D 404 29.82 23.92 -1.66
CA LEU D 404 29.63 23.99 -0.19
C LEU D 404 28.50 24.98 0.15
N MET D 405 28.49 26.16 -0.51
CA MET D 405 27.48 27.23 -0.33
C MET D 405 26.09 26.74 -0.79
N SER D 406 26.04 26.00 -1.90
CA SER D 406 24.83 25.38 -2.49
C SER D 406 24.30 24.29 -1.55
N PRO D 407 25.20 23.48 -0.96
CA PRO D 407 24.90 22.45 0.06
C PRO D 407 24.32 23.11 1.32
N LEU D 408 24.90 24.24 1.75
CA LEU D 408 24.44 25.04 2.91
C LEU D 408 23.03 25.61 2.65
N LYS D 409 22.79 26.13 1.44
CA LYS D 409 21.49 26.66 0.97
C LYS D 409 20.43 25.54 0.98
N ALA D 410 20.80 24.34 0.51
CA ALA D 410 19.95 23.12 0.50
C ALA D 410 19.65 22.68 1.95
N ALA D 411 20.63 22.78 2.85
CA ALA D 411 20.49 22.46 4.30
C ALA D 411 19.58 23.49 4.98
N LEU D 412 19.68 24.77 4.59
CA LEU D 412 18.79 25.86 5.05
C LEU D 412 17.37 25.63 4.53
N GLN D 413 17.23 25.23 3.26
CA GLN D 413 15.93 24.96 2.60
C GLN D 413 15.18 23.84 3.32
N TRP D 414 15.87 22.80 3.80
CA TRP D 414 15.29 21.73 4.64
C TRP D 414 14.39 22.36 5.71
N LEU D 415 14.96 23.23 6.56
CA LEU D 415 14.26 24.02 7.61
C LEU D 415 13.03 24.72 7.02
N LEU D 416 13.15 25.27 5.80
CA LEU D 416 12.07 25.97 5.07
C LEU D 416 11.08 24.96 4.47
N VAL D 417 11.56 23.78 4.07
CA VAL D 417 10.78 22.70 3.40
C VAL D 417 9.69 22.16 4.34
N ASN D 418 9.89 22.21 5.66
CA ASN D 418 8.94 21.64 6.65
C ASN D 418 7.95 22.67 7.19
N LEU D 419 7.85 22.77 8.51
CA LEU D 419 6.56 22.74 9.24
C LEU D 419 6.66 23.35 10.65
N THR D 420 5.51 23.75 11.19
CA THR D 420 5.31 24.43 12.49
C THR D 420 6.38 25.52 12.69
N ASP D 421 6.66 26.29 11.64
CA ASP D 421 7.70 27.35 11.59
C ASP D 421 7.28 28.43 10.59
N GLN D 422 8.02 29.55 10.57
CA GLN D 422 7.74 30.82 9.87
C GLN D 422 7.07 31.78 10.86
N LYS D 423 5.93 32.37 10.49
CA LYS D 423 4.89 32.91 11.40
C LYS D 423 5.26 34.31 11.89
N HIS D 424 4.83 35.33 11.13
CA HIS D 424 4.26 36.61 11.58
C HIS D 424 4.91 37.82 10.91
N VAL D 425 4.27 38.99 11.13
CA VAL D 425 4.80 40.36 10.96
C VAL D 425 4.76 40.76 9.49
N LEU D 426 3.83 41.66 9.15
CA LEU D 426 3.37 41.95 7.77
C LEU D 426 2.82 43.37 7.68
N ILE D 427 3.44 44.22 6.84
CA ILE D 427 2.95 45.58 6.49
C ILE D 427 1.62 45.46 5.73
N GLU D 428 1.46 44.40 4.92
CA GLU D 428 0.23 44.06 4.18
C GLU D 428 -0.77 43.39 5.13
N GLU D 429 -2.06 43.78 5.10
CA GLU D 429 -2.59 44.90 4.36
C GLU D 429 -2.22 46.21 5.07
N ASP D 430 -2.58 46.29 6.36
CA ASP D 430 -2.39 47.45 7.25
C ASP D 430 -1.78 46.95 8.58
N ASP D 431 -2.27 47.44 9.73
CA ASP D 431 -1.88 46.98 11.09
C ASP D 431 -0.38 47.22 11.32
N GLU D 432 -7.82 48.64 12.20
CA GLU D 432 -6.34 48.61 12.04
C GLU D 432 -5.91 47.32 11.30
N HIS D 433 -6.57 46.20 11.56
CA HIS D 433 -6.25 44.86 11.00
C HIS D 433 -6.81 44.69 9.58
N TYR D 434 -6.55 43.53 8.97
CA TYR D 434 -7.06 43.07 7.66
C TYR D 434 -8.00 41.87 7.90
N ARG D 435 -8.56 41.31 6.84
CA ARG D 435 -9.27 39.99 6.89
C ARG D 435 -8.91 39.16 5.65
N TYR D 436 -9.04 37.85 5.75
CA TYR D 436 -8.91 36.88 4.64
C TYR D 436 -10.20 36.06 4.52
N LEU D 437 -10.96 36.28 3.44
CA LEU D 437 -12.18 35.53 3.09
C LEU D 437 -11.79 34.35 2.19
N HIS D 438 -11.91 33.12 2.71
CA HIS D 438 -11.64 31.85 1.98
C HIS D 438 -12.97 31.28 1.48
N LEU D 439 -13.19 31.32 0.16
CA LEU D 439 -14.31 30.65 -0.55
C LEU D 439 -13.79 29.34 -1.13
N SER D 440 -14.36 28.21 -0.71
CA SER D 440 -13.85 26.83 -0.98
C SER D 440 -14.89 26.00 -1.74
N GLY D 441 -14.41 25.16 -2.67
CA GLY D 441 -15.20 24.17 -3.41
C GLY D 441 -16.26 24.80 -4.30
N ILE D 442 -15.99 25.98 -4.87
CA ILE D 442 -16.94 26.70 -5.77
C ILE D 442 -16.99 25.95 -7.10
N ARG D 443 -18.19 25.53 -7.53
CA ARG D 443 -18.47 24.84 -8.81
C ARG D 443 -19.02 25.86 -9.81
N VAL D 444 -18.48 25.89 -11.04
CA VAL D 444 -19.01 26.75 -12.15
C VAL D 444 -19.30 25.85 -13.36
N PHE D 445 -20.46 26.07 -13.99
CA PHE D 445 -20.93 25.35 -15.21
C PHE D 445 -20.98 26.32 -16.39
N ASP D 446 -20.22 26.03 -17.45
CA ASP D 446 -20.26 26.70 -18.78
C ASP D 446 -19.83 28.17 -18.65
N ALA D 447 -18.65 28.41 -18.07
CA ALA D 447 -17.95 29.71 -18.09
C ALA D 447 -17.14 29.82 -19.39
N GLN D 448 -17.02 31.03 -19.94
CA GLN D 448 -16.33 31.30 -21.24
C GLN D 448 -14.83 31.04 -21.09
N ALA D 449 -14.33 30.00 -21.74
CA ALA D 449 -12.90 29.59 -21.75
C ALA D 449 -12.06 30.60 -22.55
N LEU D 450 -12.63 31.17 -23.62
CA LEU D 450 -12.01 32.28 -24.40
C LEU D 450 -11.93 33.53 -23.51
N SER D 451 -10.78 33.76 -22.88
CA SER D 451 -10.50 34.92 -21.97
C SER D 451 -10.60 36.21 -22.78
N ASN D 452 -9.82 36.31 -23.85
CA ASN D 452 -9.96 37.28 -24.97
C ASN D 452 -10.09 36.47 -26.25
N PRO D 453 -10.52 37.07 -27.39
CA PRO D 453 -10.59 36.32 -28.66
C PRO D 453 -9.27 35.79 -29.26
N TYR D 454 -8.13 35.97 -28.58
CA TYR D 454 -6.80 35.43 -28.97
C TYR D 454 -6.52 34.10 -28.23
N CYS D 455 -6.78 34.08 -26.93
CA CYS D 455 -6.35 33.01 -25.97
C CYS D 455 -7.55 32.17 -25.52
N SER D 456 -7.33 30.86 -25.38
CA SER D 456 -8.27 29.86 -24.79
C SER D 456 -7.58 29.13 -23.63
N GLY D 457 -8.35 28.73 -22.62
CA GLY D 457 -7.86 28.05 -21.41
C GLY D 457 -8.71 28.38 -20.19
N ILE D 458 -8.12 29.03 -19.18
CA ILE D 458 -8.85 29.53 -17.97
C ILE D 458 -9.76 30.68 -18.37
N PRO D 459 -10.84 30.96 -17.61
CA PRO D 459 -11.54 32.25 -17.71
C PRO D 459 -10.65 33.44 -17.36
N SER D 460 -11.06 34.64 -17.79
CA SER D 460 -10.32 35.93 -17.64
C SER D 460 -10.16 36.29 -16.16
N LEU D 461 -9.02 36.85 -15.78
CA LEU D 461 -8.73 37.34 -14.40
C LEU D 461 -9.54 38.61 -14.10
N THR D 462 -9.82 39.42 -15.14
CA THR D 462 -10.73 40.60 -15.06
C THR D 462 -12.16 40.15 -14.73
N ALA D 463 -12.55 38.94 -15.17
CA ALA D 463 -13.84 38.30 -14.82
C ALA D 463 -13.87 38.00 -13.31
N VAL D 464 -12.78 37.43 -12.78
CA VAL D 464 -12.60 37.11 -11.33
C VAL D 464 -12.60 38.42 -10.55
N TRP D 465 -11.90 39.45 -11.04
CA TRP D 465 -11.86 40.80 -10.43
C TRP D 465 -13.26 41.40 -10.39
N GLY D 466 -13.95 41.43 -11.53
CA GLY D 466 -15.31 42.01 -11.68
C GLY D 466 -16.31 41.36 -10.75
N MET D 467 -16.26 40.02 -10.62
CA MET D 467 -17.11 39.22 -9.71
C MET D 467 -16.85 39.64 -8.25
N ILE D 468 -15.57 39.73 -7.87
CA ILE D 468 -15.12 40.15 -6.51
C ILE D 468 -15.55 41.60 -6.23
N HIS D 469 -15.49 42.48 -7.25
CA HIS D 469 -15.88 43.90 -7.14
C HIS D 469 -17.40 44.02 -6.98
N SER D 470 -18.18 43.22 -7.73
CA SER D 470 -19.66 43.13 -7.61
C SER D 470 -20.04 42.64 -6.20
N TYR D 471 -19.29 41.68 -5.65
CA TYR D 471 -19.48 41.10 -4.30
C TYR D 471 -19.20 42.17 -3.24
N GLN D 472 -18.11 42.94 -3.40
CA GLN D 472 -17.74 44.08 -2.52
C GLN D 472 -18.87 45.11 -2.50
N ARG D 473 -19.28 45.60 -3.68
CA ARG D 473 -20.31 46.65 -3.86
C ARG D 473 -21.61 46.25 -3.13
N LYS D 474 -22.09 45.02 -3.34
CA LYS D 474 -23.34 44.48 -2.73
C LYS D 474 -23.19 44.42 -1.21
N LEU D 475 -22.05 43.93 -0.70
CA LEU D 475 -21.76 43.80 0.76
C LEU D 475 -21.71 45.19 1.40
N ASN D 476 -20.99 46.13 0.79
CA ASN D 476 -20.83 47.52 1.30
C ASN D 476 -22.17 48.27 1.28
N GLU D 477 -23.06 47.96 0.33
CA GLU D 477 -24.40 48.59 0.20
C GLU D 477 -25.39 47.90 1.16
N ALA D 478 -25.21 46.59 1.41
CA ALA D 478 -26.06 45.79 2.33
C ALA D 478 -25.79 46.17 3.79
N LEU D 479 -24.53 46.11 4.23
CA LEU D 479 -24.13 46.31 5.65
C LEU D 479 -24.00 47.81 5.99
N GLY D 480 -23.79 48.68 4.99
CA GLY D 480 -23.53 50.12 5.17
C GLY D 480 -22.11 50.39 5.62
N THR D 481 -21.19 49.45 5.38
CA THR D 481 -19.74 49.55 5.69
C THR D 481 -19.00 50.07 4.46
N ASN D 482 -17.67 50.18 4.52
CA ASN D 482 -16.80 50.64 3.40
C ASN D 482 -15.49 49.85 3.42
N VAL D 483 -15.58 48.51 3.40
CA VAL D 483 -14.41 47.59 3.28
C VAL D 483 -13.99 47.53 1.80
N ARG D 484 -12.73 47.19 1.53
CA ARG D 484 -12.16 47.07 0.16
C ARG D 484 -11.60 45.66 -0.04
N PHE D 485 -11.99 45.01 -1.15
CA PHE D 485 -11.52 43.67 -1.60
C PHE D 485 -10.31 43.89 -2.52
N THR D 486 -9.13 44.09 -1.93
CA THR D 486 -7.93 44.68 -2.59
C THR D 486 -7.27 43.67 -3.53
N SER D 487 -6.99 42.45 -3.04
CA SER D 487 -6.29 41.38 -3.80
C SER D 487 -6.93 40.01 -3.53
N PHE D 488 -6.67 39.04 -4.43
CA PHE D 488 -7.19 37.65 -4.35
C PHE D 488 -6.14 36.67 -4.87
N SER D 489 -6.15 35.43 -4.35
CA SER D 489 -5.39 34.27 -4.90
C SER D 489 -6.38 33.17 -5.32
N TRP D 490 -6.11 32.52 -6.46
CA TRP D 490 -7.04 31.64 -7.22
C TRP D 490 -6.41 30.26 -7.41
N PHE D 491 -7.02 29.24 -6.79
CA PHE D 491 -6.60 27.81 -6.84
C PHE D 491 -7.68 26.97 -7.55
N ILE D 492 -7.34 26.38 -8.70
CA ILE D 492 -8.25 25.52 -9.52
C ILE D 492 -8.08 24.06 -9.08
N ARG D 493 -9.17 23.43 -8.62
CA ARG D 493 -9.21 22.00 -8.20
C ARG D 493 -9.48 21.13 -9.42
N ASN D 494 -10.59 21.38 -10.13
CA ASN D 494 -11.04 20.61 -11.32
C ASN D 494 -11.23 21.57 -12.50
N TYR D 495 -10.92 21.08 -13.70
CA TYR D 495 -11.15 21.76 -15.00
C TYR D 495 -11.56 20.71 -16.05
N SER D 496 -12.59 21.02 -16.85
CA SER D 496 -13.02 20.19 -18.01
C SER D 496 -13.63 21.09 -19.10
N ALA D 497 -13.27 20.84 -20.37
CA ALA D 497 -13.80 21.54 -21.55
C ALA D 497 -15.17 20.95 -21.91
N VAL D 498 -16.15 21.81 -22.23
CA VAL D 498 -17.55 21.43 -22.59
C VAL D 498 -17.70 21.61 -24.10
N ALA D 499 -18.11 20.54 -24.80
CA ALA D 499 -18.31 20.50 -26.27
C ALA D 499 -19.64 21.17 -26.63
N GLY D 500 -19.80 21.53 -27.91
CA GLY D 500 -21.04 22.07 -28.49
C GLY D 500 -21.11 23.59 -28.40
N LYS D 501 -21.87 24.20 -29.31
CA LYS D 501 -22.17 25.66 -29.35
C LYS D 501 -23.44 25.91 -28.54
N LYS D 502 -23.79 27.19 -28.31
CA LYS D 502 -25.00 27.61 -27.56
C LYS D 502 -26.04 28.15 -28.54
N LEU D 503 -27.26 27.61 -28.51
CA LEU D 503 -28.42 28.02 -29.35
C LEU D 503 -29.00 29.31 -28.78
N PRO D 504 -28.99 30.45 -29.52
CA PRO D 504 -29.65 31.66 -29.06
C PRO D 504 -31.16 31.57 -29.23
N GLU D 505 -31.93 32.18 -28.30
CA GLU D 505 -33.42 32.18 -28.31
C GLU D 505 -33.92 33.13 -29.41
N LEU D 506 -35.21 33.05 -29.73
CA LEU D 506 -35.87 33.90 -30.77
C LEU D 506 -36.00 35.33 -30.22
N SER D 507 -35.75 36.33 -31.08
CA SER D 507 -35.88 37.78 -30.76
C SER D 507 -36.10 38.57 -32.04
N LEU D 508 -36.46 39.86 -31.91
CA LEU D 508 -36.66 40.77 -33.07
C LEU D 508 -35.30 41.10 -33.70
N GLN D 509 -34.88 40.32 -34.69
CA GLN D 509 -33.59 40.51 -35.41
C GLN D 509 -33.78 41.62 -36.45
N GLY D 510 -32.86 42.60 -36.44
CA GLY D 510 -32.98 43.90 -37.14
C GLY D 510 -32.77 43.73 -38.65
N ALA D 511 -33.52 44.51 -39.44
CA ALA D 511 -33.45 44.60 -40.92
C ALA D 511 -34.08 45.93 -41.35
N GLN D 512 -34.59 46.03 -42.58
CA GLN D 512 -35.52 47.10 -43.02
C GLN D 512 -36.82 46.97 -42.24
N GLN D 513 -37.27 45.73 -41.99
CA GLN D 513 -38.39 45.36 -41.09
C GLN D 513 -37.90 44.31 -40.08
N SER D 514 -37.80 44.68 -38.80
CA SER D 514 -37.34 43.81 -37.69
C SER D 514 -38.34 42.67 -37.49
N ARG D 515 -37.90 41.42 -37.66
CA ARG D 515 -38.73 40.19 -37.61
C ARG D 515 -38.33 39.33 -36.41
N LEU D 516 -39.29 38.64 -35.80
CA LEU D 516 -39.08 37.64 -34.72
C LEU D 516 -38.51 36.36 -35.35
N LYS D 517 -37.22 36.10 -35.13
CA LYS D 517 -36.51 34.91 -35.65
C LYS D 517 -35.29 34.61 -34.76
N ARG D 518 -34.52 33.58 -35.12
CA ARG D 518 -33.30 33.15 -34.37
C ARG D 518 -32.10 33.92 -34.91
N PRO D 519 -31.21 34.46 -34.04
CA PRO D 519 -29.96 35.08 -34.50
C PRO D 519 -28.93 34.05 -34.99
N GLY D 520 -27.84 34.53 -35.60
CA GLY D 520 -26.71 33.71 -36.06
C GLY D 520 -26.02 32.99 -34.92
N ILE D 521 -25.65 31.72 -35.13
CA ILE D 521 -25.01 30.84 -34.10
C ILE D 521 -23.52 31.17 -34.07
N ILE D 522 -23.05 31.82 -33.00
CA ILE D 522 -21.62 32.20 -32.77
C ILE D 522 -20.92 31.05 -32.02
N ASP D 523 -19.83 30.53 -32.58
CA ASP D 523 -18.99 29.47 -31.95
C ASP D 523 -18.20 30.10 -30.79
N GLY D 524 -18.07 29.36 -29.68
CA GLY D 524 -17.29 29.76 -28.50
C GLY D 524 -16.67 28.54 -27.81
N LYS D 525 -15.86 28.77 -26.77
CA LYS D 525 -15.23 27.73 -25.93
C LYS D 525 -15.75 27.88 -24.50
N TYR D 526 -16.20 26.78 -23.90
CA TYR D 526 -16.85 26.72 -22.56
C TYR D 526 -16.19 25.63 -21.71
N CYS D 527 -16.09 25.87 -20.41
CA CYS D 527 -15.43 24.98 -19.42
C CYS D 527 -16.31 24.85 -18.16
N ASP D 528 -16.34 23.65 -17.58
CA ASP D 528 -16.81 23.37 -16.20
C ASP D 528 -15.56 23.29 -15.30
N LEU D 529 -15.52 24.10 -14.23
CA LEU D 529 -14.36 24.15 -13.30
C LEU D 529 -14.83 24.28 -11.85
N VAL D 530 -14.08 23.66 -10.93
CA VAL D 530 -14.23 23.76 -9.46
C VAL D 530 -12.97 24.44 -8.91
N PHE D 531 -13.13 25.53 -8.14
CA PHE D 531 -12.00 26.35 -7.64
C PHE D 531 -12.26 26.87 -6.22
N ASP D 532 -11.17 27.36 -5.61
CA ASP D 532 -11.14 28.11 -4.33
C ASP D 532 -10.61 29.53 -4.59
N LEU D 533 -11.20 30.53 -3.94
CA LEU D 533 -10.71 31.93 -3.92
C LEU D 533 -10.32 32.31 -2.49
N ILE D 534 -9.20 33.03 -2.32
CA ILE D 534 -8.80 33.70 -1.06
C ILE D 534 -8.76 35.20 -1.36
N ILE D 535 -9.72 35.95 -0.81
CA ILE D 535 -9.86 37.43 -0.98
C ILE D 535 -9.30 38.12 0.27
N HIS D 536 -8.52 39.18 0.05
CA HIS D 536 -7.77 39.95 1.08
C HIS D 536 -8.51 41.28 1.33
N ILE D 537 -9.21 41.38 2.46
CA ILE D 537 -10.16 42.50 2.78
C ILE D 537 -9.45 43.52 3.66
N ASP D 538 -9.52 44.80 3.28
CA ASP D 538 -8.98 45.97 4.03
C ASP D 538 -10.14 46.87 4.49
N GLY D 539 -9.89 47.68 5.51
CA GLY D 539 -10.85 48.67 6.07
C GLY D 539 -10.62 48.90 7.56
N TYR D 540 -11.55 49.61 8.21
CA TYR D 540 -11.55 49.89 9.67
C TYR D 540 -12.16 48.69 10.42
N GLU D 541 -11.62 48.40 11.61
CA GLU D 541 -12.02 47.25 12.46
C GLU D 541 -13.51 47.34 12.82
N ASP D 542 -14.05 48.56 12.93
CA ASP D 542 -15.51 48.84 13.06
C ASP D 542 -16.26 48.13 11.92
N ASP D 543 -15.81 48.35 10.67
CA ASP D 543 -16.40 47.77 9.44
C ASP D 543 -16.08 46.27 9.37
N LEU D 544 -14.85 45.86 9.69
CA LEU D 544 -14.41 44.43 9.62
C LEU D 544 -15.22 43.57 10.60
N GLN D 545 -15.40 44.05 11.85
CA GLN D 545 -16.17 43.32 12.89
C GLN D 545 -17.67 43.54 12.70
N ALA D 546 -18.09 44.51 11.88
CA ALA D 546 -19.46 44.62 11.33
C ALA D 546 -19.69 43.54 10.26
N VAL D 547 -18.67 43.28 9.43
CA VAL D 547 -18.67 42.19 8.41
C VAL D 547 -18.68 40.83 9.13
N ASP D 548 -17.78 40.63 10.11
CA ASP D 548 -17.56 39.32 10.79
C ASP D 548 -18.81 38.93 11.60
N SER D 549 -19.58 39.89 12.11
CA SER D 549 -20.80 39.69 12.95
C SER D 549 -21.97 39.13 12.12
N LYS D 550 -21.98 39.35 10.80
CA LYS D 550 -23.09 38.98 9.87
C LYS D 550 -22.60 37.93 8.87
N PRO D 551 -22.59 36.62 9.23
CA PRO D 551 -22.16 35.56 8.31
C PRO D 551 -23.19 35.21 7.23
N ASP D 552 -24.48 35.24 7.56
CA ASP D 552 -25.60 34.95 6.62
C ASP D 552 -25.67 36.01 5.52
N ILE D 553 -25.47 37.29 5.89
CA ILE D 553 -25.53 38.46 4.95
C ILE D 553 -24.26 38.43 4.08
N LEU D 554 -23.13 37.92 4.60
CA LEU D 554 -21.89 37.68 3.81
C LEU D 554 -22.15 36.58 2.77
N LYS D 555 -22.77 35.47 3.18
CA LYS D 555 -23.13 34.32 2.29
C LYS D 555 -24.18 34.75 1.25
N ALA D 556 -25.15 35.58 1.65
CA ALA D 556 -26.35 35.96 0.84
C ALA D 556 -25.93 36.70 -0.45
N HIS D 557 -24.96 37.61 -0.37
CA HIS D 557 -24.56 38.54 -1.47
C HIS D 557 -23.41 37.96 -2.31
N PHE D 558 -23.00 36.70 -2.09
CA PHE D 558 -22.05 35.96 -2.96
C PHE D 558 -22.71 35.79 -4.34
N PRO D 559 -22.12 36.34 -5.44
CA PRO D 559 -22.73 36.24 -6.76
C PRO D 559 -22.88 34.81 -7.29
N SER D 560 -23.84 34.60 -8.20
CA SER D 560 -24.16 33.31 -8.85
C SER D 560 -23.78 33.31 -10.34
N ASN D 561 -23.18 34.40 -10.84
CA ASN D 561 -22.68 34.55 -12.22
C ASN D 561 -21.15 34.52 -12.20
N PHE D 562 -20.52 33.85 -13.17
CA PHE D 562 -19.04 33.85 -13.38
C PHE D 562 -18.72 33.63 -14.86
N ALA D 563 -18.22 34.69 -15.53
CA ALA D 563 -17.73 34.69 -16.94
C ALA D 563 -18.82 34.15 -17.89
N GLY D 564 -20.09 34.46 -17.61
CA GLY D 564 -21.25 33.99 -18.38
C GLY D 564 -21.85 32.70 -17.83
N GLY D 565 -21.07 31.91 -17.07
CA GLY D 565 -21.50 30.62 -16.49
C GLY D 565 -22.30 30.82 -15.21
N VAL D 566 -22.84 29.71 -14.68
CA VAL D 566 -23.63 29.68 -13.41
C VAL D 566 -22.72 29.14 -12.30
N MET D 567 -22.59 29.90 -11.20
CA MET D 567 -21.62 29.67 -10.10
C MET D 567 -22.39 29.24 -8.84
N HIS D 568 -22.10 28.05 -8.31
CA HIS D 568 -22.76 27.42 -7.15
C HIS D 568 -21.75 27.14 -6.04
N GLN D 569 -22.20 27.20 -4.78
CA GLN D 569 -21.45 26.74 -3.59
C GLN D 569 -21.40 25.21 -3.63
N PRO D 570 -20.48 24.55 -2.89
CA PRO D 570 -20.41 23.08 -2.89
C PRO D 570 -21.70 22.42 -2.38
N GLU D 571 -21.89 21.13 -2.72
CA GLU D 571 -23.16 20.38 -2.50
C GLU D 571 -23.47 20.30 -1.00
N LEU D 572 -24.75 20.19 -0.66
CA LEU D 572 -25.28 20.32 0.74
C LEU D 572 -24.88 19.11 1.60
N ASN D 573 -24.46 17.99 0.99
CA ASN D 573 -24.02 16.76 1.69
C ASN D 573 -22.48 16.64 1.70
N SER D 574 -21.77 17.67 1.24
CA SER D 574 -20.27 17.73 1.22
C SER D 574 -19.71 17.96 2.63
N ASN D 575 -20.45 18.66 3.49
CA ASN D 575 -20.05 19.05 4.87
C ASN D 575 -18.82 19.96 4.80
N ILE D 576 -18.87 20.96 3.91
CA ILE D 576 -17.77 21.95 3.67
C ILE D 576 -18.31 23.34 4.01
N ASN D 577 -17.77 23.97 5.07
CA ASN D 577 -17.98 25.41 5.39
C ASN D 577 -17.24 26.21 4.31
N TRP D 578 -17.99 26.82 3.38
CA TRP D 578 -17.49 27.30 2.06
C TRP D 578 -17.26 28.82 2.08
N CYS D 579 -17.55 29.51 3.19
CA CYS D 579 -17.41 30.99 3.32
C CYS D 579 -16.84 31.32 4.71
N CYS D 580 -15.52 31.21 4.87
CA CYS D 580 -14.76 31.34 6.14
C CYS D 580 -13.95 32.64 6.14
N LEU D 581 -13.94 33.34 7.29
CA LEU D 581 -13.12 34.57 7.54
C LEU D 581 -11.93 34.19 8.44
N TYR D 582 -10.77 34.80 8.20
CA TYR D 582 -9.52 34.62 9.00
C TYR D 582 -8.89 35.99 9.28
N SER D 583 -8.43 36.17 10.53
CA SER D 583 -7.79 37.41 11.05
C SER D 583 -6.27 37.34 10.89
N ASN D 584 -5.67 36.15 11.08
CA ASN D 584 -4.21 35.89 11.00
C ASN D 584 -3.90 35.01 9.79
N GLU D 585 -2.62 34.94 9.41
CA GLU D 585 -2.11 34.31 8.16
C GLU D 585 -1.72 32.85 8.40
N ASN D 586 -1.21 32.53 9.58
CA ASN D 586 -0.75 31.17 9.99
C ASN D 586 -1.94 30.19 9.97
N GLN D 587 -3.08 30.61 10.55
CA GLN D 587 -4.34 29.82 10.61
C GLN D 587 -4.84 29.55 9.18
N LEU D 588 -4.79 30.56 8.31
CA LEU D 588 -5.22 30.46 6.88
C LEU D 588 -4.29 29.48 6.14
N PHE D 589 -2.97 29.61 6.30
CA PHE D 589 -1.97 28.74 5.62
C PHE D 589 -2.06 27.31 6.18
N GLU D 590 -2.39 27.17 7.47
CA GLU D 590 -2.65 25.85 8.13
C GLU D 590 -3.90 25.20 7.52
N LYS D 591 -4.90 25.99 7.14
CA LYS D 591 -6.11 25.51 6.42
C LYS D 591 -5.76 25.19 4.95
N LEU D 592 -4.94 26.04 4.32
CA LEU D 592 -4.73 26.05 2.84
C LEU D 592 -3.80 24.91 2.38
N ARG D 593 -2.91 24.39 3.23
CA ARG D 593 -1.94 23.33 2.82
C ARG D 593 -2.62 21.95 2.87
N ARG D 594 -3.92 21.89 3.19
CA ARG D 594 -4.76 20.66 3.17
C ARG D 594 -5.53 20.54 1.83
N LEU D 595 -5.16 21.33 0.80
CA LEU D 595 -5.84 21.32 -0.53
C LEU D 595 -5.48 20.04 -1.28
N PRO D 596 -6.31 19.60 -2.26
CA PRO D 596 -5.94 18.51 -3.16
C PRO D 596 -4.66 18.83 -3.96
N LEU D 597 -3.78 17.83 -4.11
CA LEU D 597 -2.39 18.01 -4.64
C LEU D 597 -2.40 18.08 -6.18
N SER D 598 -3.44 17.53 -6.83
CA SER D 598 -3.61 17.54 -8.30
C SER D 598 -3.99 18.94 -8.82
N GLY D 599 -4.58 19.78 -7.96
CA GLY D 599 -5.03 21.14 -8.30
C GLY D 599 -3.87 22.09 -8.56
N CYS D 600 -4.14 23.24 -9.21
CA CYS D 600 -3.13 24.23 -9.67
C CYS D 600 -3.45 25.61 -9.11
N TRP D 601 -2.45 26.29 -8.53
CA TRP D 601 -2.49 27.74 -8.20
C TRP D 601 -2.26 28.53 -9.49
N VAL D 602 -3.16 29.46 -9.82
CA VAL D 602 -2.98 30.44 -10.94
C VAL D 602 -2.11 31.58 -10.38
N MET D 603 -0.85 31.63 -10.79
CA MET D 603 0.20 32.49 -10.16
C MET D 603 0.66 33.56 -11.15
N PRO D 604 0.78 34.84 -10.70
CA PRO D 604 1.35 35.90 -11.54
C PRO D 604 2.87 35.75 -11.72
N THR D 605 3.36 36.05 -12.94
CA THR D 605 4.79 36.05 -13.32
C THR D 605 5.25 37.48 -13.59
N GLU D 606 6.55 37.68 -13.79
CA GLU D 606 7.17 38.98 -14.16
C GLU D 606 8.14 38.77 -15.34
N HIS D 607 7.67 38.07 -16.38
CA HIS D 607 8.38 37.89 -17.68
C HIS D 607 8.04 39.07 -18.59
N LYS D 608 9.04 39.57 -19.34
CA LYS D 608 8.89 40.67 -20.34
C LYS D 608 8.79 40.05 -21.74
N ILE D 609 7.88 40.59 -22.57
CA ILE D 609 7.62 40.14 -23.98
C ILE D 609 7.53 41.37 -24.88
N GLN D 610 8.31 41.39 -25.98
CA GLN D 610 8.43 42.52 -26.93
C GLN D 610 7.64 42.22 -28.23
N ASP D 611 7.40 40.94 -28.54
CA ASP D 611 6.56 40.51 -29.70
C ASP D 611 6.06 39.09 -29.44
N LEU D 612 5.25 38.55 -30.37
CA LEU D 612 4.59 37.21 -30.28
C LEU D 612 5.65 36.09 -30.22
N ASP D 613 6.71 36.20 -31.03
CA ASP D 613 7.75 35.13 -31.22
C ASP D 613 8.49 34.88 -29.90
N GLU D 614 8.74 35.93 -29.11
CA GLU D 614 9.38 35.85 -27.76
C GLU D 614 8.45 35.09 -26.81
N LEU D 615 7.16 35.45 -26.82
CA LEU D 615 6.08 34.77 -26.05
C LEU D 615 6.02 33.28 -26.45
N LEU D 616 6.06 32.96 -27.75
CA LEU D 616 5.97 31.56 -28.25
C LEU D 616 7.21 30.76 -27.83
N LEU D 617 8.41 31.37 -27.92
CA LEU D 617 9.69 30.77 -27.45
C LEU D 617 9.61 30.54 -25.93
N LEU D 618 9.09 31.53 -25.19
CA LEU D 618 8.88 31.48 -23.71
C LEU D 618 7.84 30.40 -23.35
N LEU D 619 6.84 30.16 -24.21
CA LEU D 619 5.82 29.08 -24.02
C LEU D 619 6.43 27.71 -24.38
N ASN D 620 7.27 27.64 -25.41
CA ASN D 620 8.00 26.40 -25.80
C ASN D 620 9.09 26.09 -24.77
N SER D 621 9.56 27.08 -24.01
CA SER D 621 10.53 26.91 -22.89
C SER D 621 9.87 26.14 -21.73
N ASP D 622 8.88 26.75 -21.07
CA ASP D 622 8.22 26.23 -19.83
C ASP D 622 6.85 25.64 -20.20
N SER D 623 6.56 24.42 -19.75
CA SER D 623 5.33 23.64 -20.08
C SER D 623 4.14 24.06 -19.20
N LYS D 624 4.38 24.78 -18.09
CA LYS D 624 3.35 25.17 -17.09
C LYS D 624 2.97 26.66 -17.20
N LEU D 625 3.42 27.35 -18.25
CA LEU D 625 3.02 28.76 -18.56
C LEU D 625 1.86 28.74 -19.56
N SER D 626 1.04 29.80 -19.55
CA SER D 626 -0.21 29.94 -20.34
C SER D 626 -0.44 31.40 -20.72
N PRO D 627 -0.66 31.72 -22.02
CA PRO D 627 -1.08 33.07 -22.42
C PRO D 627 -2.54 33.31 -22.04
N SER D 628 -2.82 34.41 -21.35
CA SER D 628 -4.16 34.75 -20.79
C SER D 628 -4.46 36.25 -20.95
N MET D 629 -5.72 36.63 -20.66
CA MET D 629 -6.21 38.03 -20.64
C MET D 629 -5.68 38.72 -19.37
N MET D 630 -5.05 39.89 -19.52
CA MET D 630 -4.52 40.70 -18.38
C MET D 630 -5.39 41.93 -18.15
N GLY D 631 -5.94 42.54 -19.20
CA GLY D 631 -6.83 43.72 -19.08
C GLY D 631 -6.86 44.55 -20.35
N TYR D 632 -7.07 45.86 -20.20
CA TYR D 632 -7.50 46.77 -21.30
C TYR D 632 -6.50 47.92 -21.46
N MET D 633 -5.98 48.07 -22.68
CA MET D 633 -5.20 49.24 -23.16
C MET D 633 -6.18 50.17 -23.89
N LEU D 634 -6.40 51.38 -23.37
CA LEU D 634 -7.40 52.34 -23.91
C LEU D 634 -6.89 52.91 -25.24
N LEU D 635 -7.74 52.92 -26.27
CA LEU D 635 -7.41 53.43 -27.63
C LEU D 635 -7.78 54.91 -27.72
N THR D 636 -9.07 55.22 -27.53
CA THR D 636 -9.65 56.59 -27.63
C THR D 636 -9.57 57.27 -26.27
N GLU D 637 -10.00 58.54 -26.18
CA GLU D 637 -10.09 59.33 -24.93
C GLU D 637 -11.49 59.17 -24.34
N PRO D 638 -11.65 58.99 -23.01
CA PRO D 638 -12.97 58.93 -22.38
C PRO D 638 -13.80 60.20 -22.62
N MET D 639 -15.02 60.03 -23.15
CA MET D 639 -15.96 61.14 -23.45
C MET D 639 -17.40 60.61 -23.47
N ALA D 640 -18.38 61.52 -23.53
CA ALA D 640 -19.83 61.23 -23.59
C ALA D 640 -20.17 60.64 -24.96
N ARG D 641 -20.70 59.43 -24.99
CA ARG D 641 -21.10 58.68 -26.22
C ARG D 641 -22.50 58.07 -26.01
N VAL D 642 -23.37 58.17 -27.01
CA VAL D 642 -24.80 57.72 -26.94
C VAL D 642 -24.82 56.19 -26.96
N GLY D 643 -25.50 55.57 -26.00
CA GLY D 643 -25.58 54.11 -25.81
C GLY D 643 -24.60 53.60 -24.75
N SER D 644 -23.83 54.50 -24.13
CA SER D 644 -22.87 54.17 -23.04
C SER D 644 -23.63 53.78 -21.76
N LEU D 645 -23.09 52.83 -21.00
CA LEU D 645 -23.65 52.41 -19.67
C LEU D 645 -23.35 53.50 -18.63
N GLU D 646 -22.12 54.02 -18.63
CA GLU D 646 -21.63 55.09 -17.71
C GLU D 646 -21.62 56.43 -18.46
N ARG D 647 -21.27 57.52 -17.75
CA ARG D 647 -21.16 58.90 -18.28
C ARG D 647 -20.12 58.96 -19.40
N LEU D 648 -18.89 58.47 -19.13
CA LEU D 648 -17.76 58.44 -20.10
C LEU D 648 -17.65 57.04 -20.71
N HIS D 649 -17.43 56.96 -22.02
CA HIS D 649 -17.17 55.70 -22.78
C HIS D 649 -15.80 55.76 -23.44
N CYS D 650 -15.11 54.61 -23.52
CA CYS D 650 -13.79 54.46 -24.19
C CYS D 650 -13.71 53.10 -24.88
N TYR D 651 -13.13 53.06 -26.10
CA TYR D 651 -12.78 51.83 -26.83
C TYR D 651 -11.38 51.38 -26.38
N ALA D 652 -11.23 50.10 -26.04
CA ALA D 652 -9.98 49.51 -25.51
C ALA D 652 -9.61 48.24 -26.29
N GLU D 653 -8.38 47.75 -26.06
CA GLU D 653 -7.82 46.53 -26.69
C GLU D 653 -7.46 45.53 -25.59
N PRO D 654 -7.86 44.24 -25.70
CA PRO D 654 -7.46 43.23 -24.72
C PRO D 654 -5.96 42.92 -24.80
N ALA D 655 -5.26 43.01 -23.66
CA ALA D 655 -3.79 42.83 -23.54
C ALA D 655 -3.47 41.38 -23.16
N ILE D 656 -2.53 40.74 -23.88
CA ILE D 656 -2.13 39.32 -23.65
C ILE D 656 -0.94 39.30 -22.68
N GLY D 657 -1.10 38.70 -21.51
CA GLY D 657 0.00 38.42 -20.57
C GLY D 657 0.19 36.92 -20.37
N VAL D 658 0.99 36.55 -19.36
CA VAL D 658 1.36 35.13 -19.04
C VAL D 658 1.07 34.88 -17.55
N VAL D 659 0.47 33.72 -17.25
CA VAL D 659 0.22 33.21 -15.86
C VAL D 659 1.00 31.90 -15.71
N LYS D 660 1.18 31.41 -14.48
CA LYS D 660 1.84 30.11 -14.19
C LYS D 660 0.87 29.20 -13.42
N TYR D 661 0.73 27.94 -13.89
CA TYR D 661 -0.06 26.87 -13.22
C TYR D 661 0.88 26.08 -12.29
N GLU D 662 1.19 26.66 -11.12
CA GLU D 662 2.05 26.05 -10.08
C GLU D 662 1.26 24.96 -9.35
N ALA D 663 1.92 23.85 -9.00
CA ALA D 663 1.37 22.74 -8.20
C ALA D 663 1.16 23.21 -6.75
N ALA D 664 0.25 22.56 -6.03
CA ALA D 664 -0.06 22.84 -4.60
C ALA D 664 1.19 22.60 -3.72
N THR D 665 1.98 21.57 -4.06
CA THR D 665 3.18 21.11 -3.30
C THR D 665 4.28 22.17 -3.39
N SER D 666 4.55 22.69 -4.59
CA SER D 666 5.56 23.75 -4.87
C SER D 666 5.28 24.98 -3.98
N VAL D 667 4.02 25.41 -3.89
CA VAL D 667 3.58 26.58 -3.07
C VAL D 667 3.66 26.22 -1.59
N ARG D 668 3.41 24.95 -1.24
CA ARG D 668 3.50 24.41 0.15
C ARG D 668 4.95 24.45 0.65
N LEU D 669 5.90 23.99 -0.18
CA LEU D 669 7.35 23.90 0.19
C LEU D 669 8.01 25.29 0.13
N LYS D 670 7.56 26.18 -0.76
CA LYS D 670 8.20 27.51 -1.00
C LYS D 670 8.00 28.44 0.21
N GLY D 671 7.07 28.12 1.12
CA GLY D 671 6.90 28.81 2.42
C GLY D 671 5.74 29.77 2.42
N ILE D 672 5.33 30.22 3.62
CA ILE D 672 4.17 31.13 3.85
C ILE D 672 4.46 32.51 3.24
N GLY D 673 5.68 33.05 3.44
CA GLY D 673 6.10 34.37 2.95
C GLY D 673 6.00 34.48 1.43
N ASN D 674 6.52 33.48 0.71
CA ASN D 674 6.47 33.37 -0.77
C ASN D 674 5.01 33.40 -1.24
N TYR D 675 4.14 32.58 -0.63
CA TYR D 675 2.69 32.47 -0.96
C TYR D 675 2.01 33.83 -0.79
N PHE D 676 2.19 34.48 0.37
CA PHE D 676 1.49 35.74 0.73
C PHE D 676 2.07 36.95 -0.01
N ASN D 677 3.23 36.82 -0.66
CA ASN D 677 3.88 37.92 -1.44
C ASN D 677 3.69 37.72 -2.95
N SER D 678 3.73 36.48 -3.46
CA SER D 678 3.88 36.17 -4.91
C SER D 678 2.76 35.25 -5.44
N ALA D 679 1.54 35.32 -4.89
CA ALA D 679 0.36 34.56 -5.36
C ALA D 679 -0.89 35.44 -5.55
N PHE D 680 -0.87 36.71 -5.10
CA PHE D 680 -2.07 37.57 -5.00
C PHE D 680 -2.12 38.55 -6.18
N TRP D 681 -3.27 38.61 -6.85
CA TRP D 681 -3.56 39.49 -8.01
C TRP D 681 -4.19 40.80 -7.53
N MET D 682 -3.83 41.93 -8.16
CA MET D 682 -4.55 43.22 -8.03
C MET D 682 -4.74 43.83 -9.42
N LEU D 683 -5.72 44.73 -9.57
CA LEU D 683 -5.96 45.52 -10.81
C LEU D 683 -5.24 46.87 -10.68
N ASP D 684 -4.12 47.03 -11.40
CA ASP D 684 -3.41 48.33 -11.58
C ASP D 684 -4.23 49.17 -12.56
N ALA D 685 -5.13 50.01 -12.03
CA ALA D 685 -6.02 50.92 -12.79
C ALA D 685 -5.32 52.28 -12.96
N GLN D 686 -4.84 52.57 -14.17
CA GLN D 686 -4.09 53.81 -14.49
C GLN D 686 -4.89 54.65 -15.50
N GLU D 687 -4.35 55.79 -15.92
CA GLU D 687 -5.00 56.76 -16.84
C GLU D 687 -5.35 56.08 -18.17
N LYS D 688 -4.38 55.40 -18.79
CA LYS D 688 -4.46 54.90 -20.20
C LYS D 688 -4.49 53.37 -20.27
N PHE D 689 -4.32 52.64 -19.16
CA PHE D 689 -4.41 51.17 -19.11
C PHE D 689 -4.95 50.69 -17.76
N MET D 690 -5.62 49.54 -17.79
CA MET D 690 -6.13 48.80 -16.61
C MET D 690 -5.74 47.33 -16.75
N LEU D 691 -4.73 46.89 -16.00
CA LEU D 691 -4.08 45.56 -16.13
C LEU D 691 -4.06 44.85 -14.77
N MET D 692 -4.26 43.53 -14.77
CA MET D 692 -4.08 42.64 -13.59
C MET D 692 -2.57 42.40 -13.40
N LYS D 693 -2.07 42.52 -12.17
CA LYS D 693 -0.63 42.34 -11.83
C LYS D 693 -0.48 41.84 -10.39
N LYS D 694 0.78 41.65 -9.96
CA LYS D 694 1.17 41.15 -8.61
C LYS D 694 0.99 42.29 -7.58
N VAL D 695 1.08 41.96 -6.28
CA VAL D 695 0.97 42.91 -5.13
C VAL D 695 -0.46 43.43 -5.05
N GLU E 2 -42.54 54.16 -20.05
CA GLU E 2 -41.70 54.79 -21.12
C GLU E 2 -40.62 53.79 -21.59
N LEU E 3 -39.72 54.24 -22.48
CA LEU E 3 -38.62 53.44 -23.07
C LEU E 3 -37.70 52.88 -21.97
N CYS E 4 -37.44 53.68 -20.92
CA CYS E 4 -36.67 53.33 -19.69
C CYS E 4 -35.16 53.50 -19.89
N ASN E 5 -34.70 53.73 -21.13
CA ASN E 5 -33.32 54.14 -21.50
C ASN E 5 -32.31 53.06 -21.09
N ILE E 6 -32.25 51.96 -21.85
CA ILE E 6 -31.33 50.83 -21.69
C ILE E 6 -31.46 50.23 -20.27
N LEU E 7 -32.60 49.61 -19.98
CA LEU E 7 -32.90 48.95 -18.68
C LEU E 7 -32.29 47.55 -18.68
N LYS E 8 -31.85 47.05 -17.52
CA LYS E 8 -31.12 45.76 -17.37
C LYS E 8 -31.54 45.05 -16.08
N TYR E 9 -31.90 43.77 -16.19
CA TYR E 9 -32.31 42.86 -15.07
C TYR E 9 -31.51 41.56 -15.15
N ASP E 10 -30.84 41.19 -14.06
CA ASP E 10 -30.25 39.83 -13.85
C ASP E 10 -31.39 38.85 -13.55
N ARG E 11 -31.28 37.59 -13.97
CA ARG E 11 -32.29 36.54 -13.70
C ARG E 11 -32.23 36.17 -12.22
N SER E 12 -33.34 35.67 -11.67
CA SER E 12 -33.51 35.32 -10.23
C SER E 12 -33.19 33.83 -10.00
N LEU E 13 -33.65 32.96 -10.91
CA LEU E 13 -33.47 31.47 -10.81
C LEU E 13 -32.14 31.08 -11.46
N TYR E 14 -31.30 30.32 -10.74
CA TYR E 14 -29.98 29.81 -11.18
C TYR E 14 -29.93 28.30 -10.95
N PRO E 15 -30.45 27.48 -11.89
CA PRO E 15 -30.22 26.04 -11.88
C PRO E 15 -28.85 25.69 -12.48
N GLY E 16 -28.25 24.57 -12.03
CA GLY E 16 -27.00 24.02 -12.58
C GLY E 16 -27.27 22.92 -13.60
N LYS E 17 -26.23 22.18 -14.01
CA LYS E 17 -26.34 20.98 -14.87
C LYS E 17 -27.01 19.86 -14.07
N ALA E 18 -28.03 19.22 -14.65
CA ALA E 18 -28.70 18.02 -14.10
C ALA E 18 -28.00 16.76 -14.62
N VAL E 19 -27.34 16.02 -13.73
CA VAL E 19 -26.47 14.85 -14.05
C VAL E 19 -27.26 13.56 -13.82
N PHE E 20 -27.30 12.67 -14.82
CA PHE E 20 -27.86 11.30 -14.72
C PHE E 20 -26.79 10.33 -14.21
N PHE E 21 -27.15 9.48 -13.24
CA PHE E 21 -26.28 8.44 -12.64
C PHE E 21 -27.13 7.33 -12.03
N TYR E 22 -26.48 6.28 -11.54
CA TYR E 22 -27.10 5.17 -10.78
C TYR E 22 -26.16 4.73 -9.65
N LYS E 23 -26.72 3.96 -8.71
CA LYS E 23 -26.03 3.46 -7.48
C LYS E 23 -25.91 1.95 -7.53
N THR E 24 -24.73 1.41 -7.22
CA THR E 24 -24.45 -0.03 -6.99
C THR E 24 -24.47 -0.29 -5.48
N ALA E 25 -24.27 -1.54 -5.07
CA ALA E 25 -24.05 -1.94 -3.65
C ALA E 25 -22.69 -1.43 -3.16
N ASP E 26 -21.74 -1.20 -4.09
CA ASP E 26 -20.38 -0.68 -3.81
C ASP E 26 -20.44 0.86 -3.69
N SER E 27 -20.79 1.55 -4.79
CA SER E 27 -20.67 3.03 -4.95
C SER E 27 -22.06 3.69 -4.95
N ASP E 28 -22.12 4.96 -4.50
CA ASP E 28 -23.34 5.80 -4.46
C ASP E 28 -23.36 6.79 -5.64
N PHE E 29 -22.41 6.69 -6.57
CA PHE E 29 -22.38 7.49 -7.83
C PHE E 29 -21.61 6.71 -8.91
N VAL E 30 -22.35 6.07 -9.83
CA VAL E 30 -21.82 5.49 -11.10
C VAL E 30 -22.43 6.30 -12.24
N PRO E 31 -21.63 7.05 -13.04
CA PRO E 31 -22.18 7.92 -14.08
C PRO E 31 -22.75 7.13 -15.27
N LEU E 32 -23.93 7.53 -15.76
CA LEU E 32 -24.58 6.96 -16.97
C LEU E 32 -23.86 7.52 -18.21
N GLU E 33 -23.19 6.64 -18.96
CA GLU E 33 -22.32 6.98 -20.13
C GLU E 33 -23.06 6.65 -21.43
N ALA E 34 -22.82 7.43 -22.48
CA ALA E 34 -23.40 7.26 -23.83
C ALA E 34 -22.40 6.51 -24.72
N ASP E 35 -22.87 5.49 -25.45
CA ASP E 35 -22.06 4.70 -26.41
C ASP E 35 -22.46 5.10 -27.84
N ILE E 36 -21.48 5.18 -28.75
CA ILE E 36 -21.68 5.48 -30.20
C ILE E 36 -22.03 4.16 -30.91
N ASN E 37 -23.19 4.13 -31.57
CA ASN E 37 -23.68 2.97 -32.36
C ASN E 37 -23.87 3.40 -33.82
N LYS E 38 -23.62 2.48 -34.77
CA LYS E 38 -23.78 2.70 -36.22
C LYS E 38 -24.91 1.80 -36.74
N ILE E 39 -26.01 2.40 -37.20
CA ILE E 39 -27.27 1.69 -37.58
C ILE E 39 -27.68 2.09 -39.01
N ARG E 40 -28.53 1.29 -39.63
CA ARG E 40 -29.21 1.59 -40.93
C ARG E 40 -30.37 2.56 -40.67
N GLY E 41 -30.60 3.49 -41.59
CA GLY E 41 -31.82 4.32 -41.65
C GLY E 41 -32.49 4.18 -43.02
N PRO E 42 -33.83 4.09 -43.10
CA PRO E 42 -34.51 4.00 -44.40
C PRO E 42 -34.59 5.37 -45.09
N LYS E 43 -34.56 5.39 -46.43
CA LYS E 43 -34.78 6.60 -47.27
C LYS E 43 -36.29 6.85 -47.35
N SER E 44 -36.83 7.57 -46.35
CA SER E 44 -38.29 7.70 -46.07
C SER E 44 -38.75 9.16 -46.08
N GLY E 45 -37.87 10.12 -46.43
CA GLY E 45 -38.21 11.55 -46.50
C GLY E 45 -38.99 11.87 -47.77
N PHE E 46 -39.64 13.05 -47.81
CA PHE E 46 -40.40 13.57 -48.98
C PHE E 46 -39.46 13.80 -50.16
N THR E 47 -38.30 14.42 -49.90
CA THR E 47 -37.30 14.86 -50.92
C THR E 47 -36.58 13.67 -51.56
N GLU E 48 -36.62 12.48 -50.93
CA GLU E 48 -36.01 11.23 -51.47
C GLU E 48 -36.73 10.80 -52.76
N ALA E 49 -38.05 11.05 -52.86
CA ALA E 49 -38.94 10.46 -53.89
C ALA E 49 -39.65 11.52 -54.75
N PHE E 50 -39.82 12.77 -54.29
CA PHE E 50 -40.73 13.78 -54.90
C PHE E 50 -40.01 15.10 -55.17
N THR E 51 -40.40 15.77 -56.27
CA THR E 51 -40.00 17.17 -56.60
C THR E 51 -40.86 18.13 -55.77
N PRO E 52 -40.44 19.40 -55.55
CA PRO E 52 -41.27 20.39 -54.87
C PRO E 52 -42.65 20.72 -55.48
N GLN E 53 -43.00 20.16 -56.64
CA GLN E 53 -44.35 20.28 -57.27
C GLN E 53 -45.18 19.00 -57.01
N PHE E 54 -44.71 18.10 -56.13
CA PHE E 54 -45.28 16.76 -55.86
C PHE E 54 -45.39 15.97 -57.17
N SER E 55 -44.24 15.69 -57.78
CA SER E 55 -44.09 14.77 -58.94
C SER E 55 -42.96 13.78 -58.65
N PRO E 56 -43.11 12.48 -58.99
CA PRO E 56 -42.07 11.48 -58.75
C PRO E 56 -40.75 11.81 -59.47
N LYS E 57 -39.63 11.76 -58.74
CA LYS E 57 -38.26 11.97 -59.26
C LYS E 57 -37.86 10.80 -60.17
N ASN E 58 -36.93 11.05 -61.11
CA ASN E 58 -36.34 10.00 -61.99
C ASN E 58 -35.23 9.29 -61.20
N ILE E 59 -35.61 8.29 -60.40
CA ILE E 59 -34.71 7.48 -59.53
C ILE E 59 -34.73 6.02 -60.04
N SER E 60 -33.77 5.21 -59.59
CA SER E 60 -33.68 3.75 -59.87
C SER E 60 -34.83 3.04 -59.15
N PRO E 61 -35.31 1.87 -59.65
CA PRO E 61 -36.34 1.10 -58.95
C PRO E 61 -35.98 0.58 -57.54
N GLN E 62 -34.70 0.59 -57.16
CA GLN E 62 -34.21 0.07 -55.84
C GLN E 62 -33.38 1.15 -55.11
N ASP E 63 -33.68 2.44 -55.34
CA ASP E 63 -33.05 3.58 -54.61
C ASP E 63 -33.71 3.73 -53.24
N LEU E 64 -35.01 3.44 -53.13
CA LEU E 64 -35.81 3.59 -51.88
C LEU E 64 -35.64 2.37 -50.95
N THR E 65 -35.04 1.28 -51.43
CA THR E 65 -34.73 0.05 -50.64
C THR E 65 -33.33 0.17 -50.02
N HIS E 66 -32.50 1.11 -50.47
CA HIS E 66 -31.16 1.41 -49.91
C HIS E 66 -31.30 2.14 -48.57
N ASN E 67 -30.21 2.18 -47.79
CA ASN E 67 -30.18 2.72 -46.41
C ASN E 67 -29.22 3.92 -46.33
N ASN E 68 -29.41 4.80 -45.34
CA ASN E 68 -28.44 5.80 -44.86
C ASN E 68 -27.66 5.16 -43.70
N ILE E 69 -26.34 5.30 -43.68
CA ILE E 69 -25.46 4.86 -42.56
C ILE E 69 -25.45 5.98 -41.51
N LEU E 70 -26.09 5.74 -40.35
CA LEU E 70 -26.23 6.72 -39.25
C LEU E 70 -25.27 6.35 -38.12
N THR E 71 -24.43 7.31 -37.70
CA THR E 71 -23.59 7.25 -36.48
C THR E 71 -24.26 8.10 -35.40
N LEU E 72 -24.86 7.44 -34.40
CA LEU E 72 -25.64 8.10 -33.31
C LEU E 72 -25.08 7.68 -31.94
N GLU E 73 -25.19 8.57 -30.95
CA GLU E 73 -24.91 8.28 -29.52
C GLU E 73 -26.20 7.76 -28.88
N GLU E 74 -26.09 6.73 -28.04
CA GLU E 74 -27.22 6.09 -27.31
C GLU E 74 -26.85 5.98 -25.83
N CYS E 75 -27.82 6.21 -24.95
CA CYS E 75 -27.72 6.01 -23.47
C CYS E 75 -28.84 5.07 -23.00
N TYR E 76 -28.47 3.87 -22.55
CA TYR E 76 -29.37 2.86 -21.94
C TYR E 76 -28.95 2.62 -20.48
N VAL E 77 -29.91 2.22 -19.65
CA VAL E 77 -29.66 1.75 -18.25
C VAL E 77 -28.94 0.41 -18.37
N PRO E 78 -27.81 0.17 -17.65
CA PRO E 78 -27.19 -1.16 -17.64
C PRO E 78 -28.14 -2.26 -17.15
N PRO E 79 -28.02 -3.51 -17.62
CA PRO E 79 -28.93 -4.59 -17.22
C PRO E 79 -28.98 -4.83 -15.70
N ASN E 80 -30.19 -4.98 -15.14
CA ASN E 80 -30.48 -5.32 -13.73
C ASN E 80 -30.09 -4.16 -12.80
N VAL E 81 -30.08 -2.92 -13.30
CA VAL E 81 -30.00 -1.67 -12.49
C VAL E 81 -31.43 -1.18 -12.28
N GLU E 82 -31.87 -1.05 -11.01
CA GLU E 82 -33.29 -0.89 -10.63
C GLU E 82 -33.73 0.57 -10.82
N HIS E 83 -32.88 1.55 -10.46
CA HIS E 83 -33.25 2.98 -10.34
C HIS E 83 -32.28 3.87 -11.13
N ILE E 84 -32.82 4.87 -11.85
CA ILE E 84 -32.06 5.99 -12.50
C ILE E 84 -32.17 7.20 -11.56
N PHE E 85 -31.05 7.90 -11.31
CA PHE E 85 -31.00 9.13 -10.49
C PHE E 85 -30.62 10.32 -11.39
N CYS E 86 -31.42 11.40 -11.34
CA CYS E 86 -31.13 12.71 -11.99
C CYS E 86 -31.09 13.80 -10.91
N ARG E 87 -29.93 14.42 -10.72
CA ARG E 87 -29.69 15.43 -9.65
C ARG E 87 -29.20 16.75 -10.27
N PHE E 88 -29.72 17.88 -9.77
CA PHE E 88 -29.23 19.26 -10.03
C PHE E 88 -29.38 20.12 -8.77
N SER E 89 -28.58 21.18 -8.72
CA SER E 89 -28.61 22.26 -7.69
C SER E 89 -29.35 23.48 -8.27
N LEU E 90 -30.03 24.23 -7.39
CA LEU E 90 -30.79 25.46 -7.73
C LEU E 90 -30.46 26.55 -6.71
N ARG E 91 -30.04 27.73 -7.17
CA ARG E 91 -29.89 28.96 -6.34
C ARG E 91 -30.98 29.96 -6.75
N VAL E 92 -31.55 30.69 -5.78
CA VAL E 92 -32.57 31.76 -6.00
C VAL E 92 -32.07 33.04 -5.34
N GLN E 93 -31.93 34.12 -6.12
CA GLN E 93 -31.56 35.49 -5.66
C GLN E 93 -32.70 36.46 -5.97
N ALA E 94 -32.70 37.62 -5.31
CA ALA E 94 -33.75 38.67 -5.41
C ALA E 94 -33.28 39.78 -6.37
N ASN E 95 -33.27 39.49 -7.67
CA ASN E 95 -32.75 40.38 -8.75
C ASN E 95 -33.91 41.07 -9.48
N SER E 96 -35.17 40.82 -9.09
CA SER E 96 -36.40 41.32 -9.75
C SER E 96 -36.91 42.62 -9.10
N LEU E 97 -36.34 43.03 -7.96
CA LEU E 97 -36.83 44.18 -7.15
C LEU E 97 -36.40 45.50 -7.82
N VAL E 98 -35.10 45.66 -8.09
CA VAL E 98 -34.50 46.90 -8.70
C VAL E 98 -33.75 46.50 -9.96
N PRO E 99 -33.83 47.30 -11.06
CA PRO E 99 -32.99 47.09 -12.24
C PRO E 99 -31.49 47.23 -11.92
N SER E 100 -30.67 46.28 -12.38
CA SER E 100 -29.21 46.24 -12.15
C SER E 100 -28.51 47.35 -12.94
N GLY E 101 -29.04 47.70 -14.12
CA GLY E 101 -28.56 48.79 -14.98
C GLY E 101 -29.70 49.67 -15.46
N CYS E 102 -29.60 50.98 -15.25
CA CYS E 102 -30.61 52.00 -15.67
C CYS E 102 -29.93 53.36 -15.90
N SER E 103 -30.65 54.28 -16.54
CA SER E 103 -30.21 55.67 -16.85
C SER E 103 -31.07 56.69 -16.09
N ASP E 104 -32.39 56.57 -16.17
CA ASP E 104 -33.38 57.53 -15.59
C ASP E 104 -33.74 57.08 -14.17
N PRO E 105 -33.51 57.91 -13.12
CA PRO E 105 -33.97 57.59 -11.76
C PRO E 105 -35.50 57.63 -11.56
N GLU E 106 -36.24 58.28 -12.46
CA GLU E 106 -37.73 58.36 -12.44
C GLU E 106 -38.33 56.96 -12.59
N VAL E 107 -37.94 56.24 -13.66
CA VAL E 107 -38.43 54.86 -13.97
C VAL E 107 -37.88 53.88 -12.93
N PHE E 108 -36.67 54.13 -12.40
CA PHE E 108 -36.02 53.35 -11.31
C PHE E 108 -36.91 53.41 -10.05
N SER E 109 -37.33 54.62 -9.66
CA SER E 109 -38.24 54.88 -8.51
C SER E 109 -39.60 54.20 -8.75
N LEU E 110 -40.14 54.33 -9.96
CA LEU E 110 -41.44 53.73 -10.39
C LEU E 110 -41.37 52.20 -10.27
N LEU E 111 -40.36 51.57 -10.88
CA LEU E 111 -40.20 50.09 -10.94
C LEU E 111 -39.96 49.51 -9.54
N LYS E 112 -39.14 50.18 -8.71
CA LYS E 112 -38.87 49.78 -7.31
C LYS E 112 -40.17 49.83 -6.50
N GLU E 113 -40.97 50.89 -6.67
CA GLU E 113 -42.29 51.07 -6.00
C GLU E 113 -43.27 49.99 -6.49
N LEU E 114 -43.31 49.74 -7.80
CA LEU E 114 -44.16 48.69 -8.44
C LEU E 114 -43.77 47.30 -7.89
N ALA E 115 -42.47 47.03 -7.77
CA ALA E 115 -41.91 45.74 -7.28
C ALA E 115 -42.38 45.46 -5.84
N GLU E 116 -42.21 46.44 -4.95
CA GLU E 116 -42.50 46.28 -3.49
C GLU E 116 -44.01 46.28 -3.22
N THR E 117 -44.81 46.98 -4.04
CA THR E 117 -46.31 46.96 -3.92
C THR E 117 -46.85 45.65 -4.52
N PHE E 118 -46.19 45.09 -5.54
CA PHE E 118 -46.49 43.74 -6.10
C PHE E 118 -46.16 42.67 -5.05
N LYS E 119 -45.06 42.86 -4.30
CA LYS E 119 -44.62 41.97 -3.20
C LYS E 119 -45.66 41.96 -2.07
N GLU E 120 -46.18 43.13 -1.70
CA GLU E 120 -47.11 43.32 -0.54
C GLU E 120 -48.47 42.67 -0.82
N CYS E 121 -48.88 42.56 -2.10
CA CYS E 121 -50.17 41.95 -2.52
C CYS E 121 -50.05 40.42 -2.62
N GLY E 122 -48.82 39.88 -2.61
CA GLY E 122 -48.55 38.43 -2.61
C GLY E 122 -48.60 37.82 -4.00
N GLY E 123 -48.03 38.52 -4.99
CA GLY E 123 -47.89 38.05 -6.37
C GLY E 123 -46.71 37.11 -6.53
N TYR E 124 -45.60 37.38 -5.83
CA TYR E 124 -44.37 36.55 -5.77
C TYR E 124 -44.70 35.15 -5.23
N LYS E 125 -45.66 35.05 -4.31
CA LYS E 125 -46.18 33.76 -3.76
C LYS E 125 -46.76 32.91 -4.90
N GLU E 126 -47.63 33.50 -5.73
CA GLU E 126 -48.27 32.83 -6.89
C GLU E 126 -47.19 32.35 -7.87
N LEU E 127 -46.23 33.21 -8.20
CA LEU E 127 -45.10 32.89 -9.13
C LEU E 127 -44.23 31.78 -8.52
N ALA E 128 -43.95 31.85 -7.21
CA ALA E 128 -43.18 30.82 -6.46
C ALA E 128 -43.92 29.48 -6.49
N VAL E 129 -45.24 29.50 -6.28
CA VAL E 129 -46.14 28.30 -6.35
C VAL E 129 -46.00 27.64 -7.73
N ARG E 130 -46.01 28.42 -8.81
CA ARG E 130 -45.94 27.94 -10.21
C ARG E 130 -44.57 27.29 -10.48
N TYR E 131 -43.49 27.96 -10.07
CA TYR E 131 -42.09 27.47 -10.20
C TYR E 131 -41.93 26.18 -9.38
N CYS E 132 -42.42 26.18 -8.14
CA CYS E 132 -42.39 25.03 -7.21
C CYS E 132 -43.18 23.85 -7.80
N ARG E 133 -44.36 24.11 -8.37
CA ARG E 133 -45.23 23.06 -8.98
C ARG E 133 -44.50 22.40 -10.16
N ASN E 134 -43.76 23.19 -10.95
CA ASN E 134 -42.92 22.68 -12.08
C ASN E 134 -41.80 21.77 -11.53
N ILE E 135 -41.25 22.09 -10.36
CA ILE E 135 -40.19 21.27 -9.68
C ILE E 135 -40.81 19.95 -9.20
N LEU E 136 -42.02 19.97 -8.62
CA LEU E 136 -42.61 18.80 -7.90
C LEU E 136 -43.12 17.72 -8.89
N ILE E 137 -43.65 18.11 -10.06
CA ILE E 137 -44.25 17.16 -11.04
C ILE E 137 -43.19 16.61 -12.02
N GLY E 138 -41.96 17.14 -11.99
CA GLY E 138 -40.82 16.62 -12.76
C GLY E 138 -40.89 16.98 -14.24
N THR E 139 -41.25 18.24 -14.55
CA THR E 139 -41.26 18.82 -15.92
C THR E 139 -39.83 18.83 -16.48
N TRP E 140 -38.85 19.05 -15.60
CA TRP E 140 -37.39 19.16 -15.88
C TRP E 140 -36.76 17.82 -16.31
N LEU E 141 -37.50 16.70 -16.24
CA LEU E 141 -37.07 15.38 -16.80
C LEU E 141 -37.44 15.30 -18.28
N TRP E 142 -38.30 16.20 -18.75
CA TRP E 142 -38.59 16.48 -20.19
C TRP E 142 -39.22 15.25 -20.86
N ARG E 143 -38.40 14.30 -21.32
CA ARG E 143 -38.87 13.06 -22.01
C ARG E 143 -38.69 11.83 -21.11
N ASN E 144 -38.01 11.97 -19.97
CA ASN E 144 -37.84 10.90 -18.94
C ASN E 144 -38.97 10.98 -17.92
N GLN E 145 -39.83 12.01 -18.01
CA GLN E 145 -40.95 12.28 -17.06
C GLN E 145 -42.00 11.18 -17.16
N ASN E 146 -42.29 10.51 -16.04
CA ASN E 146 -43.38 9.51 -15.88
C ASN E 146 -43.14 8.31 -16.82
N THR E 147 -41.87 7.92 -17.02
CA THR E 147 -41.45 6.68 -17.73
C THR E 147 -41.36 5.53 -16.73
N GLY E 148 -41.16 5.84 -15.45
CA GLY E 148 -41.34 4.93 -14.30
C GLY E 148 -41.96 5.63 -13.11
N ASN E 149 -42.10 4.93 -11.98
CA ASN E 149 -42.54 5.52 -10.69
C ASN E 149 -41.41 6.41 -10.16
N THR E 150 -41.52 7.73 -10.39
CA THR E 150 -40.47 8.74 -10.06
C THR E 150 -40.73 9.30 -8.66
N GLN E 151 -39.70 9.27 -7.79
CA GLN E 151 -39.70 9.87 -6.43
C GLN E 151 -38.76 11.08 -6.44
N ILE E 152 -39.25 12.27 -6.09
CA ILE E 152 -38.46 13.53 -6.10
C ILE E 152 -38.14 13.94 -4.65
N GLU E 153 -36.85 13.98 -4.32
CA GLU E 153 -36.28 14.43 -3.01
C GLU E 153 -35.68 15.83 -3.21
N ILE E 154 -36.05 16.78 -2.34
CA ILE E 154 -35.54 18.18 -2.32
C ILE E 154 -34.92 18.44 -0.94
N LYS E 155 -33.60 18.67 -0.90
CA LYS E 155 -32.85 19.14 0.29
C LYS E 155 -32.50 20.62 0.10
N THR E 156 -32.70 21.43 1.16
CA THR E 156 -32.55 22.91 1.14
C THR E 156 -31.39 23.32 2.06
N SER E 157 -30.76 24.46 1.78
CA SER E 157 -29.65 25.06 2.58
C SER E 157 -30.17 25.47 3.97
N LYS E 158 -31.46 25.82 4.07
CA LYS E 158 -32.18 26.12 5.35
C LYS E 158 -32.12 24.91 6.29
N GLY E 159 -32.17 23.69 5.74
CA GLY E 159 -32.10 22.42 6.49
C GLY E 159 -33.37 21.57 6.35
N SER E 160 -34.31 21.97 5.48
CA SER E 160 -35.56 21.22 5.17
C SER E 160 -35.24 20.01 4.30
N CYS E 161 -36.16 19.04 4.24
CA CYS E 161 -36.07 17.81 3.41
C CYS E 161 -37.47 17.38 2.95
N TYR E 162 -37.84 17.72 1.72
CA TYR E 162 -39.17 17.43 1.11
C TYR E 162 -39.06 16.21 0.19
N LEU E 163 -40.12 15.39 0.16
CA LEU E 163 -40.20 14.15 -0.65
C LEU E 163 -41.58 14.05 -1.32
N ILE E 164 -41.60 13.93 -2.66
CA ILE E 164 -42.79 13.50 -3.45
C ILE E 164 -42.61 12.01 -3.76
N ASP E 165 -43.57 11.19 -3.35
CA ASP E 165 -43.48 9.69 -3.37
C ASP E 165 -43.59 9.19 -4.82
N ASN E 166 -44.56 9.69 -5.58
CA ASN E 166 -44.80 9.29 -7.00
C ASN E 166 -45.34 10.50 -7.78
N THR E 167 -44.60 10.94 -8.82
CA THR E 167 -44.94 12.10 -9.68
C THR E 167 -46.03 11.73 -10.69
N ARG E 168 -46.26 10.42 -10.91
CA ARG E 168 -47.33 9.90 -11.81
C ARG E 168 -48.72 10.23 -11.23
N LYS E 169 -48.84 10.40 -9.92
CA LYS E 169 -50.11 10.71 -9.21
C LYS E 169 -50.42 12.21 -9.26
N LEU E 170 -49.46 13.05 -9.69
CA LEU E 170 -49.60 14.53 -9.77
C LEU E 170 -49.75 14.97 -11.23
N ALA E 171 -50.35 16.14 -11.43
CA ALA E 171 -50.41 16.90 -12.71
C ALA E 171 -50.37 18.40 -12.39
N TRP E 172 -50.62 19.28 -13.37
CA TRP E 172 -50.75 20.74 -13.15
C TRP E 172 -52.15 21.07 -12.66
N GLU E 173 -53.18 20.47 -13.27
CA GLU E 173 -54.62 20.84 -13.11
C GLU E 173 -55.34 19.91 -12.12
N SER E 174 -54.80 18.71 -11.86
CA SER E 174 -55.40 17.69 -10.96
C SER E 174 -55.34 18.18 -9.50
N LYS E 175 -56.27 17.69 -8.66
CA LYS E 175 -56.31 17.97 -7.20
C LYS E 175 -55.42 16.95 -6.47
N TRP E 176 -54.46 17.44 -5.68
CA TRP E 176 -53.39 16.63 -5.02
C TRP E 176 -53.89 16.08 -3.68
N ALA E 177 -53.06 15.26 -3.03
CA ALA E 177 -53.22 14.84 -1.61
C ALA E 177 -52.79 16.01 -0.71
N SER E 178 -53.07 15.90 0.60
CA SER E 178 -52.82 16.97 1.61
C SER E 178 -51.31 17.15 1.85
N ASP E 179 -50.59 16.04 2.02
CA ASP E 179 -49.12 16.01 2.29
C ASP E 179 -48.34 16.65 1.12
N ASP E 180 -48.75 16.37 -0.13
CA ASP E 180 -48.12 16.92 -1.35
C ASP E 180 -48.41 18.43 -1.45
N LEU E 181 -49.62 18.86 -1.05
CA LEU E 181 -50.00 20.30 -0.97
C LEU E 181 -49.20 21.00 0.14
N LYS E 182 -48.98 20.31 1.27
CA LYS E 182 -48.14 20.81 2.39
C LYS E 182 -46.70 21.03 1.91
N VAL E 183 -46.15 20.08 1.15
CA VAL E 183 -44.79 20.16 0.52
C VAL E 183 -44.74 21.39 -0.41
N LEU E 184 -45.75 21.52 -1.29
CA LEU E 184 -45.90 22.65 -2.24
C LEU E 184 -45.91 23.98 -1.47
N GLU E 185 -46.81 24.10 -0.48
CA GLU E 185 -46.98 25.31 0.38
C GLU E 185 -45.64 25.71 1.00
N GLU E 186 -44.99 24.79 1.71
CA GLU E 186 -43.73 25.03 2.48
C GLU E 186 -42.60 25.49 1.54
N LEU E 187 -42.37 24.76 0.43
CA LEU E 187 -41.27 25.04 -0.52
C LEU E 187 -41.56 26.32 -1.30
N SER E 188 -42.83 26.60 -1.62
CA SER E 188 -43.28 27.87 -2.25
C SER E 188 -42.94 29.07 -1.35
N ASN E 189 -43.21 28.95 -0.05
CA ASN E 189 -42.89 29.97 1.00
C ASN E 189 -41.38 30.24 1.00
N GLU E 190 -40.56 29.20 0.93
CA GLU E 190 -39.07 29.27 0.96
C GLU E 190 -38.56 29.96 -0.31
N ILE E 191 -39.11 29.60 -1.48
CA ILE E 191 -38.75 30.18 -2.81
C ILE E 191 -39.18 31.65 -2.85
N GLU E 192 -40.40 31.95 -2.37
CA GLU E 192 -40.95 33.34 -2.32
C GLU E 192 -40.08 34.21 -1.41
N SER E 193 -39.67 33.68 -0.25
CA SER E 193 -38.74 34.34 0.71
C SER E 193 -37.40 34.64 0.03
N ALA E 194 -36.89 33.70 -0.78
CA ALA E 194 -35.63 33.83 -1.55
C ALA E 194 -35.79 34.86 -2.67
N LEU E 195 -36.95 34.92 -3.33
CA LEU E 195 -37.23 35.86 -4.46
C LEU E 195 -37.35 37.30 -3.95
N THR E 196 -37.87 37.51 -2.73
CA THR E 196 -38.34 38.84 -2.24
C THR E 196 -37.31 39.53 -1.33
N ASP E 197 -36.42 38.78 -0.65
CA ASP E 197 -35.45 39.33 0.34
C ASP E 197 -34.03 39.16 -0.20
N PRO E 198 -33.27 40.27 -0.45
CA PRO E 198 -31.89 40.17 -0.90
C PRO E 198 -30.85 39.69 0.13
N ASN E 199 -31.20 39.68 1.43
CA ASN E 199 -30.25 39.44 2.55
C ASN E 199 -30.36 38.00 3.09
N VAL E 200 -30.91 37.05 2.31
CA VAL E 200 -30.92 35.59 2.63
C VAL E 200 -30.24 34.83 1.49
N PHE E 201 -29.43 33.82 1.85
CA PHE E 201 -28.91 32.79 0.92
C PHE E 201 -29.93 31.66 0.82
N TRP E 202 -30.22 31.19 -0.39
CA TRP E 202 -31.13 30.03 -0.64
C TRP E 202 -30.58 29.17 -1.78
N SER E 203 -30.16 27.94 -1.46
CA SER E 203 -29.79 26.86 -2.41
C SER E 203 -30.67 25.64 -2.16
N ALA E 204 -30.76 24.74 -3.15
CA ALA E 204 -31.50 23.46 -3.05
C ALA E 204 -30.83 22.39 -3.94
N ASP E 205 -30.64 21.17 -3.40
CA ASP E 205 -30.22 19.97 -4.16
C ASP E 205 -31.47 19.12 -4.45
N ILE E 206 -31.86 19.04 -5.73
CA ILE E 206 -33.11 18.36 -6.19
C ILE E 206 -32.72 17.06 -6.90
N THR E 207 -33.21 15.92 -6.42
CA THR E 207 -32.88 14.56 -6.95
C THR E 207 -34.16 13.82 -7.31
N ALA E 208 -34.28 13.37 -8.57
CA ALA E 208 -35.34 12.46 -9.05
C ALA E 208 -34.79 11.02 -9.10
N LYS E 209 -35.52 10.08 -8.48
CA LYS E 209 -35.24 8.61 -8.48
C LYS E 209 -36.35 7.92 -9.27
N ILE E 210 -36.02 7.39 -10.46
CA ILE E 210 -36.98 6.77 -11.42
C ILE E 210 -36.77 5.26 -11.40
N GLU E 211 -37.86 4.49 -11.21
CA GLU E 211 -37.87 3.00 -11.31
C GLU E 211 -37.67 2.60 -12.77
N ALA E 212 -36.43 2.19 -13.11
CA ALA E 212 -36.00 1.86 -14.49
C ALA E 212 -36.66 0.57 -14.96
N SER E 213 -37.10 0.54 -16.22
CA SER E 213 -37.42 -0.69 -16.99
C SER E 213 -36.10 -1.32 -17.47
N PHE E 214 -36.13 -2.58 -17.89
CA PHE E 214 -34.93 -3.36 -18.29
C PHE E 214 -34.30 -2.75 -19.54
N CYS E 215 -33.07 -2.23 -19.41
CA CYS E 215 -32.28 -1.54 -20.46
C CYS E 215 -33.12 -0.45 -21.13
N GLN E 216 -33.72 0.41 -20.31
CA GLN E 216 -34.56 1.56 -20.72
C GLN E 216 -33.66 2.64 -21.35
N GLU E 217 -34.18 3.37 -22.34
CA GLU E 217 -33.49 4.48 -23.04
C GLU E 217 -33.56 5.75 -22.18
N ILE E 218 -32.45 6.49 -22.07
CA ILE E 218 -32.36 7.82 -21.39
C ILE E 218 -32.36 8.91 -22.47
N TYR E 219 -32.95 10.07 -22.17
CA TYR E 219 -33.12 11.21 -23.11
C TYR E 219 -32.52 12.48 -22.49
N PRO E 220 -31.18 12.64 -22.55
CA PRO E 220 -30.51 13.84 -22.05
C PRO E 220 -30.52 14.99 -23.08
N SER E 221 -29.82 16.09 -22.78
CA SER E 221 -29.64 17.25 -23.71
C SER E 221 -28.76 16.82 -24.88
N GLN E 222 -29.12 17.23 -26.10
CA GLN E 222 -28.34 17.02 -27.35
C GLN E 222 -27.59 18.31 -27.69
N ILE E 223 -26.33 18.20 -28.12
CA ILE E 223 -25.46 19.37 -28.42
C ILE E 223 -25.93 20.00 -29.73
N LEU E 224 -25.66 21.31 -29.89
CA LEU E 224 -25.88 22.08 -31.15
C LEU E 224 -24.63 21.93 -32.03
N ASN E 225 -24.78 21.33 -33.21
CA ASN E 225 -23.66 21.11 -34.18
C ASN E 225 -24.22 21.22 -35.61
N ASP E 226 -23.75 22.24 -36.36
CA ASP E 226 -24.12 22.51 -37.78
C ASP E 226 -22.90 22.31 -38.69
N LYS E 227 -21.76 21.87 -38.13
CA LYS E 227 -20.49 21.60 -38.88
C LYS E 227 -19.93 20.24 -38.45
N VAL E 228 -20.77 19.20 -38.43
CA VAL E 228 -20.39 17.81 -38.05
C VAL E 228 -19.55 17.21 -39.19
N LYS E 229 -18.47 16.51 -38.83
CA LYS E 229 -17.54 15.84 -39.80
C LYS E 229 -18.12 14.48 -40.19
N GLN E 230 -17.46 13.80 -41.15
CA GLN E 230 -17.90 12.50 -41.71
C GLN E 230 -17.63 11.38 -40.69
N GLY E 231 -16.57 11.51 -39.89
CA GLY E 231 -16.16 10.51 -38.87
C GLY E 231 -16.99 10.56 -37.60
N GLU E 232 -17.51 11.74 -37.24
CA GLU E 232 -18.18 11.99 -35.93
C GLU E 232 -19.63 11.49 -35.96
N ALA E 233 -20.27 11.44 -34.79
CA ALA E 233 -21.70 11.11 -34.61
C ALA E 233 -22.54 12.35 -34.93
N SER E 234 -23.58 12.19 -35.76
CA SER E 234 -24.50 13.26 -36.19
C SER E 234 -25.39 13.71 -35.01
N LYS E 235 -25.63 12.81 -34.05
CA LYS E 235 -26.36 13.05 -32.78
C LYS E 235 -25.43 12.76 -31.60
N GLN E 236 -25.05 13.80 -30.84
CA GLN E 236 -24.21 13.71 -29.62
C GLN E 236 -24.99 14.28 -28.43
N PHE E 237 -24.57 13.94 -27.20
CA PHE E 237 -25.23 14.33 -25.93
C PHE E 237 -24.34 15.26 -25.10
N VAL E 238 -24.97 16.12 -24.29
CA VAL E 238 -24.30 17.02 -23.31
C VAL E 238 -23.80 16.18 -22.14
N LYS E 239 -22.49 16.23 -21.86
CA LYS E 239 -21.79 15.41 -20.84
C LYS E 239 -21.22 16.30 -19.74
N ALA E 240 -21.02 15.72 -18.55
CA ALA E 240 -20.33 16.31 -17.39
C ALA E 240 -19.26 15.33 -16.90
N LYS E 241 -18.00 15.76 -16.85
CA LYS E 241 -16.85 14.92 -16.41
C LYS E 241 -16.91 14.76 -14.88
N CYS E 242 -16.74 13.53 -14.40
CA CYS E 242 -16.81 13.16 -12.96
C CYS E 242 -15.45 13.38 -12.30
N ALA E 243 -15.27 12.93 -11.04
CA ALA E 243 -14.01 12.98 -10.27
C ALA E 243 -12.91 12.22 -11.02
N ASP E 244 -13.23 11.02 -11.52
CA ASP E 244 -12.38 10.20 -12.43
C ASP E 244 -12.63 10.65 -13.88
N GLY E 245 -11.94 10.05 -14.86
CA GLY E 245 -12.06 10.37 -16.29
C GLY E 245 -13.24 9.68 -16.95
N ARG E 246 -14.44 9.82 -16.36
CA ARG E 246 -15.72 9.29 -16.89
C ARG E 246 -16.72 10.45 -17.02
N TYR E 247 -17.50 10.44 -18.10
CA TYR E 247 -18.48 11.49 -18.46
C TYR E 247 -19.90 10.99 -18.18
N ALA E 248 -20.60 11.62 -17.24
CA ALA E 248 -22.04 11.42 -16.96
C ALA E 248 -22.84 12.20 -18.01
N VAL E 249 -23.82 11.54 -18.64
CA VAL E 249 -24.75 12.18 -19.63
C VAL E 249 -25.68 13.10 -18.82
N SER E 250 -25.95 14.32 -19.31
CA SER E 250 -26.56 15.40 -18.48
C SER E 250 -27.53 16.28 -19.29
N PHE E 251 -28.31 17.10 -18.58
CA PHE E 251 -29.13 18.22 -19.12
C PHE E 251 -28.33 19.54 -18.99
N ASN E 252 -28.55 20.46 -19.93
CA ASN E 252 -28.05 21.86 -19.84
C ASN E 252 -28.79 22.58 -18.71
N SER E 253 -28.19 23.63 -18.15
CA SER E 253 -28.77 24.51 -17.10
C SER E 253 -29.99 25.25 -17.68
N VAL E 254 -29.87 25.75 -18.92
CA VAL E 254 -30.94 26.48 -19.67
C VAL E 254 -32.12 25.54 -19.96
N LYS E 255 -31.86 24.24 -20.16
CA LYS E 255 -32.92 23.21 -20.38
C LYS E 255 -33.77 23.09 -19.11
N ILE E 256 -33.12 22.95 -17.94
CA ILE E 256 -33.78 22.93 -16.60
C ILE E 256 -34.50 24.26 -16.39
N GLY E 257 -33.80 25.38 -16.62
CA GLY E 257 -34.35 26.75 -16.54
C GLY E 257 -35.61 26.93 -17.37
N ALA E 258 -35.63 26.37 -18.58
CA ALA E 258 -36.77 26.44 -19.53
C ALA E 258 -37.97 25.65 -18.98
N ALA E 259 -37.72 24.52 -18.30
CA ALA E 259 -38.74 23.65 -17.70
C ALA E 259 -39.38 24.34 -16.48
N LEU E 260 -38.55 24.87 -15.57
CA LEU E 260 -39.01 25.52 -14.31
C LEU E 260 -39.91 26.73 -14.64
N GLN E 261 -39.60 27.48 -15.71
CA GLN E 261 -40.30 28.73 -16.11
C GLN E 261 -41.34 28.47 -17.20
N SER E 262 -41.84 27.24 -17.32
CA SER E 262 -43.03 26.89 -18.16
C SER E 262 -44.30 27.12 -17.35
N ILE E 263 -44.61 28.40 -17.06
CA ILE E 263 -45.69 28.84 -16.13
C ILE E 263 -46.73 29.71 -16.86
N ASP E 264 -46.43 30.24 -18.05
CA ASP E 264 -47.21 31.29 -18.74
C ASP E 264 -48.41 30.65 -19.46
N ASP E 265 -49.61 30.74 -18.87
CA ASP E 265 -50.91 30.37 -19.50
C ASP E 265 -51.91 31.53 -19.35
N TRP E 266 -51.42 32.77 -19.30
CA TRP E 266 -52.23 34.02 -19.21
C TRP E 266 -52.44 34.63 -20.60
N TRP E 267 -51.76 34.08 -21.63
CA TRP E 267 -51.77 34.59 -23.04
C TRP E 267 -53.16 34.46 -23.68
N ASP E 268 -54.01 33.55 -23.19
CA ASP E 268 -55.42 33.39 -23.63
C ASP E 268 -56.34 33.35 -22.39
N GLU E 269 -57.64 33.54 -22.60
CA GLU E 269 -58.68 33.51 -21.54
C GLU E 269 -58.86 32.07 -21.02
N ASP E 270 -58.69 31.08 -21.91
CA ASP E 270 -58.89 29.63 -21.61
C ASP E 270 -57.71 28.84 -22.20
N ALA E 271 -56.47 29.28 -21.92
CA ALA E 271 -55.22 28.64 -22.38
C ALA E 271 -54.96 27.37 -21.55
N SER E 272 -54.88 26.22 -22.22
CA SER E 272 -54.54 24.90 -21.62
C SER E 272 -53.02 24.73 -21.54
N LYS E 273 -52.31 25.16 -22.58
CA LYS E 273 -50.83 25.02 -22.71
C LYS E 273 -50.13 26.07 -21.84
N ARG E 274 -49.01 25.68 -21.20
CA ARG E 274 -48.12 26.59 -20.43
C ARG E 274 -46.85 26.84 -21.23
N LEU E 275 -46.68 28.06 -21.73
CA LEU E 275 -45.49 28.50 -22.52
C LEU E 275 -44.33 28.76 -21.57
N ARG E 276 -43.10 28.57 -22.06
CA ARG E 276 -41.86 29.07 -21.41
C ARG E 276 -41.89 30.60 -21.49
N VAL E 277 -41.67 31.28 -20.36
CA VAL E 277 -41.79 32.76 -20.24
C VAL E 277 -40.86 33.41 -21.28
N HIS E 278 -41.45 34.12 -22.25
CA HIS E 278 -40.77 34.78 -23.40
C HIS E 278 -41.40 36.15 -23.61
N GLU E 279 -40.64 37.10 -24.16
CA GLU E 279 -41.08 38.51 -24.39
C GLU E 279 -42.21 38.55 -25.44
N PHE E 280 -42.28 37.56 -26.33
CA PHE E 280 -43.30 37.45 -27.42
C PHE E 280 -44.06 36.11 -27.35
N GLY E 281 -43.94 35.35 -26.24
CA GLY E 281 -44.67 34.09 -26.02
C GLY E 281 -44.45 33.09 -27.15
N ALA E 282 -43.17 32.80 -27.46
CA ALA E 282 -42.75 31.90 -28.56
C ALA E 282 -43.12 30.45 -28.23
N ASP E 283 -43.88 29.79 -29.12
CA ASP E 283 -44.31 28.37 -28.99
C ASP E 283 -43.43 27.53 -29.93
N LYS E 284 -42.60 26.66 -29.35
CA LYS E 284 -41.56 25.86 -30.07
C LYS E 284 -42.23 24.81 -30.97
N GLU E 285 -43.37 24.25 -30.53
CA GLU E 285 -44.08 23.13 -31.21
C GLU E 285 -44.76 23.67 -32.48
N ILE E 286 -45.54 24.76 -32.35
CA ILE E 286 -46.32 25.37 -33.47
C ILE E 286 -45.37 26.23 -34.33
N GLY E 287 -44.44 26.94 -33.70
CA GLY E 287 -43.49 27.83 -34.38
C GLY E 287 -44.09 29.21 -34.67
N VAL E 288 -45.06 29.64 -33.87
CA VAL E 288 -45.70 30.99 -33.92
C VAL E 288 -45.45 31.68 -32.58
N ALA E 289 -45.72 32.99 -32.52
CA ALA E 289 -45.73 33.82 -31.30
C ALA E 289 -47.17 33.91 -30.77
N ARG E 290 -47.39 33.50 -29.52
CA ARG E 290 -48.72 33.53 -28.85
C ARG E 290 -49.00 34.95 -28.33
N ARG E 291 -47.96 35.76 -28.12
CA ARG E 291 -48.03 37.21 -27.83
C ARG E 291 -47.29 37.95 -28.94
N PRO E 292 -47.87 38.09 -30.16
CA PRO E 292 -47.12 38.58 -31.32
C PRO E 292 -46.68 40.04 -31.17
N PRO E 293 -45.64 40.50 -31.91
CA PRO E 293 -45.16 41.88 -31.80
C PRO E 293 -46.18 42.97 -32.17
N ASP E 294 -47.16 42.66 -33.03
CA ASP E 294 -48.20 43.62 -33.50
C ASP E 294 -49.33 43.74 -32.47
N SER E 295 -49.47 42.79 -31.53
CA SER E 295 -50.52 42.76 -30.48
C SER E 295 -50.13 43.64 -29.29
N GLU E 296 -51.00 43.72 -28.29
CA GLU E 296 -50.79 44.44 -26.99
C GLU E 296 -50.44 43.44 -25.88
N GLN E 297 -50.33 42.14 -26.19
CA GLN E 297 -50.12 41.05 -25.21
C GLN E 297 -48.62 40.82 -24.96
N ASN E 298 -47.74 41.28 -25.85
CA ASN E 298 -46.26 41.14 -25.72
C ASN E 298 -45.76 42.03 -24.57
N PHE E 299 -44.53 41.78 -24.11
CA PHE E 299 -43.92 42.42 -22.92
C PHE E 299 -43.75 43.93 -23.13
N TYR E 300 -43.28 44.35 -24.31
CA TYR E 300 -42.92 45.76 -24.62
C TYR E 300 -44.17 46.65 -24.71
N SER E 301 -45.36 46.06 -24.95
CA SER E 301 -46.68 46.75 -24.93
C SER E 301 -47.17 46.88 -23.48
N ILE E 302 -47.09 45.80 -22.70
CA ILE E 302 -47.55 45.71 -21.28
C ILE E 302 -46.65 46.59 -20.40
N PHE E 303 -45.34 46.63 -20.67
CA PHE E 303 -44.30 47.32 -19.86
C PHE E 303 -44.47 48.85 -19.91
N LYS E 304 -45.19 49.38 -20.90
CA LYS E 304 -45.46 50.84 -21.04
C LYS E 304 -46.62 51.29 -20.13
N ASN E 305 -47.38 50.35 -19.53
CA ASN E 305 -48.59 50.62 -18.71
C ASN E 305 -48.32 50.34 -17.23
N THR E 306 -47.06 50.47 -16.78
CA THR E 306 -46.63 50.22 -15.37
C THR E 306 -47.30 51.22 -14.42
N GLU E 307 -47.48 52.47 -14.86
CA GLU E 307 -48.11 53.56 -14.07
C GLU E 307 -49.59 53.25 -13.79
N TRP E 308 -50.30 52.61 -14.72
CA TRP E 308 -51.71 52.17 -14.54
C TRP E 308 -51.76 50.92 -13.67
N TYR E 309 -50.83 49.97 -13.87
CA TYR E 309 -50.74 48.70 -13.08
C TYR E 309 -50.35 49.01 -11.63
N LEU E 310 -49.58 50.08 -11.40
CA LEU E 310 -49.23 50.60 -10.04
C LEU E 310 -50.51 51.01 -9.31
N SER E 311 -51.39 51.78 -9.98
CA SER E 311 -52.68 52.26 -9.46
C SER E 311 -53.61 51.07 -9.15
N ALA E 312 -53.67 50.08 -10.04
CA ALA E 312 -54.46 48.84 -9.89
C ALA E 312 -54.01 48.07 -8.65
N LEU E 313 -52.69 47.89 -8.48
CA LEU E 313 -52.07 47.19 -7.31
C LEU E 313 -52.35 47.97 -6.02
N LYS E 314 -52.26 49.30 -6.05
CA LYS E 314 -52.49 50.19 -4.87
C LYS E 314 -53.99 50.21 -4.49
N ASN E 315 -54.89 49.81 -5.39
CA ASN E 315 -56.32 49.53 -5.07
C ASN E 315 -56.47 48.09 -4.58
N CYS E 316 -55.76 47.14 -5.23
CA CYS E 316 -55.77 45.69 -4.89
C CYS E 316 -55.27 45.43 -3.47
N ILE E 317 -54.29 46.21 -2.99
CA ILE E 317 -53.65 46.05 -1.64
C ILE E 317 -54.67 46.30 -0.53
N THR E 318 -55.67 47.17 -0.75
CA THR E 318 -56.68 47.60 0.25
C THR E 318 -57.99 46.81 0.08
N ASN E 319 -58.48 46.65 -1.15
CA ASN E 319 -59.82 46.08 -1.47
C ASN E 319 -59.84 44.56 -1.23
N LYS E 320 -58.71 43.96 -0.83
CA LYS E 320 -58.63 42.78 0.08
C LYS E 320 -58.74 41.44 -0.71
N ASN E 321 -59.64 41.33 -1.69
CA ASN E 321 -60.04 40.02 -2.29
C ASN E 321 -59.70 39.93 -3.78
N GLU E 322 -59.96 40.97 -4.58
CA GLU E 322 -59.97 40.88 -6.08
C GLU E 322 -58.59 40.41 -6.59
N LYS E 323 -58.59 39.59 -7.64
CA LYS E 323 -57.37 38.95 -8.22
C LYS E 323 -56.56 40.01 -8.98
N ILE E 324 -55.24 39.80 -9.08
CA ILE E 324 -54.28 40.71 -9.79
C ILE E 324 -54.47 40.48 -11.30
N ASP E 325 -54.35 41.54 -12.10
CA ASP E 325 -54.43 41.51 -13.59
C ASP E 325 -53.32 40.57 -14.10
N PRO E 326 -53.65 39.48 -14.84
CA PRO E 326 -52.64 38.55 -15.36
C PRO E 326 -51.48 39.16 -16.18
N ALA E 327 -51.68 40.34 -16.78
CA ALA E 327 -50.63 41.13 -17.46
C ALA E 327 -49.48 41.45 -16.50
N ILE E 328 -49.80 41.73 -15.23
CA ILE E 328 -48.81 42.10 -14.17
C ILE E 328 -48.06 40.83 -13.74
N TYR E 329 -48.76 39.69 -13.67
CA TYR E 329 -48.16 38.35 -13.41
C TYR E 329 -47.14 38.03 -14.52
N TYR E 330 -47.53 38.22 -15.78
CA TYR E 330 -46.66 38.04 -16.98
C TYR E 330 -45.49 39.02 -16.92
N LEU E 331 -45.76 40.29 -16.57
CA LEU E 331 -44.73 41.37 -16.45
C LEU E 331 -43.60 40.90 -15.52
N PHE E 332 -43.96 40.46 -14.30
CA PHE E 332 -42.99 40.10 -13.22
C PHE E 332 -42.33 38.76 -13.52
N SER E 333 -43.01 37.84 -14.20
CA SER E 333 -42.44 36.56 -14.69
C SER E 333 -41.27 36.85 -15.66
N VAL E 334 -41.43 37.83 -16.55
CA VAL E 334 -40.39 38.28 -17.52
C VAL E 334 -39.26 38.99 -16.77
N LEU E 335 -39.58 39.78 -15.73
CA LEU E 335 -38.58 40.47 -14.88
C LEU E 335 -37.77 39.44 -14.07
N ILE E 336 -38.41 38.35 -13.61
CA ILE E 336 -37.73 37.22 -12.92
C ILE E 336 -36.85 36.45 -13.93
N LYS E 337 -37.29 36.34 -15.19
CA LYS E 337 -36.50 35.76 -16.30
C LYS E 337 -35.27 36.64 -16.57
N GLY E 338 -35.44 37.97 -16.52
CA GLY E 338 -34.34 38.95 -16.69
C GLY E 338 -34.07 39.27 -18.15
N GLY E 339 -33.08 40.14 -18.41
CA GLY E 339 -32.68 40.61 -19.75
C GLY E 339 -32.47 42.11 -19.78
N MET E 340 -32.23 42.66 -20.98
CA MET E 340 -32.08 44.11 -21.24
C MET E 340 -33.28 44.59 -22.05
N PHE E 341 -33.96 45.64 -21.56
CA PHE E 341 -35.22 46.19 -22.13
C PHE E 341 -34.99 47.66 -22.52
N GLN E 342 -35.25 47.98 -23.79
CA GLN E 342 -35.04 49.33 -24.41
C GLN E 342 -36.41 49.97 -24.67
N MET F 1 -54.95 17.70 -48.05
CA MET F 1 -54.32 18.85 -47.33
C MET F 1 -52.92 19.12 -47.88
N GLU F 2 -52.29 20.21 -47.42
CA GLU F 2 -50.89 20.60 -47.75
C GLU F 2 -49.97 20.15 -46.62
N LEU F 3 -48.80 19.58 -46.98
CA LEU F 3 -47.73 19.21 -46.01
C LEU F 3 -47.04 20.49 -45.52
N CYS F 4 -46.83 20.60 -44.20
CA CYS F 4 -46.26 21.80 -43.52
C CYS F 4 -44.73 21.83 -43.68
N ASN F 5 -44.11 22.94 -43.26
CA ASN F 5 -42.63 23.09 -43.15
C ASN F 5 -42.11 22.22 -42.00
N ILE F 6 -42.85 22.18 -40.88
CA ILE F 6 -42.60 21.31 -39.71
C ILE F 6 -43.83 20.41 -39.53
N LEU F 7 -43.64 19.08 -39.58
CA LEU F 7 -44.72 18.08 -39.31
C LEU F 7 -44.07 16.80 -38.76
N LYS F 8 -43.86 16.77 -37.43
CA LYS F 8 -43.21 15.66 -36.68
C LYS F 8 -44.26 14.79 -36.00
N TYR F 9 -43.90 13.52 -35.75
CA TYR F 9 -44.61 12.60 -34.81
C TYR F 9 -43.57 11.86 -33.97
N ASP F 10 -43.73 11.88 -32.64
CA ASP F 10 -43.01 10.98 -31.71
C ASP F 10 -43.57 9.56 -31.87
N ARG F 11 -42.72 8.54 -31.77
CA ARG F 11 -43.14 7.11 -31.88
C ARG F 11 -43.92 6.72 -30.61
N SER F 12 -44.84 5.76 -30.74
CA SER F 12 -45.73 5.27 -29.65
C SER F 12 -45.08 4.08 -28.92
N LEU F 13 -44.38 3.20 -29.64
CA LEU F 13 -43.73 1.97 -29.11
C LEU F 13 -42.28 2.28 -28.74
N TYR F 14 -41.84 1.88 -27.54
CA TYR F 14 -40.49 2.09 -26.98
C TYR F 14 -39.93 0.76 -26.47
N PRO F 15 -39.40 -0.12 -27.36
CA PRO F 15 -38.63 -1.27 -26.91
C PRO F 15 -37.27 -0.79 -26.38
N GLY F 16 -36.86 -1.30 -25.21
CA GLY F 16 -35.63 -0.88 -24.51
C GLY F 16 -34.38 -1.37 -25.24
N LYS F 17 -34.00 -2.62 -24.99
CA LYS F 17 -32.81 -3.29 -25.57
C LYS F 17 -32.83 -4.77 -25.15
N ALA F 18 -32.79 -5.69 -26.12
CA ALA F 18 -32.88 -7.15 -25.87
C ALA F 18 -31.49 -7.70 -25.57
N VAL F 19 -31.30 -8.26 -24.37
CA VAL F 19 -30.01 -8.76 -23.84
C VAL F 19 -30.09 -10.29 -23.73
N PHE F 20 -29.11 -11.00 -24.31
CA PHE F 20 -28.96 -12.49 -24.23
C PHE F 20 -28.17 -12.83 -22.97
N PHE F 21 -28.68 -13.75 -22.16
CA PHE F 21 -28.03 -14.25 -20.92
C PHE F 21 -28.46 -15.70 -20.65
N TYR F 22 -27.84 -16.34 -19.65
CA TYR F 22 -28.27 -17.66 -19.11
C TYR F 22 -28.18 -17.64 -17.58
N LYS F 23 -28.74 -18.67 -16.94
CA LYS F 23 -28.85 -18.82 -15.46
C LYS F 23 -28.10 -20.07 -15.01
N THR F 24 -27.33 -19.96 -13.92
CA THR F 24 -26.68 -21.08 -13.19
C THR F 24 -27.43 -21.28 -11.86
N ALA F 25 -26.97 -22.24 -11.04
CA ALA F 25 -27.44 -22.44 -9.65
C ALA F 25 -27.02 -21.25 -8.77
N ASP F 26 -25.89 -20.62 -9.09
CA ASP F 26 -25.31 -19.48 -8.33
C ASP F 26 -26.05 -18.18 -8.69
N SER F 27 -26.07 -17.80 -9.98
CA SER F 27 -26.55 -16.50 -10.49
C SER F 27 -27.78 -16.67 -11.39
N ASP F 28 -28.71 -15.71 -11.33
CA ASP F 28 -29.94 -15.63 -12.17
C ASP F 28 -29.68 -14.73 -13.40
N PHE F 29 -28.49 -14.14 -13.52
CA PHE F 29 -28.03 -13.39 -14.72
C PHE F 29 -26.54 -13.64 -14.96
N VAL F 30 -26.22 -14.52 -15.92
CA VAL F 30 -24.86 -14.71 -16.48
C VAL F 30 -24.91 -14.27 -17.94
N PRO F 31 -24.23 -13.16 -18.32
CA PRO F 31 -24.31 -12.62 -19.68
C PRO F 31 -23.58 -13.48 -20.72
N LEU F 32 -24.22 -13.71 -21.87
CA LEU F 32 -23.63 -14.41 -23.04
C LEU F 32 -22.63 -13.47 -23.73
N GLU F 33 -21.34 -13.82 -23.71
CA GLU F 33 -20.22 -12.98 -24.22
C GLU F 33 -19.75 -13.52 -25.57
N ALA F 34 -19.34 -12.62 -26.47
CA ALA F 34 -18.71 -12.93 -27.77
C ALA F 34 -17.19 -12.95 -27.61
N ASP F 35 -16.49 -13.66 -28.50
CA ASP F 35 -15.00 -13.73 -28.57
C ASP F 35 -14.57 -13.66 -30.04
N ILE F 36 -13.46 -12.96 -30.31
CA ILE F 36 -12.87 -12.80 -31.68
C ILE F 36 -12.19 -14.13 -32.05
N ASN F 37 -12.65 -14.78 -33.12
CA ASN F 37 -12.05 -16.01 -33.70
C ASN F 37 -11.48 -15.67 -35.09
N LYS F 38 -10.26 -16.14 -35.37
CA LYS F 38 -9.57 -15.97 -36.67
C LYS F 38 -9.64 -17.27 -37.46
N ILE F 39 -10.49 -17.32 -38.49
CA ILE F 39 -10.76 -18.53 -39.32
C ILE F 39 -10.21 -18.31 -40.74
N ARG F 40 -10.23 -19.36 -41.55
CA ARG F 40 -9.68 -19.42 -42.94
C ARG F 40 -10.86 -19.44 -43.93
N GLY F 41 -11.00 -18.41 -44.76
CA GLY F 41 -12.09 -18.31 -45.77
C GLY F 41 -11.55 -18.45 -47.19
N PRO F 42 -12.28 -19.09 -48.14
CA PRO F 42 -11.80 -19.23 -49.51
C PRO F 42 -12.14 -18.02 -50.40
N LYS F 43 -11.66 -18.05 -51.65
CA LYS F 43 -11.95 -17.04 -52.70
C LYS F 43 -13.05 -17.60 -53.61
N SER F 44 -14.31 -17.33 -53.25
CA SER F 44 -15.53 -17.95 -53.84
C SER F 44 -16.36 -16.94 -54.64
N GLY F 45 -16.00 -15.66 -54.63
CA GLY F 45 -16.77 -14.57 -55.27
C GLY F 45 -16.67 -14.62 -56.79
N PHE F 46 -17.59 -13.94 -57.48
CA PHE F 46 -17.64 -13.80 -58.95
C PHE F 46 -16.41 -13.03 -59.44
N THR F 47 -16.08 -11.92 -58.78
CA THR F 47 -15.04 -10.94 -59.19
C THR F 47 -13.63 -11.52 -58.98
N GLU F 48 -13.48 -12.55 -58.14
CA GLU F 48 -12.19 -13.25 -57.87
C GLU F 48 -11.67 -13.92 -59.16
N ALA F 49 -12.57 -14.40 -60.03
CA ALA F 49 -12.26 -15.30 -61.17
C ALA F 49 -12.69 -14.72 -62.53
N PHE F 50 -13.64 -13.77 -62.60
CA PHE F 50 -14.29 -13.32 -63.85
C PHE F 50 -14.22 -11.79 -64.00
N THR F 51 -14.18 -11.33 -65.25
CA THR F 51 -14.34 -9.90 -65.64
C THR F 51 -15.83 -9.55 -65.64
N PRO F 52 -16.21 -8.25 -65.65
CA PRO F 52 -17.61 -7.86 -65.83
C PRO F 52 -18.32 -8.34 -67.11
N GLN F 53 -17.57 -8.76 -68.14
CA GLN F 53 -18.10 -9.25 -69.44
C GLN F 53 -18.23 -10.79 -69.44
N PHE F 54 -18.09 -11.43 -68.26
CA PHE F 54 -18.12 -12.91 -68.06
C PHE F 54 -17.03 -13.58 -68.91
N SER F 55 -15.80 -13.08 -68.80
CA SER F 55 -14.56 -13.71 -69.34
C SER F 55 -13.61 -14.00 -68.18
N PRO F 56 -12.89 -15.14 -68.17
CA PRO F 56 -11.93 -15.45 -67.11
C PRO F 56 -10.78 -14.45 -67.02
N LYS F 57 -10.41 -14.04 -65.79
CA LYS F 57 -9.25 -13.16 -65.49
C LYS F 57 -7.95 -13.95 -65.72
N ASN F 58 -6.83 -13.22 -65.88
CA ASN F 58 -5.46 -13.78 -66.03
C ASN F 58 -4.83 -13.90 -64.64
N ILE F 59 -5.02 -15.06 -64.00
CA ILE F 59 -4.54 -15.39 -62.62
C ILE F 59 -3.70 -16.66 -62.68
N SER F 60 -2.84 -16.87 -61.67
CA SER F 60 -2.02 -18.10 -61.48
C SER F 60 -2.95 -19.27 -61.17
N PRO F 61 -2.61 -20.53 -61.53
CA PRO F 61 -3.43 -21.69 -61.19
C PRO F 61 -3.64 -21.94 -59.68
N GLN F 62 -2.76 -21.40 -58.82
CA GLN F 62 -2.81 -21.57 -57.34
C GLN F 62 -3.53 -20.40 -56.65
N ASP F 63 -4.01 -19.40 -57.39
CA ASP F 63 -4.60 -18.16 -56.83
C ASP F 63 -5.98 -18.45 -56.19
N LEU F 64 -6.78 -19.32 -56.80
CA LEU F 64 -8.15 -19.66 -56.32
C LEU F 64 -8.10 -20.67 -55.17
N THR F 65 -6.96 -21.32 -54.93
CA THR F 65 -6.73 -22.24 -53.77
C THR F 65 -6.19 -21.47 -52.56
N HIS F 66 -5.77 -20.20 -52.74
CA HIS F 66 -5.38 -19.30 -51.63
C HIS F 66 -6.63 -18.89 -50.84
N ASN F 67 -6.44 -18.43 -49.60
CA ASN F 67 -7.52 -18.11 -48.64
C ASN F 67 -7.51 -16.62 -48.30
N ASN F 68 -8.61 -16.15 -47.71
CA ASN F 68 -8.72 -14.85 -46.99
C ASN F 68 -8.69 -15.13 -45.49
N ILE F 69 -7.89 -14.37 -44.74
CA ILE F 69 -7.84 -14.40 -43.25
C ILE F 69 -9.00 -13.55 -42.71
N LEU F 70 -9.98 -14.20 -42.09
CA LEU F 70 -11.22 -13.55 -41.55
C LEU F 70 -11.08 -13.40 -40.04
N THR F 71 -11.30 -12.19 -39.54
CA THR F 71 -11.41 -11.85 -38.09
C THR F 71 -12.90 -11.59 -37.79
N LEU F 72 -13.58 -12.58 -37.21
CA LEU F 72 -15.04 -12.57 -36.92
C LEU F 72 -15.27 -12.70 -35.41
N GLU F 73 -16.34 -12.09 -34.90
CA GLU F 73 -16.86 -12.31 -33.53
C GLU F 73 -17.84 -13.49 -33.58
N GLU F 74 -17.68 -14.44 -32.65
CA GLU F 74 -18.53 -15.65 -32.50
C GLU F 74 -19.22 -15.61 -31.14
N CYS F 75 -20.48 -16.03 -31.07
CA CYS F 75 -21.24 -16.24 -29.81
C CYS F 75 -21.90 -17.61 -29.84
N TYR F 76 -21.39 -18.54 -29.02
CA TYR F 76 -21.95 -19.90 -28.79
C TYR F 76 -22.43 -20.01 -27.34
N VAL F 77 -23.43 -20.87 -27.11
CA VAL F 77 -23.90 -21.23 -25.73
C VAL F 77 -22.77 -22.03 -25.08
N PRO F 78 -22.36 -21.75 -23.82
CA PRO F 78 -21.40 -22.61 -23.13
C PRO F 78 -21.85 -24.06 -23.02
N PRO F 79 -20.93 -25.06 -23.01
CA PRO F 79 -21.32 -26.46 -22.94
C PRO F 79 -22.16 -26.82 -21.70
N ASN F 80 -23.22 -27.61 -21.90
CA ASN F 80 -24.13 -28.15 -20.84
C ASN F 80 -24.91 -27.01 -20.17
N VAL F 81 -25.22 -25.94 -20.91
CA VAL F 81 -26.21 -24.89 -20.53
C VAL F 81 -27.52 -25.23 -21.24
N GLU F 82 -28.58 -25.48 -20.47
CA GLU F 82 -29.87 -26.03 -20.98
C GLU F 82 -30.65 -24.94 -21.73
N HIS F 83 -30.86 -23.79 -21.07
CA HIS F 83 -31.72 -22.68 -21.57
C HIS F 83 -30.89 -21.41 -21.78
N ILE F 84 -31.26 -20.63 -22.80
CA ILE F 84 -30.76 -19.25 -23.08
C ILE F 84 -31.97 -18.31 -22.99
N PHE F 85 -31.77 -17.13 -22.39
CA PHE F 85 -32.82 -16.11 -22.12
C PHE F 85 -32.50 -14.82 -22.89
N CYS F 86 -33.48 -14.35 -23.67
CA CYS F 86 -33.52 -13.01 -24.31
C CYS F 86 -34.64 -12.18 -23.67
N ARG F 87 -34.29 -11.04 -23.08
CA ARG F 87 -35.21 -10.16 -22.29
C ARG F 87 -35.12 -8.73 -22.81
N PHE F 88 -36.27 -8.08 -23.02
CA PHE F 88 -36.40 -6.62 -23.27
C PHE F 88 -37.68 -6.09 -22.61
N SER F 89 -37.69 -4.79 -22.29
CA SER F 89 -38.86 -4.04 -21.79
C SER F 89 -39.51 -3.26 -22.92
N LEU F 90 -40.83 -3.11 -22.89
CA LEU F 90 -41.62 -2.35 -23.91
C LEU F 90 -42.53 -1.35 -23.19
N ARG F 91 -42.39 -0.05 -23.49
CA ARG F 91 -43.29 1.04 -23.03
C ARG F 91 -44.12 1.51 -24.23
N VAL F 92 -45.43 1.72 -24.04
CA VAL F 92 -46.38 2.20 -25.08
C VAL F 92 -46.96 3.54 -24.62
N GLN F 93 -46.84 4.58 -25.45
CA GLN F 93 -47.39 5.95 -25.20
C GLN F 93 -48.39 6.31 -26.30
N ALA F 94 -49.26 7.28 -26.03
CA ALA F 94 -50.30 7.79 -26.96
C ALA F 94 -49.79 9.05 -27.67
N ASN F 95 -48.95 8.87 -28.68
CA ASN F 95 -48.24 9.95 -29.42
C ASN F 95 -48.77 10.11 -30.86
N SER F 96 -49.70 9.24 -31.31
CA SER F 96 -50.26 9.27 -32.68
C SER F 96 -51.55 10.11 -32.74
N LEU F 97 -52.04 10.59 -31.60
CA LEU F 97 -53.31 11.38 -31.49
C LEU F 97 -53.05 12.82 -31.93
N VAL F 98 -51.87 13.38 -31.58
CA VAL F 98 -51.50 14.80 -31.78
C VAL F 98 -50.07 14.86 -32.35
N PRO F 99 -49.83 15.60 -33.46
CA PRO F 99 -48.46 15.83 -33.94
C PRO F 99 -47.60 16.58 -32.90
N SER F 100 -46.33 16.22 -32.80
CA SER F 100 -45.34 16.81 -31.86
C SER F 100 -44.97 18.23 -32.32
N GLY F 101 -44.89 18.45 -33.63
CA GLY F 101 -44.73 19.77 -34.27
C GLY F 101 -45.61 19.90 -35.50
N CYS F 102 -46.18 21.09 -35.72
CA CYS F 102 -47.06 21.41 -36.89
C CYS F 102 -47.11 22.92 -37.12
N SER F 103 -46.72 23.38 -38.32
CA SER F 103 -46.64 24.81 -38.71
C SER F 103 -48.05 25.38 -38.98
N ASP F 104 -48.90 24.61 -39.68
CA ASP F 104 -50.26 25.04 -40.11
C ASP F 104 -51.29 24.57 -39.08
N PRO F 105 -52.03 25.48 -38.41
CA PRO F 105 -53.06 25.09 -37.44
C PRO F 105 -54.29 24.39 -38.05
N GLU F 106 -54.54 24.59 -39.36
CA GLU F 106 -55.62 23.90 -40.12
C GLU F 106 -55.25 22.43 -40.32
N VAL F 107 -53.97 22.13 -40.59
CA VAL F 107 -53.41 20.75 -40.73
C VAL F 107 -53.45 20.06 -39.35
N PHE F 108 -53.07 20.79 -38.29
CA PHE F 108 -52.99 20.28 -36.89
C PHE F 108 -54.38 19.84 -36.40
N SER F 109 -55.39 20.69 -36.58
CA SER F 109 -56.80 20.47 -36.14
C SER F 109 -57.42 19.30 -36.91
N LEU F 110 -57.08 19.15 -38.20
CA LEU F 110 -57.56 18.06 -39.10
C LEU F 110 -57.02 16.72 -38.63
N LEU F 111 -55.71 16.63 -38.35
CA LEU F 111 -55.01 15.39 -37.90
C LEU F 111 -55.48 15.00 -36.49
N LYS F 112 -55.84 15.97 -35.65
CA LYS F 112 -56.40 15.74 -34.29
C LYS F 112 -57.80 15.11 -34.42
N GLU F 113 -58.61 15.59 -35.37
CA GLU F 113 -60.01 15.11 -35.62
C GLU F 113 -59.96 13.68 -36.21
N LEU F 114 -59.02 13.42 -37.12
CA LEU F 114 -58.85 12.11 -37.81
C LEU F 114 -58.54 11.00 -36.79
N ALA F 115 -57.64 11.27 -35.84
CA ALA F 115 -57.22 10.32 -34.78
C ALA F 115 -58.41 9.96 -33.88
N GLU F 116 -59.20 10.96 -33.47
CA GLU F 116 -60.38 10.80 -32.57
C GLU F 116 -61.48 9.98 -33.27
N THR F 117 -61.68 10.18 -34.58
CA THR F 117 -62.67 9.45 -35.41
C THR F 117 -62.21 8.00 -35.61
N PHE F 118 -60.89 7.79 -35.79
CA PHE F 118 -60.26 6.45 -35.92
C PHE F 118 -60.33 5.69 -34.60
N LYS F 119 -60.27 6.42 -33.48
CA LYS F 119 -60.31 5.86 -32.09
C LYS F 119 -61.70 5.28 -31.77
N GLU F 120 -62.77 5.98 -32.17
CA GLU F 120 -64.17 5.61 -31.86
C GLU F 120 -64.67 4.51 -32.82
N CYS F 121 -64.01 4.30 -33.96
CA CYS F 121 -64.29 3.20 -34.92
C CYS F 121 -63.69 1.88 -34.43
N GLY F 122 -62.77 1.93 -33.46
CA GLY F 122 -62.02 0.76 -32.96
C GLY F 122 -60.90 0.37 -33.91
N GLY F 123 -60.20 1.37 -34.47
CA GLY F 123 -59.10 1.20 -35.43
C GLY F 123 -57.80 0.82 -34.73
N TYR F 124 -57.58 1.33 -33.52
CA TYR F 124 -56.38 1.06 -32.68
C TYR F 124 -56.40 -0.38 -32.16
N LYS F 125 -57.57 -1.03 -32.09
CA LYS F 125 -57.72 -2.45 -31.68
C LYS F 125 -57.01 -3.36 -32.68
N GLU F 126 -57.31 -3.19 -33.98
CA GLU F 126 -56.74 -4.00 -35.09
C GLU F 126 -55.22 -3.84 -35.13
N LEU F 127 -54.71 -2.61 -34.98
CA LEU F 127 -53.25 -2.30 -35.00
C LEU F 127 -52.56 -2.93 -33.78
N ALA F 128 -53.19 -2.89 -32.61
CA ALA F 128 -52.67 -3.43 -31.34
C ALA F 128 -52.55 -4.95 -31.40
N VAL F 129 -53.50 -5.63 -32.07
CA VAL F 129 -53.52 -7.11 -32.28
C VAL F 129 -52.26 -7.52 -33.06
N ARG F 130 -51.92 -6.80 -34.12
CA ARG F 130 -50.77 -7.12 -35.03
C ARG F 130 -49.44 -6.89 -34.32
N TYR F 131 -49.33 -5.84 -33.50
CA TYR F 131 -48.13 -5.55 -32.66
C TYR F 131 -47.98 -6.64 -31.59
N CYS F 132 -49.08 -7.03 -30.97
CA CYS F 132 -49.16 -8.09 -29.91
C CYS F 132 -48.80 -9.46 -30.51
N ARG F 133 -49.31 -9.78 -31.70
CA ARG F 133 -49.13 -11.09 -32.37
C ARG F 133 -47.63 -11.32 -32.68
N ASN F 134 -46.90 -10.25 -33.04
CA ASN F 134 -45.44 -10.29 -33.32
C ASN F 134 -44.64 -10.61 -32.05
N ILE F 135 -45.14 -10.23 -30.87
CA ILE F 135 -44.48 -10.51 -29.56
C ILE F 135 -44.68 -12.00 -29.21
N LEU F 136 -45.86 -12.56 -29.44
CA LEU F 136 -46.24 -13.93 -28.98
C LEU F 136 -45.56 -15.01 -29.83
N ILE F 137 -45.38 -14.79 -31.14
CA ILE F 137 -44.77 -15.78 -32.08
C ILE F 137 -43.24 -15.64 -32.10
N GLY F 138 -42.70 -14.55 -31.53
CA GLY F 138 -41.25 -14.34 -31.35
C GLY F 138 -40.55 -13.89 -32.63
N THR F 139 -41.15 -12.95 -33.37
CA THR F 139 -40.60 -12.32 -34.59
C THR F 139 -39.30 -11.56 -34.26
N TRP F 140 -39.22 -11.05 -33.01
CA TRP F 140 -38.13 -10.19 -32.48
C TRP F 140 -36.85 -10.99 -32.16
N LEU F 141 -36.89 -12.32 -32.22
CA LEU F 141 -35.70 -13.21 -32.07
C LEU F 141 -34.96 -13.34 -33.40
N TRP F 142 -35.65 -13.01 -34.51
CA TRP F 142 -35.07 -12.80 -35.87
C TRP F 142 -34.52 -14.12 -36.42
N ARG F 143 -33.28 -14.50 -36.08
CA ARG F 143 -32.62 -15.74 -36.56
C ARG F 143 -32.51 -16.80 -35.45
N ASN F 144 -32.82 -16.43 -34.20
CA ASN F 144 -32.87 -17.35 -33.02
C ASN F 144 -34.29 -17.93 -32.88
N GLN F 145 -35.25 -17.41 -33.65
CA GLN F 145 -36.69 -17.80 -33.58
C GLN F 145 -36.86 -19.26 -34.00
N ASN F 146 -37.45 -20.08 -33.10
CA ASN F 146 -37.82 -21.50 -33.34
C ASN F 146 -36.56 -22.34 -33.64
N THR F 147 -35.41 -21.98 -33.08
CA THR F 147 -34.15 -22.77 -33.13
C THR F 147 -34.20 -23.84 -32.03
N GLY F 148 -34.94 -23.56 -30.95
CA GLY F 148 -35.37 -24.55 -29.94
C GLY F 148 -36.82 -24.34 -29.55
N ASN F 149 -37.34 -25.14 -28.61
CA ASN F 149 -38.67 -24.94 -27.98
C ASN F 149 -38.61 -23.69 -27.11
N THR F 150 -39.25 -22.60 -27.57
CA THR F 150 -39.19 -21.25 -26.94
C THR F 150 -40.46 -21.02 -26.11
N GLN F 151 -40.29 -20.61 -24.85
CA GLN F 151 -41.38 -20.16 -23.94
C GLN F 151 -41.26 -18.65 -23.75
N ILE F 152 -42.31 -17.89 -24.10
CA ILE F 152 -42.35 -16.40 -23.95
C ILE F 152 -43.23 -16.05 -22.74
N GLU F 153 -42.67 -15.29 -21.80
CA GLU F 153 -43.29 -14.88 -20.50
C GLU F 153 -43.36 -13.35 -20.46
N ILE F 154 -44.57 -12.79 -20.33
CA ILE F 154 -44.85 -11.32 -20.41
C ILE F 154 -45.47 -10.86 -19.08
N LYS F 155 -44.83 -9.89 -18.42
CA LYS F 155 -45.28 -9.25 -17.15
C LYS F 155 -45.56 -7.76 -17.41
N THR F 156 -46.84 -7.36 -17.38
CA THR F 156 -47.30 -5.96 -17.62
C THR F 156 -47.32 -5.21 -16.28
N SER F 157 -47.33 -3.88 -16.33
CA SER F 157 -47.33 -2.97 -15.15
C SER F 157 -48.69 -2.98 -14.44
N LYS F 158 -49.76 -3.43 -15.12
CA LYS F 158 -51.11 -3.64 -14.51
C LYS F 158 -51.05 -4.75 -13.45
N GLY F 159 -50.14 -5.72 -13.60
CA GLY F 159 -49.99 -6.89 -12.70
C GLY F 159 -50.33 -8.20 -13.38
N SER F 160 -50.70 -8.17 -14.67
CA SER F 160 -51.01 -9.36 -15.49
C SER F 160 -49.72 -10.14 -15.79
N CYS F 161 -49.82 -11.47 -15.85
CA CYS F 161 -48.75 -12.41 -16.27
C CYS F 161 -49.27 -13.31 -17.38
N TYR F 162 -48.67 -13.24 -18.58
CA TYR F 162 -49.03 -14.07 -19.76
C TYR F 162 -47.88 -15.03 -20.07
N LEU F 163 -48.22 -16.23 -20.56
CA LEU F 163 -47.24 -17.31 -20.87
C LEU F 163 -47.64 -18.00 -22.18
N ILE F 164 -46.74 -18.00 -23.17
CA ILE F 164 -46.78 -18.88 -24.37
C ILE F 164 -45.84 -20.06 -24.10
N ASP F 165 -46.36 -21.29 -24.08
CA ASP F 165 -45.63 -22.52 -23.68
C ASP F 165 -44.63 -22.92 -24.78
N ASN F 166 -45.02 -22.78 -26.05
CA ASN F 166 -44.17 -23.13 -27.23
C ASN F 166 -44.55 -22.24 -28.43
N THR F 167 -43.59 -21.49 -28.97
CA THR F 167 -43.79 -20.56 -30.12
C THR F 167 -43.76 -21.33 -31.46
N ARG F 168 -43.23 -22.55 -31.47
CA ARG F 168 -43.17 -23.42 -32.67
C ARG F 168 -44.59 -23.82 -33.12
N LYS F 169 -45.52 -23.94 -32.17
CA LYS F 169 -46.95 -24.31 -32.43
C LYS F 169 -47.67 -23.12 -33.09
N LEU F 170 -47.32 -21.89 -32.70
CA LEU F 170 -47.95 -20.64 -33.20
C LEU F 170 -47.28 -20.20 -34.51
N ALA F 171 -48.05 -19.52 -35.36
CA ALA F 171 -47.57 -18.78 -36.56
C ALA F 171 -48.46 -17.53 -36.73
N TRP F 172 -48.29 -16.76 -37.81
CA TRP F 172 -49.13 -15.56 -38.07
C TRP F 172 -50.53 -15.99 -38.55
N GLU F 173 -50.59 -16.93 -39.49
CA GLU F 173 -51.82 -17.29 -40.27
C GLU F 173 -52.46 -18.58 -39.72
N SER F 174 -51.74 -19.36 -38.90
CA SER F 174 -52.19 -20.68 -38.38
C SER F 174 -53.35 -20.51 -37.39
N LYS F 175 -54.13 -21.57 -37.18
CA LYS F 175 -55.26 -21.61 -36.22
C LYS F 175 -54.71 -21.90 -34.81
N TRP F 176 -54.88 -20.96 -33.88
CA TRP F 176 -54.32 -21.00 -32.50
C TRP F 176 -55.24 -21.83 -31.60
N ALA F 177 -54.73 -22.21 -30.42
CA ALA F 177 -55.49 -22.87 -29.33
C ALA F 177 -56.35 -21.82 -28.60
N SER F 178 -57.26 -22.29 -27.74
CA SER F 178 -58.22 -21.45 -26.98
C SER F 178 -57.49 -20.56 -25.97
N ASP F 179 -56.48 -21.11 -25.27
CA ASP F 179 -55.70 -20.41 -24.22
C ASP F 179 -54.78 -19.35 -24.85
N ASP F 180 -54.20 -19.64 -26.02
CA ASP F 180 -53.26 -18.74 -26.74
C ASP F 180 -54.00 -17.52 -27.29
N LEU F 181 -55.23 -17.70 -27.79
CA LEU F 181 -56.12 -16.61 -28.29
C LEU F 181 -56.55 -15.71 -27.12
N LYS F 182 -56.76 -16.28 -25.94
CA LYS F 182 -57.14 -15.54 -24.70
C LYS F 182 -56.01 -14.60 -24.28
N VAL F 183 -54.75 -15.04 -24.45
CA VAL F 183 -53.53 -14.22 -24.17
C VAL F 183 -53.46 -13.07 -25.19
N LEU F 184 -53.70 -13.37 -26.48
CA LEU F 184 -53.72 -12.38 -27.60
C LEU F 184 -54.83 -11.35 -27.36
N GLU F 185 -56.02 -11.79 -26.94
CA GLU F 185 -57.20 -10.93 -26.68
C GLU F 185 -56.90 -9.94 -25.56
N GLU F 186 -56.44 -10.44 -24.40
CA GLU F 186 -56.28 -9.66 -23.14
C GLU F 186 -55.12 -8.67 -23.27
N LEU F 187 -54.00 -9.07 -23.86
CA LEU F 187 -52.78 -8.23 -23.99
C LEU F 187 -52.98 -7.13 -25.04
N SER F 188 -53.75 -7.41 -26.10
CA SER F 188 -54.11 -6.44 -27.17
C SER F 188 -54.96 -5.29 -26.58
N ASN F 189 -55.84 -5.59 -25.62
CA ASN F 189 -56.71 -4.60 -24.92
C ASN F 189 -55.85 -3.65 -24.08
N GLU F 190 -54.77 -4.15 -23.47
CA GLU F 190 -53.85 -3.36 -22.61
C GLU F 190 -52.98 -2.42 -23.48
N ILE F 191 -52.59 -2.86 -24.68
CA ILE F 191 -51.77 -2.06 -25.65
C ILE F 191 -52.65 -0.96 -26.26
N GLU F 192 -53.88 -1.31 -26.66
CA GLU F 192 -54.89 -0.37 -27.25
C GLU F 192 -55.14 0.79 -26.29
N SER F 193 -55.32 0.50 -24.99
CA SER F 193 -55.55 1.49 -23.91
C SER F 193 -54.34 2.45 -23.82
N ALA F 194 -53.12 1.89 -23.85
CA ALA F 194 -51.84 2.64 -23.79
C ALA F 194 -51.66 3.50 -25.06
N LEU F 195 -52.08 3.00 -26.23
CA LEU F 195 -51.97 3.72 -27.53
C LEU F 195 -52.93 4.93 -27.59
N THR F 196 -54.03 4.91 -26.81
CA THR F 196 -55.19 5.83 -26.96
C THR F 196 -55.35 6.77 -25.74
N ASP F 197 -55.00 6.33 -24.52
CA ASP F 197 -55.17 7.12 -23.27
C ASP F 197 -53.84 7.76 -22.88
N PRO F 198 -53.69 9.11 -22.96
CA PRO F 198 -52.48 9.77 -22.48
C PRO F 198 -52.26 9.70 -20.95
N ASN F 199 -53.33 9.49 -20.18
CA ASN F 199 -53.29 9.41 -18.69
C ASN F 199 -52.73 8.05 -18.24
N VAL F 200 -52.91 7.00 -19.06
CA VAL F 200 -52.46 5.60 -18.76
C VAL F 200 -50.95 5.51 -18.98
N PHE F 201 -50.21 5.06 -17.95
CA PHE F 201 -48.78 4.67 -18.02
C PHE F 201 -48.71 3.13 -18.04
N TRP F 202 -48.22 2.57 -19.14
CA TRP F 202 -48.18 1.10 -19.38
C TRP F 202 -46.78 0.68 -19.85
N SER F 203 -46.23 -0.38 -19.24
CA SER F 203 -44.96 -1.03 -19.64
C SER F 203 -45.07 -2.55 -19.43
N ALA F 204 -44.40 -3.32 -20.28
CA ALA F 204 -44.32 -4.80 -20.24
C ALA F 204 -42.85 -5.24 -20.17
N ASP F 205 -42.59 -6.32 -19.41
CA ASP F 205 -41.29 -7.03 -19.32
C ASP F 205 -41.42 -8.37 -20.04
N ILE F 206 -40.81 -8.49 -21.22
CA ILE F 206 -40.95 -9.65 -22.16
C ILE F 206 -39.65 -10.46 -22.14
N THR F 207 -39.75 -11.75 -21.80
CA THR F 207 -38.61 -12.70 -21.71
C THR F 207 -38.93 -13.96 -22.52
N ALA F 208 -38.04 -14.31 -23.46
CA ALA F 208 -38.03 -15.61 -24.18
C ALA F 208 -37.07 -16.57 -23.46
N LYS F 209 -37.44 -17.86 -23.39
CA LYS F 209 -36.62 -18.96 -22.81
C LYS F 209 -36.54 -20.08 -23.86
N ILE F 210 -35.37 -20.22 -24.49
CA ILE F 210 -35.13 -21.14 -25.65
C ILE F 210 -34.37 -22.37 -25.15
N GLU F 211 -34.90 -23.58 -25.40
CA GLU F 211 -34.22 -24.87 -25.13
C GLU F 211 -33.00 -24.98 -26.07
N ALA F 212 -31.80 -24.67 -25.55
CA ALA F 212 -30.55 -24.59 -26.33
C ALA F 212 -30.07 -25.99 -26.70
N SER F 213 -29.61 -26.17 -27.95
CA SER F 213 -28.81 -27.35 -28.40
C SER F 213 -27.37 -27.16 -27.89
N PHE F 214 -26.56 -28.23 -27.95
CA PHE F 214 -25.18 -28.25 -27.41
C PHE F 214 -24.28 -27.28 -28.20
N CYS F 215 -23.72 -26.28 -27.51
CA CYS F 215 -22.82 -25.24 -28.07
C CYS F 215 -23.46 -24.64 -29.33
N GLN F 216 -24.71 -24.18 -29.21
CA GLN F 216 -25.52 -23.58 -30.29
C GLN F 216 -25.02 -22.16 -30.56
N GLU F 217 -25.08 -21.73 -31.82
CA GLU F 217 -24.69 -20.36 -32.28
C GLU F 217 -25.83 -19.39 -31.99
N ILE F 218 -25.52 -18.24 -31.37
CA ILE F 218 -26.46 -17.11 -31.12
C ILE F 218 -26.26 -16.07 -32.22
N TYR F 219 -27.35 -15.44 -32.68
CA TYR F 219 -27.37 -14.44 -33.79
C TYR F 219 -27.90 -13.10 -33.28
N PRO F 220 -27.05 -12.29 -32.60
CA PRO F 220 -27.47 -10.97 -32.12
C PRO F 220 -27.37 -9.90 -33.22
N SER F 221 -27.55 -8.62 -32.86
CA SER F 221 -27.38 -7.46 -33.78
C SER F 221 -25.90 -7.28 -34.11
N GLN F 222 -25.59 -7.04 -35.38
CA GLN F 222 -24.24 -6.69 -35.89
C GLN F 222 -24.17 -5.17 -36.09
N ILE F 223 -23.04 -4.54 -35.72
CA ILE F 223 -22.82 -3.08 -35.91
C ILE F 223 -22.49 -2.83 -37.39
N LEU F 224 -22.75 -1.61 -37.88
CA LEU F 224 -22.55 -1.21 -39.30
C LEU F 224 -21.16 -0.59 -39.46
N ASN F 225 -20.15 -1.42 -39.73
CA ASN F 225 -18.78 -1.01 -40.12
C ASN F 225 -18.67 -1.06 -41.65
N ASP F 226 -18.61 0.11 -42.30
CA ASP F 226 -18.43 0.26 -43.77
C ASP F 226 -16.94 0.10 -44.12
N LYS F 227 -16.05 0.67 -43.29
CA LYS F 227 -14.57 0.54 -43.40
C LYS F 227 -14.04 -0.17 -42.16
N VAL F 228 -13.13 -1.13 -42.35
CA VAL F 228 -12.53 -1.99 -41.28
C VAL F 228 -11.01 -2.06 -41.50
N LYS F 229 -10.24 -2.00 -40.42
CA LYS F 229 -8.77 -2.25 -40.42
C LYS F 229 -8.52 -3.76 -40.38
N GLN F 230 -7.28 -4.16 -40.62
CA GLN F 230 -6.85 -5.58 -40.74
C GLN F 230 -6.77 -6.22 -39.35
N GLY F 231 -6.47 -5.44 -38.31
CA GLY F 231 -6.40 -5.91 -36.91
C GLY F 231 -7.77 -6.22 -36.34
N GLU F 232 -8.67 -5.24 -36.39
CA GLU F 232 -10.04 -5.32 -35.81
C GLU F 232 -10.92 -6.25 -36.66
N ALA F 233 -12.02 -6.74 -36.07
CA ALA F 233 -12.91 -7.77 -36.64
C ALA F 233 -13.84 -7.16 -37.70
N SER F 234 -14.04 -7.85 -38.82
CA SER F 234 -14.93 -7.42 -39.94
C SER F 234 -16.39 -7.59 -39.54
N LYS F 235 -16.70 -8.59 -38.70
CA LYS F 235 -18.04 -8.85 -38.11
C LYS F 235 -17.96 -8.63 -36.60
N GLN F 236 -18.64 -7.58 -36.10
CA GLN F 236 -18.71 -7.22 -34.66
C GLN F 236 -20.18 -7.21 -34.22
N PHE F 237 -20.44 -7.46 -32.94
CA PHE F 237 -21.81 -7.59 -32.35
C PHE F 237 -22.11 -6.39 -31.44
N VAL F 238 -23.40 -6.00 -31.39
CA VAL F 238 -23.94 -4.98 -30.45
C VAL F 238 -23.92 -5.60 -29.04
N LYS F 239 -23.34 -4.89 -28.08
CA LYS F 239 -23.11 -5.37 -26.69
C LYS F 239 -23.75 -4.39 -25.69
N ALA F 240 -24.36 -4.94 -24.64
CA ALA F 240 -24.81 -4.24 -23.41
C ALA F 240 -23.75 -4.46 -22.32
N LYS F 241 -23.10 -3.38 -21.89
CA LYS F 241 -22.08 -3.38 -20.80
C LYS F 241 -22.80 -3.53 -19.45
N CYS F 242 -22.56 -4.64 -18.76
CA CYS F 242 -23.16 -4.96 -17.43
C CYS F 242 -22.47 -4.14 -16.33
N ALA F 243 -23.09 -4.07 -15.16
CA ALA F 243 -22.71 -3.19 -14.03
C ALA F 243 -21.32 -3.54 -13.48
N ASP F 244 -20.95 -4.83 -13.47
CA ASP F 244 -19.62 -5.32 -13.01
C ASP F 244 -18.55 -4.81 -13.99
N GLY F 245 -18.29 -5.53 -15.09
CA GLY F 245 -17.50 -5.03 -16.24
C GLY F 245 -17.59 -5.92 -17.47
N ARG F 246 -18.68 -6.67 -17.63
CA ARG F 246 -18.84 -7.73 -18.67
C ARG F 246 -19.83 -7.25 -19.73
N TYR F 247 -19.65 -7.70 -20.98
CA TYR F 247 -20.44 -7.29 -22.17
C TYR F 247 -21.38 -8.43 -22.57
N ALA F 248 -22.68 -8.28 -22.30
CA ALA F 248 -23.75 -9.19 -22.75
C ALA F 248 -24.02 -8.91 -24.23
N VAL F 249 -24.05 -9.94 -25.08
CA VAL F 249 -24.33 -9.80 -26.54
C VAL F 249 -25.83 -9.45 -26.68
N SER F 250 -26.17 -8.50 -27.56
CA SER F 250 -27.47 -7.77 -27.51
C SER F 250 -28.07 -7.53 -28.90
N PHE F 251 -29.38 -7.26 -28.95
CA PHE F 251 -30.10 -6.65 -30.10
C PHE F 251 -30.22 -5.14 -29.89
N ASN F 252 -30.20 -4.37 -30.97
CA ASN F 252 -30.53 -2.91 -30.99
C ASN F 252 -32.03 -2.75 -30.67
N SER F 253 -32.40 -1.61 -30.09
CA SER F 253 -33.80 -1.20 -29.82
C SER F 253 -34.58 -1.12 -31.15
N VAL F 254 -33.96 -0.52 -32.16
CA VAL F 254 -34.52 -0.32 -33.53
C VAL F 254 -34.72 -1.69 -34.21
N LYS F 255 -33.87 -2.68 -33.91
CA LYS F 255 -33.98 -4.06 -34.45
C LYS F 255 -35.24 -4.72 -33.89
N ILE F 256 -35.44 -4.65 -32.57
CA ILE F 256 -36.66 -5.17 -31.86
C ILE F 256 -37.90 -4.44 -32.41
N GLY F 257 -37.82 -3.10 -32.51
CA GLY F 257 -38.89 -2.25 -33.06
C GLY F 257 -39.27 -2.60 -34.48
N ALA F 258 -38.29 -2.99 -35.32
CA ALA F 258 -38.49 -3.38 -36.73
C ALA F 258 -39.32 -4.67 -36.82
N ALA F 259 -39.16 -5.58 -35.85
CA ALA F 259 -39.86 -6.89 -35.78
C ALA F 259 -41.32 -6.67 -35.35
N LEU F 260 -41.55 -5.89 -34.30
CA LEU F 260 -42.91 -5.61 -33.74
C LEU F 260 -43.78 -4.92 -34.81
N GLN F 261 -43.18 -4.03 -35.61
CA GLN F 261 -43.87 -3.22 -36.66
C GLN F 261 -43.73 -3.88 -38.04
N SER F 262 -43.53 -5.21 -38.11
CA SER F 262 -43.61 -6.02 -39.34
C SER F 262 -45.06 -6.51 -39.51
N ILE F 263 -45.98 -5.58 -39.78
CA ILE F 263 -47.46 -5.79 -39.74
C ILE F 263 -48.13 -5.42 -41.08
N ASP F 264 -47.39 -4.82 -42.03
CA ASP F 264 -47.96 -4.20 -43.26
C ASP F 264 -48.10 -5.27 -44.35
N ASP F 265 -49.32 -5.76 -44.58
CA ASP F 265 -49.70 -6.65 -45.70
C ASP F 265 -50.97 -6.12 -46.38
N TRP F 266 -51.20 -4.80 -46.33
CA TRP F 266 -52.36 -4.10 -46.96
C TRP F 266 -51.98 -3.64 -48.38
N TRP F 267 -50.70 -3.66 -48.73
CA TRP F 267 -50.13 -3.12 -50.01
C TRP F 267 -50.68 -3.88 -51.23
N ASP F 268 -51.09 -5.14 -51.06
CA ASP F 268 -51.86 -5.92 -52.07
C ASP F 268 -52.99 -6.67 -51.37
N GLU F 269 -54.09 -6.93 -52.09
CA GLU F 269 -55.33 -7.56 -51.55
C GLU F 269 -55.07 -9.03 -51.20
N ASP F 270 -54.22 -9.71 -51.97
CA ASP F 270 -53.76 -11.11 -51.73
C ASP F 270 -52.26 -11.10 -51.44
N ALA F 271 -51.80 -10.19 -50.57
CA ALA F 271 -50.38 -10.08 -50.11
C ALA F 271 -50.12 -11.13 -49.03
N SER F 272 -49.13 -12.00 -49.25
CA SER F 272 -48.69 -13.08 -48.31
C SER F 272 -47.63 -12.53 -47.34
N LYS F 273 -46.85 -11.53 -47.77
CA LYS F 273 -45.68 -10.99 -47.03
C LYS F 273 -46.12 -9.83 -46.13
N ARG F 274 -45.55 -9.75 -44.92
CA ARG F 274 -45.71 -8.62 -43.96
C ARG F 274 -44.42 -7.80 -43.93
N LEU F 275 -44.48 -6.57 -44.43
CA LEU F 275 -43.33 -5.63 -44.50
C LEU F 275 -43.22 -4.85 -43.18
N ARG F 276 -42.00 -4.43 -42.84
CA ARG F 276 -41.73 -3.42 -41.78
C ARG F 276 -42.31 -2.08 -42.26
N VAL F 277 -43.11 -1.41 -41.42
CA VAL F 277 -43.90 -0.20 -41.80
C VAL F 277 -42.92 0.87 -42.32
N HIS F 278 -43.03 1.18 -43.62
CA HIS F 278 -42.16 2.12 -44.38
C HIS F 278 -43.07 3.04 -45.21
N GLU F 279 -42.65 4.28 -45.46
CA GLU F 279 -43.42 5.30 -46.23
C GLU F 279 -43.63 4.82 -47.68
N PHE F 280 -42.69 4.04 -48.24
CA PHE F 280 -42.70 3.53 -49.62
C PHE F 280 -42.78 1.99 -49.67
N GLY F 281 -42.97 1.33 -48.52
CA GLY F 281 -43.16 -0.14 -48.41
C GLY F 281 -41.98 -0.90 -49.00
N ALA F 282 -40.77 -0.62 -48.51
CA ALA F 282 -39.50 -1.16 -49.04
C ALA F 282 -39.38 -2.65 -48.71
N ASP F 283 -39.29 -3.50 -49.74
CA ASP F 283 -39.05 -4.96 -49.63
C ASP F 283 -37.55 -5.21 -49.81
N LYS F 284 -36.84 -5.51 -48.72
CA LYS F 284 -35.35 -5.61 -48.68
C LYS F 284 -34.87 -6.90 -49.36
N GLU F 285 -35.71 -7.95 -49.40
CA GLU F 285 -35.37 -9.28 -49.98
C GLU F 285 -35.48 -9.21 -51.51
N ILE F 286 -36.63 -8.74 -52.01
CA ILE F 286 -36.92 -8.61 -53.48
C ILE F 286 -36.20 -7.38 -54.03
N GLY F 287 -35.95 -6.36 -53.20
CA GLY F 287 -35.25 -5.12 -53.59
C GLY F 287 -36.13 -4.22 -54.44
N VAL F 288 -37.42 -4.12 -54.09
CA VAL F 288 -38.42 -3.22 -54.74
C VAL F 288 -39.21 -2.48 -53.64
N ALA F 289 -39.83 -1.36 -54.01
CA ALA F 289 -40.77 -0.57 -53.17
C ALA F 289 -42.20 -1.00 -53.52
N ARG F 290 -42.90 -1.65 -52.58
CA ARG F 290 -44.28 -2.18 -52.77
C ARG F 290 -45.31 -1.05 -52.77
N ARG F 291 -44.94 0.14 -52.29
CA ARG F 291 -45.76 1.38 -52.37
C ARG F 291 -44.92 2.45 -53.09
N PRO F 292 -44.78 2.39 -54.44
CA PRO F 292 -43.92 3.32 -55.16
C PRO F 292 -44.42 4.77 -55.12
N PRO F 293 -43.55 5.77 -55.34
CA PRO F 293 -43.98 7.18 -55.41
C PRO F 293 -45.03 7.47 -56.51
N ASP F 294 -44.94 6.75 -57.64
CA ASP F 294 -45.88 6.88 -58.79
C ASP F 294 -47.29 6.40 -58.38
N SER F 295 -47.37 5.40 -57.49
CA SER F 295 -48.65 4.81 -56.98
C SER F 295 -49.33 5.77 -56.00
N GLU F 296 -50.58 5.44 -55.62
CA GLU F 296 -51.38 6.15 -54.58
C GLU F 296 -51.30 5.40 -53.24
N GLN F 297 -50.51 4.33 -53.16
CA GLN F 297 -50.38 3.44 -51.97
C GLN F 297 -49.29 3.97 -51.03
N ASN F 298 -48.37 4.82 -51.51
CA ASN F 298 -47.30 5.43 -50.67
C ASN F 298 -47.93 6.40 -49.67
N PHE F 299 -47.24 6.66 -48.55
CA PHE F 299 -47.74 7.39 -47.36
C PHE F 299 -48.13 8.83 -47.72
N TYR F 300 -47.25 9.54 -48.45
CA TYR F 300 -47.38 10.99 -48.75
C TYR F 300 -48.58 11.26 -49.68
N SER F 301 -48.91 10.30 -50.55
CA SER F 301 -50.11 10.35 -51.44
C SER F 301 -51.39 10.16 -50.62
N ILE F 302 -51.37 9.24 -49.65
CA ILE F 302 -52.52 8.94 -48.73
C ILE F 302 -52.71 10.10 -47.76
N PHE F 303 -51.62 10.71 -47.27
CA PHE F 303 -51.61 11.72 -46.19
C PHE F 303 -52.21 13.05 -46.69
N LYS F 304 -52.04 13.38 -47.98
CA LYS F 304 -52.58 14.62 -48.61
C LYS F 304 -54.07 14.45 -48.94
N ASN F 305 -54.59 13.22 -48.96
CA ASN F 305 -56.02 12.91 -49.24
C ASN F 305 -56.76 12.57 -47.93
N THR F 306 -56.27 13.07 -46.80
CA THR F 306 -56.76 12.71 -45.42
C THR F 306 -58.16 13.28 -45.18
N GLU F 307 -58.55 14.37 -45.87
CA GLU F 307 -59.92 14.94 -45.83
C GLU F 307 -60.93 13.92 -46.37
N TRP F 308 -60.58 13.26 -47.50
CA TRP F 308 -61.44 12.25 -48.17
C TRP F 308 -61.55 10.97 -47.32
N TYR F 309 -60.49 10.60 -46.58
CA TYR F 309 -60.46 9.42 -45.69
C TYR F 309 -61.22 9.70 -44.38
N LEU F 310 -61.23 10.95 -43.92
CA LEU F 310 -62.00 11.39 -42.71
C LEU F 310 -63.50 11.34 -42.99
N SER F 311 -63.91 11.59 -44.24
CA SER F 311 -65.32 11.50 -44.71
C SER F 311 -65.82 10.05 -44.62
N ALA F 312 -65.01 9.08 -45.04
CA ALA F 312 -65.32 7.64 -45.06
C ALA F 312 -65.37 7.07 -43.63
N LEU F 313 -64.53 7.57 -42.73
CA LEU F 313 -64.46 7.12 -41.30
C LEU F 313 -65.73 7.52 -40.54
N LYS F 314 -66.34 8.67 -40.88
CA LYS F 314 -67.55 9.20 -40.19
C LYS F 314 -68.81 8.44 -40.63
N ASN F 315 -68.75 7.72 -41.76
CA ASN F 315 -69.83 6.82 -42.26
C ASN F 315 -69.60 5.38 -41.79
N CYS F 316 -68.53 5.12 -41.02
CA CYS F 316 -68.12 3.77 -40.57
C CYS F 316 -68.93 3.34 -39.34
N ILE F 317 -69.04 4.22 -38.33
CA ILE F 317 -69.70 3.91 -37.02
C ILE F 317 -71.23 3.81 -37.20
N THR F 318 -71.79 4.48 -38.22
CA THR F 318 -73.25 4.51 -38.51
C THR F 318 -73.72 3.13 -38.98
N ASN F 319 -72.85 2.34 -39.61
CA ASN F 319 -73.12 0.95 -40.08
C ASN F 319 -72.44 -0.04 -39.13
N LYS F 320 -71.10 -0.01 -39.06
CA LYS F 320 -70.22 -0.93 -38.27
C LYS F 320 -70.41 -2.38 -38.75
N ASN F 321 -70.68 -2.57 -40.05
CA ASN F 321 -70.66 -3.87 -40.77
C ASN F 321 -69.57 -3.81 -41.83
N GLU F 322 -69.52 -2.73 -42.62
CA GLU F 322 -68.43 -2.42 -43.57
C GLU F 322 -67.15 -2.10 -42.78
N LYS F 323 -66.02 -2.69 -43.19
CA LYS F 323 -64.70 -2.58 -42.51
C LYS F 323 -64.04 -1.24 -42.85
N ILE F 324 -62.92 -0.93 -42.18
CA ILE F 324 -62.12 0.32 -42.37
C ILE F 324 -61.22 0.10 -43.60
N ASP F 325 -61.04 1.15 -44.41
CA ASP F 325 -60.19 1.15 -45.63
C ASP F 325 -58.76 0.81 -45.23
N PRO F 326 -58.14 -0.26 -45.77
CA PRO F 326 -56.74 -0.60 -45.48
C PRO F 326 -55.70 0.52 -45.66
N ALA F 327 -56.00 1.54 -46.46
CA ALA F 327 -55.19 2.78 -46.62
C ALA F 327 -55.13 3.55 -45.30
N ILE F 328 -56.20 3.50 -44.50
CA ILE F 328 -56.33 4.23 -43.20
C ILE F 328 -55.59 3.44 -42.12
N TYR F 329 -55.63 2.10 -42.16
CA TYR F 329 -54.88 1.21 -41.24
C TYR F 329 -53.37 1.43 -41.44
N TYR F 330 -52.91 1.46 -42.70
CA TYR F 330 -51.51 1.73 -43.08
C TYR F 330 -51.10 3.14 -42.63
N LEU F 331 -51.99 4.12 -42.79
CA LEU F 331 -51.77 5.55 -42.43
C LEU F 331 -51.36 5.64 -40.95
N PHE F 332 -52.15 5.06 -40.05
CA PHE F 332 -51.99 5.17 -38.58
C PHE F 332 -50.83 4.30 -38.07
N SER F 333 -50.39 3.31 -38.86
CA SER F 333 -49.19 2.48 -38.55
C SER F 333 -47.91 3.31 -38.73
N VAL F 334 -47.92 4.29 -39.65
CA VAL F 334 -46.78 5.23 -39.92
C VAL F 334 -46.72 6.28 -38.81
N LEU F 335 -47.87 6.75 -38.32
CA LEU F 335 -47.96 7.77 -37.23
C LEU F 335 -47.53 7.15 -35.89
N ILE F 336 -47.85 5.86 -35.67
CA ILE F 336 -47.39 5.07 -34.48
C ILE F 336 -45.88 4.86 -34.58
N LYS F 337 -45.37 4.57 -35.79
CA LYS F 337 -43.92 4.46 -36.11
C LYS F 337 -43.24 5.82 -35.87
N GLY F 338 -43.93 6.92 -36.16
CA GLY F 338 -43.43 8.30 -36.01
C GLY F 338 -42.58 8.71 -37.20
N GLY F 339 -42.05 9.93 -37.19
CA GLY F 339 -41.20 10.47 -38.27
C GLY F 339 -41.43 11.94 -38.53
N MET F 340 -40.72 12.46 -39.54
CA MET F 340 -40.73 13.87 -40.00
C MET F 340 -41.31 13.91 -41.43
N PHE F 341 -42.58 14.31 -41.57
CA PHE F 341 -43.35 14.25 -42.84
C PHE F 341 -43.56 15.67 -43.37
N GLN F 342 -42.45 16.30 -43.77
CA GLN F 342 -42.34 17.76 -44.06
C GLN F 342 -41.94 17.94 -45.52
N LYS F 343 -42.64 18.84 -46.24
CA LYS F 343 -42.35 19.19 -47.65
C LYS F 343 -41.30 20.31 -47.63
N LYS F 344 -41.73 21.58 -47.70
CA LYS F 344 -40.89 22.81 -47.62
C LYS F 344 -41.78 24.02 -47.94
N ALA F 345 -41.25 25.24 -47.76
CA ALA F 345 -41.85 26.49 -48.28
C ALA F 345 -41.33 26.73 -49.70
N GLU F 346 -42.21 26.71 -50.69
CA GLU F 346 -41.88 26.90 -52.13
C GLU F 346 -41.50 28.37 -52.38
N MET G 1 -29.60 -17.61 -67.71
CA MET G 1 -30.02 -16.88 -66.47
C MET G 1 -28.98 -15.78 -66.16
N GLU G 2 -29.45 -14.55 -65.91
CA GLU G 2 -28.60 -13.36 -65.61
C GLU G 2 -28.41 -13.25 -64.10
N LEU G 3 -27.16 -13.07 -63.65
CA LEU G 3 -26.80 -12.85 -62.21
C LEU G 3 -27.17 -11.42 -61.83
N CYS G 4 -28.13 -11.25 -60.93
CA CYS G 4 -28.61 -9.94 -60.41
C CYS G 4 -27.64 -9.44 -59.33
N ASN G 5 -27.73 -8.15 -58.98
CA ASN G 5 -26.80 -7.44 -58.06
C ASN G 5 -27.05 -7.86 -56.60
N ILE G 6 -28.26 -8.38 -56.29
CA ILE G 6 -28.57 -9.08 -55.01
C ILE G 6 -28.94 -10.53 -55.36
N LEU G 7 -28.15 -11.50 -54.91
CA LEU G 7 -28.47 -12.95 -54.99
C LEU G 7 -27.86 -13.67 -53.79
N LYS G 8 -28.71 -14.06 -52.85
CA LYS G 8 -28.38 -14.48 -51.45
C LYS G 8 -28.95 -15.86 -51.17
N TYR G 9 -28.17 -16.71 -50.49
CA TYR G 9 -28.62 -18.01 -49.91
C TYR G 9 -28.07 -18.16 -48.49
N ASP G 10 -28.96 -18.47 -47.54
CA ASP G 10 -28.59 -18.94 -46.17
C ASP G 10 -28.16 -20.40 -46.26
N ARG G 11 -27.19 -20.82 -45.45
CA ARG G 11 -26.76 -22.25 -45.35
C ARG G 11 -27.90 -23.06 -44.74
N SER G 12 -28.03 -24.33 -45.17
CA SER G 12 -29.09 -25.28 -44.71
C SER G 12 -28.62 -26.06 -43.47
N LEU G 13 -27.32 -26.33 -43.36
CA LEU G 13 -26.71 -27.16 -42.27
C LEU G 13 -26.05 -26.24 -41.23
N TYR G 14 -26.42 -26.39 -39.95
CA TYR G 14 -25.97 -25.57 -38.81
C TYR G 14 -25.33 -26.48 -37.76
N PRO G 15 -24.05 -26.89 -37.94
CA PRO G 15 -23.29 -27.52 -36.86
C PRO G 15 -22.83 -26.46 -35.86
N GLY G 16 -22.80 -26.80 -34.57
CA GLY G 16 -22.22 -25.94 -33.51
C GLY G 16 -20.73 -26.20 -33.35
N LYS G 17 -20.13 -25.68 -32.27
CA LYS G 17 -18.78 -26.08 -31.81
C LYS G 17 -18.81 -27.56 -31.40
N ALA G 18 -17.79 -28.33 -31.80
CA ALA G 18 -17.54 -29.70 -31.31
C ALA G 18 -16.51 -29.62 -30.17
N VAL G 19 -16.86 -30.16 -28.99
CA VAL G 19 -16.12 -30.01 -27.71
C VAL G 19 -15.54 -31.37 -27.31
N PHE G 20 -14.24 -31.44 -27.05
CA PHE G 20 -13.53 -32.65 -26.53
C PHE G 20 -13.60 -32.66 -25.00
N PHE G 21 -14.03 -33.78 -24.41
CA PHE G 21 -14.15 -33.99 -22.95
C PHE G 21 -14.02 -35.48 -22.62
N TYR G 22 -13.86 -35.80 -21.32
CA TYR G 22 -13.92 -37.19 -20.79
C TYR G 22 -14.81 -37.21 -19.54
N LYS G 23 -15.17 -38.42 -19.10
CA LYS G 23 -16.08 -38.69 -17.96
C LYS G 23 -15.28 -39.41 -16.85
N THR G 24 -15.52 -39.01 -15.59
CA THR G 24 -15.02 -39.69 -14.37
C THR G 24 -16.20 -40.40 -13.69
N ALA G 25 -15.97 -41.00 -12.51
CA ALA G 25 -17.01 -41.64 -11.68
C ALA G 25 -17.96 -40.59 -11.10
N ASP G 26 -17.44 -39.42 -10.70
CA ASP G 26 -18.20 -38.33 -10.03
C ASP G 26 -18.80 -37.38 -11.08
N SER G 27 -18.02 -36.98 -12.09
CA SER G 27 -18.39 -35.96 -13.11
C SER G 27 -18.73 -36.63 -14.45
N ASP G 28 -19.76 -36.12 -15.14
CA ASP G 28 -20.26 -36.62 -16.45
C ASP G 28 -19.70 -35.75 -17.60
N PHE G 29 -19.05 -34.62 -17.29
CA PHE G 29 -18.35 -33.73 -18.25
C PHE G 29 -17.10 -33.13 -17.58
N VAL G 30 -15.92 -33.65 -17.92
CA VAL G 30 -14.60 -33.06 -17.53
C VAL G 30 -13.93 -32.57 -18.80
N PRO G 31 -13.71 -31.24 -18.96
CA PRO G 31 -13.16 -30.69 -20.21
C PRO G 31 -11.68 -31.04 -20.42
N LEU G 32 -11.34 -31.48 -21.64
CA LEU G 32 -9.92 -31.72 -22.06
C LEU G 32 -9.25 -30.36 -22.31
N GLU G 33 -8.22 -30.04 -21.51
CA GLU G 33 -7.53 -28.72 -21.51
C GLU G 33 -6.17 -28.86 -22.18
N ALA G 34 -5.69 -27.77 -22.81
CA ALA G 34 -4.36 -27.64 -23.43
C ALA G 34 -3.44 -26.86 -22.50
N ASP G 35 -2.14 -27.15 -22.53
CA ASP G 35 -1.08 -26.46 -21.75
C ASP G 35 0.06 -26.06 -22.70
N ILE G 36 0.70 -24.92 -22.45
CA ILE G 36 1.84 -24.38 -23.26
C ILE G 36 3.12 -25.12 -22.81
N ASN G 37 3.83 -25.73 -23.76
CA ASN G 37 5.14 -26.41 -23.53
C ASN G 37 6.16 -25.84 -24.52
N LYS G 38 7.40 -25.63 -24.05
CA LYS G 38 8.54 -25.10 -24.85
C LYS G 38 9.49 -26.25 -25.18
N ILE G 39 9.67 -26.54 -26.47
CA ILE G 39 10.51 -27.66 -27.01
C ILE G 39 11.56 -27.09 -27.96
N ARG G 40 12.53 -27.91 -28.37
CA ARG G 40 13.60 -27.55 -29.34
C ARG G 40 13.10 -27.83 -30.77
N GLY G 41 13.32 -26.88 -31.68
CA GLY G 41 12.99 -26.97 -33.11
C GLY G 41 14.26 -26.88 -33.97
N PRO G 42 14.71 -27.99 -34.59
CA PRO G 42 15.95 -27.99 -35.37
C PRO G 42 15.77 -27.26 -36.72
N LYS G 43 16.87 -26.76 -37.28
CA LYS G 43 16.91 -26.03 -38.57
C LYS G 43 16.91 -27.08 -39.71
N SER G 44 15.71 -27.45 -40.16
CA SER G 44 15.43 -28.58 -41.08
C SER G 44 14.97 -28.09 -42.46
N GLY G 45 14.51 -26.83 -42.59
CA GLY G 45 13.98 -26.26 -43.84
C GLY G 45 15.05 -26.10 -44.91
N PHE G 46 14.62 -25.89 -46.16
CA PHE G 46 15.49 -25.66 -47.34
C PHE G 46 16.25 -24.32 -47.20
N THR G 47 15.53 -23.27 -46.81
CA THR G 47 16.04 -21.86 -46.75
C THR G 47 17.00 -21.68 -45.57
N GLU G 48 17.01 -22.59 -44.59
CA GLU G 48 17.96 -22.59 -43.44
C GLU G 48 19.40 -22.73 -43.94
N ALA G 49 19.62 -23.48 -45.02
CA ALA G 49 20.95 -23.90 -45.51
C ALA G 49 21.24 -23.39 -46.94
N PHE G 50 20.24 -23.34 -47.83
CA PHE G 50 20.42 -23.14 -49.29
C PHE G 50 19.89 -21.78 -49.75
N THR G 51 20.52 -21.21 -50.79
CA THR G 51 20.02 -20.04 -51.56
C THR G 51 18.99 -20.52 -52.59
N PRO G 52 18.11 -19.64 -53.12
CA PRO G 52 17.17 -20.01 -54.18
C PRO G 52 17.74 -20.63 -55.47
N GLN G 53 19.05 -20.57 -55.71
CA GLN G 53 19.74 -21.16 -56.89
C GLN G 53 20.30 -22.56 -56.55
N PHE G 54 19.92 -23.12 -55.40
CA PHE G 54 20.42 -24.42 -54.86
C PHE G 54 21.95 -24.36 -54.69
N SER G 55 22.42 -23.32 -54.01
CA SER G 55 23.83 -23.15 -53.57
C SER G 55 23.87 -23.01 -52.05
N PRO G 56 24.85 -23.64 -51.36
CA PRO G 56 24.96 -23.52 -49.90
C PRO G 56 25.21 -22.07 -49.44
N LYS G 57 24.50 -21.63 -48.40
CA LYS G 57 24.68 -20.31 -47.74
C LYS G 57 26.02 -20.28 -47.01
N ASN G 58 26.66 -19.11 -46.94
CA ASN G 58 27.95 -18.90 -46.23
C ASN G 58 27.65 -18.64 -44.75
N ILE G 59 27.43 -19.71 -43.99
CA ILE G 59 27.13 -19.69 -42.52
C ILE G 59 28.17 -20.56 -41.80
N SER G 60 28.08 -20.64 -40.46
CA SER G 60 29.00 -21.40 -39.58
C SER G 60 28.85 -22.91 -39.85
N PRO G 61 29.86 -23.75 -39.53
CA PRO G 61 29.67 -25.20 -39.50
C PRO G 61 28.75 -25.68 -38.37
N GLN G 62 28.66 -24.92 -37.27
CA GLN G 62 28.01 -25.33 -36.00
C GLN G 62 26.56 -24.82 -35.89
N ASP G 63 26.16 -23.82 -36.69
CA ASP G 63 24.87 -23.10 -36.51
C ASP G 63 23.70 -23.93 -37.08
N LEU G 64 23.96 -24.95 -37.91
CA LEU G 64 22.92 -25.90 -38.39
C LEU G 64 22.52 -26.87 -37.27
N THR G 65 23.40 -27.08 -36.28
CA THR G 65 23.14 -27.95 -35.09
C THR G 65 22.41 -27.15 -33.99
N HIS G 66 22.26 -25.82 -34.14
CA HIS G 66 21.47 -24.95 -33.22
C HIS G 66 19.97 -25.20 -33.43
N ASN G 67 19.16 -24.86 -32.42
CA ASN G 67 17.72 -25.20 -32.32
C ASN G 67 16.89 -23.95 -32.03
N ASN G 68 15.86 -23.68 -32.84
CA ASN G 68 14.85 -22.62 -32.59
C ASN G 68 14.05 -22.98 -31.33
N ILE G 69 13.68 -21.99 -30.51
CA ILE G 69 12.80 -22.16 -29.33
C ILE G 69 11.34 -22.09 -29.80
N LEU G 70 10.63 -23.23 -29.80
CA LEU G 70 9.20 -23.34 -30.16
C LEU G 70 8.36 -23.22 -28.89
N THR G 71 7.37 -22.34 -28.87
CA THR G 71 6.30 -22.24 -27.84
C THR G 71 5.00 -22.78 -28.47
N LEU G 72 4.60 -23.99 -28.08
CA LEU G 72 3.42 -24.71 -28.64
C LEU G 72 2.44 -25.06 -27.51
N GLU G 73 1.15 -25.15 -27.85
CA GLU G 73 0.08 -25.78 -27.03
C GLU G 73 -0.01 -27.26 -27.41
N GLU G 74 -0.11 -28.13 -26.41
CA GLU G 74 -0.37 -29.59 -26.58
C GLU G 74 -1.61 -29.98 -25.77
N CYS G 75 -2.42 -30.89 -26.30
CA CYS G 75 -3.54 -31.56 -25.60
C CYS G 75 -3.31 -33.07 -25.61
N TYR G 76 -3.04 -33.65 -24.43
CA TYR G 76 -2.91 -35.11 -24.19
C TYR G 76 -4.05 -35.58 -23.30
N VAL G 77 -4.48 -36.83 -23.48
CA VAL G 77 -5.46 -37.52 -22.59
C VAL G 77 -4.76 -37.72 -21.25
N PRO G 78 -5.39 -37.38 -20.09
CA PRO G 78 -4.78 -37.66 -18.79
C PRO G 78 -4.51 -39.15 -18.58
N PRO G 79 -3.47 -39.55 -17.81
CA PRO G 79 -3.14 -40.96 -17.62
C PRO G 79 -4.29 -41.80 -17.05
N ASN G 80 -4.52 -42.99 -17.64
CA ASN G 80 -5.49 -44.03 -17.21
C ASN G 80 -6.94 -43.61 -17.49
N VAL G 81 -7.18 -42.56 -18.28
CA VAL G 81 -8.52 -42.17 -18.80
C VAL G 81 -8.82 -43.10 -19.98
N GLU G 82 -9.90 -43.88 -19.90
CA GLU G 82 -10.21 -45.00 -20.82
C GLU G 82 -10.70 -44.45 -22.17
N HIS G 83 -11.74 -43.60 -22.14
CA HIS G 83 -12.41 -43.03 -23.34
C HIS G 83 -12.35 -41.50 -23.31
N ILE G 84 -12.22 -40.88 -24.47
CA ILE G 84 -12.46 -39.42 -24.72
C ILE G 84 -13.72 -39.28 -25.58
N PHE G 85 -14.45 -38.18 -25.39
CA PHE G 85 -15.72 -37.87 -26.09
C PHE G 85 -15.59 -36.56 -26.87
N CYS G 86 -16.14 -36.53 -28.08
CA CYS G 86 -16.33 -35.33 -28.94
C CYS G 86 -17.80 -35.29 -29.39
N ARG G 87 -18.54 -34.26 -28.99
CA ARG G 87 -19.96 -34.07 -29.39
C ARG G 87 -20.18 -32.66 -29.95
N PHE G 88 -21.08 -32.55 -30.93
CA PHE G 88 -21.64 -31.29 -31.47
C PHE G 88 -23.13 -31.51 -31.77
N SER G 89 -23.88 -30.41 -31.87
CA SER G 89 -25.30 -30.40 -32.31
C SER G 89 -25.37 -29.97 -33.78
N LEU G 90 -26.29 -30.57 -34.53
CA LEU G 90 -26.57 -30.26 -35.96
C LEU G 90 -28.05 -29.92 -36.12
N ARG G 91 -28.35 -28.67 -36.50
CA ARG G 91 -29.70 -28.22 -36.94
C ARG G 91 -29.72 -28.16 -38.47
N VAL G 92 -30.83 -28.56 -39.10
CA VAL G 92 -31.02 -28.53 -40.58
C VAL G 92 -32.28 -27.71 -40.89
N GLN G 93 -32.15 -26.72 -41.78
CA GLN G 93 -33.25 -25.84 -42.26
C GLN G 93 -33.36 -25.95 -43.79
N ALA G 94 -34.54 -25.62 -44.34
CA ALA G 94 -34.86 -25.71 -45.78
C ALA G 94 -34.69 -24.33 -46.44
N ASN G 95 -33.44 -23.94 -46.69
CA ASN G 95 -33.03 -22.59 -47.17
C ASN G 95 -32.56 -22.62 -48.63
N SER G 96 -32.46 -23.80 -49.26
CA SER G 96 -32.03 -23.97 -50.68
C SER G 96 -33.24 -23.96 -51.63
N LEU G 97 -34.47 -23.95 -51.09
CA LEU G 97 -35.73 -23.94 -51.89
C LEU G 97 -35.92 -22.58 -52.55
N VAL G 98 -35.61 -21.49 -51.83
CA VAL G 98 -35.87 -20.08 -52.24
C VAL G 98 -34.65 -19.23 -51.86
N PRO G 99 -34.17 -18.30 -52.73
CA PRO G 99 -33.12 -17.36 -52.35
C PRO G 99 -33.55 -16.43 -51.22
N SER G 100 -32.63 -16.10 -50.31
CA SER G 100 -32.86 -15.17 -49.17
C SER G 100 -33.01 -13.74 -49.70
N GLY G 101 -32.33 -13.42 -50.80
CA GLY G 101 -32.44 -12.13 -51.53
C GLY G 101 -32.28 -12.34 -53.03
N CYS G 102 -33.09 -11.64 -53.83
CA CYS G 102 -33.07 -11.71 -55.33
C CYS G 102 -33.67 -10.43 -55.92
N SER G 103 -32.85 -9.62 -56.61
CA SER G 103 -33.25 -8.35 -57.27
C SER G 103 -34.18 -8.63 -58.45
N ASP G 104 -33.82 -9.60 -59.30
CA ASP G 104 -34.58 -9.97 -60.54
C ASP G 104 -35.71 -10.93 -60.16
N PRO G 105 -37.00 -10.61 -60.46
CA PRO G 105 -38.11 -11.51 -60.15
C PRO G 105 -38.19 -12.75 -61.07
N GLU G 106 -37.70 -12.67 -62.30
CA GLU G 106 -37.68 -13.79 -63.27
C GLU G 106 -36.65 -14.85 -62.84
N VAL G 107 -35.52 -14.41 -62.25
CA VAL G 107 -34.48 -15.29 -61.65
C VAL G 107 -35.08 -16.03 -60.45
N PHE G 108 -35.82 -15.31 -59.60
CA PHE G 108 -36.46 -15.82 -58.35
C PHE G 108 -37.43 -16.96 -58.69
N SER G 109 -38.29 -16.76 -59.70
CA SER G 109 -39.33 -17.72 -60.14
C SER G 109 -38.70 -18.99 -60.75
N LEU G 110 -37.58 -18.84 -61.46
CA LEU G 110 -36.82 -19.95 -62.10
C LEU G 110 -36.19 -20.84 -61.01
N LEU G 111 -35.44 -20.23 -60.09
CA LEU G 111 -34.74 -20.93 -58.98
C LEU G 111 -35.73 -21.64 -58.05
N LYS G 112 -36.91 -21.04 -57.84
CA LYS G 112 -38.03 -21.63 -57.03
C LYS G 112 -38.57 -22.87 -57.74
N GLU G 113 -38.78 -22.79 -59.06
CA GLU G 113 -39.31 -23.90 -59.90
C GLU G 113 -38.27 -25.03 -60.02
N LEU G 114 -36.98 -24.67 -60.16
CA LEU G 114 -35.84 -25.62 -60.24
C LEU G 114 -35.79 -26.49 -58.96
N ALA G 115 -35.87 -25.85 -57.78
CA ALA G 115 -35.81 -26.50 -56.45
C ALA G 115 -36.99 -27.47 -56.26
N GLU G 116 -38.19 -27.07 -56.71
CA GLU G 116 -39.43 -27.89 -56.63
C GLU G 116 -39.31 -29.13 -57.53
N THR G 117 -38.74 -28.97 -58.73
CA THR G 117 -38.55 -30.06 -59.73
C THR G 117 -37.50 -31.06 -59.21
N PHE G 118 -36.36 -30.54 -58.70
CA PHE G 118 -35.24 -31.32 -58.12
C PHE G 118 -35.73 -32.15 -56.93
N LYS G 119 -36.67 -31.60 -56.15
CA LYS G 119 -37.29 -32.24 -54.96
C LYS G 119 -38.15 -33.45 -55.39
N GLU G 120 -38.88 -33.32 -56.50
CA GLU G 120 -39.81 -34.36 -57.03
C GLU G 120 -39.03 -35.46 -57.75
N CYS G 121 -37.84 -35.15 -58.31
CA CYS G 121 -36.90 -36.14 -58.89
C CYS G 121 -36.34 -37.07 -57.81
N GLY G 122 -36.29 -36.62 -56.56
CA GLY G 122 -35.66 -37.31 -55.42
C GLY G 122 -34.18 -37.00 -55.33
N GLY G 123 -33.80 -35.76 -55.64
CA GLY G 123 -32.41 -35.28 -55.69
C GLY G 123 -31.86 -34.93 -54.32
N TYR G 124 -32.72 -34.45 -53.43
CA TYR G 124 -32.38 -34.11 -52.01
C TYR G 124 -32.06 -35.37 -51.21
N LYS G 125 -32.58 -36.54 -51.62
CA LYS G 125 -32.29 -37.86 -50.98
C LYS G 125 -30.82 -38.21 -51.18
N GLU G 126 -30.30 -38.08 -52.41
CA GLU G 126 -28.90 -38.40 -52.78
C GLU G 126 -27.93 -37.51 -51.99
N LEU G 127 -28.21 -36.20 -51.90
CA LEU G 127 -27.37 -35.21 -51.17
C LEU G 127 -27.39 -35.51 -49.66
N ALA G 128 -28.55 -35.86 -49.11
CA ALA G 128 -28.77 -36.16 -47.67
C ALA G 128 -27.99 -37.42 -47.26
N VAL G 129 -27.89 -38.41 -48.15
CA VAL G 129 -27.12 -39.67 -47.93
C VAL G 129 -25.63 -39.33 -47.77
N ARG G 130 -25.10 -38.44 -48.58
CA ARG G 130 -23.66 -38.04 -48.60
C ARG G 130 -23.31 -37.25 -47.33
N TYR G 131 -24.19 -36.34 -46.89
CA TYR G 131 -24.04 -35.58 -45.62
C TYR G 131 -24.10 -36.55 -44.43
N CYS G 132 -25.06 -37.48 -44.46
CA CYS G 132 -25.28 -38.53 -43.42
C CYS G 132 -24.05 -39.46 -43.34
N ARG G 133 -23.51 -39.89 -44.48
CA ARG G 133 -22.38 -40.85 -44.55
C ARG G 133 -21.12 -40.23 -43.91
N ASN G 134 -20.91 -38.92 -44.05
CA ASN G 134 -19.77 -38.19 -43.45
C ASN G 134 -19.87 -38.17 -41.91
N ILE G 135 -21.09 -38.24 -41.36
CA ILE G 135 -21.35 -38.26 -39.88
C ILE G 135 -21.02 -39.65 -39.33
N LEU G 136 -21.40 -40.72 -40.04
CA LEU G 136 -21.33 -42.12 -39.53
C LEU G 136 -19.89 -42.64 -39.56
N ILE G 137 -19.08 -42.27 -40.57
CA ILE G 137 -17.66 -42.73 -40.72
C ILE G 137 -16.72 -41.86 -39.89
N GLY G 138 -17.17 -40.68 -39.43
CA GLY G 138 -16.43 -39.81 -38.50
C GLY G 138 -15.38 -38.95 -39.19
N THR G 139 -15.73 -38.39 -40.36
CA THR G 139 -14.88 -37.46 -41.17
C THR G 139 -14.59 -36.18 -40.38
N TRP G 140 -15.48 -35.83 -39.44
CA TRP G 140 -15.49 -34.56 -38.64
C TRP G 140 -14.48 -34.62 -37.49
N LEU G 141 -13.91 -35.78 -37.17
CA LEU G 141 -12.82 -35.93 -36.17
C LEU G 141 -11.48 -35.53 -36.80
N TRP G 142 -11.39 -35.57 -38.12
CA TRP G 142 -10.31 -35.00 -38.97
C TRP G 142 -9.03 -35.83 -38.77
N ARG G 143 -8.25 -35.57 -37.73
CA ARG G 143 -6.97 -36.30 -37.46
C ARG G 143 -7.10 -37.25 -36.27
N ASN G 144 -8.17 -37.14 -35.48
CA ASN G 144 -8.51 -38.07 -34.37
C ASN G 144 -9.32 -39.26 -34.92
N GLN G 145 -9.72 -39.22 -36.20
CA GLN G 145 -10.53 -40.25 -36.88
C GLN G 145 -9.76 -41.57 -36.92
N ASN G 146 -10.33 -42.63 -36.34
CA ASN G 146 -9.83 -44.04 -36.37
C ASN G 146 -8.46 -44.13 -35.70
N THR G 147 -8.20 -43.31 -34.68
CA THR G 147 -6.99 -43.39 -33.81
C THR G 147 -7.24 -44.40 -32.69
N GLY G 148 -8.52 -44.68 -32.39
CA GLY G 148 -8.98 -45.82 -31.58
C GLY G 148 -10.29 -46.38 -32.11
N ASN G 149 -10.83 -47.40 -31.45
CA ASN G 149 -12.18 -47.95 -31.74
C ASN G 149 -13.22 -46.89 -31.34
N THR G 150 -13.85 -46.25 -32.34
CA THR G 150 -14.77 -45.09 -32.17
C THR G 150 -16.22 -45.56 -32.31
N GLN G 151 -17.06 -45.27 -31.32
CA GLN G 151 -18.53 -45.50 -31.32
C GLN G 151 -19.21 -44.14 -31.49
N ILE G 152 -19.99 -43.96 -32.57
CA ILE G 152 -20.77 -42.71 -32.85
C ILE G 152 -22.24 -42.96 -32.46
N GLU G 153 -22.78 -42.09 -31.60
CA GLU G 153 -24.14 -42.16 -31.02
C GLU G 153 -24.88 -40.87 -31.38
N ILE G 154 -26.06 -41.01 -32.04
CA ILE G 154 -26.84 -39.88 -32.63
C ILE G 154 -28.26 -39.92 -32.05
N LYS G 155 -28.70 -38.84 -31.40
CA LYS G 155 -30.07 -38.65 -30.86
C LYS G 155 -30.76 -37.49 -31.60
N THR G 156 -31.83 -37.75 -32.34
CA THR G 156 -32.57 -36.74 -33.15
C THR G 156 -33.76 -36.22 -32.34
N SER G 157 -34.32 -35.07 -32.75
CA SER G 157 -35.45 -34.37 -32.08
C SER G 157 -36.77 -35.13 -32.31
N LYS G 158 -36.83 -36.04 -33.29
CA LYS G 158 -38.00 -36.95 -33.52
C LYS G 158 -38.12 -37.98 -32.39
N GLY G 159 -37.02 -38.29 -31.69
CA GLY G 159 -36.95 -39.29 -30.61
C GLY G 159 -36.19 -40.54 -31.04
N SER G 160 -35.62 -40.56 -32.25
CA SER G 160 -34.80 -41.67 -32.79
C SER G 160 -33.42 -41.66 -32.12
N CYS G 161 -32.84 -42.85 -31.90
CA CYS G 161 -31.48 -43.06 -31.32
C CYS G 161 -30.70 -44.06 -32.18
N TYR G 162 -29.68 -43.57 -32.90
CA TYR G 162 -28.83 -44.36 -33.83
C TYR G 162 -27.44 -44.57 -33.21
N LEU G 163 -26.86 -45.75 -33.42
CA LEU G 163 -25.56 -46.18 -32.84
C LEU G 163 -24.72 -46.89 -33.91
N ILE G 164 -23.55 -46.33 -34.23
CA ILE G 164 -22.46 -47.00 -35.01
C ILE G 164 -21.47 -47.60 -34.00
N ASP G 165 -21.27 -48.91 -34.04
CA ASP G 165 -20.48 -49.69 -33.04
C ASP G 165 -18.99 -49.35 -33.19
N ASN G 166 -18.47 -49.39 -34.42
CA ASN G 166 -17.04 -49.10 -34.74
C ASN G 166 -16.95 -48.44 -36.12
N THR G 167 -16.32 -47.26 -36.19
CA THR G 167 -16.14 -46.47 -37.45
C THR G 167 -14.96 -47.02 -38.26
N ARG G 168 -14.06 -47.79 -37.63
CA ARG G 168 -12.90 -48.46 -38.30
C ARG G 168 -13.41 -49.49 -39.33
N LYS G 169 -14.58 -50.09 -39.08
CA LYS G 169 -15.22 -51.10 -39.96
C LYS G 169 -15.86 -50.42 -41.18
N LEU G 170 -16.26 -49.15 -41.05
CA LEU G 170 -16.92 -48.35 -42.12
C LEU G 170 -15.88 -47.55 -42.92
N ALA G 171 -16.16 -47.31 -44.20
CA ALA G 171 -15.45 -46.37 -45.10
C ALA G 171 -16.48 -45.73 -46.05
N TRP G 172 -16.05 -44.87 -46.98
CA TRP G 172 -16.97 -44.23 -47.96
C TRP G 172 -17.38 -45.25 -49.04
N GLU G 173 -16.42 -46.06 -49.51
CA GLU G 173 -16.55 -46.94 -50.70
C GLU G 173 -16.85 -48.39 -50.31
N SER G 174 -16.58 -48.79 -49.06
CA SER G 174 -16.66 -50.20 -48.57
C SER G 174 -18.12 -50.68 -48.55
N LYS G 175 -18.31 -52.00 -48.54
CA LYS G 175 -19.64 -52.66 -48.42
C LYS G 175 -20.00 -52.77 -46.94
N TRP G 176 -21.05 -52.04 -46.51
CA TRP G 176 -21.48 -51.90 -45.10
C TRP G 176 -22.28 -53.14 -44.68
N ALA G 177 -22.30 -53.41 -43.37
CA ALA G 177 -23.17 -54.43 -42.73
C ALA G 177 -24.62 -53.98 -42.79
N SER G 178 -25.57 -54.91 -42.66
CA SER G 178 -27.03 -54.70 -42.83
C SER G 178 -27.56 -53.70 -41.79
N ASP G 179 -27.07 -53.76 -40.55
CA ASP G 179 -27.48 -52.87 -39.43
C ASP G 179 -26.99 -51.43 -39.68
N ASP G 180 -25.78 -51.27 -40.22
CA ASP G 180 -25.15 -49.94 -40.50
C ASP G 180 -25.86 -49.27 -41.69
N LEU G 181 -26.26 -50.03 -42.71
CA LEU G 181 -27.03 -49.53 -43.88
C LEU G 181 -28.43 -49.07 -43.44
N LYS G 182 -29.00 -49.71 -42.41
CA LYS G 182 -30.33 -49.36 -41.83
C LYS G 182 -30.24 -48.00 -41.14
N VAL G 183 -29.14 -47.72 -40.44
CA VAL G 183 -28.87 -46.42 -39.75
C VAL G 183 -28.70 -45.32 -40.81
N LEU G 184 -28.00 -45.62 -41.90
CA LEU G 184 -27.77 -44.67 -43.04
C LEU G 184 -29.11 -44.34 -43.71
N GLU G 185 -29.98 -45.35 -43.92
CA GLU G 185 -31.29 -45.21 -44.60
C GLU G 185 -32.22 -44.30 -43.78
N GLU G 186 -32.41 -44.61 -42.50
CA GLU G 186 -33.39 -43.95 -41.60
C GLU G 186 -32.97 -42.50 -41.32
N LEU G 187 -31.68 -42.25 -41.06
CA LEU G 187 -31.15 -40.92 -40.69
C LEU G 187 -31.14 -39.99 -41.92
N SER G 188 -30.89 -40.54 -43.11
CA SER G 188 -30.91 -39.80 -44.41
C SER G 188 -32.32 -39.29 -44.72
N ASN G 189 -33.35 -40.09 -44.40
CA ASN G 189 -34.78 -39.75 -44.60
C ASN G 189 -35.17 -38.57 -43.70
N GLU G 190 -34.62 -38.51 -42.49
CA GLU G 190 -34.88 -37.41 -41.50
C GLU G 190 -34.22 -36.11 -41.98
N ILE G 191 -33.00 -36.18 -42.51
CA ILE G 191 -32.22 -35.02 -43.04
C ILE G 191 -32.90 -34.48 -44.30
N GLU G 192 -33.35 -35.38 -45.20
CA GLU G 192 -34.06 -35.03 -46.46
C GLU G 192 -35.34 -34.25 -46.13
N SER G 193 -36.12 -34.71 -45.15
CA SER G 193 -37.38 -34.07 -44.68
C SER G 193 -37.09 -32.67 -44.12
N ALA G 194 -35.97 -32.50 -43.41
CA ALA G 194 -35.51 -31.22 -42.83
C ALA G 194 -35.01 -30.27 -43.92
N LEU G 195 -34.36 -30.80 -44.97
CA LEU G 195 -33.83 -29.98 -46.10
C LEU G 195 -34.95 -29.44 -47.00
N THR G 196 -36.15 -30.06 -47.00
CA THR G 196 -37.21 -29.85 -48.01
C THR G 196 -38.50 -29.25 -47.42
N ASP G 197 -38.76 -29.40 -46.11
CA ASP G 197 -40.02 -28.95 -45.45
C ASP G 197 -39.70 -27.78 -44.52
N PRO G 198 -40.17 -26.54 -44.81
CA PRO G 198 -39.97 -25.40 -43.91
C PRO G 198 -40.74 -25.48 -42.58
N ASN G 199 -41.80 -26.30 -42.52
CA ASN G 199 -42.69 -26.45 -41.33
C ASN G 199 -42.06 -27.39 -40.29
N VAL G 200 -41.05 -28.18 -40.69
CA VAL G 200 -40.34 -29.16 -39.81
C VAL G 200 -39.19 -28.43 -39.08
N PHE G 201 -39.06 -28.65 -37.77
CA PHE G 201 -37.91 -28.23 -36.93
C PHE G 201 -37.13 -29.47 -36.50
N TRP G 202 -36.01 -29.76 -37.17
CA TRP G 202 -35.18 -30.97 -36.95
C TRP G 202 -33.81 -30.58 -36.39
N SER G 203 -33.37 -31.30 -35.36
CA SER G 203 -32.04 -31.15 -34.71
C SER G 203 -31.53 -32.51 -34.23
N ALA G 204 -30.22 -32.74 -34.30
CA ALA G 204 -29.54 -33.97 -33.85
C ALA G 204 -28.44 -33.62 -32.83
N ASP G 205 -28.17 -34.55 -31.91
CA ASP G 205 -27.06 -34.51 -30.93
C ASP G 205 -26.13 -35.71 -31.21
N ILE G 206 -24.96 -35.44 -31.79
CA ILE G 206 -24.00 -36.46 -32.32
C ILE G 206 -22.80 -36.51 -31.37
N THR G 207 -22.50 -37.68 -30.79
CA THR G 207 -21.37 -37.90 -29.85
C THR G 207 -20.51 -39.07 -30.33
N ALA G 208 -19.20 -38.83 -30.52
CA ALA G 208 -18.17 -39.87 -30.79
C ALA G 208 -17.51 -40.26 -29.47
N LYS G 209 -17.29 -41.56 -29.26
CA LYS G 209 -16.62 -42.16 -28.07
C LYS G 209 -15.41 -42.98 -28.55
N ILE G 210 -14.20 -42.42 -28.40
CA ILE G 210 -12.93 -43.00 -28.93
C ILE G 210 -12.21 -43.70 -27.78
N GLU G 211 -11.84 -44.98 -27.96
CA GLU G 211 -11.00 -45.76 -27.02
C GLU G 211 -9.56 -45.20 -27.06
N ALA G 212 -9.23 -44.34 -26.09
CA ALA G 212 -7.96 -43.58 -26.04
C ALA G 212 -6.80 -44.51 -25.68
N SER G 213 -5.67 -44.38 -26.39
CA SER G 213 -4.35 -44.94 -26.00
C SER G 213 -3.80 -44.14 -24.81
N PHE G 214 -2.78 -44.66 -24.14
CA PHE G 214 -2.21 -44.07 -22.90
C PHE G 214 -1.51 -42.74 -23.24
N CYS G 215 -2.02 -41.63 -22.69
CA CYS G 215 -1.56 -40.23 -22.92
C CYS G 215 -1.47 -39.95 -24.43
N GLN G 216 -2.56 -40.24 -25.14
CA GLN G 216 -2.71 -40.03 -26.61
C GLN G 216 -2.83 -38.52 -26.89
N GLU G 217 -2.28 -38.08 -28.03
CA GLU G 217 -2.34 -36.66 -28.50
C GLU G 217 -3.71 -36.40 -29.13
N ILE G 218 -4.33 -35.27 -28.79
CA ILE G 218 -5.61 -34.77 -29.37
C ILE G 218 -5.26 -33.67 -30.40
N TYR G 219 -6.00 -33.62 -31.51
CA TYR G 219 -5.78 -32.71 -32.65
C TYR G 219 -7.04 -31.85 -32.88
N PRO G 220 -7.24 -30.77 -32.09
CA PRO G 220 -8.39 -29.88 -32.27
C PRO G 220 -8.13 -28.81 -33.35
N SER G 221 -9.03 -27.84 -33.49
CA SER G 221 -8.89 -26.67 -34.40
C SER G 221 -7.76 -25.76 -33.89
N GLN G 222 -6.88 -25.32 -34.80
CA GLN G 222 -5.80 -24.34 -34.54
C GLN G 222 -6.28 -22.96 -35.01
N ILE G 223 -5.89 -21.90 -34.29
CA ILE G 223 -6.29 -20.49 -34.58
C ILE G 223 -5.35 -19.95 -35.67
N LEU G 224 -5.89 -19.18 -36.62
CA LEU G 224 -5.12 -18.54 -37.73
C LEU G 224 -4.48 -17.26 -37.20
N ASN G 225 -3.23 -17.34 -36.75
CA ASN G 225 -2.47 -16.22 -36.12
C ASN G 225 -1.15 -16.00 -36.89
N ASP G 226 -1.11 -14.97 -37.73
CA ASP G 226 0.11 -14.46 -38.42
C ASP G 226 0.86 -13.53 -37.47
N LYS G 227 0.13 -12.64 -36.79
CA LYS G 227 0.66 -11.65 -35.81
C LYS G 227 0.90 -12.37 -34.48
N VAL G 228 2.02 -13.09 -34.36
CA VAL G 228 2.44 -13.82 -33.13
C VAL G 228 3.71 -13.16 -32.60
N LYS G 229 3.71 -12.80 -31.31
CA LYS G 229 4.86 -12.17 -30.61
C LYS G 229 5.86 -13.26 -30.21
N GLN G 230 7.03 -12.86 -29.70
CA GLN G 230 8.18 -13.76 -29.37
C GLN G 230 7.82 -14.67 -28.19
N GLY G 231 7.12 -14.13 -27.19
CA GLY G 231 6.74 -14.85 -25.96
C GLY G 231 5.54 -15.78 -26.15
N GLU G 232 4.58 -15.39 -26.99
CA GLU G 232 3.28 -16.10 -27.20
C GLU G 232 3.51 -17.42 -27.93
N ALA G 233 2.53 -18.32 -27.84
CA ALA G 233 2.54 -19.67 -28.48
C ALA G 233 2.29 -19.51 -29.99
N SER G 234 3.17 -20.07 -30.83
CA SER G 234 3.08 -20.06 -32.31
C SER G 234 1.90 -20.92 -32.76
N LYS G 235 1.64 -22.03 -32.06
CA LYS G 235 0.48 -22.93 -32.26
C LYS G 235 -0.48 -22.77 -31.07
N GLN G 236 -1.68 -22.24 -31.31
CA GLN G 236 -2.76 -22.06 -30.31
C GLN G 236 -3.99 -22.84 -30.77
N PHE G 237 -4.77 -23.37 -29.82
CA PHE G 237 -5.98 -24.20 -30.07
C PHE G 237 -7.25 -23.39 -29.82
N VAL G 238 -8.31 -23.71 -30.57
CA VAL G 238 -9.68 -23.16 -30.40
C VAL G 238 -10.28 -23.81 -29.13
N LYS G 239 -10.81 -22.99 -28.22
CA LYS G 239 -11.31 -23.41 -26.89
C LYS G 239 -12.75 -22.95 -26.69
N ALA G 240 -13.59 -23.83 -26.13
CA ALA G 240 -14.94 -23.53 -25.59
C ALA G 240 -14.81 -23.31 -24.08
N LYS G 241 -15.13 -22.09 -23.61
CA LYS G 241 -15.13 -21.72 -22.17
C LYS G 241 -16.38 -22.30 -21.53
N CYS G 242 -16.23 -23.05 -20.43
CA CYS G 242 -17.34 -23.69 -19.66
C CYS G 242 -17.99 -22.65 -18.74
N ALA G 243 -19.03 -23.05 -18.01
CA ALA G 243 -19.77 -22.21 -17.03
C ALA G 243 -18.81 -21.72 -15.94
N ASP G 244 -17.99 -22.63 -15.40
CA ASP G 244 -16.79 -22.31 -14.58
C ASP G 244 -15.62 -22.03 -15.53
N GLY G 245 -14.60 -21.30 -15.06
CA GLY G 245 -13.48 -20.81 -15.89
C GLY G 245 -12.50 -21.91 -16.30
N ARG G 246 -13.00 -22.97 -16.96
CA ARG G 246 -12.19 -24.06 -17.57
C ARG G 246 -12.48 -24.09 -19.07
N TYR G 247 -11.41 -24.20 -19.88
CA TYR G 247 -11.44 -24.12 -21.36
C TYR G 247 -11.32 -25.53 -21.95
N ALA G 248 -12.42 -26.06 -22.51
CA ALA G 248 -12.45 -27.34 -23.25
C ALA G 248 -11.88 -27.11 -24.66
N VAL G 249 -10.90 -27.93 -25.06
CA VAL G 249 -10.25 -27.85 -26.41
C VAL G 249 -11.29 -28.30 -27.45
N SER G 250 -11.42 -27.56 -28.56
CA SER G 250 -12.63 -27.57 -29.43
C SER G 250 -12.29 -27.53 -30.92
N PHE G 251 -13.25 -27.93 -31.76
CA PHE G 251 -13.29 -27.69 -33.22
C PHE G 251 -14.16 -26.47 -33.52
N ASN G 252 -13.80 -25.71 -34.56
CA ASN G 252 -14.65 -24.63 -35.14
C ASN G 252 -15.89 -25.28 -35.79
N SER G 253 -17.02 -24.58 -35.79
CA SER G 253 -18.27 -25.01 -36.47
C SER G 253 -18.03 -25.11 -37.99
N VAL G 254 -17.25 -24.17 -38.54
CA VAL G 254 -16.85 -24.16 -39.99
C VAL G 254 -15.99 -25.38 -40.31
N LYS G 255 -15.14 -25.82 -39.37
CA LYS G 255 -14.28 -27.03 -39.50
C LYS G 255 -15.19 -28.27 -39.60
N ILE G 256 -16.17 -28.40 -38.69
CA ILE G 256 -17.18 -29.50 -38.70
C ILE G 256 -17.99 -29.42 -40.00
N GLY G 257 -18.44 -28.22 -40.38
CA GLY G 257 -19.19 -27.97 -41.63
C GLY G 257 -18.40 -28.37 -42.87
N ALA G 258 -17.09 -28.14 -42.88
CA ALA G 258 -16.17 -28.50 -43.99
C ALA G 258 -16.08 -30.02 -44.15
N ALA G 259 -16.24 -30.78 -43.06
CA ALA G 259 -16.17 -32.26 -43.03
C ALA G 259 -17.45 -32.88 -43.61
N LEU G 260 -18.62 -32.39 -43.18
CA LEU G 260 -19.95 -32.91 -43.61
C LEU G 260 -20.16 -32.65 -45.10
N GLN G 261 -19.69 -31.51 -45.61
CA GLN G 261 -19.85 -31.06 -47.02
C GLN G 261 -18.63 -31.46 -47.88
N SER G 262 -17.85 -32.47 -47.45
CA SER G 262 -16.78 -33.12 -48.27
C SER G 262 -17.43 -34.25 -49.08
N ILE G 263 -18.26 -33.88 -50.07
CA ILE G 263 -19.14 -34.80 -50.84
C ILE G 263 -18.87 -34.68 -52.36
N ASP G 264 -18.13 -33.67 -52.82
CA ASP G 264 -18.00 -33.31 -54.26
C ASP G 264 -16.94 -34.20 -54.92
N ASP G 265 -17.38 -35.26 -55.61
CA ASP G 265 -16.55 -36.11 -56.50
C ASP G 265 -17.23 -36.23 -57.87
N TRP G 266 -17.93 -35.17 -58.30
CA TRP G 266 -18.62 -35.06 -59.61
C TRP G 266 -17.73 -34.34 -60.64
N TRP G 267 -16.65 -33.68 -60.18
CA TRP G 267 -15.74 -32.83 -60.98
C TRP G 267 -15.04 -33.64 -62.10
N ASP G 268 -14.85 -34.96 -61.91
CA ASP G 268 -14.40 -35.91 -62.96
C ASP G 268 -15.23 -37.19 -62.85
N GLU G 269 -15.36 -37.93 -63.96
CA GLU G 269 -16.22 -39.13 -64.10
C GLU G 269 -15.70 -40.27 -63.21
N ASP G 270 -14.37 -40.45 -63.15
CA ASP G 270 -13.69 -41.48 -62.31
C ASP G 270 -12.90 -40.79 -61.19
N ALA G 271 -13.45 -39.71 -60.62
CA ALA G 271 -12.85 -38.94 -59.49
C ALA G 271 -12.98 -39.77 -58.21
N SER G 272 -11.83 -40.09 -57.58
CA SER G 272 -11.74 -40.89 -56.33
C SER G 272 -11.85 -39.97 -55.12
N LYS G 273 -11.24 -38.78 -55.17
CA LYS G 273 -11.19 -37.80 -54.04
C LYS G 273 -12.49 -37.00 -53.98
N ARG G 274 -12.99 -36.75 -52.77
CA ARG G 274 -14.18 -35.91 -52.48
C ARG G 274 -13.70 -34.56 -51.93
N LEU G 275 -13.97 -33.47 -52.66
CA LEU G 275 -13.58 -32.08 -52.28
C LEU G 275 -14.66 -31.50 -51.36
N ARG G 276 -14.26 -30.56 -50.50
CA ARG G 276 -15.20 -29.66 -49.76
C ARG G 276 -15.89 -28.76 -50.79
N VAL G 277 -17.22 -28.73 -50.77
CA VAL G 277 -18.06 -28.05 -51.82
C VAL G 277 -17.60 -26.59 -51.94
N HIS G 278 -17.03 -26.25 -53.10
CA HIS G 278 -16.46 -24.92 -53.44
C HIS G 278 -16.97 -24.51 -54.81
N GLU G 279 -17.02 -23.20 -55.07
CA GLU G 279 -17.55 -22.62 -56.34
C GLU G 279 -16.59 -22.92 -57.50
N PHE G 280 -15.30 -23.12 -57.21
CA PHE G 280 -14.23 -23.44 -58.20
C PHE G 280 -13.54 -24.78 -57.89
N GLY G 281 -14.06 -25.56 -56.92
CA GLY G 281 -13.55 -26.90 -56.56
C GLY G 281 -12.08 -26.87 -56.15
N ALA G 282 -11.73 -26.05 -55.15
CA ALA G 282 -10.34 -25.81 -54.69
C ALA G 282 -9.80 -27.06 -54.01
N ASP G 283 -8.60 -27.51 -54.41
CA ASP G 283 -7.88 -28.68 -53.85
C ASP G 283 -6.50 -28.18 -53.36
N LYS G 284 -6.40 -27.82 -52.07
CA LYS G 284 -5.21 -27.19 -51.46
C LYS G 284 -4.06 -28.21 -51.32
N GLU G 285 -4.37 -29.51 -51.23
CA GLU G 285 -3.36 -30.60 -51.18
C GLU G 285 -2.54 -30.60 -52.48
N ILE G 286 -3.21 -30.46 -53.63
CA ILE G 286 -2.58 -30.43 -54.98
C ILE G 286 -2.29 -28.97 -55.40
N GLY G 287 -2.99 -28.00 -54.82
CA GLY G 287 -2.87 -26.57 -55.15
C GLY G 287 -3.38 -26.26 -56.55
N VAL G 288 -4.51 -26.87 -56.93
CA VAL G 288 -5.23 -26.61 -58.22
C VAL G 288 -6.73 -26.47 -57.93
N ALA G 289 -7.43 -25.77 -58.83
CA ALA G 289 -8.91 -25.68 -58.88
C ALA G 289 -9.44 -26.75 -59.84
N ARG G 290 -10.20 -27.72 -59.32
CA ARG G 290 -10.74 -28.88 -60.09
C ARG G 290 -11.93 -28.46 -60.95
N ARG G 291 -12.53 -27.30 -60.67
CA ARG G 291 -13.59 -26.66 -61.50
C ARG G 291 -13.12 -25.26 -61.87
N PRO G 292 -12.16 -25.11 -62.82
CA PRO G 292 -11.58 -23.80 -63.12
C PRO G 292 -12.57 -22.85 -63.81
N PRO G 293 -12.33 -21.52 -63.79
CA PRO G 293 -13.17 -20.57 -64.53
C PRO G 293 -13.11 -20.76 -66.05
N ASP G 294 -12.02 -21.33 -66.57
CA ASP G 294 -11.83 -21.68 -68.01
C ASP G 294 -12.88 -22.72 -68.45
N SER G 295 -13.22 -23.67 -67.57
CA SER G 295 -14.14 -24.80 -67.85
C SER G 295 -15.61 -24.37 -67.70
N GLU G 296 -16.54 -25.32 -67.89
CA GLU G 296 -18.00 -25.16 -67.68
C GLU G 296 -18.42 -25.86 -66.36
N GLN G 297 -17.46 -26.39 -65.61
CA GLN G 297 -17.70 -27.20 -64.37
C GLN G 297 -17.87 -26.29 -63.14
N ASN G 298 -17.33 -25.06 -63.17
CA ASN G 298 -17.42 -24.07 -62.06
C ASN G 298 -18.89 -23.66 -61.87
N PHE G 299 -19.23 -23.18 -60.67
CA PHE G 299 -20.61 -22.92 -60.20
C PHE G 299 -21.31 -21.90 -61.10
N TYR G 300 -20.65 -20.77 -61.41
CA TYR G 300 -21.26 -19.60 -62.11
C TYR G 300 -21.60 -19.96 -63.56
N SER G 301 -20.79 -20.80 -64.21
CA SER G 301 -21.02 -21.32 -65.59
C SER G 301 -22.26 -22.23 -65.61
N ILE G 302 -22.45 -23.07 -64.58
CA ILE G 302 -23.61 -23.99 -64.42
C ILE G 302 -24.85 -23.16 -64.05
N PHE G 303 -24.69 -22.15 -63.19
CA PHE G 303 -25.78 -21.29 -62.65
C PHE G 303 -26.31 -20.34 -63.74
N LYS G 304 -25.53 -20.11 -64.81
CA LYS G 304 -25.92 -19.28 -65.97
C LYS G 304 -26.77 -20.10 -66.95
N ASN G 305 -26.65 -21.45 -66.92
CA ASN G 305 -27.37 -22.38 -67.83
C ASN G 305 -28.51 -23.09 -67.08
N THR G 306 -29.17 -22.41 -66.13
CA THR G 306 -30.19 -22.98 -65.21
C THR G 306 -31.41 -23.45 -66.00
N GLU G 307 -31.86 -22.65 -66.99
CA GLU G 307 -33.04 -22.94 -67.85
C GLU G 307 -32.80 -24.23 -68.65
N TRP G 308 -31.56 -24.47 -69.09
CA TRP G 308 -31.15 -25.69 -69.83
C TRP G 308 -31.19 -26.92 -68.91
N TYR G 309 -30.78 -26.76 -67.64
CA TYR G 309 -30.75 -27.85 -66.63
C TYR G 309 -32.15 -28.12 -66.09
N LEU G 310 -33.04 -27.11 -66.05
CA LEU G 310 -34.46 -27.28 -65.65
C LEU G 310 -35.19 -28.17 -66.66
N SER G 311 -34.89 -28.00 -67.96
CA SER G 311 -35.48 -28.78 -69.09
C SER G 311 -35.14 -30.27 -68.95
N ALA G 312 -33.92 -30.59 -68.51
CA ALA G 312 -33.41 -31.96 -68.29
C ALA G 312 -34.10 -32.61 -67.08
N LEU G 313 -34.32 -31.84 -66.00
CA LEU G 313 -35.00 -32.30 -64.76
C LEU G 313 -36.49 -32.60 -65.04
N LYS G 314 -37.10 -31.95 -66.04
CA LYS G 314 -38.53 -32.13 -66.40
C LYS G 314 -38.75 -33.47 -67.11
N ASN G 315 -37.67 -34.17 -67.50
CA ASN G 315 -37.69 -35.56 -68.03
C ASN G 315 -37.49 -36.58 -66.90
N CYS G 316 -37.55 -36.16 -65.63
CA CYS G 316 -37.56 -37.05 -64.43
C CYS G 316 -38.87 -37.84 -64.37
N ILE G 317 -39.98 -37.13 -64.13
CA ILE G 317 -41.21 -37.62 -63.43
C ILE G 317 -41.87 -38.75 -64.22
N THR G 318 -41.85 -38.68 -65.55
CA THR G 318 -42.41 -39.71 -66.47
C THR G 318 -41.42 -40.87 -66.66
N ASN G 319 -40.11 -40.61 -66.56
CA ASN G 319 -39.02 -41.59 -66.86
C ASN G 319 -38.61 -42.31 -65.57
N LYS G 320 -37.94 -41.61 -64.65
CA LYS G 320 -37.61 -42.03 -63.25
C LYS G 320 -36.65 -43.24 -63.21
N ASN G 321 -35.95 -43.56 -64.30
CA ASN G 321 -34.88 -44.61 -64.34
C ASN G 321 -33.53 -43.95 -64.63
N GLU G 322 -33.49 -42.93 -65.50
CA GLU G 322 -32.30 -42.10 -65.79
C GLU G 322 -31.86 -41.35 -64.53
N LYS G 323 -30.55 -41.34 -64.24
CA LYS G 323 -29.94 -40.58 -63.12
C LYS G 323 -30.00 -39.07 -63.42
N ILE G 324 -29.87 -38.25 -62.39
CA ILE G 324 -29.81 -36.75 -62.50
C ILE G 324 -28.38 -36.39 -62.94
N ASP G 325 -28.22 -35.32 -63.72
CA ASP G 325 -26.91 -34.85 -64.24
C ASP G 325 -26.04 -34.44 -63.04
N PRO G 326 -24.77 -34.92 -62.96
CA PRO G 326 -23.86 -34.52 -61.87
C PRO G 326 -23.69 -33.01 -61.66
N ALA G 327 -23.86 -32.21 -62.73
CA ALA G 327 -23.79 -30.73 -62.70
C ALA G 327 -24.89 -30.16 -61.79
N ILE G 328 -26.07 -30.79 -61.78
CA ILE G 328 -27.27 -30.33 -61.02
C ILE G 328 -27.13 -30.76 -59.55
N TYR G 329 -26.52 -31.93 -59.29
CA TYR G 329 -26.18 -32.40 -57.91
C TYR G 329 -25.18 -31.44 -57.28
N TYR G 330 -24.15 -31.03 -58.02
CA TYR G 330 -23.12 -30.05 -57.58
C TYR G 330 -23.78 -28.68 -57.36
N LEU G 331 -24.69 -28.28 -58.25
CA LEU G 331 -25.42 -26.98 -58.17
C LEU G 331 -26.10 -26.83 -56.81
N PHE G 332 -26.91 -27.82 -56.41
CA PHE G 332 -27.76 -27.78 -55.20
C PHE G 332 -26.92 -27.95 -53.93
N SER G 333 -25.72 -28.55 -54.02
CA SER G 333 -24.76 -28.68 -52.89
C SER G 333 -24.19 -27.29 -52.53
N VAL G 334 -24.05 -26.39 -53.51
CA VAL G 334 -23.55 -25.00 -53.32
C VAL G 334 -24.67 -24.14 -52.70
N LEU G 335 -25.93 -24.37 -53.08
CA LEU G 335 -27.11 -23.66 -52.53
C LEU G 335 -27.37 -24.10 -51.08
N ILE G 336 -27.07 -25.36 -50.75
CA ILE G 336 -27.18 -25.91 -49.35
C ILE G 336 -26.06 -25.31 -48.49
N LYS G 337 -24.84 -25.20 -49.05
CA LYS G 337 -23.71 -24.44 -48.44
C LYS G 337 -24.13 -22.97 -48.26
N GLY G 338 -24.82 -22.41 -49.25
CA GLY G 338 -25.24 -20.99 -49.28
C GLY G 338 -24.08 -20.09 -49.68
N GLY G 339 -24.34 -18.81 -49.86
CA GLY G 339 -23.32 -17.83 -50.28
C GLY G 339 -23.91 -16.60 -50.95
N MET G 340 -23.02 -15.67 -51.32
CA MET G 340 -23.34 -14.38 -51.99
C MET G 340 -22.92 -14.50 -53.46
N PHE G 341 -23.88 -14.82 -54.34
CA PHE G 341 -23.65 -15.22 -55.76
C PHE G 341 -24.06 -14.09 -56.70
N GLN G 342 -23.58 -12.86 -56.46
CA GLN G 342 -24.04 -11.64 -57.18
C GLN G 342 -22.94 -11.10 -58.11
N LYS G 343 -23.35 -10.23 -59.03
CA LYS G 343 -22.50 -9.51 -60.01
C LYS G 343 -22.97 -8.05 -60.09
N LYS G 344 -22.06 -7.09 -60.27
CA LYS G 344 -22.38 -5.64 -60.33
C LYS G 344 -23.30 -5.36 -61.52
N ALA G 345 -24.16 -4.35 -61.38
CA ALA G 345 -25.34 -4.03 -62.23
C ALA G 345 -25.13 -4.41 -63.71
N GLU G 346 -23.98 -4.05 -64.30
CA GLU G 346 -23.63 -4.40 -65.71
C GLU G 346 -23.34 -5.90 -65.80
N MET H 1 14.91 -34.49 -59.44
CA MET H 1 13.61 -33.78 -59.68
C MET H 1 13.68 -32.37 -59.08
N GLU H 2 12.68 -31.53 -59.35
CA GLU H 2 12.53 -30.16 -58.80
C GLU H 2 11.62 -30.21 -57.56
N LEU H 3 12.03 -29.53 -56.48
CA LEU H 3 11.23 -29.40 -55.24
C LEU H 3 10.07 -28.43 -55.51
N CYS H 4 8.85 -28.79 -55.09
CA CYS H 4 7.61 -28.00 -55.28
C CYS H 4 7.55 -26.87 -54.25
N ASN H 5 6.58 -25.95 -54.39
CA ASN H 5 6.29 -24.86 -53.42
C ASN H 5 5.39 -25.40 -52.29
N ILE H 6 4.69 -26.51 -52.53
CA ILE H 6 4.00 -27.34 -51.50
C ILE H 6 4.57 -28.76 -51.61
N LEU H 7 5.23 -29.26 -50.55
CA LEU H 7 5.72 -30.66 -50.48
C LEU H 7 5.81 -31.09 -49.00
N LYS H 8 4.70 -31.61 -48.46
CA LYS H 8 4.53 -32.04 -47.06
C LYS H 8 4.58 -33.57 -46.96
N TYR H 9 5.00 -34.06 -45.79
CA TYR H 9 4.77 -35.46 -45.32
C TYR H 9 4.29 -35.41 -43.86
N ASP H 10 3.28 -36.22 -43.53
CA ASP H 10 2.88 -36.55 -42.13
C ASP H 10 3.86 -37.59 -41.59
N ARG H 11 4.20 -37.50 -40.30
CA ARG H 11 5.03 -38.51 -39.58
C ARG H 11 4.26 -39.84 -39.54
N SER H 12 4.99 -40.97 -39.52
CA SER H 12 4.43 -42.34 -39.46
C SER H 12 4.32 -42.83 -38.01
N LEU H 13 5.25 -42.43 -37.14
CA LEU H 13 5.33 -42.89 -35.71
C LEU H 13 4.71 -41.82 -34.79
N TYR H 14 3.79 -42.24 -33.92
CA TYR H 14 3.03 -41.37 -32.97
C TYR H 14 3.19 -41.90 -31.54
N PRO H 15 4.31 -41.58 -30.86
CA PRO H 15 4.42 -41.83 -29.42
C PRO H 15 3.67 -40.73 -28.65
N GLY H 16 3.06 -41.09 -27.51
CA GLY H 16 2.43 -40.13 -26.58
C GLY H 16 3.43 -39.63 -25.56
N LYS H 17 2.94 -38.98 -24.50
CA LYS H 17 3.74 -38.65 -23.29
C LYS H 17 4.12 -39.96 -22.58
N ALA H 18 5.39 -40.10 -22.19
CA ALA H 18 5.88 -41.18 -21.31
C ALA H 18 5.83 -40.68 -19.86
N VAL H 19 5.10 -41.40 -19.00
CA VAL H 19 4.74 -40.97 -17.61
C VAL H 19 5.47 -41.89 -16.60
N PHE H 20 6.21 -41.30 -15.66
CA PHE H 20 6.88 -42.01 -14.53
C PHE H 20 5.90 -42.17 -13.37
N PHE H 21 5.76 -43.38 -12.85
CA PHE H 21 4.88 -43.70 -11.69
C PHE H 21 5.42 -44.92 -10.93
N TYR H 22 4.82 -45.25 -9.79
CA TYR H 22 5.09 -46.50 -9.05
C TYR H 22 3.76 -47.07 -8.52
N LYS H 23 3.80 -48.33 -8.07
CA LYS H 23 2.63 -49.11 -7.57
C LYS H 23 2.83 -49.41 -6.08
N THR H 24 1.74 -49.34 -5.30
CA THR H 24 1.67 -49.76 -3.88
C THR H 24 0.74 -50.98 -3.77
N ALA H 25 0.55 -51.50 -2.55
CA ALA H 25 -0.36 -52.63 -2.24
C ALA H 25 -1.81 -52.25 -2.59
N ASP H 26 -2.19 -50.98 -2.40
CA ASP H 26 -3.57 -50.47 -2.60
C ASP H 26 -3.74 -49.90 -4.01
N SER H 27 -2.80 -49.07 -4.48
CA SER H 27 -2.90 -48.29 -5.75
C SER H 27 -1.97 -48.88 -6.82
N ASP H 28 -2.47 -48.99 -8.05
CA ASP H 28 -1.76 -49.54 -9.25
C ASP H 28 -1.14 -48.39 -10.06
N PHE H 29 -1.46 -47.14 -9.75
CA PHE H 29 -0.85 -45.92 -10.34
C PHE H 29 -0.70 -44.84 -9.27
N VAL H 30 0.51 -44.67 -8.75
CA VAL H 30 0.92 -43.53 -7.88
C VAL H 30 1.93 -42.69 -8.67
N PRO H 31 1.59 -41.43 -9.05
CA PRO H 31 2.48 -40.62 -9.88
C PRO H 31 3.74 -40.15 -9.13
N LEU H 32 4.91 -40.24 -9.78
CA LEU H 32 6.19 -39.70 -9.26
C LEU H 32 6.18 -38.19 -9.43
N GLU H 33 6.28 -37.44 -8.32
CA GLU H 33 6.13 -35.97 -8.26
C GLU H 33 7.50 -35.32 -7.99
N ALA H 34 7.70 -34.09 -8.48
CA ALA H 34 8.89 -33.26 -8.28
C ALA H 34 8.59 -32.18 -7.23
N ASP H 35 9.56 -31.87 -6.37
CA ASP H 35 9.49 -30.79 -5.35
C ASP H 35 10.64 -29.81 -5.61
N ILE H 36 10.36 -28.51 -5.48
CA ILE H 36 11.34 -27.40 -5.71
C ILE H 36 12.30 -27.36 -4.50
N ASN H 37 13.60 -27.57 -4.75
CA ASN H 37 14.68 -27.55 -3.73
C ASN H 37 15.63 -26.38 -4.03
N LYS H 38 16.13 -25.71 -2.98
CA LYS H 38 17.10 -24.60 -3.06
C LYS H 38 18.47 -25.10 -2.59
N ILE H 39 19.44 -25.20 -3.51
CA ILE H 39 20.81 -25.70 -3.25
C ILE H 39 21.83 -24.59 -3.53
N ARG H 40 23.03 -24.73 -2.96
CA ARG H 40 24.14 -23.75 -2.99
C ARG H 40 25.12 -24.16 -4.10
N GLY H 41 25.21 -23.36 -5.17
CA GLY H 41 26.06 -23.60 -6.36
C GLY H 41 27.30 -22.70 -6.37
N PRO H 42 28.53 -23.27 -6.42
CA PRO H 42 29.75 -22.46 -6.44
C PRO H 42 30.05 -21.86 -7.83
N LYS H 43 31.00 -20.91 -7.87
CA LYS H 43 31.45 -20.21 -9.10
C LYS H 43 32.60 -21.02 -9.73
N SER H 44 32.25 -21.91 -10.66
CA SER H 44 33.15 -22.90 -11.31
C SER H 44 33.40 -22.55 -12.79
N GLY H 45 32.72 -21.54 -13.34
CA GLY H 45 32.81 -21.13 -14.75
C GLY H 45 34.18 -20.56 -15.09
N PHE H 46 34.55 -20.62 -16.38
CA PHE H 46 35.80 -20.01 -16.92
C PHE H 46 35.70 -18.48 -16.85
N THR H 47 34.54 -17.92 -17.20
CA THR H 47 34.30 -16.45 -17.31
C THR H 47 34.10 -15.83 -15.92
N GLU H 48 33.93 -16.64 -14.87
CA GLU H 48 33.83 -16.18 -13.46
C GLU H 48 35.15 -15.53 -13.02
N ALA H 49 36.29 -16.01 -13.52
CA ALA H 49 37.65 -15.66 -13.03
C ALA H 49 38.63 -15.26 -14.14
N PHE H 50 38.28 -15.37 -15.43
CA PHE H 50 39.21 -15.13 -16.57
C PHE H 50 38.56 -14.23 -17.63
N THR H 51 39.35 -13.33 -18.22
CA THR H 51 39.01 -12.58 -19.46
C THR H 51 39.21 -13.50 -20.66
N PRO H 52 38.53 -13.26 -21.81
CA PRO H 52 38.74 -14.06 -23.03
C PRO H 52 40.19 -14.18 -23.54
N GLN H 53 41.10 -13.33 -23.07
CA GLN H 53 42.56 -13.35 -23.40
C GLN H 53 43.33 -14.21 -22.37
N PHE H 54 42.63 -14.92 -21.48
CA PHE H 54 43.18 -15.83 -20.44
C PHE H 54 44.03 -15.01 -19.45
N SER H 55 43.50 -13.85 -19.03
CA SER H 55 44.04 -13.00 -17.94
C SER H 55 43.07 -13.05 -16.75
N PRO H 56 43.56 -13.15 -15.49
CA PRO H 56 42.69 -13.10 -14.32
C PRO H 56 41.92 -11.78 -14.21
N LYS H 57 40.59 -11.84 -14.06
CA LYS H 57 39.70 -10.68 -13.86
C LYS H 57 39.98 -10.03 -12.49
N ASN H 58 39.83 -8.71 -12.41
CA ASN H 58 40.06 -7.91 -11.18
C ASN H 58 38.82 -8.03 -10.28
N ILE H 59 38.76 -9.10 -9.47
CA ILE H 59 37.74 -9.33 -8.40
C ILE H 59 38.46 -9.68 -7.09
N SER H 60 37.74 -9.65 -5.97
CA SER H 60 38.27 -9.96 -4.62
C SER H 60 38.62 -11.44 -4.52
N PRO H 61 39.61 -11.85 -3.70
CA PRO H 61 39.85 -13.27 -3.42
C PRO H 61 38.67 -13.99 -2.74
N GLN H 62 37.82 -13.24 -2.02
CA GLN H 62 36.61 -13.74 -1.31
C GLN H 62 35.46 -13.99 -2.29
N ASP H 63 35.51 -13.40 -3.50
CA ASP H 63 34.43 -13.49 -4.52
C ASP H 63 34.32 -14.91 -5.09
N LEU H 64 35.42 -15.67 -5.15
CA LEU H 64 35.42 -17.08 -5.66
C LEU H 64 34.81 -18.02 -4.61
N THR H 65 34.95 -17.70 -3.32
CA THR H 65 34.38 -18.49 -2.18
C THR H 65 32.88 -18.21 -2.05
N HIS H 66 32.40 -17.06 -2.54
CA HIS H 66 30.95 -16.73 -2.67
C HIS H 66 30.31 -17.67 -3.68
N ASN H 67 29.05 -18.06 -3.45
CA ASN H 67 28.37 -19.18 -4.16
C ASN H 67 26.88 -18.86 -4.34
N ASN H 68 26.40 -18.90 -5.60
CA ASN H 68 25.00 -18.55 -6.00
C ASN H 68 24.02 -19.53 -5.39
N ILE H 69 22.76 -19.11 -5.20
CA ILE H 69 21.64 -19.95 -4.70
C ILE H 69 20.78 -20.37 -5.89
N LEU H 70 20.61 -21.68 -6.10
CA LEU H 70 19.94 -22.27 -7.29
C LEU H 70 18.59 -22.87 -6.88
N THR H 71 17.50 -22.39 -7.48
CA THR H 71 16.13 -22.94 -7.34
C THR H 71 15.92 -23.99 -8.44
N LEU H 72 16.02 -25.28 -8.09
CA LEU H 72 15.89 -26.43 -9.03
C LEU H 72 14.71 -27.30 -8.63
N GLU H 73 14.16 -28.07 -9.58
CA GLU H 73 13.20 -29.17 -9.34
C GLU H 73 13.99 -30.48 -9.25
N GLU H 74 13.65 -31.32 -8.26
CA GLU H 74 14.30 -32.63 -7.99
C GLU H 74 13.22 -33.71 -7.94
N CYS H 75 13.45 -34.84 -8.62
CA CYS H 75 12.57 -36.05 -8.59
C CYS H 75 13.38 -37.25 -8.09
N TYR H 76 13.06 -37.71 -6.87
CA TYR H 76 13.65 -38.92 -6.23
C TYR H 76 12.57 -39.97 -6.01
N VAL H 77 12.96 -41.25 -6.04
CA VAL H 77 12.07 -42.41 -5.72
C VAL H 77 11.77 -42.33 -4.21
N PRO H 78 10.50 -42.45 -3.75
CA PRO H 78 10.22 -42.49 -2.32
C PRO H 78 10.93 -43.64 -1.61
N PRO H 79 11.32 -43.49 -0.31
CA PRO H 79 12.01 -44.56 0.42
C PRO H 79 11.26 -45.91 0.44
N ASN H 80 11.98 -47.00 0.18
CA ASN H 80 11.51 -48.41 0.25
C ASN H 80 10.48 -48.70 -0.85
N VAL H 81 10.55 -47.97 -1.98
CA VAL H 81 9.81 -48.29 -3.24
C VAL H 81 10.77 -49.10 -4.13
N GLU H 82 10.42 -50.36 -4.41
CA GLU H 82 11.32 -51.37 -5.03
C GLU H 82 11.50 -51.05 -6.52
N HIS H 83 10.39 -50.86 -7.24
CA HIS H 83 10.35 -50.61 -8.71
C HIS H 83 9.71 -49.25 -9.02
N ILE H 84 10.18 -48.60 -10.09
CA ILE H 84 9.48 -47.46 -10.77
C ILE H 84 9.13 -47.90 -12.20
N PHE H 85 8.07 -47.31 -12.75
CA PHE H 85 7.50 -47.66 -14.08
C PHE H 85 7.45 -46.40 -14.97
N CYS H 86 7.88 -46.56 -16.22
CA CYS H 86 7.74 -45.57 -17.32
C CYS H 86 6.93 -46.21 -18.45
N ARG H 87 5.78 -45.60 -18.78
CA ARG H 87 4.78 -46.13 -19.75
C ARG H 87 4.49 -45.08 -20.81
N PHE H 88 4.46 -45.49 -22.09
CA PHE H 88 3.91 -44.70 -23.23
C PHE H 88 3.25 -45.65 -24.23
N SER H 89 2.30 -45.11 -25.01
CA SER H 89 1.65 -45.78 -26.15
C SER H 89 2.30 -45.30 -27.46
N LEU H 90 2.37 -46.18 -28.45
CA LEU H 90 2.92 -45.89 -29.81
C LEU H 90 1.89 -46.32 -30.85
N ARG H 91 1.43 -45.38 -31.69
CA ARG H 91 0.58 -45.64 -32.88
C ARG H 91 1.45 -45.49 -34.13
N VAL H 92 1.28 -46.36 -35.12
CA VAL H 92 2.05 -46.35 -36.40
C VAL H 92 1.06 -46.26 -37.57
N GLN H 93 1.24 -45.27 -38.46
CA GLN H 93 0.41 -45.03 -39.66
C GLN H 93 1.29 -45.07 -40.91
N ALA H 94 0.70 -45.40 -42.07
CA ALA H 94 1.38 -45.53 -43.37
C ALA H 94 1.30 -44.21 -44.15
N ASN H 95 2.06 -43.20 -43.70
CA ASN H 95 2.01 -41.80 -44.21
C ASN H 95 3.19 -41.50 -45.15
N SER H 96 4.20 -42.38 -45.23
CA SER H 96 5.43 -42.19 -46.05
C SER H 96 5.25 -42.77 -47.46
N LEU H 97 4.12 -43.45 -47.73
CA LEU H 97 3.82 -44.06 -49.05
C LEU H 97 3.53 -42.97 -50.09
N VAL H 98 2.88 -41.88 -49.67
CA VAL H 98 2.39 -40.79 -50.57
C VAL H 98 2.52 -39.45 -49.83
N PRO H 99 2.90 -38.33 -50.49
CA PRO H 99 2.93 -37.02 -49.84
C PRO H 99 1.54 -36.52 -49.41
N SER H 100 1.48 -35.77 -48.30
CA SER H 100 0.26 -35.11 -47.78
C SER H 100 -0.13 -33.95 -48.71
N GLY H 101 0.87 -33.17 -49.16
CA GLY H 101 0.72 -32.09 -50.16
C GLY H 101 1.81 -32.16 -51.21
N CYS H 102 1.48 -31.84 -52.47
CA CYS H 102 2.42 -31.82 -53.62
C CYS H 102 1.81 -31.02 -54.78
N SER H 103 2.47 -29.94 -55.21
CA SER H 103 2.02 -29.05 -56.31
C SER H 103 2.19 -29.75 -57.67
N ASP H 104 3.39 -30.29 -57.93
CA ASP H 104 3.76 -30.90 -59.23
C ASP H 104 3.20 -32.32 -59.29
N PRO H 105 2.29 -32.66 -60.24
CA PRO H 105 1.76 -34.01 -60.35
C PRO H 105 2.75 -35.10 -60.80
N GLU H 106 3.87 -34.72 -61.44
CA GLU H 106 4.94 -35.67 -61.89
C GLU H 106 5.89 -35.98 -60.74
N VAL H 107 6.12 -35.03 -59.83
CA VAL H 107 6.85 -35.25 -58.54
C VAL H 107 6.03 -36.20 -57.67
N PHE H 108 4.71 -36.01 -57.63
CA PHE H 108 3.73 -36.84 -56.86
C PHE H 108 3.76 -38.29 -57.35
N SER H 109 3.83 -38.48 -58.68
CA SER H 109 3.84 -39.82 -59.35
C SER H 109 5.17 -40.55 -59.07
N LEU H 110 6.29 -39.83 -59.09
CA LEU H 110 7.65 -40.38 -58.86
C LEU H 110 7.77 -40.87 -57.41
N LEU H 111 7.37 -40.04 -56.44
CA LEU H 111 7.46 -40.34 -54.98
C LEU H 111 6.53 -41.51 -54.62
N LYS H 112 5.36 -41.61 -55.28
CA LYS H 112 4.40 -42.73 -55.09
C LYS H 112 5.00 -44.03 -55.63
N GLU H 113 5.64 -43.98 -56.80
CA GLU H 113 6.28 -45.14 -57.48
C GLU H 113 7.50 -45.61 -56.67
N LEU H 114 8.31 -44.67 -56.17
CA LEU H 114 9.53 -44.96 -55.37
C LEU H 114 9.17 -45.76 -54.10
N ALA H 115 8.13 -45.31 -53.37
CA ALA H 115 7.66 -45.92 -52.11
C ALA H 115 7.14 -47.34 -52.36
N GLU H 116 6.45 -47.56 -53.49
CA GLU H 116 5.94 -48.90 -53.92
C GLU H 116 7.10 -49.85 -54.18
N THR H 117 8.14 -49.38 -54.89
CA THR H 117 9.36 -50.16 -55.24
C THR H 117 10.16 -50.50 -53.98
N PHE H 118 10.34 -49.52 -53.09
CA PHE H 118 11.08 -49.64 -51.80
C PHE H 118 10.41 -50.69 -50.90
N LYS H 119 9.07 -50.75 -50.93
CA LYS H 119 8.23 -51.72 -50.16
C LYS H 119 8.48 -53.15 -50.66
N GLU H 120 8.53 -53.35 -51.98
CA GLU H 120 8.68 -54.69 -52.63
C GLU H 120 10.09 -55.23 -52.45
N CYS H 121 11.10 -54.36 -52.28
CA CYS H 121 12.52 -54.73 -52.01
C CYS H 121 12.72 -55.12 -50.53
N GLY H 122 11.72 -54.90 -49.68
CA GLY H 122 11.79 -55.16 -48.23
C GLY H 122 12.58 -54.09 -47.50
N GLY H 123 12.54 -52.85 -48.00
CA GLY H 123 13.25 -51.69 -47.43
C GLY H 123 12.64 -51.26 -46.10
N TYR H 124 11.33 -51.37 -45.97
CA TYR H 124 10.56 -51.00 -44.74
C TYR H 124 10.86 -51.99 -43.61
N LYS H 125 11.26 -53.23 -43.93
CA LYS H 125 11.62 -54.28 -42.93
C LYS H 125 12.87 -53.83 -42.15
N GLU H 126 13.89 -53.33 -42.86
CA GLU H 126 15.18 -52.87 -42.27
C GLU H 126 14.92 -51.70 -41.31
N LEU H 127 14.15 -50.70 -41.74
CA LEU H 127 13.80 -49.49 -40.93
C LEU H 127 12.99 -49.91 -39.70
N ALA H 128 12.06 -50.87 -39.84
CA ALA H 128 11.18 -51.39 -38.77
C ALA H 128 12.01 -52.09 -37.69
N VAL H 129 13.09 -52.79 -38.07
CA VAL H 129 14.02 -53.50 -37.15
C VAL H 129 14.76 -52.46 -36.28
N ARG H 130 15.20 -51.36 -36.87
CA ARG H 130 16.00 -50.29 -36.18
C ARG H 130 15.12 -49.53 -35.18
N TYR H 131 13.87 -49.22 -35.55
CA TYR H 131 12.85 -48.57 -34.68
C TYR H 131 12.50 -49.50 -33.52
N CYS H 132 12.31 -50.80 -33.81
CA CYS H 132 11.97 -51.86 -32.83
C CYS H 132 13.14 -52.08 -31.87
N ARG H 133 14.37 -52.11 -32.37
CA ARG H 133 15.61 -52.36 -31.55
C ARG H 133 15.77 -51.26 -30.50
N ASN H 134 15.45 -50.00 -30.85
CA ASN H 134 15.51 -48.83 -29.93
C ASN H 134 14.51 -49.02 -28.78
N ILE H 135 13.34 -49.62 -29.04
CA ILE H 135 12.29 -49.88 -28.00
C ILE H 135 12.82 -50.95 -27.01
N LEU H 136 13.45 -52.02 -27.51
CA LEU H 136 13.82 -53.21 -26.71
C LEU H 136 15.03 -52.93 -25.81
N ILE H 137 16.02 -52.15 -26.27
CA ILE H 137 17.24 -51.80 -25.48
C ILE H 137 16.94 -50.63 -24.52
N GLY H 138 15.82 -49.93 -24.71
CA GLY H 138 15.33 -48.88 -23.79
C GLY H 138 16.12 -47.59 -23.89
N THR H 139 16.42 -47.14 -25.12
CA THR H 139 17.15 -45.88 -25.41
C THR H 139 16.25 -44.67 -25.07
N TRP H 140 14.94 -44.87 -25.01
CA TRP H 140 13.90 -43.83 -24.72
C TRP H 140 13.85 -43.46 -23.24
N LEU H 141 14.58 -44.17 -22.37
CA LEU H 141 14.75 -43.80 -20.93
C LEU H 141 15.86 -42.75 -20.79
N TRP H 142 16.72 -42.62 -21.80
CA TRP H 142 17.68 -41.51 -22.01
C TRP H 142 18.79 -41.56 -20.95
N ARG H 143 18.54 -41.08 -19.73
CA ARG H 143 19.54 -41.09 -18.62
C ARG H 143 19.15 -42.08 -17.52
N ASN H 144 17.92 -42.61 -17.55
CA ASN H 144 17.44 -43.66 -16.61
C ASN H 144 17.76 -45.05 -17.18
N GLN H 145 18.27 -45.12 -18.42
CA GLN H 145 18.61 -46.39 -19.13
C GLN H 145 19.74 -47.11 -18.39
N ASN H 146 19.47 -48.34 -17.94
CA ASN H 146 20.45 -49.27 -17.29
C ASN H 146 20.97 -48.67 -15.99
N THR H 147 20.14 -47.91 -15.26
CA THR H 147 20.40 -47.41 -13.89
C THR H 147 19.97 -48.48 -12.87
N GLY H 148 19.10 -49.39 -13.28
CA GLY H 148 18.82 -50.67 -12.59
C GLY H 148 18.53 -51.78 -13.58
N ASN H 149 18.18 -52.97 -13.10
CA ASN H 149 17.70 -54.10 -13.93
C ASN H 149 16.31 -53.73 -14.47
N THR H 150 16.22 -53.43 -15.77
CA THR H 150 15.01 -52.91 -16.45
C THR H 150 14.35 -54.03 -17.25
N GLN H 151 13.06 -54.30 -16.98
CA GLN H 151 12.20 -55.24 -17.75
C GLN H 151 11.24 -54.41 -18.62
N ILE H 152 11.31 -54.57 -19.95
CA ILE H 152 10.41 -53.87 -20.93
C ILE H 152 9.33 -54.87 -21.39
N GLU H 153 8.06 -54.47 -21.23
CA GLU H 153 6.84 -55.24 -21.61
C GLU H 153 6.06 -54.45 -22.66
N ILE H 154 5.70 -55.11 -23.77
CA ILE H 154 5.01 -54.52 -24.96
C ILE H 154 3.74 -55.32 -25.25
N LYS H 155 2.56 -54.67 -25.14
CA LYS H 155 1.23 -55.22 -25.50
C LYS H 155 0.74 -54.51 -26.77
N THR H 156 0.64 -55.24 -27.89
CA THR H 156 0.20 -54.69 -29.20
C THR H 156 -1.32 -54.86 -29.33
N SER H 157 -1.92 -54.15 -30.31
CA SER H 157 -3.39 -54.14 -30.57
C SER H 157 -3.86 -55.46 -31.19
N LYS H 158 -2.94 -56.24 -31.80
CA LYS H 158 -3.20 -57.59 -32.37
C LYS H 158 -3.56 -58.59 -31.25
N GLY H 159 -3.06 -58.36 -30.03
CA GLY H 159 -3.22 -59.26 -28.87
C GLY H 159 -1.91 -59.89 -28.43
N SER H 160 -0.79 -59.57 -29.11
CA SER H 160 0.57 -60.05 -28.79
C SER H 160 1.07 -59.39 -27.49
N CYS H 161 1.85 -60.12 -26.69
CA CYS H 161 2.50 -59.64 -25.44
C CYS H 161 3.97 -60.09 -25.44
N TYR H 162 4.90 -59.14 -25.64
CA TYR H 162 6.37 -59.38 -25.68
C TYR H 162 6.98 -58.95 -24.34
N LEU H 163 8.10 -59.57 -23.96
CA LEU H 163 8.81 -59.30 -22.67
C LEU H 163 10.32 -59.41 -22.88
N ILE H 164 11.05 -58.33 -22.58
CA ILE H 164 12.53 -58.30 -22.39
C ILE H 164 12.79 -58.37 -20.88
N ASP H 165 13.55 -59.38 -20.43
CA ASP H 165 13.78 -59.68 -18.99
C ASP H 165 14.72 -58.64 -18.37
N ASN H 166 15.81 -58.29 -19.07
CA ASN H 166 16.81 -57.29 -18.61
C ASN H 166 17.41 -56.59 -19.85
N THR H 167 17.36 -55.25 -19.88
CA THR H 167 17.91 -54.41 -20.98
C THR H 167 19.43 -54.26 -20.83
N ARG H 168 19.98 -54.51 -19.64
CA ARG H 168 21.44 -54.45 -19.34
C ARG H 168 22.20 -55.52 -20.15
N LYS H 169 21.54 -56.64 -20.48
CA LYS H 169 22.13 -57.77 -21.26
C LYS H 169 22.18 -57.39 -22.75
N LEU H 170 21.27 -56.53 -23.21
CA LEU H 170 21.14 -56.11 -24.64
C LEU H 170 21.97 -54.84 -24.90
N ALA H 171 22.40 -54.66 -26.15
CA ALA H 171 23.03 -53.44 -26.71
C ALA H 171 22.56 -53.30 -28.17
N TRP H 172 23.17 -52.41 -28.95
CA TRP H 172 22.90 -52.28 -30.41
C TRP H 172 23.68 -53.36 -31.18
N GLU H 173 24.98 -53.51 -30.89
CA GLU H 173 25.94 -54.33 -31.67
C GLU H 173 26.13 -55.72 -31.05
N SER H 174 25.67 -55.95 -29.82
CA SER H 174 25.90 -57.20 -29.04
C SER H 174 25.17 -58.38 -29.69
N LYS H 175 25.65 -59.60 -29.42
CA LYS H 175 25.03 -60.89 -29.83
C LYS H 175 23.89 -61.20 -28.85
N TRP H 176 22.64 -61.12 -29.32
CA TRP H 176 21.42 -61.34 -28.50
C TRP H 176 21.16 -62.84 -28.32
N ALA H 177 20.40 -63.22 -27.30
CA ALA H 177 19.88 -64.58 -27.08
C ALA H 177 18.77 -64.86 -28.11
N SER H 178 18.45 -66.13 -28.34
CA SER H 178 17.49 -66.61 -29.38
C SER H 178 16.07 -66.14 -29.07
N ASP H 179 15.70 -66.08 -27.77
CA ASP H 179 14.35 -65.67 -27.31
C ASP H 179 14.15 -64.16 -27.52
N ASP H 180 15.20 -63.35 -27.33
CA ASP H 180 15.18 -61.87 -27.53
C ASP H 180 15.13 -61.55 -29.03
N LEU H 181 15.84 -62.32 -29.87
CA LEU H 181 15.83 -62.17 -31.36
C LEU H 181 14.47 -62.56 -31.93
N LYS H 182 13.72 -63.44 -31.26
CA LYS H 182 12.33 -63.80 -31.63
C LYS H 182 11.40 -62.60 -31.38
N VAL H 183 11.62 -61.87 -30.28
CA VAL H 183 10.85 -60.64 -29.92
C VAL H 183 11.14 -59.54 -30.96
N LEU H 184 12.41 -59.39 -31.36
CA LEU H 184 12.84 -58.39 -32.38
C LEU H 184 12.26 -58.75 -33.75
N GLU H 185 12.18 -60.05 -34.09
CA GLU H 185 11.66 -60.56 -35.38
C GLU H 185 10.14 -60.31 -35.45
N GLU H 186 9.41 -60.76 -34.43
CA GLU H 186 7.91 -60.76 -34.39
C GLU H 186 7.37 -59.33 -34.36
N LEU H 187 7.93 -58.47 -33.49
CA LEU H 187 7.45 -57.08 -33.27
C LEU H 187 7.77 -56.19 -34.49
N SER H 188 8.91 -56.42 -35.16
CA SER H 188 9.35 -55.68 -36.38
C SER H 188 8.42 -55.96 -37.56
N ASN H 189 7.87 -57.18 -37.65
CA ASN H 189 6.89 -57.60 -38.70
C ASN H 189 5.58 -56.84 -38.52
N GLU H 190 5.19 -56.54 -37.28
CA GLU H 190 3.94 -55.79 -36.94
C GLU H 190 4.11 -54.32 -37.29
N ILE H 191 5.31 -53.74 -37.04
CA ILE H 191 5.63 -52.31 -37.31
C ILE H 191 5.72 -52.10 -38.83
N GLU H 192 6.41 -53.00 -39.55
CA GLU H 192 6.56 -52.97 -41.03
C GLU H 192 5.18 -53.00 -41.69
N SER H 193 4.31 -53.90 -41.24
CA SER H 193 2.91 -54.07 -41.72
C SER H 193 2.11 -52.79 -41.50
N ALA H 194 2.34 -52.11 -40.37
CA ALA H 194 1.68 -50.83 -39.99
C ALA H 194 2.24 -49.66 -40.81
N LEU H 195 3.54 -49.69 -41.14
CA LEU H 195 4.21 -48.62 -41.93
C LEU H 195 3.75 -48.63 -43.40
N THR H 196 3.23 -49.75 -43.91
CA THR H 196 3.03 -50.01 -45.37
C THR H 196 1.56 -50.25 -45.75
N ASP H 197 0.67 -50.53 -44.79
CA ASP H 197 -0.76 -50.88 -45.05
C ASP H 197 -1.67 -49.78 -44.47
N PRO H 198 -2.34 -48.95 -45.30
CA PRO H 198 -3.30 -47.97 -44.80
C PRO H 198 -4.56 -48.55 -44.14
N ASN H 199 -4.93 -49.79 -44.50
CA ASN H 199 -6.16 -50.48 -44.00
C ASN H 199 -5.94 -51.00 -42.57
N VAL H 200 -4.68 -51.13 -42.13
CA VAL H 200 -4.29 -51.65 -40.78
C VAL H 200 -4.29 -50.47 -39.78
N PHE H 201 -4.88 -50.69 -38.60
CA PHE H 201 -4.80 -49.79 -37.42
C PHE H 201 -4.03 -50.50 -36.31
N TRP H 202 -2.76 -50.12 -36.13
CA TRP H 202 -1.81 -50.76 -35.18
C TRP H 202 -1.41 -49.75 -34.08
N SER H 203 -1.41 -50.22 -32.83
CA SER H 203 -0.93 -49.47 -31.63
C SER H 203 -0.33 -50.44 -30.61
N ALA H 204 0.69 -49.99 -29.87
CA ALA H 204 1.37 -50.75 -28.81
C ALA H 204 1.34 -49.94 -27.50
N ASP H 205 1.28 -50.66 -26.37
CA ASP H 205 1.40 -50.12 -24.98
C ASP H 205 2.72 -50.63 -24.40
N ILE H 206 3.71 -49.74 -24.26
CA ILE H 206 5.13 -50.07 -23.91
C ILE H 206 5.39 -49.59 -22.49
N THR H 207 5.74 -50.52 -21.57
CA THR H 207 6.02 -50.24 -20.14
C THR H 207 7.41 -50.76 -19.78
N ALA H 208 8.26 -49.90 -19.19
CA ALA H 208 9.57 -50.25 -18.58
C ALA H 208 9.38 -50.36 -17.06
N LYS H 209 9.97 -51.41 -16.45
CA LYS H 209 9.98 -51.66 -14.98
C LYS H 209 11.44 -51.71 -14.52
N ILE H 210 11.88 -50.69 -13.79
CA ILE H 210 13.29 -50.47 -13.36
C ILE H 210 13.39 -50.78 -11.87
N GLU H 211 14.29 -51.69 -11.47
CA GLU H 211 14.65 -51.98 -10.05
C GLU H 211 15.37 -50.76 -9.47
N ALA H 212 14.70 -49.98 -8.62
CA ALA H 212 15.17 -48.67 -8.12
C ALA H 212 16.15 -48.88 -6.95
N SER H 213 17.25 -48.12 -6.94
CA SER H 213 18.15 -47.93 -5.77
C SER H 213 17.45 -47.03 -4.75
N PHE H 214 17.89 -47.06 -3.49
CA PHE H 214 17.27 -46.32 -2.36
C PHE H 214 17.33 -44.81 -2.63
N CYS H 215 16.17 -44.19 -2.84
CA CYS H 215 15.98 -42.75 -3.13
C CYS H 215 16.86 -42.34 -4.32
N GLN H 216 16.77 -43.10 -5.41
CA GLN H 216 17.48 -42.85 -6.69
C GLN H 216 16.91 -41.59 -7.36
N GLU H 217 17.76 -40.82 -8.03
CA GLU H 217 17.36 -39.61 -8.81
C GLU H 217 16.76 -40.05 -10.15
N ILE H 218 15.64 -39.45 -10.55
CA ILE H 218 14.93 -39.67 -11.85
C ILE H 218 15.21 -38.46 -12.75
N TYR H 219 15.40 -38.71 -14.05
CA TYR H 219 15.78 -37.70 -15.08
C TYR H 219 14.70 -37.63 -16.16
N PRO H 220 13.63 -36.84 -15.95
CA PRO H 220 12.60 -36.64 -16.98
C PRO H 220 12.97 -35.50 -17.95
N SER H 221 12.04 -35.13 -18.84
CA SER H 221 12.19 -33.99 -19.78
C SER H 221 12.19 -32.67 -19.02
N GLN H 222 13.14 -31.79 -19.31
CA GLN H 222 13.24 -30.41 -18.77
C GLN H 222 12.60 -29.43 -19.78
N ILE H 223 11.87 -28.42 -19.28
CA ILE H 223 11.21 -27.40 -20.16
C ILE H 223 12.29 -26.42 -20.63
N LEU H 224 12.11 -25.84 -21.82
CA LEU H 224 13.06 -24.88 -22.44
C LEU H 224 12.73 -23.46 -21.92
N ASN H 225 13.49 -22.99 -20.92
CA ASN H 225 13.36 -21.62 -20.33
C ASN H 225 14.54 -20.77 -20.83
N ASP H 226 14.26 -19.75 -21.64
CA ASP H 226 15.25 -18.77 -22.16
C ASP H 226 15.68 -17.84 -21.02
N LYS H 227 14.71 -17.35 -20.24
CA LYS H 227 14.92 -16.56 -19.00
C LYS H 227 13.79 -16.85 -18.00
N VAL H 228 14.07 -16.78 -16.70
CA VAL H 228 13.12 -17.07 -15.59
C VAL H 228 13.08 -15.89 -14.62
N LYS H 229 12.02 -15.81 -13.82
CA LYS H 229 11.87 -14.88 -12.66
C LYS H 229 12.86 -15.32 -11.56
N GLN H 230 13.28 -14.38 -10.71
CA GLN H 230 14.21 -14.62 -9.57
C GLN H 230 13.58 -15.62 -8.59
N GLY H 231 12.25 -15.58 -8.42
CA GLY H 231 11.46 -16.53 -7.62
C GLY H 231 11.30 -17.88 -8.31
N GLU H 232 11.13 -17.88 -9.64
CA GLU H 232 10.91 -19.10 -10.48
C GLU H 232 12.13 -20.03 -10.40
N ALA H 233 11.91 -21.34 -10.58
CA ALA H 233 12.96 -22.37 -10.63
C ALA H 233 13.65 -22.34 -12.00
N SER H 234 14.99 -22.31 -12.01
CA SER H 234 15.83 -22.23 -13.24
C SER H 234 15.74 -23.55 -14.03
N LYS H 235 15.45 -24.66 -13.35
CA LYS H 235 15.31 -26.02 -13.94
C LYS H 235 13.95 -26.59 -13.52
N GLN H 236 13.02 -26.72 -14.47
CA GLN H 236 11.65 -27.27 -14.27
C GLN H 236 11.47 -28.52 -15.15
N PHE H 237 10.61 -29.44 -14.72
CA PHE H 237 10.34 -30.74 -15.40
C PHE H 237 8.98 -30.69 -16.12
N VAL H 238 8.87 -31.45 -17.21
CA VAL H 238 7.60 -31.68 -17.96
C VAL H 238 6.73 -32.62 -17.12
N LYS H 239 5.46 -32.23 -16.89
CA LYS H 239 4.51 -32.95 -15.99
C LYS H 239 3.23 -33.28 -16.75
N ALA H 240 2.71 -34.49 -16.53
CA ALA H 240 1.37 -34.96 -16.99
C ALA H 240 0.40 -34.87 -15.81
N LYS H 241 -0.63 -34.03 -15.92
CA LYS H 241 -1.67 -33.84 -14.87
C LYS H 241 -2.66 -35.01 -14.92
N CYS H 242 -2.92 -35.64 -13.77
CA CYS H 242 -3.82 -36.80 -13.61
C CYS H 242 -5.27 -36.31 -13.47
N ALA H 243 -6.23 -37.25 -13.36
CA ALA H 243 -7.68 -36.98 -13.16
C ALA H 243 -7.87 -36.18 -11.87
N ASP H 244 -7.27 -36.65 -10.78
CA ASP H 244 -7.08 -35.88 -9.52
C ASP H 244 -5.90 -34.92 -9.70
N GLY H 245 -5.88 -33.80 -8.98
CA GLY H 245 -4.87 -32.73 -9.13
C GLY H 245 -3.51 -33.14 -8.59
N ARG H 246 -2.85 -34.10 -9.25
CA ARG H 246 -1.45 -34.53 -8.99
C ARG H 246 -0.71 -34.61 -10.32
N TYR H 247 0.57 -34.22 -10.31
CA TYR H 247 1.45 -34.09 -11.51
C TYR H 247 2.49 -35.21 -11.53
N ALA H 248 2.32 -36.17 -12.44
CA ALA H 248 3.32 -37.23 -12.74
C ALA H 248 4.43 -36.61 -13.59
N VAL H 249 5.69 -36.79 -13.19
CA VAL H 249 6.89 -36.27 -13.92
C VAL H 249 7.04 -37.10 -15.20
N SER H 250 7.32 -36.46 -16.34
CA SER H 250 7.05 -37.00 -17.69
C SER H 250 8.17 -36.70 -18.69
N PHE H 251 8.27 -37.51 -19.75
CA PHE H 251 9.03 -37.23 -20.99
C PHE H 251 8.08 -36.61 -22.02
N ASN H 252 8.58 -35.66 -22.82
CA ASN H 252 7.89 -35.11 -24.02
C ASN H 252 7.72 -36.23 -25.05
N SER H 253 6.64 -36.17 -25.84
CA SER H 253 6.37 -37.12 -26.95
C SER H 253 7.48 -37.03 -28.01
N VAL H 254 7.95 -35.81 -28.29
CA VAL H 254 9.07 -35.53 -29.25
C VAL H 254 10.39 -36.12 -28.70
N LYS H 255 10.59 -36.09 -27.38
CA LYS H 255 11.78 -36.68 -26.70
C LYS H 255 11.79 -38.20 -26.95
N ILE H 256 10.67 -38.88 -26.71
CA ILE H 256 10.48 -40.33 -26.97
C ILE H 256 10.69 -40.60 -28.47
N GLY H 257 10.09 -39.75 -29.33
CA GLY H 257 10.21 -39.83 -30.80
C GLY H 257 11.65 -39.72 -31.27
N ALA H 258 12.43 -38.83 -30.66
CA ALA H 258 13.86 -38.58 -30.97
C ALA H 258 14.71 -39.83 -30.65
N ALA H 259 14.31 -40.59 -29.62
CA ALA H 259 15.02 -41.81 -29.14
C ALA H 259 14.79 -42.96 -30.12
N LEU H 260 13.53 -43.20 -30.53
CA LEU H 260 13.14 -44.29 -31.46
C LEU H 260 13.80 -44.08 -32.83
N GLN H 261 13.92 -42.82 -33.28
CA GLN H 261 14.47 -42.44 -34.60
C GLN H 261 15.97 -42.12 -34.51
N SER H 262 16.67 -42.64 -33.49
CA SER H 262 18.16 -42.61 -33.38
C SER H 262 18.74 -43.83 -34.11
N ILE H 263 18.60 -43.86 -35.45
CA ILE H 263 18.90 -45.04 -36.32
C ILE H 263 19.96 -44.71 -37.39
N ASP H 264 20.30 -43.43 -37.60
CA ASP H 264 21.11 -42.97 -38.75
C ASP H 264 22.60 -43.19 -38.47
N ASP H 265 23.16 -44.28 -39.00
CA ASP H 265 24.62 -44.57 -39.06
C ASP H 265 25.02 -44.90 -40.51
N TRP H 266 24.32 -44.33 -41.49
CA TRP H 266 24.60 -44.49 -42.95
C TRP H 266 25.48 -43.34 -43.44
N TRP H 267 25.67 -42.29 -42.64
CA TRP H 267 26.42 -41.05 -42.98
C TRP H 267 27.91 -41.34 -43.20
N ASP H 268 28.44 -42.44 -42.65
CA ASP H 268 29.81 -42.95 -42.94
C ASP H 268 29.77 -44.48 -43.00
N GLU H 269 30.74 -45.07 -43.73
CA GLU H 269 30.90 -46.54 -43.90
C GLU H 269 31.43 -47.16 -42.59
N ASP H 270 32.18 -46.39 -41.80
CA ASP H 270 32.71 -46.80 -40.46
C ASP H 270 32.08 -45.92 -39.37
N ALA H 271 30.78 -45.62 -39.48
CA ALA H 271 29.99 -44.84 -38.50
C ALA H 271 29.59 -45.76 -37.34
N SER H 272 30.15 -45.52 -36.15
CA SER H 272 29.88 -46.27 -34.90
C SER H 272 28.80 -45.58 -34.05
N LYS H 273 28.39 -44.37 -34.42
CA LYS H 273 27.40 -43.53 -33.71
C LYS H 273 26.14 -43.39 -34.58
N ARG H 274 24.96 -43.55 -33.97
CA ARG H 274 23.63 -43.42 -34.63
C ARG H 274 23.02 -42.07 -34.25
N LEU H 275 22.80 -41.20 -35.24
CA LEU H 275 22.22 -39.84 -35.04
C LEU H 275 20.69 -39.93 -35.08
N ARG H 276 20.02 -38.99 -34.40
CA ARG H 276 18.57 -38.74 -34.57
C ARG H 276 18.34 -38.22 -36.00
N VAL H 277 17.46 -38.88 -36.75
CA VAL H 277 17.25 -38.62 -38.22
C VAL H 277 16.98 -37.13 -38.41
N HIS H 278 17.86 -36.45 -39.16
CA HIS H 278 17.84 -35.00 -39.44
C HIS H 278 18.19 -34.78 -40.91
N GLU H 279 17.71 -33.69 -41.51
CA GLU H 279 17.91 -33.35 -42.95
C GLU H 279 19.38 -33.00 -43.20
N PHE H 280 20.13 -32.56 -42.18
CA PHE H 280 21.57 -32.19 -42.25
C PHE H 280 22.41 -33.04 -41.27
N GLY H 281 21.84 -34.06 -40.63
CA GLY H 281 22.55 -35.02 -39.76
C GLY H 281 23.30 -34.34 -38.62
N ALA H 282 22.58 -33.55 -37.81
CA ALA H 282 23.15 -32.68 -36.75
C ALA H 282 23.59 -33.54 -35.56
N ASP H 283 24.91 -33.60 -35.30
CA ASP H 283 25.52 -34.25 -34.11
C ASP H 283 25.57 -33.21 -32.99
N LYS H 284 24.83 -33.45 -31.90
CA LYS H 284 24.61 -32.47 -30.80
C LYS H 284 25.79 -32.47 -29.81
N GLU H 285 26.47 -33.62 -29.67
CA GLU H 285 27.67 -33.78 -28.79
C GLU H 285 28.85 -33.00 -29.40
N ILE H 286 29.14 -33.23 -30.68
CA ILE H 286 30.27 -32.60 -31.43
C ILE H 286 29.86 -31.18 -31.85
N GLY H 287 28.58 -30.95 -32.16
CA GLY H 287 28.08 -29.66 -32.66
C GLY H 287 28.53 -29.39 -34.08
N VAL H 288 28.62 -30.44 -34.92
CA VAL H 288 28.88 -30.36 -36.38
C VAL H 288 27.79 -31.14 -37.11
N ALA H 289 27.43 -30.70 -38.32
CA ALA H 289 26.46 -31.38 -39.23
C ALA H 289 27.21 -32.47 -40.00
N ARG H 290 26.85 -33.74 -39.80
CA ARG H 290 27.51 -34.92 -40.42
C ARG H 290 27.10 -35.07 -41.89
N ARG H 291 25.99 -34.43 -42.30
CA ARG H 291 25.52 -34.32 -43.70
C ARG H 291 25.40 -32.84 -44.07
N PRO H 292 26.52 -32.12 -44.29
CA PRO H 292 26.45 -30.68 -44.55
C PRO H 292 25.84 -30.36 -45.91
N PRO H 293 25.37 -29.11 -46.15
CA PRO H 293 24.86 -28.72 -47.47
C PRO H 293 25.92 -28.77 -48.59
N ASP H 294 27.20 -28.64 -48.24
CA ASP H 294 28.36 -28.72 -49.18
C ASP H 294 28.46 -30.13 -49.78
N SER H 295 28.12 -31.17 -49.00
CA SER H 295 28.21 -32.60 -49.39
C SER H 295 26.99 -33.01 -50.24
N GLU H 296 26.96 -34.28 -50.66
CA GLU H 296 25.82 -34.94 -51.36
C GLU H 296 25.04 -35.84 -50.38
N GLN H 297 25.34 -35.77 -49.08
CA GLN H 297 24.80 -36.66 -48.02
C GLN H 297 23.51 -36.07 -47.43
N ASN H 298 23.34 -34.74 -47.47
CA ASN H 298 22.14 -34.04 -46.93
C ASN H 298 20.89 -34.47 -47.70
N PHE H 299 19.71 -34.33 -47.06
CA PHE H 299 18.41 -34.86 -47.56
C PHE H 299 18.06 -34.26 -48.93
N TYR H 300 18.20 -32.94 -49.09
CA TYR H 300 17.72 -32.16 -50.26
C TYR H 300 18.56 -32.49 -51.51
N SER H 301 19.84 -32.84 -51.34
CA SER H 301 20.74 -33.30 -52.43
C SER H 301 20.32 -34.70 -52.91
N ILE H 302 19.95 -35.59 -51.99
CA ILE H 302 19.52 -36.99 -52.27
C ILE H 302 18.09 -36.97 -52.85
N PHE H 303 17.23 -36.06 -52.37
CA PHE H 303 15.80 -35.95 -52.75
C PHE H 303 15.65 -35.37 -54.17
N LYS H 304 16.69 -34.69 -54.68
CA LYS H 304 16.76 -34.14 -56.06
C LYS H 304 17.30 -35.20 -57.04
N ASN H 305 17.87 -36.31 -56.53
CA ASN H 305 18.43 -37.43 -57.35
C ASN H 305 17.49 -38.64 -57.28
N THR H 306 16.19 -38.42 -57.08
CA THR H 306 15.17 -39.48 -56.83
C THR H 306 15.00 -40.37 -58.06
N GLU H 307 15.10 -39.80 -59.27
CA GLU H 307 14.97 -40.53 -60.56
C GLU H 307 16.13 -41.51 -60.71
N TRP H 308 17.34 -41.12 -60.29
CA TRP H 308 18.57 -41.95 -60.34
C TRP H 308 18.46 -43.13 -59.37
N TYR H 309 17.96 -42.89 -58.16
CA TYR H 309 17.84 -43.92 -57.08
C TYR H 309 16.71 -44.91 -57.39
N LEU H 310 15.66 -44.48 -58.11
CA LEU H 310 14.50 -45.33 -58.47
C LEU H 310 14.94 -46.44 -59.43
N SER H 311 15.75 -46.10 -60.44
CA SER H 311 16.30 -47.04 -61.46
C SER H 311 17.21 -48.09 -60.78
N ALA H 312 17.94 -47.70 -59.73
CA ALA H 312 18.82 -48.58 -58.94
C ALA H 312 17.99 -49.59 -58.12
N LEU H 313 16.84 -49.17 -57.59
CA LEU H 313 15.90 -50.02 -56.80
C LEU H 313 15.27 -51.11 -57.70
N LYS H 314 15.04 -50.81 -58.99
CA LYS H 314 14.39 -51.74 -59.95
C LYS H 314 15.34 -52.90 -60.28
N ASN H 315 16.65 -52.65 -60.33
CA ASN H 315 17.70 -53.67 -60.57
C ASN H 315 17.96 -54.48 -59.29
N CYS H 316 17.65 -53.92 -58.12
CA CYS H 316 17.75 -54.57 -56.78
C CYS H 316 16.67 -55.66 -56.63
N ILE H 317 15.54 -55.53 -57.34
CA ILE H 317 14.42 -56.52 -57.34
C ILE H 317 14.89 -57.81 -58.05
N THR H 318 15.44 -57.66 -59.26
CA THR H 318 15.79 -58.77 -60.19
C THR H 318 16.98 -59.57 -59.66
N ASN H 319 17.91 -58.90 -58.96
CA ASN H 319 19.17 -59.49 -58.44
C ASN H 319 18.86 -60.32 -57.18
N LYS H 320 18.23 -59.69 -56.18
CA LYS H 320 17.79 -60.28 -54.87
C LYS H 320 18.97 -60.32 -53.87
N ASN H 321 20.23 -60.34 -54.35
CA ASN H 321 21.46 -60.42 -53.52
C ASN H 321 21.95 -59.00 -53.16
N GLU H 322 21.85 -58.05 -54.09
CA GLU H 322 22.36 -56.65 -53.94
C GLU H 322 21.64 -55.95 -52.78
N LYS H 323 22.41 -55.26 -51.92
CA LYS H 323 21.90 -54.44 -50.79
C LYS H 323 21.30 -53.15 -51.36
N ILE H 324 20.32 -52.58 -50.65
CA ILE H 324 19.71 -51.25 -50.97
C ILE H 324 20.72 -50.18 -50.56
N ASP H 325 20.89 -49.13 -51.38
CA ASP H 325 21.91 -48.06 -51.19
C ASP H 325 21.61 -47.32 -49.88
N PRO H 326 22.62 -47.03 -49.02
CA PRO H 326 22.37 -46.37 -47.74
C PRO H 326 21.74 -44.97 -47.81
N ALA H 327 21.88 -44.29 -48.95
CA ALA H 327 21.22 -42.99 -49.24
C ALA H 327 19.70 -43.17 -49.28
N ILE H 328 19.22 -44.29 -49.84
CA ILE H 328 17.77 -44.60 -50.02
C ILE H 328 17.17 -44.95 -48.65
N TYR H 329 17.92 -45.63 -47.77
CA TYR H 329 17.50 -45.94 -46.39
C TYR H 329 17.35 -44.64 -45.59
N TYR H 330 18.31 -43.73 -45.71
CA TYR H 330 18.30 -42.38 -45.07
C TYR H 330 17.13 -41.56 -45.63
N LEU H 331 16.93 -41.61 -46.96
CA LEU H 331 15.83 -40.90 -47.67
C LEU H 331 14.48 -41.21 -47.00
N PHE H 332 14.15 -42.50 -46.84
CA PHE H 332 12.83 -42.98 -46.35
C PHE H 332 12.69 -42.80 -44.83
N SER H 333 13.80 -42.72 -44.09
CA SER H 333 13.82 -42.42 -42.64
C SER H 333 13.33 -40.99 -42.39
N VAL H 334 13.63 -40.07 -43.31
CA VAL H 334 13.21 -38.63 -43.25
C VAL H 334 11.72 -38.52 -43.62
N LEU H 335 11.24 -39.31 -44.58
CA LEU H 335 9.80 -39.34 -44.99
C LEU H 335 8.95 -39.94 -43.87
N ILE H 336 9.47 -40.95 -43.16
CA ILE H 336 8.80 -41.58 -41.96
C ILE H 336 8.75 -40.55 -40.82
N LYS H 337 9.84 -39.81 -40.61
CA LYS H 337 9.91 -38.64 -39.68
C LYS H 337 8.87 -37.59 -40.09
N GLY H 338 8.73 -37.37 -41.40
CA GLY H 338 7.85 -36.34 -41.98
C GLY H 338 8.55 -34.99 -42.02
N GLY H 339 7.86 -33.97 -42.52
CA GLY H 339 8.40 -32.60 -42.62
C GLY H 339 7.86 -31.84 -43.82
N MET H 340 8.32 -30.59 -43.96
CA MET H 340 7.94 -29.63 -45.03
C MET H 340 9.18 -29.36 -45.89
N PHE H 341 9.25 -29.99 -47.09
CA PHE H 341 10.45 -29.97 -47.97
C PHE H 341 10.15 -29.17 -49.24
N GLN H 342 9.68 -27.93 -49.09
CA GLN H 342 9.29 -27.05 -50.23
C GLN H 342 10.48 -26.14 -50.61
N LYS H 343 10.46 -25.64 -51.85
CA LYS H 343 11.54 -24.84 -52.48
C LYS H 343 11.25 -23.34 -52.30
N LYS H 344 10.20 -22.85 -52.97
CA LYS H 344 10.00 -21.41 -53.28
C LYS H 344 9.56 -20.63 -52.04
N ALA H 345 9.66 -19.30 -52.12
CA ALA H 345 9.41 -18.35 -51.01
C ALA H 345 9.16 -16.94 -51.57
N MET I 1 46.21 -27.77 -25.71
CA MET I 1 44.75 -27.52 -25.70
C MET I 1 44.48 -26.01 -25.59
N GLU I 2 43.75 -25.44 -26.56
CA GLU I 2 43.27 -24.04 -26.54
C GLU I 2 42.13 -23.94 -25.52
N LEU I 3 40.96 -24.49 -25.89
CA LEU I 3 39.72 -24.72 -25.08
C LEU I 3 38.53 -24.69 -26.05
N CYS I 4 37.61 -25.66 -25.91
CA CYS I 4 36.49 -25.88 -26.86
C CYS I 4 35.36 -24.88 -26.59
N ASN I 5 34.56 -24.61 -27.63
CA ASN I 5 33.29 -23.82 -27.58
C ASN I 5 32.25 -24.62 -26.76
N ILE I 6 32.23 -25.94 -26.93
CA ILE I 6 31.44 -26.91 -26.12
C ILE I 6 32.41 -27.93 -25.52
N LEU I 7 32.48 -28.03 -24.18
CA LEU I 7 33.30 -29.03 -23.44
C LEU I 7 32.64 -29.35 -22.10
N LYS I 8 31.90 -30.47 -22.05
CA LYS I 8 31.14 -30.95 -20.86
C LYS I 8 31.76 -32.26 -20.35
N TYR I 9 31.53 -32.57 -19.07
CA TYR I 9 31.73 -33.90 -18.45
C TYR I 9 30.50 -34.25 -17.60
N ASP I 10 30.02 -35.49 -17.72
CA ASP I 10 29.02 -36.09 -16.78
C ASP I 10 29.78 -36.50 -15.50
N ARG I 11 29.16 -36.30 -14.33
CA ARG I 11 29.73 -36.74 -13.02
C ARG I 11 29.77 -38.28 -13.01
N SER I 12 30.76 -38.85 -12.32
CA SER I 12 30.98 -40.32 -12.21
C SER I 12 30.22 -40.89 -11.02
N LEU I 13 30.16 -40.15 -9.90
CA LEU I 13 29.52 -40.57 -8.62
C LEU I 13 28.08 -40.06 -8.58
N TYR I 14 27.13 -40.94 -8.23
CA TYR I 14 25.67 -40.69 -8.14
C TYR I 14 25.18 -41.18 -6.78
N PRO I 15 25.30 -40.35 -5.71
CA PRO I 15 24.60 -40.61 -4.45
C PRO I 15 23.14 -40.17 -4.55
N GLY I 16 22.23 -40.87 -3.87
CA GLY I 16 20.82 -40.46 -3.71
C GLY I 16 20.62 -39.57 -2.50
N LYS I 17 19.36 -39.36 -2.10
CA LYS I 17 19.01 -38.71 -0.80
C LYS I 17 19.41 -39.66 0.34
N ALA I 18 20.08 -39.13 1.38
CA ALA I 18 20.37 -39.83 2.65
C ALA I 18 19.24 -39.56 3.63
N VAL I 19 18.46 -40.60 3.97
CA VAL I 19 17.20 -40.51 4.76
C VAL I 19 17.49 -40.98 6.19
N PHE I 20 17.13 -40.17 7.20
CA PHE I 20 17.20 -40.51 8.64
C PHE I 20 15.91 -41.24 9.04
N PHE I 21 16.05 -42.36 9.77
CA PHE I 21 14.92 -43.19 10.29
C PHE I 21 15.39 -43.97 11.51
N TYR I 22 14.46 -44.68 12.17
CA TYR I 22 14.74 -45.66 13.26
C TYR I 22 13.82 -46.88 13.11
N LYS I 23 14.19 -47.97 13.79
CA LYS I 23 13.48 -49.27 13.75
C LYS I 23 12.84 -49.53 15.12
N THR I 24 11.59 -49.99 15.13
CA THR I 24 10.85 -50.49 16.32
C THR I 24 10.68 -52.02 16.18
N ALA I 25 9.99 -52.66 17.12
CA ALA I 25 9.67 -54.11 17.10
C ALA I 25 8.63 -54.40 16.00
N ASP I 26 7.71 -53.46 15.75
CA ASP I 26 6.61 -53.60 14.77
C ASP I 26 7.13 -53.31 13.36
N SER I 27 7.71 -52.12 13.15
CA SER I 27 8.12 -51.57 11.82
C SER I 27 9.64 -51.61 11.67
N ASP I 28 10.12 -51.93 10.45
CA ASP I 28 11.56 -51.99 10.08
C ASP I 28 12.03 -50.63 9.53
N PHE I 29 11.10 -49.71 9.26
CA PHE I 29 11.37 -48.32 8.83
C PHE I 29 10.35 -47.37 9.48
N VAL I 30 10.76 -46.58 10.47
CA VAL I 30 9.98 -45.46 11.08
C VAL I 30 10.71 -44.16 10.78
N PRO I 31 10.14 -43.26 9.95
CA PRO I 31 10.82 -42.04 9.54
C PRO I 31 10.95 -41.00 10.66
N LEU I 32 12.16 -40.44 10.85
CA LEU I 32 12.43 -39.33 11.81
C LEU I 32 11.81 -38.04 11.25
N GLU I 33 10.79 -37.52 11.94
CA GLU I 33 10.00 -36.33 11.52
C GLU I 33 10.45 -35.11 12.33
N ALA I 34 10.31 -33.92 11.73
CA ALA I 34 10.57 -32.60 12.36
C ALA I 34 9.23 -31.92 12.69
N ASP I 35 9.17 -31.22 13.82
CA ASP I 35 7.97 -30.49 14.32
C ASP I 35 8.32 -29.00 14.50
N ILE I 36 7.32 -28.13 14.37
CA ILE I 36 7.48 -26.64 14.42
C ILE I 36 7.63 -26.24 15.89
N ASN I 37 8.58 -25.37 16.20
CA ASN I 37 8.88 -24.87 17.58
C ASN I 37 9.23 -23.39 17.54
N LYS I 38 8.80 -22.64 18.56
CA LYS I 38 9.12 -21.20 18.75
C LYS I 38 9.86 -21.02 20.07
N ILE I 39 10.98 -20.28 20.05
CA ILE I 39 11.89 -20.04 21.19
C ILE I 39 12.21 -18.53 21.28
N ARG I 40 12.59 -18.06 22.47
CA ARG I 40 13.13 -16.69 22.71
C ARG I 40 14.49 -16.57 22.01
N GLY I 41 14.73 -15.44 21.33
CA GLY I 41 15.98 -15.14 20.60
C GLY I 41 16.58 -13.80 21.06
N PRO I 42 17.61 -13.80 21.94
CA PRO I 42 18.10 -12.58 22.56
C PRO I 42 18.94 -11.73 21.59
N LYS I 43 19.11 -10.44 21.92
CA LYS I 43 19.94 -9.48 21.12
C LYS I 43 21.43 -9.82 21.33
N SER I 44 22.03 -10.53 20.39
CA SER I 44 23.44 -11.01 20.42
C SER I 44 24.29 -10.39 19.29
N GLY I 45 23.67 -9.61 18.40
CA GLY I 45 24.34 -9.06 17.19
C GLY I 45 25.27 -7.92 17.52
N PHE I 46 26.27 -7.69 16.67
CA PHE I 46 27.22 -6.54 16.71
C PHE I 46 26.45 -5.24 16.42
N THR I 47 25.57 -5.27 15.41
CA THR I 47 24.81 -4.11 14.89
C THR I 47 23.60 -3.80 15.78
N GLU I 48 23.32 -4.63 16.80
CA GLU I 48 22.23 -4.39 17.79
C GLU I 48 22.63 -3.27 18.77
N ALA I 49 23.94 -3.11 19.06
CA ALA I 49 24.45 -2.23 20.13
C ALA I 49 25.63 -1.35 19.69
N PHE I 50 26.00 -1.30 18.40
CA PHE I 50 27.18 -0.54 17.90
C PHE I 50 26.96 0.01 16.49
N THR I 51 27.62 1.13 16.18
CA THR I 51 27.78 1.69 14.81
C THR I 51 28.83 0.87 14.05
N PRO I 52 28.88 0.97 12.70
CA PRO I 52 29.93 0.31 11.90
C PRO I 52 31.40 0.47 12.34
N GLN I 53 31.76 1.54 13.07
CA GLN I 53 33.15 1.81 13.54
C GLN I 53 33.24 1.73 15.08
N PHE I 54 32.37 0.93 15.71
CA PHE I 54 32.36 0.62 17.17
C PHE I 54 32.15 1.91 17.98
N SER I 55 30.89 2.38 18.01
CA SER I 55 30.37 3.42 18.93
C SER I 55 28.92 3.07 19.28
N PRO I 56 28.51 3.03 20.58
CA PRO I 56 27.14 2.67 20.93
C PRO I 56 26.12 3.75 20.53
N LYS I 57 25.18 3.39 19.64
CA LYS I 57 23.97 4.21 19.32
C LYS I 57 22.99 4.08 20.49
N ASN I 58 22.31 5.16 20.85
CA ASN I 58 21.45 5.25 22.06
C ASN I 58 19.99 4.92 21.71
N ILE I 59 19.61 3.65 21.91
CA ILE I 59 18.20 3.15 21.97
C ILE I 59 17.98 2.61 23.40
N SER I 60 16.71 2.49 23.82
CA SER I 60 16.26 2.15 25.19
C SER I 60 17.18 1.13 25.89
N PRO I 61 17.53 1.33 27.18
CA PRO I 61 18.22 0.29 27.97
C PRO I 61 17.43 -1.01 28.14
N GLN I 62 16.09 -0.96 28.12
CA GLN I 62 15.19 -2.14 28.31
C GLN I 62 15.09 -2.95 27.01
N ASP I 63 15.35 -2.34 25.84
CA ASP I 63 15.20 -2.97 24.51
C ASP I 63 16.39 -3.90 24.20
N LEU I 64 17.50 -3.81 24.95
CA LEU I 64 18.71 -4.64 24.74
C LEU I 64 18.49 -6.06 25.28
N THR I 65 17.80 -6.20 26.42
CA THR I 65 17.42 -7.51 27.02
C THR I 65 16.19 -8.10 26.30
N HIS I 66 15.61 -7.37 25.35
CA HIS I 66 14.38 -7.75 24.60
C HIS I 66 14.70 -8.91 23.66
N ASN I 67 13.71 -9.76 23.35
CA ASN I 67 13.89 -11.01 22.56
C ASN I 67 13.50 -10.77 21.10
N ASN I 68 13.85 -11.76 20.25
CA ASN I 68 13.33 -11.97 18.88
C ASN I 68 12.55 -13.29 18.88
N ILE I 69 11.36 -13.32 18.30
CA ILE I 69 10.57 -14.58 18.13
C ILE I 69 11.11 -15.33 16.90
N LEU I 70 11.58 -16.55 17.12
CA LEU I 70 12.13 -17.45 16.07
C LEU I 70 11.17 -18.63 15.90
N THR I 71 10.71 -18.89 14.67
CA THR I 71 9.88 -20.05 14.30
C THR I 71 10.77 -21.06 13.56
N LEU I 72 11.25 -22.09 14.27
CA LEU I 72 12.21 -23.10 13.75
C LEU I 72 11.51 -24.46 13.60
N GLU I 73 12.13 -25.34 12.80
CA GLU I 73 11.88 -26.80 12.80
C GLU I 73 13.01 -27.47 13.58
N GLU I 74 12.67 -28.45 14.43
CA GLU I 74 13.62 -29.19 15.30
C GLU I 74 13.44 -30.69 15.09
N CYS I 75 14.54 -31.43 15.02
CA CYS I 75 14.58 -32.92 14.93
C CYS I 75 15.35 -33.48 16.13
N TYR I 76 14.67 -34.24 16.98
CA TYR I 76 15.24 -34.99 18.13
C TYR I 76 14.88 -36.47 18.01
N VAL I 77 15.72 -37.34 18.57
CA VAL I 77 15.44 -38.81 18.65
C VAL I 77 14.30 -38.99 19.65
N PRO I 78 13.25 -39.79 19.34
CA PRO I 78 12.21 -40.10 20.33
C PRO I 78 12.78 -40.76 21.59
N PRO I 79 12.21 -40.52 22.79
CA PRO I 79 12.74 -41.09 24.03
C PRO I 79 12.83 -42.63 24.02
N ASN I 80 13.96 -43.17 24.48
CA ASN I 80 14.23 -44.63 24.64
C ASN I 80 14.32 -45.32 23.26
N VAL I 81 14.75 -44.60 22.23
CA VAL I 81 15.17 -45.17 20.91
C VAL I 81 16.70 -45.22 20.92
N GLU I 82 17.28 -46.43 20.92
CA GLU I 82 18.71 -46.68 21.19
C GLU I 82 19.55 -46.24 19.99
N HIS I 83 19.17 -46.67 18.79
CA HIS I 83 19.90 -46.43 17.52
C HIS I 83 19.04 -45.59 16.56
N ILE I 84 19.69 -44.68 15.83
CA ILE I 84 19.15 -44.00 14.60
C ILE I 84 19.92 -44.54 13.39
N PHE I 85 19.30 -44.51 12.22
CA PHE I 85 19.86 -44.99 10.93
C PHE I 85 19.82 -43.87 9.90
N CYS I 86 20.91 -43.73 9.14
CA CYS I 86 21.02 -42.90 7.91
C CYS I 86 21.47 -43.80 6.76
N ARG I 87 20.63 -43.92 5.71
CA ARG I 87 20.91 -44.74 4.50
C ARG I 87 20.84 -43.85 3.25
N PHE I 88 21.82 -44.00 2.36
CA PHE I 88 21.81 -43.53 0.95
C PHE I 88 22.36 -44.65 0.05
N SER I 89 22.01 -44.61 -1.24
CA SER I 89 22.54 -45.49 -2.30
C SER I 89 23.53 -44.70 -3.17
N LEU I 90 24.64 -45.35 -3.56
CA LEU I 90 25.71 -44.76 -4.42
C LEU I 90 25.82 -45.60 -5.70
N ARG I 91 25.60 -44.97 -6.87
CA ARG I 91 25.90 -45.56 -8.21
C ARG I 91 27.18 -44.92 -8.73
N VAL I 92 28.06 -45.69 -9.38
CA VAL I 92 29.34 -45.20 -9.99
C VAL I 92 29.33 -45.55 -11.48
N GLN I 93 29.54 -44.55 -12.34
CA GLN I 93 29.61 -44.70 -13.82
C GLN I 93 30.98 -44.23 -14.31
N ALA I 94 31.42 -44.72 -15.47
CA ALA I 94 32.72 -44.42 -16.11
C ALA I 94 32.53 -43.27 -17.12
N ASN I 95 32.35 -42.05 -16.60
CA ASN I 95 32.02 -40.82 -17.39
C ASN I 95 33.23 -39.89 -17.50
N SER I 96 34.37 -40.22 -16.85
CA SER I 96 35.60 -39.38 -16.80
C SER I 96 36.60 -39.79 -17.90
N LEU I 97 36.30 -40.84 -18.66
CA LEU I 97 37.18 -41.37 -19.75
C LEU I 97 37.02 -40.49 -21.01
N VAL I 98 35.78 -40.10 -21.32
CA VAL I 98 35.39 -39.38 -22.57
C VAL I 98 34.50 -38.19 -22.21
N PRO I 99 34.74 -36.99 -22.77
CA PRO I 99 33.82 -35.85 -22.58
C PRO I 99 32.45 -36.14 -23.21
N SER I 100 31.37 -35.76 -22.51
CA SER I 100 29.96 -35.95 -22.96
C SER I 100 29.65 -35.01 -24.13
N GLY I 101 30.35 -33.87 -24.23
CA GLY I 101 30.36 -32.97 -25.39
C GLY I 101 31.74 -32.39 -25.63
N CYS I 102 32.16 -32.28 -26.89
CA CYS I 102 33.48 -31.72 -27.30
C CYS I 102 33.44 -31.26 -28.76
N SER I 103 33.56 -29.96 -29.00
CA SER I 103 33.46 -29.32 -30.35
C SER I 103 34.73 -29.58 -31.16
N ASP I 104 35.92 -29.38 -30.55
CA ASP I 104 37.24 -29.55 -31.20
C ASP I 104 37.64 -31.02 -31.16
N PRO I 105 37.84 -31.69 -32.33
CA PRO I 105 38.08 -33.14 -32.36
C PRO I 105 39.48 -33.61 -31.90
N GLU I 106 40.51 -32.77 -31.99
CA GLU I 106 41.90 -33.12 -31.57
C GLU I 106 42.08 -32.84 -30.07
N VAL I 107 41.20 -32.04 -29.45
CA VAL I 107 41.06 -31.93 -27.96
C VAL I 107 40.43 -33.24 -27.45
N PHE I 108 39.38 -33.73 -28.13
CA PHE I 108 38.64 -34.98 -27.82
C PHE I 108 39.60 -36.18 -27.85
N SER I 109 40.51 -36.21 -28.83
CA SER I 109 41.51 -37.30 -29.03
C SER I 109 42.55 -37.31 -27.88
N LEU I 110 42.97 -36.13 -27.42
CA LEU I 110 44.00 -35.95 -26.36
C LEU I 110 43.43 -36.40 -25.01
N LEU I 111 42.22 -35.95 -24.66
CA LEU I 111 41.54 -36.25 -23.37
C LEU I 111 41.19 -37.73 -23.28
N LYS I 112 40.90 -38.39 -24.41
CA LYS I 112 40.67 -39.86 -24.49
C LYS I 112 41.99 -40.60 -24.24
N GLU I 113 43.10 -40.12 -24.82
CA GLU I 113 44.45 -40.73 -24.69
C GLU I 113 44.98 -40.51 -23.26
N LEU I 114 44.72 -39.35 -22.66
CA LEU I 114 45.17 -38.99 -21.28
C LEU I 114 44.54 -39.96 -20.27
N ALA I 115 43.21 -40.09 -20.29
CA ALA I 115 42.40 -40.94 -19.38
C ALA I 115 42.83 -42.41 -19.51
N GLU I 116 43.13 -42.87 -20.72
CA GLU I 116 43.60 -44.25 -21.01
C GLU I 116 44.99 -44.48 -20.38
N THR I 117 45.89 -43.49 -20.50
CA THR I 117 47.27 -43.53 -19.93
C THR I 117 47.19 -43.50 -18.39
N PHE I 118 46.41 -42.56 -17.85
CA PHE I 118 46.16 -42.38 -16.39
C PHE I 118 45.57 -43.68 -15.78
N LYS I 119 44.75 -44.40 -16.55
CA LYS I 119 44.13 -45.69 -16.14
C LYS I 119 45.20 -46.78 -16.03
N GLU I 120 46.10 -46.88 -17.01
CA GLU I 120 47.18 -47.91 -17.06
C GLU I 120 48.31 -47.54 -16.09
N CYS I 121 48.48 -46.25 -15.75
CA CYS I 121 49.41 -45.77 -14.70
C CYS I 121 48.94 -46.22 -13.30
N GLY I 122 47.62 -46.46 -13.14
CA GLY I 122 46.98 -46.89 -11.87
C GLY I 122 46.55 -45.71 -11.02
N GLY I 123 46.31 -44.55 -11.65
CA GLY I 123 45.93 -43.29 -10.99
C GLY I 123 44.51 -43.33 -10.45
N TYR I 124 43.61 -44.11 -11.09
CA TYR I 124 42.19 -44.27 -10.68
C TYR I 124 42.09 -45.06 -9.36
N LYS I 125 43.09 -45.89 -9.05
CA LYS I 125 43.15 -46.68 -7.77
C LYS I 125 43.30 -45.71 -6.59
N GLU I 126 44.20 -44.72 -6.71
CA GLU I 126 44.49 -43.72 -5.64
C GLU I 126 43.23 -42.87 -5.37
N LEU I 127 42.55 -42.42 -6.42
CA LEU I 127 41.31 -41.60 -6.32
C LEU I 127 40.18 -42.42 -5.69
N ALA I 128 40.06 -43.70 -6.02
CA ALA I 128 39.03 -44.64 -5.52
C ALA I 128 39.21 -44.89 -4.01
N VAL I 129 40.46 -44.90 -3.53
CA VAL I 129 40.82 -45.08 -2.08
C VAL I 129 40.30 -43.88 -1.29
N ARG I 130 40.51 -42.66 -1.79
CA ARG I 130 40.16 -41.39 -1.10
C ARG I 130 38.63 -41.22 -1.04
N TYR I 131 37.91 -41.59 -2.11
CA TYR I 131 36.42 -41.60 -2.17
C TYR I 131 35.88 -42.63 -1.17
N CYS I 132 36.47 -43.83 -1.17
CA CYS I 132 36.10 -44.97 -0.28
C CYS I 132 36.36 -44.62 1.19
N ARG I 133 37.49 -43.96 1.49
CA ARG I 133 37.90 -43.60 2.88
C ARG I 133 36.85 -42.65 3.50
N ASN I 134 36.30 -41.72 2.72
CA ASN I 134 35.26 -40.75 3.16
C ASN I 134 33.96 -41.49 3.53
N ILE I 135 33.68 -42.64 2.90
CA ILE I 135 32.48 -43.49 3.20
C ILE I 135 32.68 -44.18 4.56
N LEU I 136 33.88 -44.69 4.83
CA LEU I 136 34.16 -45.58 6.01
C LEU I 136 34.27 -44.77 7.31
N ILE I 137 34.89 -43.58 7.28
CA ILE I 137 35.08 -42.72 8.49
C ILE I 137 33.77 -41.97 8.81
N GLY I 138 32.87 -41.82 7.82
CA GLY I 138 31.54 -41.23 8.00
C GLY I 138 31.56 -39.70 7.92
N THR I 139 32.25 -39.16 6.90
CA THR I 139 32.36 -37.71 6.60
C THR I 139 30.99 -37.15 6.17
N TRP I 140 30.11 -38.02 5.65
CA TRP I 140 28.82 -37.69 5.01
C TRP I 140 27.71 -37.44 6.05
N LEU I 141 27.96 -37.75 7.33
CA LEU I 141 27.02 -37.44 8.46
C LEU I 141 27.18 -35.97 8.88
N TRP I 142 28.35 -35.39 8.60
CA TRP I 142 28.63 -33.92 8.58
C TRP I 142 28.67 -33.34 9.99
N ARG I 143 27.58 -33.36 10.74
CA ARG I 143 27.54 -32.92 12.17
C ARG I 143 27.10 -34.06 13.10
N ASN I 144 26.51 -35.14 12.58
CA ASN I 144 26.10 -36.34 13.35
C ASN I 144 27.27 -37.33 13.42
N GLN I 145 28.39 -37.03 12.75
CA GLN I 145 29.64 -37.86 12.73
C GLN I 145 30.23 -37.93 14.14
N ASN I 146 30.38 -39.15 14.69
CA ASN I 146 31.04 -39.45 15.98
C ASN I 146 30.29 -38.77 17.14
N THR I 147 28.97 -38.57 17.02
CA THR I 147 28.08 -38.11 18.12
C THR I 147 27.71 -39.31 19.00
N GLY I 148 27.69 -40.52 18.41
CA GLY I 148 27.60 -41.82 19.12
C GLY I 148 28.52 -42.85 18.49
N ASN I 149 28.55 -44.06 19.05
CA ASN I 149 29.27 -45.23 18.48
C ASN I 149 28.57 -45.62 17.17
N THR I 150 29.16 -45.26 16.03
CA THR I 150 28.59 -45.41 14.67
C THR I 150 29.13 -46.69 14.03
N GLN I 151 28.24 -47.56 13.54
CA GLN I 151 28.55 -48.77 12.73
C GLN I 151 28.11 -48.51 11.28
N ILE I 152 29.02 -48.62 10.32
CA ILE I 152 28.72 -48.40 8.86
C ILE I 152 28.70 -49.75 8.16
N GLU I 153 27.57 -50.08 7.51
CA GLU I 153 27.33 -51.32 6.73
C GLU I 153 27.16 -50.94 5.24
N ILE I 154 27.91 -51.61 4.34
CA ILE I 154 27.91 -51.36 2.88
C ILE I 154 27.58 -52.67 2.16
N LYS I 155 26.49 -52.69 1.37
CA LYS I 155 26.05 -53.85 0.54
C LYS I 155 26.15 -53.48 -0.93
N THR I 156 27.15 -54.03 -1.65
CA THR I 156 27.43 -53.75 -3.08
C THR I 156 26.57 -54.66 -3.96
N SER I 157 26.45 -54.32 -5.25
CA SER I 157 25.61 -55.03 -6.26
C SER I 157 26.26 -56.35 -6.67
N LYS I 158 27.58 -56.49 -6.47
CA LYS I 158 28.34 -57.75 -6.68
C LYS I 158 27.86 -58.84 -5.72
N GLY I 159 27.44 -58.46 -4.50
CA GLY I 159 27.00 -59.36 -3.42
C GLY I 159 27.87 -59.25 -2.17
N SER I 160 28.95 -58.47 -2.22
CA SER I 160 29.88 -58.22 -1.09
C SER I 160 29.16 -57.45 0.03
N CYS I 161 29.50 -57.75 1.29
CA CYS I 161 28.98 -57.07 2.51
C CYS I 161 30.16 -56.66 3.40
N TYR I 162 30.35 -55.36 3.59
CA TYR I 162 31.45 -54.75 4.40
C TYR I 162 30.87 -54.08 5.64
N LEU I 163 31.52 -54.29 6.79
CA LEU I 163 31.08 -53.79 8.13
C LEU I 163 32.23 -53.07 8.82
N ILE I 164 32.05 -51.77 9.11
CA ILE I 164 32.88 -50.97 10.06
C ILE I 164 32.15 -50.96 11.41
N ASP I 165 32.77 -51.52 12.46
CA ASP I 165 32.14 -51.75 13.79
C ASP I 165 32.04 -50.42 14.54
N ASN I 166 33.07 -49.56 14.47
CA ASN I 166 33.11 -48.24 15.14
C ASN I 166 33.94 -47.26 14.30
N THR I 167 33.34 -46.11 13.92
CA THR I 167 33.97 -45.05 13.09
C THR I 167 34.71 -44.03 13.99
N ARG I 168 34.53 -44.10 15.31
CA ARG I 168 35.27 -43.24 16.29
C ARG I 168 36.74 -43.67 16.35
N LYS I 169 37.04 -44.94 16.08
CA LYS I 169 38.41 -45.50 16.09
C LYS I 169 39.16 -45.05 14.81
N LEU I 170 38.46 -45.00 13.68
CA LEU I 170 39.03 -44.66 12.34
C LEU I 170 39.02 -43.14 12.15
N ALA I 171 40.09 -42.61 11.55
CA ALA I 171 40.24 -41.20 11.09
C ALA I 171 40.80 -41.21 9.67
N TRP I 172 41.29 -40.07 9.16
CA TRP I 172 41.97 -40.00 7.85
C TRP I 172 43.44 -40.40 7.99
N GLU I 173 44.17 -39.75 8.90
CA GLU I 173 45.64 -39.86 9.05
C GLU I 173 46.03 -41.01 9.99
N SER I 174 45.08 -41.61 10.71
CA SER I 174 45.30 -42.67 11.73
C SER I 174 45.73 -43.98 11.07
N LYS I 175 46.36 -44.87 11.85
CA LYS I 175 46.81 -46.23 11.42
C LYS I 175 45.68 -47.22 11.73
N TRP I 176 44.99 -47.72 10.70
CA TRP I 176 43.78 -48.57 10.82
C TRP I 176 44.19 -50.00 11.22
N ALA I 177 43.24 -50.77 11.75
CA ALA I 177 43.38 -52.22 12.04
C ALA I 177 43.41 -53.00 10.72
N SER I 178 43.87 -54.26 10.76
CA SER I 178 44.06 -55.14 9.59
C SER I 178 42.70 -55.46 8.91
N ASP I 179 41.62 -55.54 9.69
CA ASP I 179 40.24 -55.76 9.19
C ASP I 179 39.76 -54.52 8.42
N ASP I 180 39.98 -53.33 8.98
CA ASP I 180 39.50 -52.03 8.42
C ASP I 180 40.26 -51.68 7.14
N LEU I 181 41.55 -52.05 7.05
CA LEU I 181 42.38 -51.88 5.82
C LEU I 181 41.91 -52.86 4.74
N LYS I 182 41.49 -54.07 5.11
CA LYS I 182 40.94 -55.10 4.18
C LYS I 182 39.62 -54.60 3.58
N VAL I 183 38.78 -53.93 4.39
CA VAL I 183 37.50 -53.30 3.95
C VAL I 183 37.83 -52.15 2.97
N LEU I 184 38.84 -51.33 3.27
CA LEU I 184 39.30 -50.19 2.44
C LEU I 184 39.88 -50.71 1.12
N GLU I 185 40.64 -51.81 1.16
CA GLU I 185 41.29 -52.43 -0.04
C GLU I 185 40.23 -52.99 -0.98
N GLU I 186 39.32 -53.83 -0.45
CA GLU I 186 38.31 -54.60 -1.24
C GLU I 186 37.30 -53.66 -1.89
N LEU I 187 36.82 -52.64 -1.16
CA LEU I 187 35.76 -51.71 -1.64
C LEU I 187 36.34 -50.74 -2.69
N SER I 188 37.60 -50.31 -2.52
CA SER I 188 38.33 -49.41 -3.45
C SER I 188 38.54 -50.10 -4.81
N ASN I 189 38.75 -51.42 -4.81
CA ASN I 189 38.89 -52.26 -6.04
C ASN I 189 37.60 -52.22 -6.87
N GLU I 190 36.44 -52.24 -6.19
CA GLU I 190 35.10 -52.28 -6.85
C GLU I 190 34.76 -50.90 -7.43
N ILE I 191 35.10 -49.82 -6.72
CA ILE I 191 34.86 -48.40 -7.15
C ILE I 191 35.78 -48.09 -8.35
N GLU I 192 37.06 -48.47 -8.28
CA GLU I 192 38.06 -48.30 -9.36
C GLU I 192 37.58 -49.02 -10.63
N SER I 193 37.08 -50.26 -10.48
CA SER I 193 36.54 -51.10 -11.59
C SER I 193 35.30 -50.45 -12.20
N ALA I 194 34.50 -49.74 -11.40
CA ALA I 194 33.27 -49.03 -11.83
C ALA I 194 33.62 -47.69 -12.50
N LEU I 195 34.65 -46.99 -12.03
CA LEU I 195 35.10 -45.67 -12.57
C LEU I 195 35.72 -45.83 -13.97
N THR I 196 36.25 -47.01 -14.32
CA THR I 196 37.15 -47.23 -15.48
C THR I 196 36.50 -48.13 -16.56
N ASP I 197 35.53 -48.97 -16.22
CA ASP I 197 34.89 -49.93 -17.15
C ASP I 197 33.47 -49.47 -17.45
N PRO I 198 33.16 -49.01 -18.69
CA PRO I 198 31.79 -48.61 -19.05
C PRO I 198 30.79 -49.77 -19.28
N ASN I 199 31.26 -51.02 -19.27
CA ASN I 199 30.41 -52.24 -19.43
C ASN I 199 29.99 -52.79 -18.06
N VAL I 200 30.46 -52.21 -16.96
CA VAL I 200 30.15 -52.61 -15.55
C VAL I 200 29.03 -51.71 -15.01
N PHE I 201 28.04 -52.30 -14.34
CA PHE I 201 26.95 -51.62 -13.60
C PHE I 201 27.13 -51.89 -12.10
N TRP I 202 27.67 -50.92 -11.37
CA TRP I 202 27.99 -51.03 -9.92
C TRP I 202 27.10 -50.07 -9.11
N SER I 203 26.54 -50.56 -8.01
CA SER I 203 25.69 -49.81 -7.04
C SER I 203 25.96 -50.33 -5.63
N ALA I 204 25.99 -49.43 -4.64
CA ALA I 204 26.19 -49.74 -3.21
C ALA I 204 24.99 -49.24 -2.40
N ASP I 205 24.60 -49.99 -1.36
CA ASP I 205 23.62 -49.61 -0.32
C ASP I 205 24.40 -49.40 0.98
N ILE I 206 24.56 -48.14 1.40
CA ILE I 206 25.40 -47.71 2.55
C ILE I 206 24.46 -47.26 3.67
N THR I 207 24.58 -47.86 4.87
CA THR I 207 23.76 -47.54 6.07
C THR I 207 24.68 -47.29 7.27
N ALA I 208 24.50 -46.15 7.95
CA ALA I 208 25.15 -45.82 9.25
C ALA I 208 24.15 -46.07 10.38
N LYS I 209 24.62 -46.69 11.47
CA LYS I 209 23.82 -47.00 12.69
C LYS I 209 24.51 -46.32 13.88
N ILE I 210 23.94 -45.21 14.37
CA ILE I 210 24.51 -44.33 15.42
C ILE I 210 23.83 -44.65 16.76
N GLU I 211 24.60 -45.09 17.76
CA GLU I 211 24.12 -45.30 19.16
C GLU I 211 23.76 -43.94 19.77
N ALA I 212 22.48 -43.55 19.67
CA ALA I 212 21.97 -42.20 20.01
C ALA I 212 21.91 -42.03 21.53
N SER I 213 22.17 -40.81 22.01
CA SER I 213 21.93 -40.36 23.40
C SER I 213 20.44 -40.06 23.60
N PHE I 214 20.02 -39.80 24.84
CA PHE I 214 18.61 -39.54 25.21
C PHE I 214 18.15 -38.20 24.61
N CYS I 215 17.19 -38.26 23.67
CA CYS I 215 16.61 -37.09 22.94
C CYS I 215 17.73 -36.24 22.35
N GLN I 216 18.66 -36.88 21.64
CA GLN I 216 19.81 -36.24 20.95
C GLN I 216 19.28 -35.44 19.75
N GLU I 217 19.86 -34.27 19.50
CA GLU I 217 19.52 -33.40 18.33
C GLU I 217 20.16 -34.00 17.07
N ILE I 218 19.38 -34.07 15.98
CA ILE I 218 19.84 -34.53 14.62
C ILE I 218 19.98 -33.29 13.74
N TYR I 219 20.98 -33.31 12.84
CA TYR I 219 21.38 -32.16 11.98
C TYR I 219 21.29 -32.57 10.51
N PRO I 220 20.10 -32.49 9.87
CA PRO I 220 19.94 -32.77 8.45
C PRO I 220 20.17 -31.51 7.60
N SER I 221 19.94 -31.62 6.28
CA SER I 221 20.05 -30.48 5.31
C SER I 221 18.95 -29.46 5.59
N GLN I 222 19.30 -28.17 5.57
CA GLN I 222 18.38 -27.02 5.83
C GLN I 222 18.03 -26.36 4.49
N ILE I 223 16.75 -26.06 4.27
CA ILE I 223 16.24 -25.37 3.04
C ILE I 223 16.43 -23.86 3.24
N LEU I 224 16.89 -23.14 2.21
CA LEU I 224 17.14 -21.68 2.26
C LEU I 224 15.81 -20.92 2.34
N ASN I 225 15.77 -19.88 3.18
CA ASN I 225 14.64 -18.93 3.29
C ASN I 225 15.20 -17.53 3.62
N ASP I 226 15.55 -16.77 2.59
CA ASP I 226 15.84 -15.31 2.64
C ASP I 226 14.54 -14.55 2.37
N LYS I 227 13.73 -15.05 1.43
CA LYS I 227 12.29 -14.67 1.26
C LYS I 227 11.51 -15.33 2.41
N VAL I 228 11.27 -14.57 3.48
CA VAL I 228 10.66 -15.06 4.76
C VAL I 228 9.33 -14.35 4.98
N LYS I 229 8.24 -15.12 5.09
CA LYS I 229 6.94 -14.68 5.68
C LYS I 229 6.88 -15.20 7.11
N GLN I 230 6.31 -14.41 8.04
CA GLN I 230 6.37 -14.64 9.51
C GLN I 230 5.27 -15.61 9.96
N GLY I 231 4.41 -16.09 9.05
CA GLY I 231 3.38 -17.11 9.34
C GLY I 231 3.99 -18.48 9.64
N GLU I 232 4.66 -19.07 8.64
CA GLU I 232 5.32 -20.40 8.73
C GLU I 232 6.82 -20.21 9.01
N ALA I 233 7.47 -21.26 9.54
CA ALA I 233 8.90 -21.29 9.96
C ALA I 233 9.82 -20.82 8.83
N SER I 234 10.88 -20.09 9.17
CA SER I 234 11.97 -19.64 8.25
C SER I 234 12.94 -20.81 8.03
N LYS I 235 13.66 -21.21 9.08
CA LYS I 235 14.59 -22.38 9.06
C LYS I 235 13.76 -23.66 8.94
N GLN I 236 13.80 -24.33 7.78
CA GLN I 236 13.16 -25.64 7.52
C GLN I 236 14.23 -26.71 7.32
N PHE I 237 13.82 -27.97 7.19
CA PHE I 237 14.69 -29.14 6.90
C PHE I 237 14.25 -29.78 5.57
N VAL I 238 15.22 -30.29 4.81
CA VAL I 238 15.00 -31.10 3.57
C VAL I 238 14.38 -32.43 3.98
N LYS I 239 13.23 -32.78 3.41
CA LYS I 239 12.43 -33.98 3.76
C LYS I 239 12.23 -34.88 2.53
N ALA I 240 12.32 -36.19 2.74
CA ALA I 240 11.93 -37.26 1.79
C ALA I 240 10.55 -37.78 2.19
N LYS I 241 9.53 -37.48 1.37
CA LYS I 241 8.12 -37.90 1.58
C LYS I 241 8.02 -39.41 1.31
N CYS I 242 7.52 -40.17 2.29
CA CYS I 242 7.34 -41.65 2.19
C CYS I 242 6.00 -41.96 1.51
N ALA I 243 5.79 -43.23 1.13
CA ALA I 243 4.57 -43.72 0.44
C ALA I 243 3.36 -43.66 1.39
N ASP I 244 3.58 -43.85 2.70
CA ASP I 244 2.52 -43.79 3.75
C ASP I 244 1.95 -42.37 3.84
N GLY I 245 2.77 -41.34 3.58
CA GLY I 245 2.37 -39.91 3.61
C GLY I 245 3.23 -39.07 4.54
N ARG I 246 3.98 -39.71 5.44
CA ARG I 246 4.87 -39.03 6.43
C ARG I 246 6.15 -38.55 5.73
N TYR I 247 6.83 -37.59 6.38
CA TYR I 247 8.07 -36.92 5.89
C TYR I 247 9.26 -37.34 6.75
N ALA I 248 10.21 -38.07 6.17
CA ALA I 248 11.51 -38.45 6.79
C ALA I 248 12.51 -37.32 6.57
N VAL I 249 13.13 -36.82 7.64
CA VAL I 249 14.16 -35.73 7.58
C VAL I 249 15.42 -36.32 6.91
N SER I 250 16.05 -35.59 5.99
CA SER I 250 17.07 -36.13 5.06
C SER I 250 18.16 -35.11 4.71
N PHE I 251 19.27 -35.60 4.15
CA PHE I 251 20.33 -34.79 3.47
C PHE I 251 20.03 -34.69 1.97
N ASN I 252 20.48 -33.60 1.34
CA ASN I 252 20.53 -33.46 -0.14
C ASN I 252 21.56 -34.45 -0.70
N SER I 253 21.38 -34.89 -1.95
CA SER I 253 22.32 -35.77 -2.69
C SER I 253 23.66 -35.05 -2.89
N VAL I 254 23.61 -33.75 -3.22
CA VAL I 254 24.79 -32.87 -3.42
C VAL I 254 25.57 -32.71 -2.10
N LYS I 255 24.87 -32.68 -0.96
CA LYS I 255 25.48 -32.63 0.40
C LYS I 255 26.34 -33.89 0.60
N ILE I 256 25.76 -35.08 0.35
CA ILE I 256 26.46 -36.40 0.43
C ILE I 256 27.61 -36.39 -0.58
N GLY I 257 27.35 -35.93 -1.81
CA GLY I 257 28.34 -35.81 -2.90
C GLY I 257 29.54 -34.95 -2.51
N ALA I 258 29.30 -33.85 -1.78
CA ALA I 258 30.33 -32.89 -1.32
C ALA I 258 31.25 -33.54 -0.28
N ALA I 259 30.73 -34.47 0.54
CA ALA I 259 31.47 -35.17 1.61
C ALA I 259 32.43 -36.21 1.01
N LEU I 260 31.95 -37.02 0.06
CA LEU I 260 32.74 -38.10 -0.60
C LEU I 260 33.92 -37.47 -1.37
N GLN I 261 33.69 -36.32 -2.00
CA GLN I 261 34.70 -35.59 -2.83
C GLN I 261 35.43 -34.52 -2.00
N SER I 262 35.57 -34.72 -0.68
CA SER I 262 36.45 -33.92 0.21
C SER I 262 37.82 -34.62 0.30
N ILE I 263 38.54 -34.65 -0.82
CA ILE I 263 39.80 -35.45 -1.01
C ILE I 263 40.99 -34.56 -1.42
N ASP I 264 40.77 -33.26 -1.66
CA ASP I 264 41.78 -32.35 -2.29
C ASP I 264 42.69 -31.77 -1.21
N ASP I 265 43.87 -32.37 -1.02
CA ASP I 265 44.97 -31.87 -0.15
C ASP I 265 46.28 -31.80 -0.96
N TRP I 266 46.19 -31.63 -2.28
CA TRP I 266 47.33 -31.56 -3.23
C TRP I 266 47.79 -30.12 -3.44
N TRP I 267 47.02 -29.14 -2.94
CA TRP I 267 47.24 -27.68 -3.13
C TRP I 267 48.50 -27.19 -2.37
N ASP I 268 49.02 -27.99 -1.42
CA ASP I 268 50.34 -27.76 -0.78
C ASP I 268 50.94 -29.11 -0.35
N GLU I 269 52.27 -29.20 -0.27
CA GLU I 269 53.02 -30.44 0.07
C GLU I 269 52.84 -30.79 1.56
N ASP I 270 52.57 -29.79 2.42
CA ASP I 270 52.44 -29.95 3.90
C ASP I 270 51.01 -29.60 4.36
N ALA I 271 50.06 -29.38 3.44
CA ALA I 271 48.63 -29.14 3.77
C ALA I 271 47.97 -30.47 4.18
N SER I 272 47.39 -30.51 5.39
CA SER I 272 46.67 -31.68 5.95
C SER I 272 45.16 -31.59 5.65
N LYS I 273 44.60 -30.37 5.68
CA LYS I 273 43.16 -30.11 5.42
C LYS I 273 42.80 -30.51 3.98
N ARG I 274 41.69 -31.24 3.82
CA ARG I 274 41.14 -31.67 2.51
C ARG I 274 39.97 -30.77 2.13
N LEU I 275 40.05 -30.11 0.97
CA LEU I 275 38.98 -29.24 0.41
C LEU I 275 38.02 -30.12 -0.40
N ARG I 276 36.78 -29.67 -0.57
CA ARG I 276 35.82 -30.23 -1.56
C ARG I 276 36.32 -29.86 -2.96
N VAL I 277 36.40 -30.83 -3.87
CA VAL I 277 37.04 -30.69 -5.20
C VAL I 277 36.35 -29.56 -5.98
N HIS I 278 37.03 -28.42 -6.11
CA HIS I 278 36.57 -27.19 -6.79
C HIS I 278 37.62 -26.77 -7.82
N GLU I 279 37.22 -26.05 -8.88
CA GLU I 279 38.11 -25.61 -9.99
C GLU I 279 39.09 -24.54 -9.49
N PHE I 280 38.76 -23.82 -8.42
CA PHE I 280 39.60 -22.76 -7.79
C PHE I 280 39.96 -23.12 -6.34
N GLY I 281 39.58 -24.30 -5.84
CA GLY I 281 39.92 -24.80 -4.49
C GLY I 281 39.44 -23.86 -3.39
N ALA I 282 38.15 -23.53 -3.40
CA ALA I 282 37.50 -22.55 -2.48
C ALA I 282 37.39 -23.16 -1.08
N ASP I 283 37.93 -22.46 -0.07
CA ASP I 283 37.86 -22.85 1.37
C ASP I 283 36.97 -21.82 2.09
N LYS I 284 35.71 -22.18 2.35
CA LYS I 284 34.66 -21.24 2.84
C LYS I 284 34.80 -21.01 4.35
N GLU I 285 35.62 -21.79 5.05
CA GLU I 285 35.94 -21.59 6.50
C GLU I 285 36.80 -20.32 6.65
N ILE I 286 38.01 -20.34 6.10
CA ILE I 286 38.99 -19.21 6.20
C ILE I 286 38.69 -18.16 5.11
N GLY I 287 37.93 -18.54 4.07
CA GLY I 287 37.34 -17.59 3.09
C GLY I 287 38.34 -17.09 2.06
N VAL I 288 39.21 -17.98 1.55
CA VAL I 288 40.13 -17.73 0.41
C VAL I 288 40.07 -18.93 -0.54
N ALA I 289 40.48 -18.72 -1.80
CA ALA I 289 40.66 -19.75 -2.84
C ALA I 289 42.11 -20.26 -2.79
N ARG I 290 42.30 -21.55 -2.47
CA ARG I 290 43.64 -22.18 -2.30
C ARG I 290 44.30 -22.42 -3.66
N ARG I 291 43.53 -22.40 -4.75
CA ARG I 291 44.03 -22.46 -6.16
C ARG I 291 43.55 -21.21 -6.90
N PRO I 292 44.16 -20.02 -6.67
CA PRO I 292 43.67 -18.78 -7.27
C PRO I 292 43.89 -18.74 -8.78
N PRO I 293 43.15 -17.89 -9.54
CA PRO I 293 43.36 -17.77 -10.98
C PRO I 293 44.72 -17.16 -11.36
N ASP I 294 45.33 -16.40 -10.44
CA ASP I 294 46.69 -15.82 -10.59
C ASP I 294 47.75 -16.94 -10.65
N SER I 295 47.55 -18.02 -9.87
CA SER I 295 48.50 -19.15 -9.72
C SER I 295 48.40 -20.12 -10.91
N GLU I 296 49.19 -21.20 -10.87
CA GLU I 296 49.22 -22.30 -11.88
C GLU I 296 48.46 -23.52 -11.36
N GLN I 297 47.85 -23.45 -10.17
CA GLN I 297 47.29 -24.61 -9.43
C GLN I 297 45.78 -24.77 -9.72
N ASN I 298 45.10 -23.74 -10.22
CA ASN I 298 43.66 -23.80 -10.59
C ASN I 298 43.48 -24.76 -11.78
N PHE I 299 42.28 -25.31 -11.93
CA PHE I 299 41.94 -26.39 -12.90
C PHE I 299 42.27 -25.95 -14.34
N TYR I 300 41.83 -24.76 -14.72
CA TYR I 300 41.88 -24.23 -16.12
C TYR I 300 43.33 -24.03 -16.56
N SER I 301 44.21 -23.57 -15.67
CA SER I 301 45.67 -23.39 -15.91
C SER I 301 46.33 -24.76 -16.15
N ILE I 302 45.96 -25.77 -15.37
CA ILE I 302 46.46 -27.19 -15.49
C ILE I 302 45.88 -27.79 -16.79
N PHE I 303 44.65 -27.42 -17.16
CA PHE I 303 43.90 -28.01 -18.31
C PHE I 303 44.48 -27.54 -19.66
N LYS I 304 45.21 -26.42 -19.70
CA LYS I 304 45.91 -25.91 -20.92
C LYS I 304 47.17 -26.74 -21.20
N ASN I 305 47.79 -27.30 -20.16
CA ASN I 305 49.10 -28.03 -20.22
C ASN I 305 48.86 -29.55 -20.29
N THR I 306 47.78 -29.99 -20.95
CA THR I 306 47.36 -31.42 -21.02
C THR I 306 48.38 -32.24 -21.82
N GLU I 307 48.97 -31.66 -22.88
CA GLU I 307 50.01 -32.31 -23.72
C GLU I 307 51.26 -32.60 -22.88
N TRP I 308 51.62 -31.67 -21.98
CA TRP I 308 52.83 -31.75 -21.12
C TRP I 308 52.69 -32.87 -20.08
N TYR I 309 51.52 -32.98 -19.44
CA TYR I 309 51.24 -34.00 -18.39
C TYR I 309 51.13 -35.39 -19.02
N LEU I 310 50.64 -35.49 -20.27
CA LEU I 310 50.57 -36.77 -21.02
C LEU I 310 51.98 -37.28 -21.34
N SER I 311 52.93 -36.36 -21.58
CA SER I 311 54.37 -36.69 -21.83
C SER I 311 55.01 -37.24 -20.55
N ALA I 312 54.64 -36.68 -19.39
CA ALA I 312 55.09 -37.11 -18.04
C ALA I 312 54.51 -38.48 -17.68
N LEU I 313 53.25 -38.75 -18.06
CA LEU I 313 52.53 -40.02 -17.74
C LEU I 313 53.05 -41.18 -18.63
N LYS I 314 53.61 -40.88 -19.81
CA LYS I 314 54.19 -41.92 -20.71
C LYS I 314 55.54 -42.41 -20.15
N ASN I 315 56.23 -41.57 -19.36
CA ASN I 315 57.50 -41.90 -18.65
C ASN I 315 57.19 -42.61 -17.32
N CYS I 316 55.95 -42.56 -16.84
CA CYS I 316 55.50 -43.09 -15.52
C CYS I 316 55.65 -44.62 -15.46
N ILE I 317 55.14 -45.33 -16.47
CA ILE I 317 55.08 -46.84 -16.49
C ILE I 317 56.48 -47.41 -16.82
N THR I 318 57.40 -46.59 -17.34
CA THR I 318 58.79 -47.01 -17.70
C THR I 318 59.62 -47.21 -16.44
N ASN I 319 59.38 -46.42 -15.39
CA ASN I 319 60.23 -46.31 -14.17
C ASN I 319 59.74 -47.25 -13.07
N LYS I 320 58.45 -47.17 -12.73
CA LYS I 320 57.77 -47.96 -11.65
C LYS I 320 58.40 -47.67 -10.28
N ASN I 321 58.92 -46.45 -10.07
CA ASN I 321 59.24 -45.86 -8.74
C ASN I 321 58.31 -44.65 -8.57
N GLU I 322 57.02 -44.89 -8.81
CA GLU I 322 56.02 -43.87 -9.22
C GLU I 322 55.58 -43.00 -8.04
N LYS I 323 55.62 -41.68 -8.24
CA LYS I 323 54.66 -40.71 -7.65
C LYS I 323 54.10 -39.89 -8.82
N ILE I 324 52.79 -39.99 -9.08
CA ILE I 324 52.09 -39.25 -10.17
C ILE I 324 51.92 -37.81 -9.66
N ASP I 325 52.17 -36.82 -10.54
CA ASP I 325 52.18 -35.37 -10.19
C ASP I 325 50.82 -35.01 -9.59
N PRO I 326 50.78 -34.46 -8.35
CA PRO I 326 49.53 -33.99 -7.73
C PRO I 326 48.62 -33.10 -8.59
N ALA I 327 49.16 -32.40 -9.59
CA ALA I 327 48.40 -31.63 -10.61
C ALA I 327 47.49 -32.56 -11.42
N ILE I 328 47.97 -33.76 -11.74
CA ILE I 328 47.26 -34.76 -12.61
C ILE I 328 46.19 -35.48 -11.78
N TYR I 329 46.46 -35.75 -10.49
CA TYR I 329 45.48 -36.33 -9.54
C TYR I 329 44.30 -35.37 -9.36
N TYR I 330 44.59 -34.08 -9.16
CA TYR I 330 43.59 -32.99 -9.02
C TYR I 330 42.80 -32.83 -10.33
N LEU I 331 43.47 -32.99 -11.48
CA LEU I 331 42.84 -32.87 -12.83
C LEU I 331 41.67 -33.85 -12.95
N PHE I 332 41.91 -35.13 -12.63
CA PHE I 332 40.93 -36.24 -12.77
C PHE I 332 39.91 -36.23 -11.63
N SER I 333 40.15 -35.49 -10.55
CA SER I 333 39.17 -35.22 -9.47
C SER I 333 38.04 -34.33 -10.00
N VAL I 334 38.36 -33.37 -10.88
CA VAL I 334 37.39 -32.38 -11.45
C VAL I 334 36.60 -33.06 -12.58
N LEU I 335 37.22 -33.99 -13.32
CA LEU I 335 36.56 -34.75 -14.42
C LEU I 335 35.56 -35.76 -13.84
N ILE I 336 35.89 -36.39 -12.71
CA ILE I 336 34.99 -37.32 -11.95
C ILE I 336 33.83 -36.51 -11.35
N LYS I 337 34.14 -35.33 -10.80
CA LYS I 337 33.14 -34.33 -10.31
C LYS I 337 32.26 -33.88 -11.48
N GLY I 338 32.83 -33.76 -12.69
CA GLY I 338 32.14 -33.35 -13.91
C GLY I 338 32.03 -31.84 -14.00
N GLY I 339 31.33 -31.34 -15.01
CA GLY I 339 31.01 -29.89 -15.16
C GLY I 339 31.18 -29.40 -16.59
N MET I 340 31.10 -28.08 -16.74
CA MET I 340 31.12 -27.33 -18.04
C MET I 340 32.39 -26.49 -18.10
N PHE I 341 33.34 -26.87 -18.97
CA PHE I 341 34.68 -26.26 -19.07
C PHE I 341 34.89 -25.62 -20.45
N GLN I 342 33.90 -24.84 -20.92
CA GLN I 342 33.96 -24.12 -22.21
C GLN I 342 34.56 -22.72 -21.97
N LYS I 343 35.49 -22.30 -22.82
CA LYS I 343 36.13 -20.95 -22.81
C LYS I 343 35.07 -19.93 -23.22
N LYS I 344 34.50 -20.11 -24.42
CA LYS I 344 33.50 -19.21 -25.05
C LYS I 344 32.10 -19.78 -24.76
N GLU J 2 40.42 -4.59 13.15
CA GLU J 2 40.96 -5.79 13.86
C GLU J 2 40.03 -6.99 13.64
N LEU J 3 38.74 -6.83 13.95
CA LEU J 3 37.72 -7.92 13.92
C LEU J 3 37.49 -8.37 12.47
N CYS J 4 37.23 -9.67 12.27
CA CYS J 4 37.14 -10.34 10.95
C CYS J 4 35.73 -10.20 10.37
N ASN J 5 35.53 -10.71 9.14
CA ASN J 5 34.22 -10.72 8.43
C ASN J 5 33.41 -11.95 8.88
N ILE J 6 34.01 -13.15 8.84
CA ILE J 6 33.30 -14.45 9.01
C ILE J 6 33.92 -15.22 10.20
N LEU J 7 34.07 -14.55 11.36
CA LEU J 7 34.48 -15.19 12.64
C LEU J 7 33.25 -15.83 13.29
N LYS J 8 33.32 -17.13 13.60
CA LYS J 8 32.20 -17.89 14.23
C LYS J 8 32.75 -19.07 15.06
N TYR J 9 32.06 -19.42 16.15
CA TYR J 9 32.38 -20.53 17.08
C TYR J 9 31.19 -21.48 17.22
N ASP J 10 31.47 -22.79 17.34
CA ASP J 10 30.47 -23.84 17.69
C ASP J 10 30.48 -24.01 19.22
N ARG J 11 29.30 -24.06 19.85
CA ARG J 11 29.11 -24.29 21.32
C ARG J 11 29.83 -25.57 21.75
N SER J 12 30.21 -25.65 23.03
CA SER J 12 30.97 -26.78 23.64
C SER J 12 30.06 -27.73 24.42
N LEU J 13 28.95 -27.24 25.01
CA LEU J 13 28.00 -28.05 25.82
C LEU J 13 26.75 -28.38 25.00
N TYR J 14 26.49 -29.67 24.76
CA TYR J 14 25.32 -30.18 23.99
C TYR J 14 24.41 -30.95 24.93
N PRO J 15 23.45 -30.27 25.62
CA PRO J 15 22.40 -30.95 26.37
C PRO J 15 21.21 -31.32 25.47
N GLY J 16 20.54 -32.43 25.76
CA GLY J 16 19.35 -32.88 25.02
C GLY J 16 18.07 -32.23 25.53
N LYS J 17 16.91 -32.70 25.05
CA LYS J 17 15.58 -32.38 25.64
C LYS J 17 15.49 -33.13 26.97
N ALA J 18 14.99 -32.48 28.04
CA ALA J 18 14.88 -33.05 29.41
C ALA J 18 13.44 -33.56 29.65
N VAL J 19 13.22 -34.87 29.51
CA VAL J 19 11.86 -35.49 29.53
C VAL J 19 11.43 -35.74 30.98
N PHE J 20 10.16 -35.49 31.29
CA PHE J 20 9.49 -35.83 32.58
C PHE J 20 8.79 -37.18 32.45
N PHE J 21 8.92 -38.04 33.46
CA PHE J 21 8.33 -39.39 33.49
C PHE J 21 8.32 -39.95 34.91
N TYR J 22 7.59 -41.05 35.12
CA TYR J 22 7.52 -41.80 36.40
C TYR J 22 7.57 -43.30 36.11
N LYS J 23 8.00 -44.08 37.11
CA LYS J 23 8.20 -45.55 37.02
C LYS J 23 7.13 -46.26 37.84
N THR J 24 6.43 -47.22 37.23
CA THR J 24 5.41 -48.10 37.89
C THR J 24 6.05 -49.47 38.15
N ALA J 25 5.26 -50.43 38.63
CA ALA J 25 5.67 -51.84 38.87
C ALA J 25 5.95 -52.54 37.54
N ASP J 26 5.10 -52.31 36.52
CA ASP J 26 5.18 -52.98 35.19
C ASP J 26 6.22 -52.29 34.31
N SER J 27 6.10 -50.96 34.11
CA SER J 27 6.94 -50.15 33.19
C SER J 27 7.85 -49.21 34.00
N ASP J 28 9.06 -48.97 33.50
CA ASP J 28 10.09 -48.08 34.11
C ASP J 28 10.28 -46.81 33.26
N PHE J 29 9.37 -46.54 32.32
CA PHE J 29 9.24 -45.23 31.63
C PHE J 29 7.77 -45.04 31.23
N VAL J 30 6.98 -44.44 32.12
CA VAL J 30 5.59 -43.96 31.85
C VAL J 30 5.68 -42.45 31.62
N PRO J 31 5.40 -41.95 30.39
CA PRO J 31 5.53 -40.52 30.12
C PRO J 31 4.46 -39.70 30.89
N LEU J 32 4.87 -38.59 31.49
CA LEU J 32 3.95 -37.62 32.15
C LEU J 32 3.22 -36.81 31.07
N GLU J 33 1.93 -37.07 30.89
CA GLU J 33 1.05 -36.41 29.88
C GLU J 33 0.35 -35.21 30.51
N ALA J 34 0.25 -34.10 29.77
CA ALA J 34 -0.60 -32.92 30.10
C ALA J 34 -2.07 -33.28 29.85
N ASP J 35 -2.98 -32.59 30.53
CA ASP J 35 -4.47 -32.69 30.33
C ASP J 35 -4.90 -31.57 29.40
N ILE J 36 -5.33 -31.92 28.17
CA ILE J 36 -5.82 -30.95 27.14
C ILE J 36 -7.31 -30.70 27.39
N ASN J 37 -7.69 -29.41 27.45
CA ASN J 37 -9.09 -28.94 27.49
C ASN J 37 -9.30 -27.97 26.31
N LYS J 38 -10.33 -28.14 25.52
CA LYS J 38 -10.49 -27.21 24.39
C LYS J 38 -11.77 -26.43 24.58
N ILE J 39 -11.86 -25.24 24.02
CA ILE J 39 -13.06 -24.42 24.28
C ILE J 39 -13.65 -23.93 22.96
N ARG J 40 -14.98 -24.04 22.81
CA ARG J 40 -15.94 -23.70 21.72
C ARG J 40 -16.28 -24.95 20.93
N ASN J 67 -13.44 -23.91 14.41
CA ASN J 67 -14.37 -23.09 15.25
C ASN J 67 -13.59 -22.11 16.13
N ASN J 68 -12.32 -21.80 15.80
CA ASN J 68 -11.41 -20.92 16.58
C ASN J 68 -11.26 -21.48 18.01
N ILE J 69 -10.95 -22.78 18.13
CA ILE J 69 -10.87 -23.53 19.41
C ILE J 69 -9.61 -23.06 20.18
N LEU J 70 -9.77 -22.66 21.44
CA LEU J 70 -8.64 -22.39 22.39
C LEU J 70 -8.31 -23.71 23.11
N THR J 71 -7.02 -23.98 23.32
CA THR J 71 -6.50 -25.20 23.99
C THR J 71 -5.81 -24.82 25.30
N LEU J 72 -6.44 -25.13 26.45
CA LEU J 72 -5.83 -24.98 27.80
C LEU J 72 -5.29 -26.34 28.26
N GLU J 73 -3.98 -26.42 28.52
CA GLU J 73 -3.25 -27.63 28.97
C GLU J 73 -2.74 -27.41 30.39
N GLU J 74 -3.01 -28.34 31.31
CA GLU J 74 -2.47 -28.33 32.70
C GLU J 74 -1.74 -29.66 32.96
N CYS J 75 -0.67 -29.61 33.77
CA CYS J 75 0.24 -30.74 34.07
C CYS J 75 0.42 -30.88 35.59
N TYR J 76 0.16 -32.08 36.13
CA TYR J 76 0.32 -32.45 37.56
C TYR J 76 0.65 -33.94 37.67
N VAL J 77 1.25 -34.35 38.80
CA VAL J 77 1.66 -35.75 39.08
C VAL J 77 0.40 -36.59 39.30
N PRO J 78 0.22 -37.75 38.61
CA PRO J 78 -0.93 -38.62 38.86
C PRO J 78 -1.07 -39.05 40.32
N PRO J 79 -2.29 -39.36 40.82
CA PRO J 79 -2.56 -39.46 42.25
C PRO J 79 -1.69 -40.45 43.04
N ASN J 80 -1.49 -41.66 42.51
CA ASN J 80 -0.81 -42.78 43.21
C ASN J 80 0.72 -42.71 43.03
N VAL J 81 1.22 -41.84 42.16
CA VAL J 81 2.69 -41.67 41.88
C VAL J 81 3.29 -40.82 43.01
N GLU J 82 4.42 -41.26 43.58
CA GLU J 82 5.06 -40.64 44.79
C GLU J 82 6.44 -40.06 44.45
N HIS J 83 7.11 -40.55 43.39
CA HIS J 83 8.36 -39.97 42.82
C HIS J 83 8.14 -39.63 41.35
N ILE J 84 8.65 -38.49 40.89
CA ILE J 84 8.71 -38.12 39.44
C ILE J 84 10.16 -37.84 39.06
N PHE J 85 10.51 -38.15 37.80
CA PHE J 85 11.88 -38.12 37.24
C PHE J 85 11.98 -37.11 36.11
N CYS J 86 13.05 -36.30 36.12
CA CYS J 86 13.51 -35.45 34.99
C CYS J 86 14.88 -35.95 34.53
N ARG J 87 14.98 -36.39 33.27
CA ARG J 87 16.20 -37.00 32.68
C ARG J 87 16.62 -36.21 31.44
N PHE J 88 17.93 -36.00 31.28
CA PHE J 88 18.55 -35.49 30.04
C PHE J 88 20.00 -35.98 29.92
N SER J 89 20.49 -36.03 28.67
CA SER J 89 21.90 -36.36 28.30
C SER J 89 22.64 -35.05 28.02
N LEU J 90 23.89 -34.95 28.47
CA LEU J 90 24.83 -33.86 28.17
C LEU J 90 26.09 -34.45 27.56
N ARG J 91 26.38 -34.13 26.30
CA ARG J 91 27.64 -34.48 25.59
C ARG J 91 28.44 -33.19 25.41
N VAL J 92 29.78 -33.30 25.51
CA VAL J 92 30.72 -32.13 25.53
C VAL J 92 31.82 -32.35 24.48
N GLN J 93 31.91 -31.43 23.51
CA GLN J 93 33.00 -31.35 22.50
C GLN J 93 33.94 -30.20 22.94
N ALA J 94 35.16 -30.17 22.39
CA ALA J 94 36.19 -29.15 22.68
C ALA J 94 36.22 -28.10 21.56
N ASN J 95 35.08 -27.43 21.33
CA ASN J 95 34.85 -26.53 20.16
C ASN J 95 35.13 -25.07 20.56
N SER J 96 36.03 -24.82 21.51
CA SER J 96 36.39 -23.45 22.01
C SER J 96 37.91 -23.23 22.00
N LEU J 97 38.66 -23.99 21.21
CA LEU J 97 40.14 -23.87 21.07
C LEU J 97 40.48 -23.01 19.84
N VAL J 98 39.88 -23.34 18.70
CA VAL J 98 40.04 -22.61 17.40
C VAL J 98 38.66 -22.19 16.92
N PRO J 99 38.49 -21.01 16.26
CA PRO J 99 37.22 -20.65 15.64
C PRO J 99 36.85 -21.59 14.48
N SER J 100 35.55 -21.77 14.24
CA SER J 100 35.00 -22.66 13.17
C SER J 100 35.27 -22.05 11.79
N GLY J 101 35.13 -20.73 11.66
CA GLY J 101 35.47 -19.96 10.45
C GLY J 101 36.25 -18.68 10.79
N CYS J 102 37.04 -18.17 9.85
CA CYS J 102 37.86 -16.92 10.00
C CYS J 102 38.45 -16.50 8.65
N SER J 103 38.51 -15.20 8.39
CA SER J 103 39.14 -14.56 7.20
C SER J 103 40.63 -14.32 7.47
N ASP J 104 40.96 -13.79 8.65
CA ASP J 104 42.32 -13.29 9.01
C ASP J 104 43.15 -14.44 9.58
N PRO J 105 44.33 -14.77 8.99
CA PRO J 105 45.20 -15.83 9.53
C PRO J 105 45.85 -15.49 10.89
N GLU J 106 46.20 -14.22 11.11
CA GLU J 106 46.92 -13.74 12.32
C GLU J 106 45.99 -13.83 13.54
N VAL J 107 44.72 -13.47 13.36
CA VAL J 107 43.62 -13.61 14.38
C VAL J 107 43.48 -15.08 14.76
N PHE J 108 43.42 -15.97 13.76
CA PHE J 108 43.27 -17.45 13.92
C PHE J 108 44.43 -17.99 14.77
N SER J 109 45.67 -17.63 14.41
CA SER J 109 46.91 -18.01 15.14
C SER J 109 46.92 -17.40 16.55
N LEU J 110 46.48 -16.15 16.69
CA LEU J 110 46.39 -15.42 17.99
C LEU J 110 45.43 -16.16 18.94
N LEU J 111 44.19 -16.39 18.49
CA LEU J 111 43.11 -17.06 19.29
C LEU J 111 43.55 -18.49 19.66
N LYS J 112 44.12 -19.23 18.71
CA LYS J 112 44.66 -20.61 18.91
C LYS J 112 45.65 -20.60 20.08
N GLU J 113 46.64 -19.69 20.03
CA GLU J 113 47.72 -19.57 21.05
C GLU J 113 47.12 -19.07 22.38
N LEU J 114 46.13 -18.16 22.33
CA LEU J 114 45.40 -17.66 23.54
C LEU J 114 44.70 -18.82 24.24
N ALA J 115 43.93 -19.62 23.48
CA ALA J 115 43.21 -20.82 23.98
C ALA J 115 44.20 -21.80 24.64
N GLU J 116 45.28 -22.14 23.93
CA GLU J 116 46.38 -23.02 24.41
C GLU J 116 46.95 -22.45 25.72
N THR J 117 47.21 -21.15 25.78
CA THR J 117 47.76 -20.44 26.98
C THR J 117 46.76 -20.57 28.14
N PHE J 118 45.48 -20.28 27.90
CA PHE J 118 44.38 -20.36 28.91
C PHE J 118 44.21 -21.80 29.41
N LYS J 119 44.30 -22.79 28.51
CA LYS J 119 44.22 -24.25 28.84
C LYS J 119 45.38 -24.62 29.78
N GLU J 120 46.62 -24.31 29.38
CA GLU J 120 47.86 -24.71 30.11
C GLU J 120 47.94 -23.99 31.46
N CYS J 121 47.38 -22.78 31.57
CA CYS J 121 47.27 -22.02 32.86
C CYS J 121 46.30 -22.72 33.81
N GLY J 122 45.22 -23.31 33.27
CA GLY J 122 44.24 -24.13 34.03
C GLY J 122 43.02 -23.33 34.45
N GLY J 123 42.44 -22.57 33.52
CA GLY J 123 41.21 -21.78 33.72
C GLY J 123 39.96 -22.55 33.32
N TYR J 124 40.09 -23.46 32.35
CA TYR J 124 38.99 -24.38 31.90
C TYR J 124 38.48 -25.20 33.09
N LYS J 125 39.36 -25.54 34.04
CA LYS J 125 39.02 -26.23 35.32
C LYS J 125 38.00 -25.39 36.11
N GLU J 126 38.26 -24.09 36.27
CA GLU J 126 37.38 -23.16 37.02
C GLU J 126 36.02 -23.05 36.32
N LEU J 127 36.00 -22.88 35.00
CA LEU J 127 34.75 -22.85 34.19
C LEU J 127 34.00 -24.18 34.36
N ALA J 128 34.69 -25.32 34.23
CA ALA J 128 34.12 -26.69 34.33
C ALA J 128 33.45 -26.90 35.68
N VAL J 129 34.07 -26.44 36.77
CA VAL J 129 33.56 -26.54 38.17
C VAL J 129 32.22 -25.81 38.29
N ARG J 130 32.13 -24.58 37.77
CA ARG J 130 30.90 -23.74 37.79
C ARG J 130 29.79 -24.41 36.99
N TYR J 131 30.10 -24.88 35.78
CA TYR J 131 29.16 -25.65 34.91
C TYR J 131 28.68 -26.88 35.69
N CYS J 132 29.61 -27.62 36.30
CA CYS J 132 29.31 -28.87 37.06
C CYS J 132 28.42 -28.60 38.28
N ARG J 133 28.67 -27.50 39.01
CA ARG J 133 27.92 -27.16 40.26
C ARG J 133 26.44 -26.96 39.96
N ASN J 134 26.10 -26.26 38.87
CA ASN J 134 24.71 -26.03 38.40
C ASN J 134 24.00 -27.36 38.18
N ILE J 135 24.67 -28.36 37.60
CA ILE J 135 24.14 -29.74 37.40
C ILE J 135 23.81 -30.32 38.79
N LEU J 136 24.69 -30.18 39.78
CA LEU J 136 24.56 -30.87 41.09
C LEU J 136 23.48 -30.24 41.98
N ILE J 137 23.25 -28.92 41.90
CA ILE J 137 22.25 -28.21 42.76
C ILE J 137 20.86 -28.17 42.09
N GLY J 138 20.70 -28.71 40.88
CA GLY J 138 19.40 -28.82 40.19
C GLY J 138 18.85 -27.46 39.76
N THR J 139 19.70 -26.54 39.29
CA THR J 139 19.30 -25.27 38.63
C THR J 139 18.38 -25.58 37.44
N TRP J 140 18.82 -26.53 36.61
CA TRP J 140 18.17 -27.04 35.37
C TRP J 140 16.72 -27.49 35.60
N LEU J 141 16.39 -27.96 36.81
CA LEU J 141 14.99 -28.02 37.30
C LEU J 141 14.64 -26.60 37.68
N TRP J 142 13.93 -25.86 36.83
CA TRP J 142 13.78 -24.39 37.00
C TRP J 142 12.82 -24.11 38.16
N ARG J 143 11.52 -24.15 37.91
CA ARG J 143 10.48 -23.81 38.92
C ARG J 143 10.15 -25.05 39.79
N ASN J 144 10.68 -26.23 39.44
CA ASN J 144 10.47 -27.51 40.17
C ASN J 144 11.63 -27.76 41.16
N GLN J 145 12.67 -26.93 41.16
CA GLN J 145 13.86 -27.04 42.04
C GLN J 145 13.45 -26.90 43.51
N ASN J 146 13.81 -27.89 44.34
CA ASN J 146 13.63 -27.87 45.82
C ASN J 146 12.15 -27.72 46.18
N THR J 147 11.24 -28.30 45.38
CA THR J 147 9.80 -28.46 45.69
C THR J 147 9.63 -29.72 46.56
N GLY J 148 10.55 -30.68 46.42
CA GLY J 148 10.66 -31.89 47.27
C GLY J 148 12.11 -32.23 47.56
N ASN J 149 12.35 -33.43 48.12
CA ASN J 149 13.70 -33.97 48.40
C ASN J 149 14.26 -34.61 47.12
N THR J 150 14.86 -33.81 46.25
CA THR J 150 15.41 -34.24 44.93
C THR J 150 16.77 -34.91 45.16
N GLN J 151 16.98 -36.11 44.59
CA GLN J 151 18.32 -36.72 44.42
C GLN J 151 18.67 -36.73 42.93
N ILE J 152 19.95 -36.57 42.60
CA ILE J 152 20.46 -36.52 41.20
C ILE J 152 21.45 -37.67 41.00
N GLU J 153 21.19 -38.53 40.01
CA GLU J 153 22.09 -39.61 39.54
C GLU J 153 22.76 -39.16 38.23
N ILE J 154 24.08 -39.30 38.13
CA ILE J 154 24.91 -38.94 36.94
C ILE J 154 25.73 -40.16 36.52
N LYS J 155 25.42 -40.74 35.36
CA LYS J 155 26.16 -41.86 34.73
C LYS J 155 26.95 -41.32 33.52
N THR J 156 28.28 -41.35 33.57
CA THR J 156 29.19 -40.83 32.51
C THR J 156 29.57 -41.96 31.54
N SER J 157 29.94 -41.59 30.31
CA SER J 157 30.38 -42.50 29.21
C SER J 157 31.55 -43.39 29.65
N LYS J 158 32.34 -42.92 30.62
CA LYS J 158 33.57 -43.62 31.13
C LYS J 158 33.23 -44.59 32.27
N GLY J 159 31.95 -44.87 32.52
CA GLY J 159 31.49 -45.93 33.46
C GLY J 159 31.52 -45.47 34.92
N SER J 160 31.60 -44.16 35.18
CA SER J 160 31.40 -43.56 36.53
C SER J 160 29.91 -43.43 36.81
N CYS J 161 29.53 -43.39 38.09
CA CYS J 161 28.14 -43.23 38.58
C CYS J 161 28.13 -42.42 39.88
N TYR J 162 27.76 -41.14 39.79
CA TYR J 162 27.72 -40.18 40.93
C TYR J 162 26.28 -40.04 41.43
N LEU J 163 26.11 -39.82 42.74
CA LEU J 163 24.80 -39.62 43.41
C LEU J 163 24.92 -38.50 44.45
N ILE J 164 23.95 -37.56 44.46
CA ILE J 164 23.98 -36.31 45.26
C ILE J 164 23.15 -36.48 46.54
N ASP J 165 22.10 -37.32 46.53
CA ASP J 165 21.36 -37.82 47.72
C ASP J 165 20.26 -36.82 48.12
N ASN J 166 20.62 -35.55 48.36
CA ASN J 166 19.64 -34.46 48.64
C ASN J 166 20.14 -33.14 48.04
N THR J 167 19.48 -32.69 46.96
CA THR J 167 19.70 -31.40 46.25
C THR J 167 19.38 -30.22 47.18
N ARG J 168 18.41 -30.42 48.09
CA ARG J 168 17.82 -29.35 48.96
C ARG J 168 18.81 -28.86 50.02
N LYS J 169 19.90 -29.61 50.27
CA LYS J 169 20.92 -29.28 51.31
C LYS J 169 22.14 -28.56 50.71
N LEU J 170 22.17 -28.32 49.38
CA LEU J 170 23.30 -27.66 48.67
C LEU J 170 22.92 -26.20 48.36
N ALA J 171 23.91 -25.40 47.94
CA ALA J 171 23.80 -24.01 47.44
C ALA J 171 25.18 -23.50 47.00
N TRP J 172 25.25 -22.60 46.01
CA TRP J 172 26.52 -22.06 45.43
C TRP J 172 27.49 -21.67 46.55
N GLU J 173 27.02 -20.81 47.45
CA GLU J 173 27.85 -20.11 48.47
C GLU J 173 28.04 -21.00 49.71
N SER J 174 27.15 -21.97 49.92
CA SER J 174 27.23 -22.98 51.01
C SER J 174 28.50 -23.82 50.85
N LYS J 175 29.09 -24.26 51.96
CA LYS J 175 30.21 -25.24 52.00
C LYS J 175 29.61 -26.64 52.13
N TRP J 176 30.03 -27.56 51.25
CA TRP J 176 29.42 -28.91 51.06
C TRP J 176 30.13 -29.92 51.98
N ALA J 177 29.54 -31.11 52.10
CA ALA J 177 30.19 -32.32 52.67
C ALA J 177 31.24 -32.83 51.68
N SER J 178 32.22 -33.60 52.16
CA SER J 178 33.38 -34.13 51.39
C SER J 178 32.91 -35.03 50.24
N ASP J 179 31.78 -35.75 50.43
CA ASP J 179 31.18 -36.68 49.43
C ASP J 179 30.77 -35.89 48.18
N ASP J 180 30.00 -34.81 48.36
CA ASP J 180 29.48 -33.94 47.27
C ASP J 180 30.64 -33.19 46.61
N LEU J 181 31.66 -32.78 47.39
CA LEU J 181 32.89 -32.12 46.88
C LEU J 181 33.72 -33.11 46.07
N LYS J 182 33.78 -34.38 46.48
CA LYS J 182 34.45 -35.47 45.71
C LYS J 182 33.71 -35.66 44.38
N VAL J 183 32.37 -35.69 44.41
CA VAL J 183 31.50 -35.76 43.19
C VAL J 183 31.81 -34.55 42.30
N LEU J 184 31.86 -33.35 42.88
CA LEU J 184 32.12 -32.09 42.15
C LEU J 184 33.51 -32.12 41.50
N GLU J 185 34.54 -32.51 42.27
CA GLU J 185 35.95 -32.63 41.83
C GLU J 185 36.05 -33.59 40.64
N GLU J 186 35.52 -34.81 40.78
CA GLU J 186 35.64 -35.90 39.77
C GLU J 186 34.90 -35.50 38.48
N LEU J 187 33.65 -35.01 38.57
CA LEU J 187 32.83 -34.68 37.38
C LEU J 187 33.37 -33.41 36.70
N SER J 188 33.91 -32.46 37.47
CA SER J 188 34.57 -31.24 36.92
C SER J 188 35.83 -31.63 36.13
N ASN J 189 36.61 -32.59 36.64
CA ASN J 189 37.81 -33.15 35.97
C ASN J 189 37.43 -33.80 34.63
N GLU J 190 36.33 -34.56 34.61
CA GLU J 190 35.82 -35.25 33.39
C GLU J 190 35.34 -34.21 32.36
N ILE J 191 34.61 -33.19 32.80
CA ILE J 191 34.08 -32.09 31.92
C ILE J 191 35.26 -31.25 31.41
N GLU J 192 36.24 -30.94 32.25
CA GLU J 192 37.44 -30.14 31.88
C GLU J 192 38.26 -30.89 30.82
N SER J 193 38.51 -32.18 31.02
CA SER J 193 39.21 -33.07 30.06
C SER J 193 38.45 -33.09 28.73
N ALA J 194 37.11 -33.21 28.77
CA ALA J 194 36.22 -33.20 27.59
C ALA J 194 36.29 -31.84 26.87
N LEU J 195 36.39 -30.75 27.64
CA LEU J 195 36.41 -29.36 27.08
C LEU J 195 37.75 -29.03 26.42
N THR J 196 38.84 -29.75 26.74
CA THR J 196 40.23 -29.40 26.34
C THR J 196 40.81 -30.39 25.31
N ASP J 197 40.43 -31.68 25.35
CA ASP J 197 40.96 -32.74 24.45
C ASP J 197 40.03 -32.93 23.26
N PRO J 198 40.47 -32.66 22.00
CA PRO J 198 39.64 -32.90 20.82
C PRO J 198 39.44 -34.39 20.47
N ASN J 199 40.35 -35.27 20.91
CA ASN J 199 40.39 -36.72 20.55
C ASN J 199 39.62 -37.57 21.58
N VAL J 200 38.91 -36.94 22.53
CA VAL J 200 38.08 -37.62 23.57
C VAL J 200 36.60 -37.29 23.31
N PHE J 201 35.77 -38.31 23.10
CA PHE J 201 34.30 -38.23 23.02
C PHE J 201 33.73 -38.51 24.42
N TRP J 202 33.01 -37.55 25.00
CA TRP J 202 32.49 -37.61 26.40
C TRP J 202 31.01 -37.26 26.43
N SER J 203 30.21 -38.11 27.09
CA SER J 203 28.76 -37.92 27.33
C SER J 203 28.42 -38.29 28.78
N ALA J 204 27.28 -37.79 29.28
CA ALA J 204 26.74 -38.08 30.62
C ALA J 204 25.20 -38.12 30.57
N ASP J 205 24.60 -39.07 31.29
CA ASP J 205 23.13 -39.24 31.44
C ASP J 205 22.75 -38.80 32.86
N ILE J 206 21.95 -37.73 32.98
CA ILE J 206 21.66 -37.04 34.27
C ILE J 206 20.16 -37.18 34.57
N THR J 207 19.80 -37.87 35.67
CA THR J 207 18.40 -38.04 36.14
C THR J 207 18.23 -37.41 37.52
N ALA J 208 17.15 -36.64 37.71
CA ALA J 208 16.68 -36.12 39.02
C ALA J 208 15.43 -36.91 39.43
N LYS J 209 15.38 -37.39 40.67
CA LYS J 209 14.20 -38.06 41.28
C LYS J 209 13.64 -37.16 42.38
N ILE J 210 12.46 -36.58 42.16
CA ILE J 210 11.82 -35.59 43.08
C ILE J 210 10.68 -36.30 43.82
N GLU J 211 10.65 -36.18 45.16
CA GLU J 211 9.51 -36.60 46.02
C GLU J 211 8.32 -35.65 45.76
N ALA J 212 7.33 -36.11 45.00
CA ALA J 212 6.12 -35.34 44.64
C ALA J 212 5.12 -35.37 45.81
N SER J 213 4.51 -34.23 46.11
CA SER J 213 3.31 -34.12 46.99
C SER J 213 2.07 -34.58 46.21
N PHE J 214 0.90 -34.61 46.85
CA PHE J 214 -0.36 -35.14 46.27
C PHE J 214 -0.84 -34.23 45.12
N CYS J 215 -0.69 -34.71 43.88
CA CYS J 215 -1.05 -34.00 42.62
C CYS J 215 -0.33 -32.65 42.55
N GLN J 216 1.01 -32.67 42.71
CA GLN J 216 1.90 -31.49 42.63
C GLN J 216 1.89 -30.95 41.20
N GLU J 217 1.69 -29.63 41.02
CA GLU J 217 1.73 -28.95 39.70
C GLU J 217 3.19 -28.96 39.22
N ILE J 218 3.41 -29.30 37.95
CA ILE J 218 4.75 -29.37 37.31
C ILE J 218 4.83 -28.30 36.21
N TYR J 219 5.99 -27.64 36.12
CA TYR J 219 6.24 -26.48 35.24
C TYR J 219 7.33 -26.87 34.23
N PRO J 220 6.94 -27.50 33.10
CA PRO J 220 7.86 -27.69 31.98
C PRO J 220 7.95 -26.40 31.15
N SER J 221 8.54 -26.45 29.96
CA SER J 221 8.64 -25.33 29.00
C SER J 221 7.32 -25.19 28.24
N GLN J 222 6.88 -23.96 27.95
CA GLN J 222 5.64 -23.63 27.20
C GLN J 222 5.99 -23.13 25.79
N ILE J 223 5.01 -23.19 24.88
CA ILE J 223 5.09 -22.66 23.49
C ILE J 223 4.60 -21.19 23.54
N LEU J 224 5.19 -20.32 22.71
CA LEU J 224 4.96 -18.84 22.77
C LEU J 224 3.63 -18.47 22.09
N ASN J 225 3.44 -18.87 20.83
CA ASN J 225 2.31 -18.50 19.93
C ASN J 225 2.05 -16.98 20.02
N SER J 234 -4.31 -18.80 25.06
CA SER J 234 -4.07 -20.27 25.03
C SER J 234 -2.76 -20.62 25.77
N LYS J 235 -2.64 -21.86 26.24
CA LYS J 235 -1.49 -22.36 27.05
C LYS J 235 -1.18 -23.82 26.66
N GLN J 236 -0.04 -24.04 25.99
CA GLN J 236 0.44 -25.37 25.53
C GLN J 236 1.85 -25.63 26.09
N PHE J 237 2.21 -26.90 26.29
CA PHE J 237 3.53 -27.33 26.83
C PHE J 237 4.37 -27.99 25.73
N VAL J 238 5.70 -27.83 25.85
CA VAL J 238 6.71 -28.47 24.94
C VAL J 238 6.68 -29.98 25.22
N LYS J 239 6.27 -30.77 24.22
CA LYS J 239 6.10 -32.24 24.33
C LYS J 239 7.22 -32.94 23.56
N ALA J 240 7.54 -34.17 23.97
CA ALA J 240 8.43 -35.13 23.26
C ALA J 240 7.63 -36.39 22.93
N LYS J 241 7.34 -36.60 21.64
CA LYS J 241 6.53 -37.76 21.15
C LYS J 241 7.35 -39.04 21.34
N CYS J 242 6.87 -39.96 22.17
CA CYS J 242 7.47 -41.30 22.40
C CYS J 242 7.27 -42.18 21.16
N ALA J 243 7.86 -43.38 21.16
CA ALA J 243 7.80 -44.37 20.06
C ALA J 243 6.37 -44.94 19.93
N ASP J 244 5.63 -45.04 21.05
CA ASP J 244 4.27 -45.64 21.11
C ASP J 244 3.19 -44.63 20.71
N GLY J 245 3.53 -43.33 20.62
CA GLY J 245 2.64 -42.25 20.12
C GLY J 245 2.30 -41.22 21.19
N ARG J 246 2.45 -41.57 22.47
CA ARG J 246 2.13 -40.68 23.63
C ARG J 246 3.16 -39.55 23.71
N TYR J 247 2.69 -38.36 24.12
CA TYR J 247 3.47 -37.10 24.22
C TYR J 247 3.82 -36.83 25.69
N ALA J 248 5.11 -36.68 26.01
CA ALA J 248 5.63 -36.45 27.38
C ALA J 248 6.14 -35.01 27.50
N VAL J 249 5.64 -34.26 28.49
CA VAL J 249 6.04 -32.83 28.74
C VAL J 249 7.53 -32.80 29.08
N SER J 250 8.23 -31.72 28.71
CA SER J 250 9.70 -31.60 28.79
C SER J 250 10.16 -30.14 28.81
N PHE J 251 11.45 -29.93 29.05
CA PHE J 251 12.17 -28.64 28.85
C PHE J 251 12.85 -28.64 27.48
N ASN J 252 12.87 -27.48 26.82
CA ASN J 252 13.72 -27.22 25.64
C ASN J 252 15.18 -27.45 26.04
N SER J 253 16.01 -27.94 25.11
CA SER J 253 17.49 -28.09 25.29
C SER J 253 18.09 -26.73 25.64
N VAL J 254 17.63 -25.68 24.95
CA VAL J 254 18.10 -24.27 25.08
C VAL J 254 17.90 -23.83 26.55
N LYS J 255 16.80 -24.24 27.18
CA LYS J 255 16.44 -23.86 28.58
C LYS J 255 17.38 -24.53 29.60
N ILE J 256 17.62 -25.83 29.44
CA ILE J 256 18.62 -26.60 30.25
C ILE J 256 19.99 -25.96 30.06
N GLY J 257 20.37 -25.72 28.81
CA GLY J 257 21.58 -24.95 28.45
C GLY J 257 21.67 -23.67 29.27
N ALA J 258 20.61 -22.86 29.22
CA ALA J 258 20.51 -21.54 29.90
C ALA J 258 20.75 -21.70 31.40
N ALA J 259 20.35 -22.83 31.98
CA ALA J 259 20.54 -23.19 33.40
C ALA J 259 22.00 -23.52 33.69
N LEU J 260 22.59 -24.44 32.93
CA LEU J 260 24.01 -24.89 33.09
C LEU J 260 24.94 -23.68 32.98
N GLN J 261 24.71 -22.81 31.99
CA GLN J 261 25.56 -21.63 31.64
C GLN J 261 25.11 -20.38 32.42
N SER J 262 24.48 -20.54 33.60
CA SER J 262 24.12 -19.44 34.52
C SER J 262 25.20 -19.31 35.60
N ILE J 263 26.36 -18.77 35.20
CA ILE J 263 27.61 -18.71 36.00
C ILE J 263 28.15 -17.27 36.09
N ASP J 264 27.73 -16.35 35.21
CA ASP J 264 28.32 -14.99 35.06
C ASP J 264 27.94 -14.14 36.27
N ASP J 265 28.85 -14.03 37.24
CA ASP J 265 28.76 -13.08 38.40
C ASP J 265 30.02 -12.21 38.45
N TRP J 266 30.76 -12.11 37.34
CA TRP J 266 32.04 -11.35 37.23
C TRP J 266 31.76 -9.88 36.90
N TRP J 267 30.53 -9.56 36.46
CA TRP J 267 30.10 -8.21 35.97
C TRP J 267 30.30 -7.14 37.03
N ASP J 268 30.07 -7.46 38.32
CA ASP J 268 30.44 -6.62 39.49
C ASP J 268 30.93 -7.52 40.63
N GLU J 269 31.65 -6.92 41.59
CA GLU J 269 32.30 -7.63 42.73
C GLU J 269 31.23 -8.28 43.61
N ASP J 270 30.25 -7.49 44.07
CA ASP J 270 29.05 -7.96 44.81
C ASP J 270 27.88 -8.10 43.82
N ALA J 271 27.88 -9.18 43.03
CA ALA J 271 26.80 -9.55 42.10
C ALA J 271 25.69 -10.26 42.87
N SER J 272 24.46 -9.76 42.78
CA SER J 272 23.25 -10.29 43.47
C SER J 272 22.91 -11.69 42.97
N LYS J 273 23.02 -11.92 41.65
CA LYS J 273 22.68 -13.20 40.97
C LYS J 273 23.85 -13.63 40.07
N ARG J 274 23.70 -14.81 39.46
CA ARG J 274 24.53 -15.31 38.33
C ARG J 274 23.71 -15.23 37.06
N LEU J 275 24.17 -14.47 36.07
CA LEU J 275 23.49 -14.29 34.76
C LEU J 275 23.79 -15.50 33.89
N ARG J 276 22.86 -15.83 32.98
CA ARG J 276 23.12 -16.67 31.79
C ARG J 276 24.14 -15.93 30.93
N VAL J 277 25.21 -16.60 30.48
CA VAL J 277 26.33 -15.98 29.71
C VAL J 277 25.75 -15.33 28.45
N HIS J 278 25.84 -14.01 28.35
CA HIS J 278 25.35 -13.17 27.24
C HIS J 278 26.48 -12.19 26.85
N GLU J 279 26.51 -11.74 25.60
CA GLU J 279 27.60 -10.89 25.03
C GLU J 279 27.50 -9.47 25.61
N PHE J 280 26.30 -9.06 26.04
CA PHE J 280 26.00 -7.75 26.69
C PHE J 280 25.51 -7.93 28.13
N GLY J 281 25.61 -9.14 28.70
CA GLY J 281 25.21 -9.46 30.09
C GLY J 281 23.74 -9.15 30.35
N ALA J 282 22.85 -9.52 29.42
CA ALA J 282 21.40 -9.26 29.46
C ALA J 282 20.74 -10.12 30.56
N ASP J 283 20.01 -9.47 31.47
CA ASP J 283 19.23 -10.12 32.57
C ASP J 283 17.75 -10.18 32.15
N LYS J 284 17.20 -11.38 31.99
CA LYS J 284 15.86 -11.63 31.40
C LYS J 284 14.75 -11.22 32.38
N GLU J 285 14.94 -11.48 33.68
CA GLU J 285 13.92 -11.23 34.75
C GLU J 285 13.73 -9.72 34.94
N ILE J 286 14.83 -9.00 35.16
CA ILE J 286 14.86 -7.52 35.42
C ILE J 286 14.66 -6.79 34.08
N GLY J 287 15.33 -7.23 33.02
CA GLY J 287 15.14 -6.73 31.64
C GLY J 287 15.96 -5.49 31.36
N VAL J 288 17.24 -5.50 31.74
CA VAL J 288 18.26 -4.49 31.31
C VAL J 288 19.65 -5.11 31.39
N ALA J 289 20.56 -4.69 30.49
CA ALA J 289 21.91 -5.26 30.31
C ALA J 289 22.81 -4.86 31.48
N ARG J 290 23.59 -5.81 32.01
CA ARG J 290 24.56 -5.61 33.11
C ARG J 290 25.97 -5.36 32.55
N ARG J 291 26.19 -5.59 31.25
CA ARG J 291 27.44 -5.27 30.51
C ARG J 291 27.06 -4.46 29.27
N PRO J 292 26.63 -3.19 29.40
CA PRO J 292 26.03 -2.45 28.29
C PRO J 292 27.05 -2.09 27.20
N PRO J 293 26.62 -1.80 25.95
CA PRO J 293 27.55 -1.45 24.87
C PRO J 293 28.43 -0.22 25.16
N ASP J 294 27.91 0.74 25.94
CA ASP J 294 28.63 1.97 26.38
C ASP J 294 29.84 1.58 27.26
N SER J 295 29.70 0.55 28.09
CA SER J 295 30.74 0.08 29.06
C SER J 295 31.87 -0.64 28.32
N GLU J 296 32.94 -0.99 29.06
CA GLU J 296 34.12 -1.72 28.54
C GLU J 296 34.08 -3.19 28.96
N GLN J 297 32.98 -3.64 29.58
CA GLN J 297 32.81 -5.01 30.15
C GLN J 297 31.90 -5.87 29.26
N ASN J 298 31.32 -5.31 28.18
CA ASN J 298 30.63 -6.10 27.13
C ASN J 298 31.68 -6.94 26.39
N PHE J 299 31.25 -8.01 25.70
CA PHE J 299 32.13 -9.04 25.10
C PHE J 299 33.12 -8.42 24.10
N TYR J 300 32.64 -7.53 23.22
CA TYR J 300 33.40 -7.02 22.05
C TYR J 300 34.54 -6.09 22.51
N SER J 301 34.31 -5.28 23.54
CA SER J 301 35.33 -4.40 24.18
C SER J 301 36.48 -5.24 24.74
N ILE J 302 36.15 -6.40 25.35
CA ILE J 302 37.13 -7.37 25.92
C ILE J 302 37.80 -8.13 24.77
N PHE J 303 37.07 -8.45 23.70
CA PHE J 303 37.58 -9.17 22.50
C PHE J 303 38.56 -8.30 21.70
N LYS J 304 38.54 -6.97 21.89
CA LYS J 304 39.47 -6.02 21.22
C LYS J 304 40.83 -5.97 21.94
N ASN J 305 40.98 -6.60 23.12
CA ASN J 305 42.20 -6.55 23.97
C ASN J 305 42.80 -7.96 24.15
N THR J 306 42.69 -8.83 23.14
CA THR J 306 43.12 -10.27 23.21
C THR J 306 44.65 -10.34 23.33
N GLU J 307 45.38 -9.61 22.46
CA GLU J 307 46.87 -9.55 22.45
C GLU J 307 47.40 -8.98 23.78
N TRP J 308 46.62 -8.12 24.43
CA TRP J 308 46.92 -7.57 25.79
C TRP J 308 46.76 -8.68 26.84
N TYR J 309 45.63 -9.39 26.83
CA TYR J 309 45.28 -10.47 27.79
C TYR J 309 46.20 -11.69 27.60
N LEU J 310 46.68 -11.93 26.38
CA LEU J 310 47.64 -13.04 26.07
C LEU J 310 48.93 -12.82 26.87
N SER J 311 49.49 -11.61 26.83
CA SER J 311 50.71 -11.20 27.56
C SER J 311 50.47 -11.26 29.07
N ALA J 312 49.27 -10.88 29.52
CA ALA J 312 48.81 -10.98 30.94
C ALA J 312 48.76 -12.45 31.37
N LEU J 313 48.22 -13.33 30.51
CA LEU J 313 48.15 -14.80 30.77
C LEU J 313 49.55 -15.41 30.76
N LYS J 314 50.41 -15.01 29.81
CA LYS J 314 51.82 -15.51 29.70
C LYS J 314 52.61 -15.12 30.97
N ASN J 315 52.32 -13.94 31.55
CA ASN J 315 52.86 -13.51 32.86
C ASN J 315 52.23 -14.35 33.99
N CYS J 316 50.96 -14.72 33.85
CA CYS J 316 50.18 -15.54 34.82
C CYS J 316 50.66 -17.00 34.84
N ILE J 317 51.42 -17.47 33.84
CA ILE J 317 52.07 -18.82 33.81
C ILE J 317 53.26 -18.79 34.77
N THR J 318 53.57 -19.95 35.38
CA THR J 318 54.60 -20.18 36.43
C THR J 318 54.09 -19.60 37.76
N ASN J 319 53.56 -18.37 37.75
CA ASN J 319 52.69 -17.81 38.82
C ASN J 319 51.27 -18.35 38.61
N ASN J 321 51.22 -18.12 41.85
CA ASN J 321 49.97 -18.16 42.65
C ASN J 321 48.96 -17.08 42.21
N GLU J 322 49.18 -16.41 41.07
CA GLU J 322 48.37 -15.24 40.62
C GLU J 322 47.08 -15.76 39.95
N LYS J 323 45.93 -15.17 40.33
CA LYS J 323 44.59 -15.53 39.78
C LYS J 323 44.45 -14.93 38.38
N ILE J 324 43.56 -15.53 37.56
CA ILE J 324 43.30 -15.11 36.15
C ILE J 324 42.31 -13.94 36.19
N ASP J 325 42.43 -12.99 35.26
CA ASP J 325 41.54 -11.80 35.15
C ASP J 325 40.12 -12.28 34.83
N PRO J 326 39.08 -11.87 35.60
CA PRO J 326 37.70 -12.27 35.32
C PRO J 326 37.15 -11.96 33.92
N ALA J 327 37.71 -10.96 33.22
CA ALA J 327 37.35 -10.61 31.83
C ALA J 327 37.64 -11.80 30.90
N ILE J 328 38.72 -12.55 31.16
CA ILE J 328 39.14 -13.72 30.35
C ILE J 328 38.20 -14.90 30.66
N TYR J 329 37.77 -15.06 31.92
CA TYR J 329 36.74 -16.05 32.35
C TYR J 329 35.41 -15.77 31.65
N TYR J 330 34.99 -14.50 31.60
CA TYR J 330 33.79 -14.04 30.86
C TYR J 330 33.99 -14.28 29.36
N LEU J 331 35.17 -13.93 28.82
CA LEU J 331 35.56 -14.16 27.40
C LEU J 331 35.36 -15.65 27.06
N PHE J 332 36.00 -16.55 27.81
CA PHE J 332 36.04 -18.00 27.50
C PHE J 332 34.67 -18.64 27.77
N SER J 333 33.89 -18.10 28.69
CA SER J 333 32.48 -18.53 28.95
C SER J 333 31.59 -18.19 27.76
N VAL J 334 31.84 -17.07 27.06
CA VAL J 334 31.14 -16.69 25.79
C VAL J 334 31.62 -17.62 24.66
N LEU J 335 32.91 -17.95 24.63
CA LEU J 335 33.49 -18.85 23.59
C LEU J 335 32.98 -20.29 23.80
N ILE J 336 32.70 -20.67 25.05
CA ILE J 336 32.08 -22.00 25.39
C ILE J 336 30.56 -21.95 25.12
N LYS J 337 29.96 -20.76 25.14
CA LYS J 337 28.56 -20.53 24.68
C LYS J 337 28.51 -20.61 23.15
N GLY J 338 29.53 -20.09 22.46
CA GLY J 338 29.60 -20.03 20.98
C GLY J 338 28.96 -18.76 20.44
N GLY J 339 29.00 -18.55 19.12
CA GLY J 339 28.33 -17.41 18.46
C GLY J 339 28.78 -17.21 17.02
N MET J 340 28.01 -16.47 16.24
CA MET J 340 28.43 -16.07 14.88
C MET J 340 28.59 -14.57 15.00
N PHE J 341 29.48 -14.19 15.89
CA PHE J 341 29.69 -12.80 16.36
C PHE J 341 30.70 -12.06 15.49
N GLN J 342 30.51 -10.74 15.36
CA GLN J 342 31.09 -9.78 14.37
C GLN J 342 31.93 -10.51 13.31
N LYS J 343 31.36 -10.77 12.11
CA LYS J 343 29.98 -10.46 11.76
C LYS J 343 29.48 -11.49 10.75
N MET K 1 -46.91 -8.93 37.21
CA MET K 1 -46.64 -9.78 36.02
C MET K 1 -45.65 -9.07 35.08
N GLN K 2 -45.90 -7.79 34.77
CA GLN K 2 -45.03 -6.93 33.92
C GLN K 2 -43.66 -6.80 34.61
N ARG K 3 -42.63 -7.44 34.05
CA ARG K 3 -41.26 -7.47 34.62
C ARG K 3 -40.55 -6.15 34.28
N TYR K 4 -40.24 -5.37 35.32
CA TYR K 4 -39.46 -4.09 35.21
C TYR K 4 -37.98 -4.43 35.34
N TYR K 5 -37.12 -3.50 34.94
CA TYR K 5 -35.64 -3.64 35.01
C TYR K 5 -34.99 -2.26 35.05
N PHE K 6 -33.74 -2.21 35.53
CA PHE K 6 -32.78 -1.11 35.29
C PHE K 6 -31.44 -1.71 34.85
N THR K 7 -30.53 -0.85 34.40
CA THR K 7 -29.25 -1.20 33.75
C THR K 7 -28.14 -0.31 34.31
N VAL K 8 -27.03 -0.93 34.73
CA VAL K 8 -25.79 -0.24 35.18
C VAL K 8 -24.76 -0.35 34.04
N HIS K 9 -24.37 0.78 33.45
CA HIS K 9 -23.42 0.88 32.32
C HIS K 9 -22.07 1.40 32.85
N PHE K 10 -20.97 0.69 32.57
CA PHE K 10 -19.59 1.00 33.05
C PHE K 10 -18.89 1.89 32.01
N LEU K 11 -18.68 3.16 32.34
CA LEU K 11 -18.26 4.21 31.36
C LEU K 11 -16.77 4.11 31.01
N PRO K 12 -15.84 3.97 31.98
CA PRO K 12 -14.41 3.92 31.66
C PRO K 12 -14.02 2.75 30.74
N LYS K 13 -13.14 3.01 29.77
CA LYS K 13 -12.66 2.04 28.75
C LYS K 13 -11.67 1.05 29.40
N GLN K 14 -10.98 1.47 30.47
CA GLN K 14 -9.89 0.70 31.15
C GLN K 14 -10.45 -0.08 32.35
N ALA K 15 -11.75 -0.35 32.38
CA ALA K 15 -12.46 -0.99 33.53
C ALA K 15 -12.38 -2.52 33.42
N ASN K 16 -11.95 -3.19 34.49
CA ASN K 16 -11.92 -4.67 34.62
C ASN K 16 -13.36 -5.14 34.87
N LEU K 17 -13.98 -5.76 33.86
CA LEU K 17 -15.46 -6.01 33.82
C LEU K 17 -15.83 -7.09 34.84
N ALA K 18 -15.01 -8.14 34.99
CA ALA K 18 -15.18 -9.25 35.95
C ALA K 18 -15.25 -8.74 37.40
N LEU K 19 -14.44 -7.73 37.73
CA LEU K 19 -14.44 -7.03 39.06
C LEU K 19 -15.81 -6.37 39.27
N LEU K 20 -16.14 -5.40 38.41
CA LEU K 20 -17.33 -4.50 38.55
C LEU K 20 -18.61 -5.32 38.46
N THR K 21 -18.66 -6.33 37.58
CA THR K 21 -19.82 -7.27 37.44
C THR K 21 -20.01 -8.06 38.75
N GLY K 22 -18.91 -8.49 39.38
CA GLY K 22 -18.91 -9.14 40.70
C GLY K 22 -19.45 -8.24 41.79
N ARG K 23 -19.00 -6.98 41.84
CA ARG K 23 -19.42 -5.97 42.85
C ARG K 23 -20.93 -5.77 42.77
N CYS K 24 -21.46 -5.55 41.56
CA CYS K 24 -22.91 -5.33 41.28
C CYS K 24 -23.74 -6.54 41.71
N ILE K 25 -23.27 -7.76 41.40
CA ILE K 25 -23.98 -9.04 41.73
C ILE K 25 -23.90 -9.29 43.25
N SER K 26 -22.76 -9.00 43.89
CA SER K 26 -22.54 -9.17 45.35
C SER K 26 -23.49 -8.26 46.14
N ILE K 27 -23.62 -7.00 45.72
CA ILE K 27 -24.52 -5.97 46.34
C ILE K 27 -25.98 -6.42 46.19
N MET K 28 -26.35 -6.94 45.01
CA MET K 28 -27.69 -7.53 44.75
C MET K 28 -27.91 -8.74 45.68
N HIS K 29 -26.92 -9.63 45.76
CA HIS K 29 -26.91 -10.83 46.65
C HIS K 29 -27.15 -10.42 48.09
N GLY K 30 -26.37 -9.45 48.59
CA GLY K 30 -26.51 -8.88 49.95
C GLY K 30 -27.90 -8.32 50.19
N PHE K 31 -28.42 -7.52 49.24
CA PHE K 31 -29.76 -6.89 49.29
C PHE K 31 -30.86 -7.97 49.34
N ILE K 32 -30.75 -8.99 48.48
CA ILE K 32 -31.72 -10.14 48.40
C ILE K 32 -31.76 -10.85 49.76
N LEU K 33 -30.61 -11.15 50.35
CA LEU K 33 -30.50 -11.86 51.66
C LEU K 33 -31.10 -11.00 52.78
N LYS K 34 -30.83 -9.69 52.78
CA LYS K 34 -31.33 -8.71 53.78
C LYS K 34 -32.86 -8.65 53.72
N HIS K 35 -33.42 -8.38 52.53
CA HIS K 35 -34.86 -8.05 52.32
C HIS K 35 -35.71 -9.32 52.08
N ASN K 36 -35.09 -10.48 51.86
CA ASN K 36 -35.77 -11.79 51.65
C ASN K 36 -36.62 -11.72 50.37
N ILE K 37 -35.95 -11.55 49.22
CA ILE K 37 -36.56 -11.40 47.86
C ILE K 37 -36.36 -12.72 47.11
N GLU K 38 -37.35 -13.12 46.29
CA GLU K 38 -37.33 -14.36 45.46
C GLU K 38 -37.83 -14.06 44.05
N GLY K 39 -37.06 -14.44 43.02
CA GLY K 39 -37.39 -14.26 41.59
C GLY K 39 -36.50 -13.24 40.89
N MET K 40 -35.53 -12.64 41.61
CA MET K 40 -34.58 -11.64 41.06
C MET K 40 -33.68 -12.33 40.03
N GLY K 41 -33.59 -11.77 38.82
CA GLY K 41 -32.75 -12.28 37.71
C GLY K 41 -31.72 -11.25 37.28
N VAL K 42 -30.57 -11.73 36.79
CA VAL K 42 -29.48 -10.90 36.21
C VAL K 42 -29.39 -11.21 34.71
N THR K 43 -29.27 -10.17 33.89
CA THR K 43 -29.07 -10.27 32.41
C THR K 43 -27.93 -9.33 32.00
N PHE K 44 -27.16 -9.74 30.99
CA PHE K 44 -26.04 -8.98 30.37
C PHE K 44 -26.49 -8.52 28.99
N PRO K 45 -26.99 -7.27 28.83
CA PRO K 45 -27.48 -6.80 27.52
C PRO K 45 -26.41 -6.83 26.43
N ALA K 46 -25.19 -6.38 26.74
CA ALA K 46 -24.06 -6.19 25.80
C ALA K 46 -23.14 -7.42 25.83
N TRP K 47 -23.70 -8.62 25.98
CA TRP K 47 -22.96 -9.92 25.96
C TRP K 47 -22.45 -10.21 24.55
N SER K 48 -21.13 -10.34 24.40
CA SER K 48 -20.45 -10.79 23.15
C SER K 48 -19.79 -12.15 23.39
N ASP K 49 -19.23 -12.75 22.34
CA ASP K 49 -18.39 -13.98 22.41
C ASP K 49 -16.96 -13.57 22.83
N SER K 50 -16.55 -12.35 22.48
CA SER K 50 -15.27 -11.71 22.90
C SER K 50 -15.26 -11.53 24.43
N SER K 51 -16.33 -10.95 24.98
CA SER K 51 -16.46 -10.63 26.43
C SER K 51 -17.93 -10.40 26.82
N ILE K 52 -18.20 -10.40 28.12
CA ILE K 52 -19.39 -9.69 28.72
C ILE K 52 -19.21 -8.19 28.47
N GLY K 53 -20.32 -7.45 28.41
CA GLY K 53 -20.33 -6.03 28.03
C GLY K 53 -20.02 -5.11 29.19
N ASN K 54 -20.24 -3.81 28.97
CA ASN K 54 -20.12 -2.74 29.99
C ASN K 54 -21.45 -2.65 30.77
N GLU K 55 -22.51 -3.32 30.31
CA GLU K 55 -23.87 -3.24 30.87
C GLU K 55 -24.20 -4.51 31.66
N ILE K 56 -24.82 -4.33 32.83
CA ILE K 56 -25.49 -5.41 33.65
C ILE K 56 -26.88 -4.89 34.03
N ALA K 57 -27.91 -5.72 33.86
CA ALA K 57 -29.33 -5.36 34.11
C ALA K 57 -29.97 -6.37 35.06
N PHE K 58 -30.78 -5.86 35.99
CA PHE K 58 -31.46 -6.61 37.08
C PHE K 58 -32.97 -6.64 36.79
N VAL K 59 -33.55 -7.85 36.61
CA VAL K 59 -34.93 -8.05 36.12
C VAL K 59 -35.80 -8.66 37.24
N TYR K 60 -36.89 -7.97 37.59
CA TYR K 60 -37.83 -8.35 38.68
C TYR K 60 -39.25 -7.83 38.34
N THR K 61 -40.26 -8.31 39.07
CA THR K 61 -41.70 -8.04 38.83
C THR K 61 -42.17 -6.77 39.55
N ASP K 62 -41.65 -6.50 40.76
CA ASP K 62 -42.00 -5.29 41.59
C ASP K 62 -41.14 -4.10 41.14
N LYS K 63 -41.71 -2.89 41.15
CA LYS K 63 -41.07 -1.62 40.72
C LYS K 63 -40.40 -0.92 41.91
N GLU K 64 -41.07 -0.90 43.07
CA GLU K 64 -40.63 -0.22 44.32
C GLU K 64 -39.28 -0.79 44.80
N ILE K 65 -39.15 -2.13 44.80
CA ILE K 65 -37.96 -2.86 45.32
C ILE K 65 -36.76 -2.61 44.40
N LEU K 66 -36.99 -2.60 43.08
CA LEU K 66 -35.97 -2.20 42.07
C LEU K 66 -35.54 -0.74 42.30
N ASN K 67 -36.49 0.15 42.59
CA ASN K 67 -36.22 1.57 42.96
C ASN K 67 -35.40 1.61 44.25
N THR K 68 -35.68 0.73 45.22
CA THR K 68 -34.92 0.58 46.50
C THR K 68 -33.50 0.10 46.20
N LEU K 69 -33.34 -0.86 45.27
CA LEU K 69 -32.02 -1.43 44.87
C LEU K 69 -31.22 -0.39 44.08
N LYS K 70 -31.88 0.43 43.25
CA LYS K 70 -31.26 1.57 42.51
C LYS K 70 -30.70 2.60 43.51
N ASP K 71 -31.36 2.77 44.67
CA ASP K 71 -30.99 3.74 45.74
C ASP K 71 -30.15 3.03 46.81
N GLN K 72 -29.13 2.25 46.40
CA GLN K 72 -28.08 1.70 47.30
C GLN K 72 -26.85 2.63 47.23
N ALA K 73 -25.96 2.53 48.22
CA ALA K 73 -24.83 3.44 48.46
C ALA K 73 -23.83 3.38 47.29
N TYR K 74 -23.37 2.18 46.94
CA TYR K 74 -22.30 1.93 45.94
C TYR K 74 -22.68 2.50 44.57
N PHE K 75 -23.92 2.29 44.14
CA PHE K 75 -24.45 2.72 42.81
C PHE K 75 -24.39 4.25 42.69
N VAL K 76 -24.97 4.97 43.67
CA VAL K 76 -25.03 6.46 43.67
C VAL K 76 -23.62 7.02 43.85
N ASP K 77 -22.77 6.37 44.68
CA ASP K 77 -21.36 6.79 44.93
C ASP K 77 -20.55 6.71 43.63
N MET K 78 -20.65 5.59 42.90
CA MET K 78 -19.90 5.36 41.63
C MET K 78 -20.55 6.13 40.47
N GLN K 79 -21.81 6.58 40.63
CA GLN K 79 -22.49 7.50 39.68
C GLN K 79 -22.03 8.94 39.94
N ASP K 80 -21.84 9.33 41.21
CA ASP K 80 -21.31 10.65 41.63
C ASP K 80 -19.87 10.81 41.12
N CYS K 81 -19.03 9.79 41.31
CA CYS K 81 -17.62 9.73 40.83
C CYS K 81 -17.56 9.77 39.30
N GLY K 82 -18.59 9.25 38.63
CA GLY K 82 -18.81 9.37 37.18
C GLY K 82 -18.32 8.16 36.40
N PHE K 83 -18.23 6.98 37.04
CA PHE K 83 -17.81 5.70 36.44
C PHE K 83 -19.04 4.90 35.96
N PHE K 84 -20.18 5.07 36.65
CA PHE K 84 -21.46 4.34 36.40
C PHE K 84 -22.46 5.24 35.67
N LYS K 85 -23.27 4.63 34.80
CA LYS K 85 -24.51 5.22 34.21
C LYS K 85 -25.67 4.27 34.55
N VAL K 86 -26.46 4.64 35.55
CA VAL K 86 -27.60 3.85 36.11
C VAL K 86 -28.89 4.32 35.44
N SER K 87 -29.60 3.42 34.74
CA SER K 87 -30.87 3.72 34.05
C SER K 87 -32.03 3.79 35.07
N GLN K 88 -33.13 4.43 34.69
CA GLN K 88 -34.40 4.48 35.48
C GLN K 88 -35.11 3.12 35.37
N VAL K 89 -36.08 2.86 36.23
CA VAL K 89 -36.83 1.57 36.28
C VAL K 89 -37.86 1.58 35.14
N LEU K 90 -37.54 0.90 34.02
CA LEU K 90 -38.38 0.83 32.80
C LEU K 90 -39.02 -0.55 32.70
N ALA K 91 -40.25 -0.61 32.19
CA ALA K 91 -40.98 -1.86 31.87
C ALA K 91 -40.33 -2.50 30.64
N VAL K 92 -40.22 -3.84 30.63
CA VAL K 92 -39.61 -4.63 29.51
C VAL K 92 -40.54 -4.53 28.30
N PRO K 93 -40.02 -4.38 27.05
CA PRO K 93 -40.86 -4.35 25.84
C PRO K 93 -41.79 -5.57 25.66
N ASP K 94 -41.52 -6.67 26.36
CA ASP K 94 -42.45 -7.80 26.67
C ASP K 94 -42.97 -8.46 25.38
N SER K 95 -42.20 -8.42 24.29
CA SER K 95 -42.55 -9.02 22.97
C SER K 95 -42.17 -10.51 22.97
N CYS K 96 -40.90 -10.81 23.21
CA CYS K 96 -40.31 -12.19 23.17
C CYS K 96 -38.90 -12.17 23.78
N GLU K 97 -37.90 -12.75 23.07
CA GLU K 97 -36.43 -12.60 23.26
C GLU K 97 -36.01 -13.01 24.69
N GLU K 98 -36.23 -14.27 25.05
CA GLU K 98 -35.80 -14.88 26.35
C GLU K 98 -34.48 -15.62 26.15
N VAL K 99 -33.52 -15.39 27.05
CA VAL K 99 -32.22 -16.12 27.15
C VAL K 99 -32.08 -16.70 28.56
N ARG K 100 -31.03 -17.49 28.81
CA ARG K 100 -30.72 -18.09 30.13
C ARG K 100 -29.21 -18.09 30.37
N PHE K 101 -28.75 -17.27 31.32
CA PHE K 101 -27.34 -17.21 31.79
C PHE K 101 -27.18 -18.20 32.94
N ILE K 102 -26.28 -19.18 32.78
CA ILE K 102 -26.05 -20.28 33.76
C ILE K 102 -24.64 -20.13 34.36
N ARG K 103 -24.52 -20.42 35.66
CA ARG K 103 -23.23 -20.67 36.34
C ARG K 103 -22.89 -22.15 36.19
N ASN K 104 -22.01 -22.48 35.24
CA ASN K 104 -21.61 -23.87 34.91
C ASN K 104 -20.37 -24.22 35.75
N GLN K 105 -20.54 -25.06 36.77
CA GLN K 105 -19.49 -25.47 37.74
C GLN K 105 -18.49 -26.42 37.05
N ALA K 106 -18.94 -27.22 36.08
CA ALA K 106 -18.12 -28.19 35.29
C ALA K 106 -16.91 -27.51 34.64
N VAL K 107 -17.01 -26.23 34.29
CA VAL K 107 -15.88 -25.40 33.75
C VAL K 107 -14.72 -25.43 34.76
N ALA K 108 -15.02 -25.47 36.06
CA ALA K 108 -14.01 -25.44 37.16
C ALA K 108 -13.10 -26.67 37.12
N LYS K 109 -13.52 -27.77 36.47
CA LYS K 109 -12.74 -29.04 36.36
C LYS K 109 -11.55 -28.91 35.39
N ILE K 110 -11.48 -27.86 34.55
CA ILE K 110 -10.36 -27.69 33.57
C ILE K 110 -9.08 -27.23 34.29
N PHE K 111 -9.17 -26.81 35.57
CA PHE K 111 -8.03 -26.29 36.37
C PHE K 111 -7.54 -27.38 37.35
N THR K 112 -6.24 -27.35 37.66
CA THR K 112 -5.49 -28.40 38.39
C THR K 112 -5.97 -28.50 39.85
N GLY K 113 -6.18 -27.35 40.50
CA GLY K 113 -6.63 -27.25 41.91
C GLY K 113 -7.90 -28.04 42.16
N GLU K 114 -8.87 -27.96 41.24
CA GLU K 114 -10.17 -28.68 41.30
C GLU K 114 -9.92 -30.19 41.31
N SER K 115 -9.12 -30.69 40.37
CA SER K 115 -8.73 -32.12 40.25
C SER K 115 -8.07 -32.60 41.55
N ARG K 116 -7.18 -31.79 42.12
CA ARG K 116 -6.44 -32.08 43.39
C ARG K 116 -7.45 -32.19 44.54
N ARG K 117 -8.33 -31.19 44.70
CA ARG K 117 -9.42 -31.18 45.72
C ARG K 117 -10.31 -32.41 45.56
N ARG K 118 -10.77 -32.66 44.33
CA ARG K 118 -11.77 -33.71 43.98
C ARG K 118 -11.17 -35.09 44.28
N LEU K 119 -9.88 -35.30 43.95
CA LEU K 119 -9.16 -36.58 44.17
C LEU K 119 -8.88 -36.80 45.67
N LYS K 120 -8.50 -35.74 46.40
CA LYS K 120 -8.31 -35.79 47.88
C LYS K 120 -9.59 -36.30 48.54
N ARG K 121 -10.75 -35.77 48.14
CA ARG K 121 -12.09 -36.17 48.66
C ARG K 121 -12.34 -37.63 48.31
N LEU K 122 -12.19 -38.01 47.03
CA LEU K 122 -12.43 -39.40 46.53
C LEU K 122 -11.53 -40.39 47.29
N GLN K 123 -10.28 -40.01 47.54
CA GLN K 123 -9.29 -40.80 48.34
C GLN K 123 -9.84 -41.05 49.74
N LYS K 124 -10.22 -39.98 50.46
CA LYS K 124 -10.78 -40.04 51.84
C LYS K 124 -12.01 -40.96 51.86
N ARG K 125 -12.93 -40.80 50.89
CA ARG K 125 -14.21 -41.54 50.81
C ARG K 125 -13.94 -43.01 50.48
N ALA K 126 -13.04 -43.28 49.52
CA ALA K 126 -12.61 -44.65 49.12
C ALA K 126 -11.91 -45.33 50.29
N LEU K 127 -11.10 -44.59 51.06
CA LEU K 127 -10.37 -45.07 52.27
C LEU K 127 -11.38 -45.36 53.40
N ALA K 128 -12.37 -44.48 53.59
CA ALA K 128 -13.45 -44.60 54.60
C ALA K 128 -14.28 -45.88 54.33
N ARG K 129 -14.69 -46.09 53.07
CA ARG K 129 -15.47 -47.28 52.63
C ARG K 129 -14.63 -48.55 52.81
N GLY K 130 -13.30 -48.47 52.62
CA GLY K 130 -12.33 -49.54 52.95
C GLY K 130 -11.70 -50.18 51.71
N GLU K 131 -12.06 -49.74 50.50
CA GLU K 131 -11.46 -50.23 49.23
C GLU K 131 -10.15 -49.51 48.96
N ASP K 132 -9.41 -49.95 47.93
CA ASP K 132 -8.16 -49.31 47.44
C ASP K 132 -8.53 -48.11 46.55
N PHE K 133 -7.82 -46.98 46.70
CA PHE K 133 -8.01 -45.75 45.89
C PHE K 133 -7.27 -45.92 44.57
N ASN K 134 -8.02 -46.11 43.48
CA ASN K 134 -7.50 -46.27 42.10
C ASN K 134 -8.44 -45.59 41.10
N PRO K 135 -8.35 -44.25 40.92
CA PRO K 135 -9.15 -43.56 39.90
C PRO K 135 -8.55 -43.72 38.50
N LYS K 136 -9.41 -43.75 37.47
CA LYS K 136 -9.02 -43.97 36.04
C LYS K 136 -9.28 -42.68 35.25
N LYS K 137 -8.36 -42.35 34.34
CA LYS K 137 -8.34 -41.06 33.58
C LYS K 137 -9.27 -41.16 32.37
N ILE K 138 -9.59 -40.01 31.76
CA ILE K 138 -10.44 -39.87 30.54
C ILE K 138 -9.54 -39.98 29.29
N GLU K 139 -10.12 -40.41 28.17
CA GLU K 139 -9.41 -40.60 26.87
C GLU K 139 -9.60 -39.37 25.97
N ALA K 140 -10.80 -38.78 25.97
CA ALA K 140 -11.18 -37.61 25.14
C ALA K 140 -10.79 -36.33 25.89
N PRO K 141 -10.25 -35.29 25.22
CA PRO K 141 -10.04 -33.98 25.85
C PRO K 141 -11.39 -33.33 26.17
N ARG K 142 -11.47 -32.62 27.30
CA ARG K 142 -12.73 -32.04 27.85
C ARG K 142 -13.22 -30.94 26.90
N GLU K 143 -14.49 -31.03 26.47
CA GLU K 143 -15.15 -30.08 25.55
C GLU K 143 -16.04 -29.12 26.36
N ILE K 144 -15.74 -27.81 26.29
CA ILE K 144 -16.48 -26.71 26.97
C ILE K 144 -16.79 -25.65 25.91
N ASP K 145 -17.98 -25.05 25.96
CA ASP K 145 -18.37 -23.90 25.09
C ASP K 145 -17.99 -22.60 25.81
N ILE K 146 -17.85 -21.50 25.06
CA ILE K 146 -17.37 -20.17 25.55
C ILE K 146 -18.06 -19.84 26.89
N PHE K 147 -17.29 -19.40 27.87
CA PHE K 147 -17.76 -18.92 29.20
C PHE K 147 -17.02 -17.64 29.56
N HIS K 148 -17.64 -16.78 30.37
CA HIS K 148 -17.04 -15.51 30.87
C HIS K 148 -16.94 -15.57 32.41
N ARG K 149 -15.93 -14.89 32.95
CA ARG K 149 -15.57 -14.89 34.39
C ARG K 149 -16.26 -13.72 35.10
N VAL K 150 -16.75 -13.96 36.30
CA VAL K 150 -17.23 -12.94 37.28
C VAL K 150 -16.51 -13.22 38.61
N ALA K 151 -15.60 -12.33 39.01
CA ALA K 151 -14.78 -12.42 40.23
C ALA K 151 -15.66 -12.20 41.46
N MET K 152 -15.69 -13.14 42.40
CA MET K 152 -16.59 -13.14 43.59
C MET K 152 -15.80 -13.49 44.85
N THR K 153 -15.97 -12.70 45.90
CA THR K 153 -15.27 -12.84 47.21
C THR K 153 -16.27 -13.33 48.26
N SER K 154 -15.95 -14.46 48.90
CA SER K 154 -16.61 -14.97 50.14
C SER K 154 -16.18 -14.10 51.32
N LYS K 155 -17.08 -13.27 51.84
CA LYS K 155 -16.83 -12.42 53.04
C LYS K 155 -16.88 -13.29 54.31
N SER K 156 -17.62 -14.40 54.27
CA SER K 156 -17.75 -15.39 55.37
C SER K 156 -16.41 -16.08 55.65
N SER K 157 -15.71 -16.53 54.59
CA SER K 157 -14.44 -17.30 54.66
C SER K 157 -13.23 -16.47 54.17
N GLN K 158 -13.45 -15.25 53.67
CA GLN K 158 -12.41 -14.35 53.09
C GLN K 158 -11.66 -15.12 51.98
N GLU K 159 -12.41 -15.67 51.02
CA GLU K 159 -11.91 -16.52 49.90
C GLU K 159 -12.31 -15.88 48.56
N ASP K 160 -11.33 -15.59 47.70
CA ASP K 160 -11.53 -15.10 46.31
C ASP K 160 -11.83 -16.31 45.42
N TYR K 161 -12.88 -16.25 44.59
CA TYR K 161 -13.17 -17.27 43.55
C TYR K 161 -13.88 -16.63 42.35
N ILE K 162 -14.29 -17.44 41.37
CA ILE K 162 -14.80 -16.99 40.04
C ILE K 162 -16.06 -17.77 39.67
N LEU K 163 -17.08 -17.07 39.15
CA LEU K 163 -18.30 -17.66 38.54
C LEU K 163 -18.06 -17.81 37.04
N HIS K 164 -18.11 -19.05 36.53
CA HIS K 164 -18.00 -19.37 35.08
C HIS K 164 -19.38 -19.27 34.45
N ILE K 165 -19.71 -18.13 33.84
CA ILE K 165 -21.07 -17.83 33.29
C ILE K 165 -21.09 -18.24 31.82
N GLN K 166 -22.14 -18.97 31.41
CA GLN K 166 -22.41 -19.39 30.01
C GLN K 166 -23.84 -18.96 29.61
N LYS K 167 -24.01 -18.44 28.39
CA LYS K 167 -25.31 -17.97 27.85
C LYS K 167 -25.94 -19.07 26.99
N GLN K 168 -27.22 -19.37 27.24
CA GLN K 168 -28.06 -20.28 26.41
C GLN K 168 -29.27 -19.49 25.91
N ASP K 169 -29.81 -19.88 24.75
CA ASP K 169 -31.03 -19.26 24.14
C ASP K 169 -32.20 -20.23 24.28
N VAL K 170 -33.34 -19.73 24.78
CA VAL K 170 -34.62 -20.47 24.96
C VAL K 170 -35.69 -19.81 24.10
N ASP K 171 -36.83 -20.48 23.89
CA ASP K 171 -37.89 -20.05 22.94
C ASP K 171 -38.81 -19.02 23.62
N CYS K 172 -39.38 -19.34 24.79
CA CYS K 172 -40.37 -18.52 25.53
C CYS K 172 -40.12 -18.60 27.05
N GLN K 173 -40.75 -17.69 27.79
CA GLN K 173 -40.50 -17.40 29.24
C GLN K 173 -40.86 -18.65 30.08
N ALA K 174 -39.98 -19.00 31.02
CA ALA K 174 -40.19 -20.03 32.07
C ALA K 174 -40.46 -19.34 33.42
N GLU K 175 -40.62 -20.10 34.50
CA GLU K 175 -40.90 -19.58 35.86
C GLU K 175 -39.66 -18.87 36.41
N PRO K 176 -39.82 -17.72 37.13
CA PRO K 176 -38.67 -17.03 37.73
C PRO K 176 -38.21 -17.75 39.00
N TYR K 177 -37.33 -18.75 38.83
CA TYR K 177 -36.63 -19.48 39.92
C TYR K 177 -35.13 -19.50 39.62
N PHE K 178 -34.34 -18.86 40.49
CA PHE K 178 -32.90 -18.56 40.28
C PHE K 178 -32.10 -18.93 41.54
N SER K 179 -30.77 -18.85 41.46
CA SER K 179 -29.83 -18.94 42.61
C SER K 179 -29.79 -17.58 43.32
N ASN K 180 -29.02 -17.48 44.40
CA ASN K 180 -28.86 -16.23 45.21
C ASN K 180 -27.96 -15.23 44.49
N TYR K 181 -27.43 -15.57 43.30
CA TYR K 181 -26.80 -14.63 42.33
C TYR K 181 -27.68 -14.49 41.07
N GLY K 182 -28.94 -14.95 41.14
CA GLY K 182 -29.95 -14.77 40.09
C GLY K 182 -29.56 -15.39 38.76
N LEU K 183 -28.92 -16.57 38.79
CA LEU K 183 -28.01 -17.03 37.71
C LEU K 183 -28.29 -18.48 37.27
N ALA K 184 -29.52 -18.97 37.42
CA ALA K 184 -30.11 -20.15 36.75
C ALA K 184 -29.06 -21.24 36.45
N SER K 185 -28.77 -22.12 37.41
CA SER K 185 -27.58 -23.00 37.43
C SER K 185 -27.78 -24.33 36.66
N ASN K 186 -28.70 -24.37 35.69
CA ASN K 186 -28.73 -25.31 34.53
C ASN K 186 -29.36 -26.67 34.86
N GLU K 187 -29.80 -26.92 36.10
CA GLU K 187 -30.59 -28.12 36.48
C GLU K 187 -31.53 -27.78 37.65
N LYS K 188 -30.97 -27.33 38.78
CA LYS K 188 -31.70 -26.95 40.01
C LYS K 188 -32.63 -25.76 39.71
N PHE K 189 -32.08 -24.70 39.10
CA PHE K 189 -32.80 -23.43 38.77
C PHE K 189 -32.92 -23.31 37.25
N LYS K 190 -34.14 -23.08 36.76
CA LYS K 190 -34.49 -22.90 35.32
C LYS K 190 -35.22 -21.57 35.14
N GLY K 191 -34.52 -20.46 35.37
CA GLY K 191 -35.05 -19.09 35.28
C GLY K 191 -34.52 -18.37 34.06
N THR K 192 -35.41 -17.81 33.25
CA THR K 192 -35.10 -17.08 31.98
C THR K 192 -35.17 -15.58 32.24
N VAL K 193 -34.41 -14.80 31.48
CA VAL K 193 -34.37 -13.30 31.57
C VAL K 193 -34.56 -12.73 30.16
N PRO K 194 -35.17 -11.54 30.02
CA PRO K 194 -35.36 -10.93 28.70
C PRO K 194 -34.05 -10.41 28.10
N ASP K 195 -33.83 -10.66 26.81
CA ASP K 195 -32.63 -10.21 26.05
C ASP K 195 -32.78 -8.72 25.72
N LEU K 196 -31.86 -7.88 26.23
CA LEU K 196 -31.83 -6.41 26.01
C LEU K 196 -30.62 -6.08 25.14
N SER K 197 -30.64 -4.91 24.47
CA SER K 197 -29.57 -4.42 23.56
C SER K 197 -29.51 -2.89 23.60
N PHE L 28 23.20 66.01 41.45
CA PHE L 28 22.29 65.65 42.59
C PHE L 28 22.93 64.56 43.45
N SER L 29 22.91 64.74 44.78
CA SER L 29 23.51 63.83 45.79
C SER L 29 22.54 63.64 46.96
N PRO L 30 21.73 62.55 46.97
CA PRO L 30 20.86 62.24 48.12
C PRO L 30 21.64 61.75 49.33
N LYS L 31 21.39 62.35 50.50
CA LYS L 31 22.12 62.08 51.78
C LYS L 31 21.40 61.03 52.63
N ALA L 32 20.10 60.80 52.38
CA ALA L 32 19.30 59.72 53.01
C ALA L 32 19.87 58.35 52.60
N ARG L 33 19.97 57.41 53.55
CA ARG L 33 20.58 56.06 53.36
C ARG L 33 19.56 54.98 53.72
N ALA L 34 19.66 53.82 53.07
CA ALA L 34 18.75 52.66 53.17
C ALA L 34 18.76 52.09 54.61
N PHE L 35 17.59 51.68 55.10
CA PHE L 35 17.42 50.94 56.39
C PHE L 35 17.61 49.43 56.12
N SER L 36 17.56 48.62 57.19
CA SER L 36 17.77 47.15 57.17
C SER L 36 16.72 46.45 56.30
N ASP L 37 15.44 46.85 56.42
CA ASP L 37 14.27 46.15 55.81
C ASP L 37 13.43 47.12 54.96
N GLU L 38 14.00 48.25 54.53
CA GLU L 38 13.32 49.25 53.65
C GLU L 38 13.25 48.68 52.22
N SER L 39 12.12 48.88 51.53
CA SER L 39 11.89 48.47 50.12
C SER L 39 12.60 49.45 49.17
N LEU L 40 12.78 49.06 47.90
CA LEU L 40 13.52 49.83 46.87
C LEU L 40 12.74 51.09 46.48
N GLU L 41 11.41 50.95 46.35
CA GLU L 41 10.47 52.06 45.98
C GLU L 41 10.42 53.08 47.12
N SER L 42 10.37 52.60 48.37
CA SER L 42 10.37 53.43 49.62
C SER L 42 11.59 54.34 49.66
N TYR L 43 12.79 53.76 49.46
CA TYR L 43 14.09 54.48 49.47
C TYR L 43 14.13 55.50 48.32
N LEU L 44 13.74 55.08 47.11
CA LEU L 44 13.79 55.94 45.89
C LEU L 44 12.78 57.08 46.01
N LEU L 45 11.59 56.84 46.58
CA LEU L 45 10.58 57.91 46.88
C LEU L 45 11.14 58.86 47.95
N ARG L 46 11.88 58.33 48.93
CA ARG L 46 12.56 59.13 49.99
C ARG L 46 13.75 59.91 49.41
N VAL L 47 14.33 59.44 48.30
CA VAL L 47 15.38 60.18 47.52
C VAL L 47 14.72 61.39 46.84
N VAL L 48 13.56 61.21 46.18
CA VAL L 48 12.87 62.30 45.44
C VAL L 48 12.04 63.15 46.43
N SER L 49 11.86 62.68 47.68
CA SER L 49 11.28 63.46 48.80
C SER L 49 12.12 64.71 49.07
N GLU L 50 13.44 64.64 48.85
CA GLU L 50 14.35 65.83 48.82
C GLU L 50 13.98 66.67 47.58
N ASN L 51 13.88 68.00 47.76
CA ASN L 51 13.17 68.92 46.85
C ASN L 51 14.11 69.47 45.76
N PHE L 52 14.99 68.63 45.21
CA PHE L 52 15.80 68.93 43.99
C PHE L 52 14.94 68.63 42.74
N PHE L 53 14.17 67.54 42.79
CA PHE L 53 13.16 67.13 41.76
C PHE L 53 11.76 67.28 42.35
N ASP L 54 10.78 67.64 41.50
CA ASP L 54 9.37 67.89 41.91
C ASP L 54 8.63 66.56 42.10
N SER L 55 8.88 65.59 41.20
CA SER L 55 8.29 64.22 41.22
C SER L 55 9.32 63.20 40.76
N TYR L 56 9.06 61.91 40.99
CA TYR L 56 9.93 60.76 40.61
C TYR L 56 10.15 60.71 39.09
N GLU L 57 9.13 61.09 38.31
CA GLU L 57 9.16 61.07 36.82
C GLU L 57 10.27 62.00 36.34
N GLY L 58 10.33 63.24 36.85
CA GLY L 58 11.38 64.24 36.55
C GLY L 58 12.78 63.68 36.75
N LEU L 59 13.02 63.05 37.90
CA LEU L 59 14.28 62.31 38.23
C LEU L 59 14.50 61.20 37.20
N SER L 60 13.47 60.38 36.95
CA SER L 60 13.51 59.21 36.03
C SER L 60 13.94 59.62 34.62
N LEU L 61 13.32 60.66 34.04
CA LEU L 61 13.61 61.14 32.66
C LEU L 61 15.05 61.70 32.62
N ALA L 62 15.49 62.35 33.71
CA ALA L 62 16.83 62.96 33.86
C ALA L 62 17.92 61.87 33.88
N ILE L 63 17.67 60.76 34.59
CA ILE L 63 18.61 59.59 34.68
C ILE L 63 18.51 58.75 33.39
N ARG L 64 17.34 58.72 32.74
CA ARG L 64 17.13 58.12 31.39
C ARG L 64 18.08 58.81 30.39
N GLU L 65 18.10 60.15 30.39
CA GLU L 65 19.00 60.99 29.54
C GLU L 65 20.47 60.67 29.83
N GLU L 66 20.85 60.64 31.12
CA GLU L 66 22.26 60.44 31.58
C GLU L 66 22.70 58.99 31.30
N LEU L 67 21.79 58.02 31.37
CA LEU L 67 22.07 56.60 30.97
C LEU L 67 22.20 56.54 29.44
N HIS L 68 21.29 57.19 28.70
CA HIS L 68 21.31 57.28 27.21
C HIS L 68 22.64 57.87 26.72
N GLU L 69 23.20 58.86 27.45
CA GLU L 69 24.52 59.49 27.11
C GLU L 69 25.65 58.52 27.49
N LEU L 70 25.48 57.73 28.56
CA LEU L 70 26.47 56.71 29.02
C LEU L 70 26.34 55.43 28.18
N ASP L 71 25.30 54.62 28.43
CA ASP L 71 25.15 53.25 27.87
C ASP L 71 23.70 53.03 27.41
N PHE L 72 23.51 52.68 26.13
CA PHE L 72 22.19 52.58 25.44
C PHE L 72 21.42 51.33 25.90
N GLU L 73 22.13 50.23 26.21
CA GLU L 73 21.55 48.95 26.66
C GLU L 73 20.91 49.11 28.04
N ALA L 74 21.68 49.66 29.00
CA ALA L 74 21.24 49.97 30.38
C ALA L 74 20.13 51.03 30.35
N HIS L 75 20.19 51.96 29.38
CA HIS L 75 19.11 52.95 29.08
C HIS L 75 17.84 52.22 28.63
N GLY L 76 17.98 51.28 27.68
CA GLY L 76 16.88 50.43 27.16
C GLY L 76 16.26 49.57 28.25
N ALA L 77 17.05 49.15 29.25
CA ALA L 77 16.61 48.31 30.39
C ALA L 77 15.82 49.15 31.40
N PHE L 78 16.38 50.30 31.82
CA PHE L 78 15.83 51.18 32.89
C PHE L 78 14.43 51.67 32.51
N PRO L 79 13.37 51.27 33.26
CA PRO L 79 12.02 51.75 32.98
C PRO L 79 11.77 53.15 33.58
N VAL L 80 10.89 53.93 32.95
CA VAL L 80 10.57 55.34 33.35
C VAL L 80 9.71 55.32 34.62
N ASP L 81 8.73 54.41 34.70
CA ASP L 81 7.79 54.29 35.85
C ASP L 81 8.49 53.61 37.03
N LEU L 82 7.87 53.71 38.23
CA LEU L 82 8.28 53.03 39.49
C LEU L 82 7.57 51.65 39.58
N LYS L 83 6.76 51.30 38.58
CA LYS L 83 5.88 50.11 38.56
C LYS L 83 6.74 48.83 38.41
N ARG L 84 7.60 48.80 37.39
CA ARG L 84 8.33 47.59 36.93
C ARG L 84 9.84 47.75 37.16
N LEU L 85 10.23 48.38 38.28
CA LEU L 85 11.66 48.73 38.59
C LEU L 85 12.32 47.58 39.37
N ASN L 86 11.55 46.77 40.10
CA ASN L 86 12.06 45.56 40.82
C ASN L 86 12.53 44.52 39.80
N VAL L 87 13.56 43.74 40.16
CA VAL L 87 14.37 42.88 39.24
C VAL L 87 13.50 41.72 38.74
N TYR L 88 12.61 41.19 39.57
CA TYR L 88 11.77 39.99 39.29
C TYR L 88 10.74 40.29 38.18
N HIS L 89 10.39 41.57 37.95
CA HIS L 89 9.47 42.01 36.87
C HIS L 89 10.10 41.75 35.49
N ALA L 90 11.39 42.05 35.33
CA ALA L 90 12.15 41.94 34.07
C ALA L 90 12.60 40.48 33.85
N LYS L 91 11.83 39.71 33.07
CA LYS L 91 12.12 38.29 32.73
C LYS L 91 13.28 38.20 31.74
N HIS L 92 13.42 39.16 30.83
CA HIS L 92 14.25 39.07 29.60
C HIS L 92 15.52 39.94 29.68
N ASN L 93 15.59 40.93 30.58
CA ASN L 93 16.70 41.92 30.67
C ASN L 93 17.10 42.14 32.14
N SER L 94 17.20 41.06 32.92
CA SER L 94 17.58 41.05 34.35
C SER L 94 19.04 41.50 34.51
N HIS L 95 19.95 40.92 33.71
CA HIS L 95 21.39 41.26 33.66
C HIS L 95 21.58 42.75 33.33
N PHE L 96 20.80 43.28 32.36
CA PHE L 96 20.81 44.71 31.97
C PHE L 96 20.22 45.57 33.11
N ARG L 97 19.18 45.07 33.79
CA ARG L 97 18.53 45.75 34.95
C ARG L 97 19.55 45.99 36.07
N MET L 98 20.32 44.95 36.44
CA MET L 98 21.40 45.03 37.47
C MET L 98 22.45 46.06 37.02
N ARG L 99 22.76 46.10 35.71
CA ARG L 99 23.74 47.02 35.10
C ARG L 99 23.22 48.47 35.21
N ALA L 100 21.93 48.68 34.92
CA ALA L 100 21.22 49.98 35.10
C ALA L 100 21.26 50.39 36.59
N LEU L 101 20.91 49.45 37.49
CA LEU L 101 20.89 49.67 38.97
C LEU L 101 22.29 50.05 39.46
N GLY L 102 23.32 49.34 39.00
CA GLY L 102 24.74 49.59 39.33
C GLY L 102 25.21 50.96 38.86
N LEU L 103 24.81 51.36 37.66
CA LEU L 103 25.11 52.72 37.10
C LEU L 103 24.33 53.78 37.90
N LEU L 104 23.09 53.48 38.31
CA LEU L 104 22.27 54.35 39.20
C LEU L 104 23.05 54.63 40.51
N GLU L 105 23.61 53.59 41.13
CA GLU L 105 24.43 53.68 42.36
C GLU L 105 25.67 54.55 42.10
N THR L 106 26.35 54.33 40.96
CA THR L 106 27.56 55.07 40.52
C THR L 106 27.23 56.55 40.27
N LEU L 107 26.04 56.85 39.74
CA LEU L 107 25.65 58.19 39.22
C LEU L 107 25.10 59.08 40.35
N LEU L 108 24.39 58.51 41.34
CA LEU L 108 23.66 59.27 42.40
C LEU L 108 24.49 59.36 43.69
N ASP L 109 25.82 59.28 43.61
CA ASP L 109 26.76 59.55 44.74
C ASP L 109 26.48 58.59 45.91
N LEU L 110 26.06 57.35 45.62
CA LEU L 110 25.77 56.29 46.62
C LEU L 110 26.90 55.27 46.62
N PRO L 111 27.17 54.57 47.75
CA PRO L 111 28.09 53.43 47.74
C PRO L 111 27.64 52.28 46.81
N ARG L 112 28.56 51.36 46.49
CA ARG L 112 28.29 50.19 45.61
C ARG L 112 27.38 49.20 46.35
N TYR L 113 26.45 48.59 45.61
CA TYR L 113 25.44 47.59 46.06
C TYR L 113 24.27 48.24 46.80
N GLU L 114 24.28 49.57 47.02
CA GLU L 114 23.34 50.31 47.93
C GLU L 114 21.88 50.02 47.53
N LEU L 115 21.57 50.08 46.23
CA LEU L 115 20.22 49.76 45.67
C LEU L 115 20.04 48.25 45.54
N GLN L 116 21.13 47.48 45.36
CA GLN L 116 21.10 46.02 45.04
C GLN L 116 20.73 45.19 46.28
N LYS L 117 20.92 45.71 47.50
CA LYS L 117 20.56 45.00 48.77
C LYS L 117 19.04 45.11 49.01
N LEU L 118 18.41 46.22 48.57
CA LEU L 118 16.95 46.46 48.73
C LEU L 118 16.15 45.73 47.63
N ALA L 119 16.80 45.34 46.52
CA ALA L 119 16.17 44.66 45.37
C ALA L 119 15.49 43.36 45.81
N LEU L 120 14.38 43.01 45.17
CA LEU L 120 13.63 41.74 45.37
C LEU L 120 14.03 40.78 44.24
N LEU L 121 15.16 40.09 44.42
CA LEU L 121 15.90 39.36 43.34
C LEU L 121 15.15 38.10 42.91
N LYS L 122 15.62 37.49 41.82
CA LYS L 122 15.04 36.28 41.16
C LYS L 122 15.36 35.04 42.00
N SER L 123 14.65 33.93 41.75
CA SER L 123 14.85 32.61 42.41
C SER L 123 14.38 31.48 41.50
N ASP L 124 15.25 30.48 41.25
CA ASP L 124 14.95 29.27 40.45
C ASP L 124 13.97 28.37 41.20
N ILE L 125 14.15 28.23 42.52
CA ILE L 125 13.40 27.27 43.40
C ILE L 125 11.90 27.45 43.15
N LYS L 126 11.22 26.35 42.78
CA LYS L 126 9.77 26.28 42.46
C LYS L 126 9.02 25.75 43.69
N PHE L 127 8.01 26.49 44.17
CA PHE L 127 7.12 26.07 45.28
C PHE L 127 5.98 25.22 44.70
N ASN L 128 6.34 24.04 44.18
CA ASN L 128 5.43 23.08 43.49
C ASN L 128 4.79 23.76 42.28
N SER L 129 5.61 24.03 41.25
CA SER L 129 5.24 24.73 39.98
C SER L 129 4.69 26.14 40.28
N SER L 130 5.28 26.82 41.26
CA SER L 130 5.03 28.25 41.61
C SER L 130 6.38 28.98 41.67
N VAL L 131 6.59 29.93 40.75
CA VAL L 131 7.83 30.77 40.66
C VAL L 131 7.97 31.57 41.96
N ALA L 132 9.20 31.68 42.49
CA ALA L 132 9.53 32.26 43.80
C ALA L 132 10.28 33.59 43.63
N LEU L 133 10.55 34.28 44.74
CA LEU L 133 11.18 35.63 44.79
C LEU L 133 12.12 35.71 45.99
N TYR L 134 13.36 36.17 45.80
CA TYR L 134 14.46 36.17 46.81
C TYR L 134 14.59 37.56 47.46
N ASN L 135 14.42 37.61 48.78
CA ASN L 135 14.83 38.71 49.70
C ASN L 135 16.02 38.19 50.54
N ASN L 136 16.73 39.08 51.23
CA ASN L 136 17.97 38.80 52.01
C ASN L 136 17.83 37.48 52.80
N GLY L 137 18.27 36.37 52.20
CA GLY L 137 18.35 35.03 52.82
C GLY L 137 17.09 34.20 52.66
N VAL L 138 15.96 34.81 52.28
CA VAL L 138 14.60 34.19 52.34
C VAL L 138 13.97 34.25 50.93
N ASP L 139 13.50 33.10 50.43
CA ASP L 139 12.79 33.01 49.12
C ASP L 139 11.29 32.74 49.40
N ILE L 140 10.41 33.50 48.73
CA ILE L 140 8.94 33.59 48.99
C ILE L 140 8.20 33.15 47.72
N PRO L 141 7.05 32.44 47.84
CA PRO L 141 6.17 32.19 46.68
C PRO L 141 5.50 33.49 46.18
N LEU L 142 5.47 33.68 44.85
CA LEU L 142 5.07 34.95 44.19
C LEU L 142 3.56 35.21 44.36
N ARG L 143 2.77 34.19 44.71
CA ARG L 143 1.33 34.34 45.09
C ARG L 143 1.18 35.20 46.36
N PHE L 144 2.12 35.08 47.31
CA PHE L 144 2.04 35.71 48.66
C PHE L 144 2.43 37.19 48.61
N ILE L 145 3.02 37.68 47.51
CA ILE L 145 3.38 39.12 47.31
C ILE L 145 2.09 39.90 46.99
N ARG L 146 1.98 41.13 47.48
CA ARG L 146 0.80 42.03 47.30
C ARG L 146 0.96 42.83 45.99
N HIS L 147 2.15 43.39 45.75
CA HIS L 147 2.44 44.36 44.66
C HIS L 147 2.78 43.65 43.34
N HIS L 148 2.68 42.31 43.28
CA HIS L 148 3.01 41.50 42.07
C HIS L 148 1.88 41.62 41.05
N ALA L 149 2.23 41.66 39.75
CA ALA L 149 1.30 41.56 38.60
C ALA L 149 0.44 42.85 38.43
N GLU L 150 0.25 43.64 39.49
CA GLU L 150 -0.52 44.90 39.52
C GLU L 150 -2.00 44.59 39.24
N GLU L 151 -2.70 44.09 40.27
CA GLU L 151 -4.18 43.97 40.32
C GLU L 151 -4.78 45.38 40.21
N ALA L 152 -5.74 45.58 39.30
CA ALA L 152 -6.32 46.88 38.87
C ALA L 152 -6.33 47.90 40.03
N VAL L 153 -6.84 47.49 41.19
CA VAL L 153 -6.84 48.28 42.46
C VAL L 153 -6.55 47.32 43.62
N ASP L 154 -5.39 47.50 44.28
CA ASP L 154 -4.96 46.72 45.47
C ASP L 154 -4.39 47.69 46.52
N SER L 155 -4.18 47.20 47.75
CA SER L 155 -3.65 47.97 48.91
C SER L 155 -2.40 47.28 49.46
N ILE L 156 -1.28 48.01 49.56
CA ILE L 156 -0.12 47.66 50.44
C ILE L 156 -0.39 48.32 51.78
N PRO L 157 -0.85 47.57 52.81
CA PRO L 157 -1.36 48.18 54.05
C PRO L 157 -0.23 48.75 54.92
N VAL L 158 -0.56 49.78 55.71
CA VAL L 158 0.42 50.71 56.36
C VAL L 158 0.15 50.75 57.87
N CYS L 159 1.16 50.50 58.69
CA CYS L 159 1.17 50.79 60.16
C CYS L 159 1.33 52.31 60.33
N SER L 160 0.28 52.99 60.79
CA SER L 160 0.16 54.47 60.83
C SER L 160 1.19 55.05 61.81
N GLN L 161 1.10 54.67 63.08
CA GLN L 161 2.00 55.15 64.17
C GLN L 161 3.41 54.53 64.02
N CYS L 162 3.62 53.63 63.06
CA CYS L 162 4.97 53.21 62.59
C CYS L 162 5.54 54.27 61.62
N LEU L 163 4.69 54.90 60.80
CA LEU L 163 5.09 56.04 59.92
C LEU L 163 5.38 57.27 60.78
N ALA L 164 4.70 57.41 61.93
CA ALA L 164 4.85 58.53 62.89
C ALA L 164 6.31 58.64 63.37
N GLU L 165 6.97 57.50 63.62
CA GLU L 165 8.38 57.43 64.08
C GLU L 165 9.33 57.77 62.92
N GLU L 166 9.16 57.08 61.78
CA GLU L 166 9.96 57.30 60.54
C GLU L 166 9.11 56.94 59.32
N ALA L 167 9.09 57.82 58.31
CA ALA L 167 8.26 57.70 57.08
C ALA L 167 9.00 56.85 56.03
N TYR L 168 8.84 55.52 56.11
CA TYR L 168 9.35 54.54 55.12
C TYR L 168 8.47 53.27 55.16
N ILE L 169 8.59 52.43 54.13
CA ILE L 169 7.82 51.16 53.96
C ILE L 169 8.75 49.98 54.20
N LYS L 170 8.42 49.13 55.19
CA LYS L 170 9.14 47.85 55.47
C LYS L 170 8.79 46.81 54.40
N GLN L 171 9.67 45.84 54.18
CA GLN L 171 9.50 44.76 53.17
C GLN L 171 8.45 43.74 53.63
N SER L 172 8.19 43.64 54.94
CA SER L 172 7.25 42.68 55.57
C SER L 172 5.79 42.99 55.19
N TRP L 173 5.45 44.25 54.90
CA TRP L 173 4.07 44.70 54.59
C TRP L 173 3.64 44.24 53.19
N HIS L 174 4.59 43.94 52.30
CA HIS L 174 4.35 43.44 50.91
C HIS L 174 3.89 41.97 50.92
N ILE L 175 4.06 41.26 52.05
CA ILE L 175 3.62 39.84 52.23
C ILE L 175 2.14 39.85 52.64
N LYS L 176 1.32 38.98 52.04
CA LYS L 176 -0.17 38.99 52.15
C LYS L 176 -0.62 38.48 53.53
N TRP L 177 0.21 37.71 54.24
CA TRP L 177 -0.08 37.11 55.56
C TRP L 177 0.02 38.15 56.68
N VAL L 178 0.87 39.18 56.51
CA VAL L 178 1.15 40.23 57.54
C VAL L 178 0.01 41.26 57.53
N ASN L 179 -0.81 41.29 58.59
CA ASN L 179 -1.99 42.19 58.75
C ASN L 179 -1.87 43.08 59.99
N ALA L 180 -0.93 42.81 60.92
CA ALA L 180 -0.72 43.60 62.17
C ALA L 180 0.64 43.23 62.79
N CYS L 181 1.52 44.22 62.98
CA CYS L 181 2.92 44.05 63.47
C CYS L 181 3.56 45.42 63.73
N THR L 182 4.37 45.58 64.79
CA THR L 182 4.53 44.66 65.91
C THR L 182 4.98 45.43 67.16
N LYS L 183 5.96 46.33 67.03
CA LYS L 183 6.47 47.22 68.12
C LYS L 183 5.34 48.13 68.64
N HIS L 184 4.43 48.57 67.77
CA HIS L 184 3.29 49.46 68.09
C HIS L 184 2.04 48.65 68.46
N GLN L 185 1.94 47.39 67.98
CA GLN L 185 0.87 46.42 68.37
C GLN L 185 -0.48 46.98 67.92
N CYS L 186 -0.62 47.22 66.62
CA CYS L 186 -1.81 47.86 65.97
C CYS L 186 -2.08 47.21 64.61
N ALA L 187 -3.36 47.17 64.21
CA ALA L 187 -3.83 46.64 62.90
C ALA L 187 -3.39 47.60 61.78
N LEU L 188 -2.94 47.06 60.63
CA LEU L 188 -2.46 47.86 59.48
C LEU L 188 -3.65 48.54 58.80
N LEU L 189 -3.42 49.74 58.25
CA LEU L 189 -4.43 50.62 57.59
C LEU L 189 -4.40 50.34 56.08
N HIS L 190 -5.55 49.94 55.52
CA HIS L 190 -5.72 49.50 54.10
C HIS L 190 -6.21 50.68 53.24
N ASN L 191 -7.26 51.39 53.68
CA ASN L 191 -8.00 52.40 52.88
C ASN L 191 -7.83 53.80 53.49
N CYS L 192 -8.05 54.84 52.67
CA CYS L 192 -7.97 56.27 53.04
C CYS L 192 -9.09 56.62 54.01
N PRO L 193 -8.83 57.44 55.07
CA PRO L 193 -9.91 57.89 55.96
C PRO L 193 -10.91 58.88 55.36
N GLU L 194 -10.59 59.53 54.22
CA GLU L 194 -11.47 60.52 53.54
C GLU L 194 -12.32 59.81 52.47
N CYS L 195 -11.67 59.26 51.44
CA CYS L 195 -12.30 58.72 50.19
C CYS L 195 -12.75 57.26 50.37
N TYR L 196 -12.14 56.52 51.31
CA TYR L 196 -12.20 55.03 51.42
C TYR L 196 -11.68 54.41 50.12
N ALA L 197 -10.59 54.95 49.59
CA ALA L 197 -9.80 54.41 48.45
C ALA L 197 -8.59 53.66 49.01
N PRO L 198 -8.23 52.47 48.48
CA PRO L 198 -7.11 51.69 49.02
C PRO L 198 -5.75 52.40 48.93
N ILE L 199 -4.96 52.35 50.01
CA ILE L 199 -3.63 53.01 50.14
C ILE L 199 -2.59 52.18 49.38
N ASN L 200 -2.04 52.74 48.30
CA ASN L 200 -0.97 52.12 47.47
C ASN L 200 0.11 53.19 47.20
N TYR L 201 1.28 53.04 47.83
CA TYR L 201 2.39 54.04 47.81
C TYR L 201 3.14 54.00 46.48
N ILE L 202 2.98 52.92 45.69
CA ILE L 202 3.56 52.76 44.32
C ILE L 202 2.73 53.58 43.32
N GLU L 203 1.40 53.53 43.42
CA GLU L 203 0.46 54.20 42.49
C GLU L 203 0.47 55.72 42.74
N ASN L 204 0.48 56.13 44.02
CA ASN L 204 0.32 57.54 44.47
C ASN L 204 1.67 58.27 44.45
N GLU L 205 2.80 57.53 44.49
CA GLU L 205 4.18 58.07 44.63
C GLU L 205 4.27 58.96 45.87
N SER L 206 3.76 58.47 47.01
CA SER L 206 3.73 59.18 48.32
C SER L 206 3.64 58.16 49.47
N ILE L 207 4.68 58.12 50.31
CA ILE L 207 4.78 57.21 51.49
C ILE L 207 3.89 57.76 52.61
N THR L 208 4.08 59.05 52.95
CA THR L 208 3.47 59.70 54.14
C THR L 208 2.02 60.10 53.84
N HIS L 209 1.75 60.67 52.66
CA HIS L 209 0.45 61.27 52.26
C HIS L 209 -0.35 60.31 51.37
N CYS L 210 -1.68 60.45 51.38
CA CYS L 210 -2.65 59.83 50.45
C CYS L 210 -2.90 60.79 49.28
N SER L 211 -3.38 60.27 48.15
CA SER L 211 -3.86 61.05 46.98
C SER L 211 -5.16 61.76 47.34
N CYS L 212 -5.97 61.15 48.23
CA CYS L 212 -7.24 61.68 48.79
C CYS L 212 -6.97 62.95 49.61
N GLY L 213 -5.83 63.05 50.29
CA GLY L 213 -5.39 64.25 51.02
C GLY L 213 -3.91 64.24 51.32
N PHE L 214 -5.57 62.51 54.01
CA PHE L 214 -4.43 62.66 54.97
C PHE L 214 -4.01 64.14 55.03
N GLU L 215 -4.82 64.96 55.69
CA GLU L 215 -4.54 66.39 56.00
C GLU L 215 -3.99 66.51 57.43
N LEU L 216 -4.52 65.70 58.35
CA LEU L 216 -4.13 65.65 59.79
C LEU L 216 -2.98 64.64 59.96
N SER L 217 -2.62 64.29 61.20
CA SER L 217 -1.61 63.25 61.53
C SER L 217 -2.19 61.85 61.25
N CYS L 218 -1.39 60.81 61.49
CA CYS L 218 -1.76 59.37 61.32
C CYS L 218 -3.04 59.05 62.09
N ALA L 219 -3.94 58.27 61.48
CA ALA L 219 -5.32 57.99 61.97
C ALA L 219 -5.30 56.96 63.11
N SER L 220 -6.45 56.76 63.76
CA SER L 220 -6.66 55.79 64.86
C SER L 220 -6.77 54.36 64.29
N THR L 221 -6.71 53.36 65.17
CA THR L 221 -6.58 51.91 64.81
C THR L 221 -7.46 51.06 65.73
N SER L 222 -7.89 49.89 65.21
CA SER L 222 -8.34 48.72 66.02
C SER L 222 -7.09 48.05 66.58
N PRO L 223 -7.01 47.78 67.91
CA PRO L 223 -5.75 47.42 68.54
C PRO L 223 -5.21 46.06 68.06
N VAL L 224 -5.63 44.94 68.66
CA VAL L 224 -5.16 43.56 68.36
C VAL L 224 -6.11 42.56 69.02
N ASN L 225 -6.09 41.30 68.56
CA ASN L 225 -6.67 40.14 69.29
C ASN L 225 -5.76 39.85 70.50
N THR L 226 -4.46 40.19 70.35
CA THR L 226 -3.43 40.37 71.42
C THR L 226 -2.52 39.14 71.50
N LEU L 227 -3.06 37.95 71.18
CA LEU L 227 -2.33 36.66 71.12
C LEU L 227 -1.96 36.33 69.65
N SER L 228 -2.61 36.97 68.68
CA SER L 228 -2.33 36.81 67.23
C SER L 228 -0.96 37.38 66.84
N ILE L 229 -0.41 38.31 67.63
CA ILE L 229 0.88 39.00 67.31
C ILE L 229 2.04 38.02 67.60
N GLU L 230 1.97 37.23 68.68
CA GLU L 230 3.03 36.26 69.07
C GLU L 230 2.96 35.02 68.15
N HIS L 231 1.88 34.84 67.39
CA HIS L 231 1.80 33.88 66.25
C HIS L 231 2.69 34.39 65.10
N LEU L 232 2.44 35.61 64.63
CA LEU L 232 3.12 36.23 63.45
C LEU L 232 4.58 36.56 63.78
N ASN L 233 4.88 36.89 65.05
CA ASN L 233 6.28 37.18 65.50
C ASN L 233 7.08 35.87 65.53
N LYS L 234 6.42 34.72 65.77
CA LYS L 234 7.03 33.37 65.69
C LYS L 234 7.28 33.00 64.22
N LEU L 235 6.46 33.47 63.29
CA LEU L 235 6.60 33.23 61.83
C LEU L 235 7.90 33.87 61.32
N LEU L 236 8.06 35.19 61.53
CA LEU L 236 9.15 36.01 60.94
C LEU L 236 10.44 35.93 61.77
N ASP L 237 10.45 35.15 62.86
CA ASP L 237 11.70 34.69 63.54
C ASP L 237 12.45 33.78 62.57
N LYS L 238 13.78 33.88 62.53
CA LYS L 238 14.62 33.40 61.39
C LYS L 238 14.66 31.86 61.36
N GLY L 239 15.64 31.21 62.00
CA GLY L 239 16.01 29.82 61.70
C GLY L 239 16.44 28.98 62.89
N GLU L 240 15.82 29.14 64.07
CA GLU L 240 16.06 28.29 65.26
C GLU L 240 15.04 28.58 66.37
N ARG L 241 14.39 27.52 66.87
CA ARG L 241 13.74 27.36 68.22
C ARG L 241 12.43 26.58 68.06
N ASN L 242 12.16 25.69 69.03
CA ASN L 242 11.03 24.70 69.02
C ASN L 242 9.93 25.17 69.98
N ASP L 243 8.72 24.63 69.80
CA ASP L 243 7.52 24.92 70.63
C ASP L 243 6.49 23.80 70.44
N SER L 244 5.23 24.02 70.86
CA SER L 244 4.11 23.05 70.77
C SER L 244 3.68 22.86 69.30
N ASN L 245 3.64 23.94 68.52
CA ASN L 245 3.16 23.96 67.11
C ASN L 245 4.29 23.51 66.18
N PRO L 246 4.12 22.41 65.40
CA PRO L 246 5.09 22.03 64.37
C PRO L 246 5.42 23.09 63.31
N LEU L 247 4.50 24.01 62.99
CA LEU L 247 4.69 25.10 62.00
C LEU L 247 5.79 26.05 62.50
N PHE L 248 5.71 26.49 63.75
CA PHE L 248 6.65 27.45 64.41
C PHE L 248 7.77 26.69 65.14
N ASN L 249 7.98 25.41 64.82
CA ASN L 249 9.07 24.56 65.37
C ASN L 249 10.40 24.95 64.70
N ASN L 250 11.50 24.28 65.06
CA ASN L 250 12.85 24.46 64.47
C ASN L 250 12.76 24.33 62.94
N MET L 251 12.46 25.45 62.27
CA MET L 251 12.40 25.59 60.79
C MET L 251 12.99 26.94 60.38
N THR L 252 13.33 27.09 59.10
CA THR L 252 13.73 28.36 58.44
C THR L 252 12.50 28.92 57.71
N LEU L 253 12.42 30.24 57.57
CA LEU L 253 11.20 31.01 57.13
C LEU L 253 10.70 30.52 55.77
N THR L 254 11.60 30.17 54.84
CA THR L 254 11.28 29.78 53.44
C THR L 254 10.39 28.52 53.41
N GLU L 255 10.61 27.57 54.34
CA GLU L 255 9.83 26.30 54.44
C GLU L 255 8.55 26.53 55.25
N ARG L 256 8.54 27.53 56.13
CA ARG L 256 7.35 27.95 56.92
C ARG L 256 6.25 28.44 55.97
N PHE L 257 6.63 29.13 54.89
CA PHE L 257 5.73 29.56 53.78
C PHE L 257 5.27 28.36 52.95
N ALA L 258 6.15 27.37 52.73
CA ALA L 258 5.88 26.13 51.97
C ALA L 258 4.72 25.35 52.62
N ALA L 259 4.69 25.29 53.95
CA ALA L 259 3.63 24.63 54.76
C ALA L 259 2.29 25.36 54.57
N LEU L 260 2.31 26.70 54.52
CA LEU L 260 1.10 27.55 54.32
C LEU L 260 0.53 27.35 52.92
N LEU L 261 1.38 27.31 51.89
CA LEU L 261 0.97 27.11 50.47
C LEU L 261 0.33 25.73 50.31
N TRP L 262 0.93 24.69 50.93
CA TRP L 262 0.41 23.30 50.95
C TRP L 262 -0.99 23.28 51.56
N TYR L 263 -1.17 23.99 52.68
CA TYR L 263 -2.45 24.07 53.44
C TYR L 263 -3.56 24.68 52.58
N GLN L 264 -3.25 25.73 51.81
CA GLN L 264 -4.24 26.49 50.98
C GLN L 264 -4.85 25.57 49.92
N GLU L 265 -4.01 25.02 49.03
CA GLU L 265 -4.41 24.21 47.85
C GLU L 265 -5.05 22.87 48.25
N ARG L 266 -4.88 22.41 49.50
CA ARG L 266 -5.52 21.16 50.01
C ARG L 266 -7.02 21.39 50.23
N TYR L 267 -7.40 22.55 50.78
CA TYR L 267 -8.80 22.91 51.17
C TYR L 267 -9.35 24.05 50.30
N SER L 268 -8.63 24.44 49.24
CA SER L 268 -9.00 25.51 48.27
C SER L 268 -9.19 26.85 49.01
N GLN L 269 -8.19 27.25 49.80
CA GLN L 269 -8.13 28.54 50.54
C GLN L 269 -7.16 29.47 49.78
N THR L 270 -7.33 29.59 48.46
CA THR L 270 -6.42 30.31 47.53
C THR L 270 -6.50 31.82 47.80
N ASP L 271 -7.72 32.36 47.98
CA ASP L 271 -7.99 33.81 48.20
C ASP L 271 -7.97 34.15 49.70
N ASN L 272 -8.17 33.15 50.58
CA ASN L 272 -8.12 33.33 52.06
C ASN L 272 -6.66 33.49 52.49
N PHE L 273 -6.37 34.54 53.27
CA PHE L 273 -5.03 34.88 53.81
C PHE L 273 -5.14 35.26 55.29
N CYS L 274 -5.91 34.47 56.05
CA CYS L 274 -6.05 34.57 57.52
C CYS L 274 -5.04 33.63 58.19
N LEU L 275 -4.06 34.19 58.91
CA LEU L 275 -2.95 33.43 59.56
C LEU L 275 -3.51 32.55 60.69
N ASN L 276 -4.54 33.01 61.40
CA ASN L 276 -5.15 32.33 62.58
C ASN L 276 -5.89 31.05 62.15
N ASP L 277 -6.29 30.92 60.88
CA ASP L 277 -6.99 29.74 60.33
C ASP L 277 -6.01 28.61 60.00
N ALA L 278 -4.69 28.88 59.97
CA ALA L 278 -3.62 27.92 59.64
C ALA L 278 -2.95 27.39 60.93
N VAL L 279 -2.63 28.28 61.86
CA VAL L 279 -1.82 27.98 63.09
C VAL L 279 -2.66 27.12 64.05
N ASN L 280 -3.98 27.30 64.09
CA ASN L 280 -4.91 26.46 64.89
C ASN L 280 -5.05 25.07 64.24
N TYR L 281 -5.05 25.01 62.90
CA TYR L 281 -5.08 23.75 62.10
C TYR L 281 -3.79 22.96 62.37
N PHE L 282 -2.62 23.59 62.20
CA PHE L 282 -1.30 22.92 62.31
C PHE L 282 -0.93 22.64 63.78
N SER L 283 -1.68 23.17 64.77
CA SER L 283 -1.45 22.91 66.22
C SER L 283 -1.72 21.44 66.58
N LYS L 284 -2.62 20.77 65.83
CA LYS L 284 -3.06 19.37 66.08
C LYS L 284 -2.51 18.44 64.98
N TRP L 285 -1.39 18.85 64.35
CA TRP L 285 -0.92 18.42 63.00
C TRP L 285 -1.06 16.90 62.78
N PRO L 286 -0.44 16.03 63.61
CA PRO L 286 -0.35 14.60 63.29
C PRO L 286 -1.72 13.89 63.22
N ALA L 287 -2.67 14.29 64.07
CA ALA L 287 -4.01 13.67 64.22
C ALA L 287 -4.92 14.02 63.03
N VAL L 288 -4.80 15.24 62.48
CA VAL L 288 -5.74 15.78 61.44
C VAL L 288 -5.44 15.08 60.10
N PHE L 289 -4.16 14.84 59.80
CA PHE L 289 -3.68 14.31 58.49
C PHE L 289 -3.79 12.78 58.47
N ASN L 290 -3.57 12.11 59.60
CA ASN L 290 -3.69 10.63 59.74
C ASN L 290 -5.13 10.20 59.44
N THR L 291 -6.12 10.79 60.13
CA THR L 291 -7.57 10.47 59.99
C THR L 291 -8.07 10.79 58.58
N GLU L 292 -7.50 11.81 57.92
CA GLU L 292 -7.78 12.18 56.51
C GLU L 292 -7.28 11.06 55.58
N LEU L 293 -6.13 10.45 55.90
CA LEU L 293 -5.49 9.38 55.09
C LEU L 293 -6.05 8.00 55.45
N ASP L 294 -6.69 7.85 56.62
CA ASP L 294 -7.22 6.55 57.14
C ASP L 294 -8.48 6.16 56.35
N GLU L 295 -9.38 7.10 56.10
CA GLU L 295 -10.66 6.88 55.36
C GLU L 295 -10.37 6.53 53.89
N LEU L 296 -9.29 7.07 53.30
CA LEU L 296 -8.87 6.77 51.90
C LEU L 296 -8.37 5.32 51.79
N SER L 297 -7.79 4.77 52.85
CA SER L 297 -7.30 3.37 52.94
C SER L 297 -8.46 2.39 53.15
N LYS L 298 -9.39 2.73 54.04
CA LYS L 298 -10.60 1.91 54.37
C LYS L 298 -11.54 1.84 53.16
N ASN L 299 -11.68 2.94 52.41
CA ASN L 299 -12.59 3.07 51.23
C ASN L 299 -11.78 3.00 49.92
N ALA L 300 -10.67 2.26 49.90
CA ALA L 300 -9.81 2.06 48.72
C ALA L 300 -10.45 1.04 47.78
N GLU L 301 -10.97 -0.06 48.34
CA GLU L 301 -11.65 -1.17 47.62
C GLU L 301 -12.95 -0.69 46.96
N MET L 302 -13.60 0.33 47.53
CA MET L 302 -14.89 0.90 47.04
C MET L 302 -14.70 1.51 45.65
N LYS L 303 -13.66 2.34 45.48
CA LYS L 303 -13.44 3.19 44.27
C LYS L 303 -12.96 2.36 43.07
N LEU L 304 -12.57 1.08 43.27
CA LEU L 304 -11.80 0.26 42.27
C LEU L 304 -12.61 0.05 40.98
N ILE L 305 -12.08 0.54 39.86
CA ILE L 305 -12.52 0.22 38.46
C ILE L 305 -11.73 -0.99 37.95
N ASP L 306 -10.46 -1.12 38.37
CA ASP L 306 -9.53 -2.23 38.00
C ASP L 306 -8.98 -2.86 39.30
N LEU L 307 -7.95 -3.70 39.21
CA LEU L 307 -7.29 -4.33 40.40
C LEU L 307 -6.29 -3.33 40.99
N PHE L 308 -5.85 -3.55 42.24
CA PHE L 308 -4.88 -2.69 42.97
C PHE L 308 -3.55 -2.58 42.21
N ASN L 309 -3.08 -3.68 41.60
CA ASN L 309 -1.76 -3.76 40.92
C ASN L 309 -1.83 -3.11 39.52
N LYS L 310 -3.00 -2.61 39.09
CA LYS L 310 -3.19 -1.88 37.81
C LYS L 310 -3.59 -0.41 38.04
N THR L 311 -4.11 -0.06 39.22
CA THR L 311 -4.57 1.32 39.56
C THR L 311 -3.39 2.15 40.09
N GLU L 312 -3.37 3.45 39.74
CA GLU L 312 -2.34 4.44 40.19
C GLU L 312 -2.66 4.87 41.63
N PHE L 313 -1.69 5.51 42.29
CA PHE L 313 -1.78 5.99 43.69
C PHE L 313 -2.70 7.22 43.78
N LYS L 314 -2.58 8.15 42.82
CA LYS L 314 -3.35 9.42 42.78
C LYS L 314 -4.84 9.15 42.51
N PHE L 315 -5.21 7.96 42.02
CA PHE L 315 -6.61 7.54 41.80
C PHE L 315 -7.34 7.33 43.13
N ILE L 316 -6.63 6.88 44.17
CA ILE L 316 -7.20 6.57 45.52
C ILE L 316 -6.94 7.75 46.48
N PHE L 317 -5.68 8.20 46.60
CA PHE L 317 -5.22 9.14 47.65
C PHE L 317 -5.28 10.59 47.15
N GLY L 318 -4.97 10.83 45.87
CA GLY L 318 -5.18 12.12 45.18
C GLY L 318 -4.16 13.17 45.56
N ASP L 319 -3.08 13.28 44.77
CA ASP L 319 -2.16 14.46 44.69
C ASP L 319 -1.32 14.61 45.97
N ALA L 320 -1.52 13.75 46.99
CA ALA L 320 -1.01 13.95 48.37
C ALA L 320 0.51 13.73 48.46
N ILE L 321 1.15 13.21 47.40
CA ILE L 321 2.63 12.97 47.33
C ILE L 321 3.30 14.14 46.60
N LEU L 322 2.79 14.54 45.44
CA LEU L 322 3.45 15.52 44.52
C LEU L 322 3.08 16.97 44.93
N ALA L 323 2.13 17.14 45.86
CA ALA L 323 1.77 18.43 46.49
C ALA L 323 2.68 18.71 47.70
N CYS L 324 3.19 17.65 48.35
CA CYS L 324 4.07 17.70 49.56
C CYS L 324 5.27 18.61 49.30
N PRO L 325 5.69 19.47 50.27
CA PRO L 325 6.90 20.28 50.11
C PRO L 325 8.16 19.44 49.85
N SER L 326 8.94 19.85 48.85
CA SER L 326 10.14 19.12 48.35
C SER L 326 11.26 19.15 49.38
N THR L 327 12.15 18.14 49.33
CA THR L 327 13.35 18.00 50.22
C THR L 327 14.62 18.12 49.36
N GLN L 328 14.65 19.12 48.47
CA GLN L 328 15.84 19.48 47.64
C GLN L 328 16.87 20.20 48.52
N LYS L 329 16.43 20.86 49.60
CA LYS L 329 17.29 21.64 50.52
C LYS L 329 18.06 20.67 51.45
N GLN L 330 19.39 20.68 51.38
CA GLN L 330 20.33 20.09 52.39
C GLN L 330 20.26 18.54 52.42
N SER L 331 19.18 17.93 51.92
CA SER L 331 18.64 16.61 52.33
C SER L 331 18.03 16.71 53.74
N GLU L 332 17.47 17.88 54.08
CA GLU L 332 16.67 18.13 55.32
C GLU L 332 15.20 17.98 54.95
N SER L 333 14.52 16.98 55.55
CA SER L 333 13.13 16.60 55.23
C SER L 333 12.15 17.58 55.91
N HIS L 334 11.02 17.86 55.27
CA HIS L 334 9.93 18.73 55.80
C HIS L 334 9.11 17.92 56.81
N PHE L 335 8.53 18.59 57.81
CA PHE L 335 7.73 17.97 58.90
C PHE L 335 6.44 17.36 58.33
N ILE L 336 5.92 17.95 57.24
CA ILE L 336 4.76 17.43 56.45
C ILE L 336 5.21 16.13 55.76
N TYR L 337 6.39 16.13 55.14
CA TYR L 337 6.97 14.97 54.41
C TYR L 337 7.28 13.83 55.39
N ARG L 338 7.84 14.14 56.57
CA ARG L 338 8.16 13.15 57.64
C ARG L 338 6.87 12.46 58.12
N ALA L 339 5.74 13.18 58.15
CA ALA L 339 4.44 12.70 58.66
C ALA L 339 3.71 11.84 57.61
N LEU L 340 3.83 12.20 56.33
CA LEU L 340 3.21 11.47 55.17
C LEU L 340 3.83 10.08 55.05
N LEU L 341 5.15 10.02 54.85
CA LEU L 341 5.94 8.78 54.57
C LEU L 341 5.80 7.80 55.74
N ASP L 342 5.90 8.29 56.98
CA ASP L 342 5.78 7.49 58.22
C ASP L 342 4.40 6.82 58.33
N TYR L 343 3.38 7.35 57.64
CA TYR L 343 2.05 6.69 57.45
C TYR L 343 2.16 5.56 56.41
N LEU L 344 2.88 5.81 55.31
CA LEU L 344 3.05 4.83 54.21
C LEU L 344 3.90 3.64 54.69
N VAL L 345 4.85 3.87 55.60
CA VAL L 345 5.72 2.79 56.18
C VAL L 345 4.84 1.78 56.94
N THR L 346 3.83 2.26 57.69
CA THR L 346 2.90 1.41 58.50
C THR L 346 1.78 0.84 57.60
N LEU L 347 1.60 1.37 56.38
CA LEU L 347 0.61 0.87 55.38
C LEU L 347 1.09 -0.47 54.82
N VAL L 348 2.34 -0.55 54.37
CA VAL L 348 2.98 -1.81 53.85
C VAL L 348 3.19 -2.80 55.00
N GLU L 349 3.34 -2.30 56.23
CA GLU L 349 3.46 -3.11 57.48
C GLU L 349 2.16 -3.93 57.67
N SER L 350 0.99 -3.28 57.54
CA SER L 350 -0.35 -3.87 57.76
C SER L 350 -0.81 -4.69 56.55
N ASN L 351 -0.19 -4.47 55.38
CA ASN L 351 -0.53 -5.11 54.09
C ASN L 351 0.63 -6.01 53.66
N PRO L 352 0.76 -7.25 54.23
CA PRO L 352 1.83 -8.16 53.83
C PRO L 352 1.64 -8.69 52.40
N LYS L 353 2.71 -9.28 51.85
CA LYS L 353 2.84 -9.64 50.42
C LYS L 353 2.20 -11.01 50.18
N THR L 354 0.92 -11.02 49.79
CA THR L 354 0.11 -12.25 49.51
C THR L 354 -0.26 -12.28 48.02
N LYS L 355 -0.98 -13.33 47.59
CA LYS L 355 -1.31 -13.61 46.17
C LYS L 355 -2.46 -12.71 45.70
N LYS L 356 -3.37 -12.34 46.60
CA LYS L 356 -4.39 -11.28 46.37
C LYS L 356 -3.71 -9.92 46.48
N PRO L 357 -3.84 -9.00 45.49
CA PRO L 357 -3.28 -7.66 45.60
C PRO L 357 -4.07 -6.80 46.60
N ASN L 358 -3.38 -5.90 47.30
CA ASN L 358 -3.95 -5.02 48.37
C ASN L 358 -3.46 -3.59 48.13
N ALA L 359 -3.70 -2.67 49.07
CA ALA L 359 -3.44 -1.22 48.96
C ALA L 359 -1.94 -0.91 48.76
N ALA L 360 -1.04 -1.84 49.09
CA ALA L 360 0.42 -1.67 48.97
C ALA L 360 0.94 -2.06 47.57
N ASP L 361 0.06 -2.37 46.62
CA ASP L 361 0.41 -2.66 45.20
C ASP L 361 0.00 -1.51 44.27
N LEU L 362 -0.33 -0.33 44.82
CA LEU L 362 -0.71 0.86 44.02
C LEU L 362 0.51 1.36 43.24
N LEU L 363 0.30 1.75 41.98
CA LEU L 363 1.38 2.20 41.07
C LEU L 363 1.74 3.66 41.40
N VAL L 364 3.04 3.94 41.43
CA VAL L 364 3.68 5.25 41.77
C VAL L 364 4.49 5.68 40.56
N SER L 365 4.39 6.95 40.15
CA SER L 365 5.13 7.54 39.00
C SER L 365 6.55 7.92 39.44
N VAL L 366 7.41 8.27 38.49
CA VAL L 366 8.86 8.56 38.71
C VAL L 366 9.00 9.87 39.51
N LEU L 367 8.09 10.83 39.34
CA LEU L 367 8.09 12.11 40.11
C LEU L 367 7.66 11.86 41.56
N GLU L 368 6.63 11.03 41.77
CA GLU L 368 6.15 10.61 43.12
C GLU L 368 7.21 9.73 43.80
N ALA L 369 7.93 8.90 43.02
CA ALA L 369 9.07 8.08 43.46
C ALA L 369 10.25 8.99 43.84
N ALA L 370 10.52 10.03 43.05
CA ALA L 370 11.62 11.01 43.26
C ALA L 370 11.42 11.74 44.60
N THR L 371 10.17 12.09 44.94
CA THR L 371 9.81 12.81 46.19
C THR L 371 9.98 11.88 47.40
N LEU L 372 9.54 10.61 47.29
CA LEU L 372 9.63 9.60 48.39
C LEU L 372 11.08 9.21 48.67
N LEU L 373 11.97 9.26 47.67
CA LEU L 373 13.44 9.04 47.84
C LEU L 373 14.12 10.35 48.24
N GLY L 374 13.58 11.50 47.82
CA GLY L 374 14.12 12.83 48.14
C GLY L 374 15.38 13.13 47.35
N THR L 375 15.41 12.72 46.08
CA THR L 375 16.54 12.88 45.12
C THR L 375 16.01 13.50 43.82
N SER L 376 16.93 13.84 42.90
CA SER L 376 16.62 14.34 41.53
C SER L 376 15.94 13.23 40.73
N VAL L 377 15.28 13.60 39.62
CA VAL L 377 14.46 12.67 38.79
C VAL L 377 15.40 11.85 37.89
N GLU L 378 16.52 12.45 37.44
CA GLU L 378 17.59 11.76 36.65
C GLU L 378 18.21 10.65 37.51
N GLN L 379 18.44 10.91 38.80
CA GLN L 379 19.03 9.94 39.76
C GLN L 379 18.10 8.71 39.89
N VAL L 380 16.78 8.92 39.83
CA VAL L 380 15.76 7.82 39.96
C VAL L 380 15.60 7.11 38.62
N TYR L 381 15.80 7.81 37.48
CA TYR L 381 15.94 7.20 36.13
C TYR L 381 17.21 6.34 36.05
N ARG L 382 18.29 6.78 36.72
CA ARG L 382 19.61 6.08 36.69
C ARG L 382 19.49 4.77 37.48
N LEU L 383 18.69 4.74 38.56
CA LEU L 383 18.35 3.50 39.31
C LEU L 383 17.56 2.55 38.41
N TYR L 384 16.67 3.08 37.56
CA TYR L 384 15.93 2.32 36.52
C TYR L 384 16.90 1.83 35.43
N GLN L 385 17.93 2.63 35.10
CA GLN L 385 18.94 2.32 34.07
C GLN L 385 19.78 1.10 34.48
N ASN L 386 20.16 1.01 35.76
CA ASN L 386 20.94 -0.12 36.33
C ASN L 386 20.01 -1.11 37.06
N GLY L 387 18.71 -1.13 36.71
CA GLY L 387 17.70 -2.10 37.19
C GLY L 387 17.73 -2.30 38.69
N ILE L 388 17.93 -1.21 39.46
CA ILE L 388 17.93 -1.22 40.95
C ILE L 388 16.47 -1.15 41.41
N LEU L 389 15.68 -0.23 40.85
CA LEU L 389 14.21 -0.12 41.04
C LEU L 389 13.51 -0.69 39.80
N GLN L 390 12.61 -1.65 40.01
CA GLN L 390 12.03 -2.52 38.94
C GLN L 390 10.61 -2.07 38.61
N THR L 391 10.46 -1.58 37.40
CA THR L 391 9.18 -1.02 36.92
C THR L 391 8.08 -2.00 37.27
N ALA L 392 6.94 -2.01 36.61
CA ALA L 392 5.93 -3.01 37.03
C ALA L 392 5.27 -3.64 35.83
N PHE L 393 5.85 -3.45 34.65
CA PHE L 393 5.38 -4.07 33.39
C PHE L 393 6.46 -3.79 32.36
N ARG L 394 6.69 -4.67 31.39
CA ARG L 394 7.83 -4.36 30.51
C ARG L 394 7.46 -3.49 29.32
N HIS L 395 8.15 -2.37 29.20
CA HIS L 395 8.04 -1.44 28.05
C HIS L 395 8.57 -2.18 26.84
N LYS L 396 7.98 -2.05 25.65
CA LYS L 396 8.61 -2.86 24.57
C LYS L 396 9.51 -2.00 23.66
N MET L 397 10.82 -2.16 23.89
CA MET L 397 12.06 -1.50 23.35
C MET L 397 12.00 0.00 23.02
N ASN L 398 10.99 0.50 22.31
CA ASN L 398 10.98 1.97 22.11
C ASN L 398 10.13 2.67 23.17
N GLN L 399 9.81 1.97 24.27
CA GLN L 399 9.06 2.68 25.35
C GLN L 399 10.07 3.37 26.27
N ARG L 400 10.16 4.70 26.17
CA ARG L 400 10.77 5.60 27.20
C ARG L 400 9.66 5.97 28.19
N ILE L 401 9.89 5.79 29.49
CA ILE L 401 8.83 5.87 30.55
C ILE L 401 8.26 7.30 30.55
N ASN L 402 6.93 7.43 30.46
CA ASN L 402 6.19 8.70 30.63
C ASN L 402 6.33 9.14 32.09
N PRO L 403 6.92 10.32 32.39
CA PRO L 403 7.15 10.74 33.78
C PRO L 403 5.93 10.85 34.73
N TYR L 404 4.70 10.82 34.20
CA TYR L 404 3.44 10.98 34.97
C TYR L 404 2.68 9.65 35.08
N LYS L 405 2.84 8.77 34.09
CA LYS L 405 2.31 7.36 34.09
C LYS L 405 2.91 6.60 35.30
N GLY L 406 2.07 5.91 36.07
CA GLY L 406 2.48 5.16 37.28
C GLY L 406 3.28 3.91 36.92
N ALA L 407 4.59 3.92 37.20
CA ALA L 407 5.59 2.93 36.72
C ALA L 407 5.82 1.85 37.78
N PHE L 408 6.28 2.25 38.98
CA PHE L 408 6.75 1.36 40.07
C PHE L 408 5.61 1.11 41.07
N PHE L 409 5.64 -0.03 41.77
CA PHE L 409 4.75 -0.34 42.92
C PHE L 409 5.13 0.54 44.11
N LEU L 410 4.16 0.88 44.96
CA LEU L 410 4.41 1.57 46.27
C LEU L 410 5.22 0.66 47.20
N ARG L 411 5.08 -0.66 47.04
CA ARG L 411 5.63 -1.71 47.93
C ARG L 411 7.15 -1.60 48.09
N HIS L 412 7.93 -1.91 47.05
CA HIS L 412 9.42 -2.05 47.15
C HIS L 412 10.11 -0.69 47.03
N VAL L 413 9.41 0.35 46.57
CA VAL L 413 9.88 1.77 46.61
C VAL L 413 10.05 2.20 48.08
N ILE L 414 9.19 1.72 48.99
CA ILE L 414 9.30 1.97 50.45
C ILE L 414 10.43 1.11 51.03
N GLU L 415 10.45 -0.20 50.71
CA GLU L 415 11.47 -1.15 51.21
C GLU L 415 12.87 -0.68 50.78
N TYR L 416 13.01 -0.08 49.58
CA TYR L 416 14.28 0.56 49.13
C TYR L 416 14.62 1.72 50.08
N LYS L 417 13.62 2.50 50.50
CA LYS L 417 13.81 3.67 51.40
C LYS L 417 14.14 3.20 52.82
N THR L 418 13.63 2.04 53.26
CA THR L 418 13.95 1.46 54.60
C THR L 418 15.29 0.72 54.58
N SER L 419 15.89 0.50 53.40
CA SER L 419 17.28 -0.04 53.25
C SER L 419 18.29 1.05 53.61
N PHE L 420 17.95 2.32 53.35
CA PHE L 420 18.71 3.52 53.81
C PHE L 420 18.18 3.91 55.20
N GLY L 421 19.07 3.95 56.19
CA GLY L 421 18.75 4.31 57.58
C GLY L 421 18.97 5.78 57.85
N ASN L 422 17.97 6.46 58.42
CA ASN L 422 18.09 7.83 59.00
C ASN L 422 17.63 7.76 60.46
N ASP L 423 17.95 8.81 61.24
CA ASP L 423 17.97 8.79 62.73
C ASP L 423 16.57 8.49 63.30
N LYS L 424 15.52 9.09 62.72
CA LYS L 424 14.12 9.02 63.24
C LYS L 424 13.32 7.95 62.50
N ALA L 425 13.91 6.77 62.28
CA ALA L 425 13.21 5.53 61.87
C ALA L 425 12.55 4.91 63.10
N ARG L 426 11.50 4.10 62.91
CA ARG L 426 10.71 3.46 64.00
C ARG L 426 11.38 2.16 64.48
N MET L 427 12.50 1.76 63.88
CA MET L 427 13.19 0.47 64.15
C MET L 427 13.79 0.49 65.56
N TYR L 428 14.51 1.55 65.90
CA TYR L 428 15.27 1.71 67.17
C TYR L 428 14.28 1.88 68.33
N LEU L 429 13.27 2.73 68.15
CA LEU L 429 12.04 2.80 69.00
C LEU L 429 10.95 3.58 68.26
N PHE M 28 11.07 -23.59 65.66
CA PHE M 28 12.24 -23.03 66.40
C PHE M 28 11.92 -21.61 66.89
N SER M 29 12.26 -21.32 68.15
CA SER M 29 12.01 -20.02 68.83
C SER M 29 13.21 -19.63 69.71
N PRO M 30 14.18 -18.84 69.18
CA PRO M 30 15.32 -18.40 69.99
C PRO M 30 14.91 -17.39 71.07
N LYS M 31 15.41 -17.57 72.30
CA LYS M 31 15.04 -16.77 73.51
C LYS M 31 16.07 -15.67 73.79
N ALA M 32 17.30 -15.81 73.30
CA ALA M 32 18.36 -14.78 73.36
C ALA M 32 17.89 -13.54 72.59
N ARG M 33 18.12 -12.34 73.15
CA ARG M 33 17.68 -11.04 72.58
C ARG M 33 18.89 -10.12 72.38
N ALA M 34 18.82 -9.24 71.37
CA ALA M 34 19.90 -8.33 70.94
C ALA M 34 20.29 -7.37 72.08
N PHE M 35 21.59 -7.05 72.19
CA PHE M 35 22.14 -5.98 73.07
C PHE M 35 22.08 -4.65 72.32
N SER M 36 22.52 -3.57 72.98
CA SER M 36 22.53 -2.18 72.45
C SER M 36 23.44 -2.07 71.21
N ASP M 37 24.63 -2.69 71.25
CA ASP M 37 25.70 -2.52 70.24
C ASP M 37 26.16 -3.87 69.69
N GLU M 38 25.33 -4.92 69.77
CA GLU M 38 25.63 -6.28 69.23
C GLU M 38 25.45 -6.25 67.71
N SER M 39 26.38 -6.86 66.97
CA SER M 39 26.34 -7.00 65.48
C SER M 39 25.25 -7.99 65.09
N LEU M 40 24.84 -7.97 63.82
CA LEU M 40 23.78 -8.86 63.25
C LEU M 40 24.30 -10.31 63.27
N GLU M 41 25.53 -10.52 62.77
CA GLU M 41 26.20 -11.84 62.70
C GLU M 41 26.33 -12.44 64.11
N SER M 42 26.79 -11.63 65.06
CA SER M 42 26.96 -11.99 66.49
C SER M 42 25.66 -12.57 67.05
N TYR M 43 24.56 -11.84 66.89
CA TYR M 43 23.21 -12.21 67.39
C TYR M 43 22.74 -13.51 66.74
N LEU M 44 22.90 -13.63 65.42
CA LEU M 44 22.46 -14.82 64.63
C LEU M 44 23.31 -16.04 65.03
N LEU M 45 24.62 -15.90 65.15
CA LEU M 45 25.52 -17.00 65.64
C LEU M 45 25.10 -17.41 67.06
N ARG M 46 24.66 -16.45 67.88
CA ARG M 46 24.16 -16.68 69.26
C ARG M 46 22.76 -17.31 69.23
N VAL M 47 21.99 -17.10 68.15
CA VAL M 47 20.71 -17.86 67.89
C VAL M 47 21.04 -19.33 67.61
N VAL M 48 22.03 -19.61 66.76
CA VAL M 48 22.38 -21.00 66.33
C VAL M 48 23.25 -21.65 67.41
N SER M 49 23.81 -20.87 68.34
CA SER M 49 24.54 -21.35 69.54
C SER M 49 23.60 -22.23 70.40
N GLU M 50 22.29 -21.98 70.35
CA GLU M 50 21.25 -22.88 70.90
C GLU M 50 21.19 -24.14 70.01
N ASN M 51 21.17 -25.33 70.64
CA ASN M 51 21.49 -26.63 69.99
C ASN M 51 20.25 -27.26 69.35
N PHE M 52 18.59 -28.09 68.67
CA PHE M 52 18.32 -26.94 67.76
C PHE M 52 18.93 -27.26 66.38
N PHE M 53 19.82 -26.40 65.90
CA PHE M 53 20.64 -26.59 64.67
C PHE M 53 22.11 -26.82 65.06
N ASP M 54 22.82 -27.63 64.27
CA ASP M 54 24.24 -28.00 64.52
C ASP M 54 25.15 -26.82 64.12
N SER M 55 24.87 -26.18 62.98
CA SER M 55 25.64 -25.05 62.40
C SER M 55 24.67 -24.01 61.82
N TYR M 56 25.17 -22.83 61.48
CA TYR M 56 24.40 -21.71 60.87
C TYR M 56 23.85 -22.14 59.49
N GLU M 57 24.62 -22.92 58.73
CA GLU M 57 24.23 -23.40 57.37
C GLU M 57 22.91 -24.18 57.46
N GLY M 58 22.81 -25.13 58.40
CA GLY M 58 21.61 -25.95 58.65
C GLY M 58 20.36 -25.11 58.87
N LEU M 59 20.47 -24.11 59.76
CA LEU M 59 19.43 -23.07 60.01
C LEU M 59 19.11 -22.33 58.71
N SER M 60 20.15 -21.82 58.03
CA SER M 60 20.05 -21.05 56.76
C SER M 60 19.23 -21.83 55.71
N LEU M 61 19.57 -23.10 55.46
CA LEU M 61 18.91 -23.93 54.40
C LEU M 61 17.45 -24.18 54.80
N ALA M 62 17.17 -24.33 56.09
CA ALA M 62 15.83 -24.58 56.67
C ALA M 62 14.92 -23.34 56.49
N ILE M 63 15.48 -22.13 56.64
CA ILE M 63 14.77 -20.83 56.41
C ILE M 63 14.67 -20.57 54.91
N ARG M 64 15.69 -20.94 54.11
CA ARG M 64 15.66 -20.87 52.62
C ARG M 64 14.42 -21.64 52.13
N GLU M 65 14.21 -22.86 52.65
CA GLU M 65 13.05 -23.74 52.32
C GLU M 65 11.73 -23.02 52.65
N GLU M 66 11.64 -22.44 53.85
CA GLU M 66 10.40 -21.79 54.37
C GLU M 66 10.12 -20.48 53.61
N LEU M 67 11.15 -19.72 53.23
CA LEU M 67 11.02 -18.50 52.39
C LEU M 67 10.54 -18.92 50.99
N HIS M 68 11.17 -19.95 50.40
CA HIS M 68 10.80 -20.52 49.07
C HIS M 68 9.30 -20.87 49.04
N GLU M 69 8.77 -21.42 50.13
CA GLU M 69 7.33 -21.81 50.24
C GLU M 69 6.47 -20.55 50.45
N LEU M 70 7.03 -19.50 51.07
CA LEU M 70 6.33 -18.20 51.36
C LEU M 70 6.42 -17.27 50.14
N ASP M 71 7.61 -16.71 49.88
CA ASP M 71 7.85 -15.62 48.89
C ASP M 71 9.16 -15.90 48.15
N PHE M 72 9.10 -16.03 46.82
CA PHE M 72 10.24 -16.45 45.95
C PHE M 72 11.26 -15.31 45.82
N GLU M 73 10.79 -14.05 45.81
CA GLU M 73 11.64 -12.84 45.65
C GLU M 73 12.53 -12.67 46.89
N ALA M 74 11.95 -12.80 48.08
CA ALA M 74 12.63 -12.77 49.39
C ALA M 74 13.54 -13.99 49.55
N HIS M 75 13.12 -15.16 49.02
CA HIS M 75 13.94 -16.40 48.91
C HIS M 75 15.19 -16.13 48.07
N GLY M 76 15.02 -15.49 46.90
CA GLY M 76 16.11 -15.13 45.97
C GLY M 76 17.09 -14.15 46.61
N ALA M 77 16.60 -13.23 47.44
CA ALA M 77 17.38 -12.19 48.14
C ALA M 77 18.24 -12.81 49.25
N PHE M 78 17.59 -13.56 50.15
CA PHE M 78 18.19 -14.18 51.36
C PHE M 78 19.34 -15.10 50.98
N PRO M 79 20.61 -14.76 51.32
CA PRO M 79 21.76 -15.61 51.01
C PRO M 79 21.90 -16.74 52.03
N VAL M 80 22.57 -17.83 51.63
CA VAL M 80 22.79 -19.04 52.47
C VAL M 80 23.96 -18.78 53.43
N ASP M 81 25.02 -18.11 52.96
CA ASP M 81 26.24 -17.80 53.75
C ASP M 81 25.95 -16.62 54.71
N LEU M 82 26.80 -16.48 55.74
CA LEU M 82 26.77 -15.36 56.73
C LEU M 82 27.64 -14.19 56.21
N LYS M 83 28.44 -14.44 55.18
CA LYS M 83 29.37 -13.46 54.53
C LYS M 83 28.60 -12.20 54.10
N ARG M 84 27.59 -12.37 53.24
CA ARG M 84 26.92 -11.27 52.47
C ARG M 84 25.50 -11.06 53.00
N LEU M 85 25.30 -11.08 54.32
CA LEU M 85 23.95 -10.99 54.96
C LEU M 85 23.63 -9.55 55.39
N ASN M 86 24.64 -8.71 55.66
CA ASN M 86 24.46 -7.26 55.98
C ASN M 86 23.93 -6.53 54.74
N VAL M 87 23.13 -5.49 54.95
CA VAL M 87 22.29 -4.80 53.92
C VAL M 87 23.17 -4.09 52.89
N TYR M 88 24.32 -3.55 53.31
CA TYR M 88 25.21 -2.72 52.46
C TYR M 88 25.92 -3.57 51.39
N HIS M 89 25.99 -4.89 51.58
CA HIS M 89 26.57 -5.85 50.57
C HIS M 89 25.66 -5.95 49.34
N ALA M 90 24.34 -5.87 49.55
CA ALA M 90 23.30 -5.96 48.50
C ALA M 90 23.12 -4.60 47.81
N LYS M 91 23.82 -4.38 46.69
CA LYS M 91 23.70 -3.14 45.86
C LYS M 91 22.37 -3.13 45.11
N HIS M 92 21.89 -4.30 44.65
CA HIS M 92 20.84 -4.44 43.60
C HIS M 92 19.53 -5.05 44.13
N ASN M 93 19.50 -5.57 45.37
CA ASN M 93 18.31 -6.27 45.94
C ASN M 93 18.14 -5.91 47.44
N SER M 94 18.37 -4.63 47.78
CA SER M 94 18.30 -4.09 49.17
C SER M 94 16.86 -4.22 49.69
N HIS M 95 15.90 -3.67 48.94
CA HIS M 95 14.43 -3.73 49.19
C HIS M 95 13.99 -5.17 49.47
N PHE M 96 14.47 -6.14 48.68
CA PHE M 96 14.17 -7.58 48.85
C PHE M 96 14.89 -8.12 50.11
N ARG M 97 16.13 -7.67 50.37
CA ARG M 97 16.91 -8.07 51.58
C ARG M 97 16.14 -7.67 52.85
N MET M 98 15.66 -6.42 52.93
CA MET M 98 14.84 -5.91 54.06
C MET M 98 13.59 -6.78 54.23
N ARG M 99 13.03 -7.15 53.09
CA ARG M 99 11.81 -7.98 53.09
C ARG M 99 12.17 -9.30 53.73
N ALA M 100 13.17 -9.96 53.20
CA ALA M 100 13.71 -11.25 53.72
C ALA M 100 13.95 -11.13 55.23
N LEU M 101 14.63 -10.05 55.66
CA LEU M 101 14.99 -9.80 57.09
C LEU M 101 13.72 -9.70 57.93
N GLY M 102 12.72 -8.95 57.45
CA GLY M 102 11.40 -8.79 58.09
C GLY M 102 10.65 -10.10 58.21
N LEU M 103 10.67 -10.93 57.16
CA LEU M 103 10.08 -12.30 57.17
C LEU M 103 10.86 -13.19 58.15
N LEU M 104 12.19 -13.01 58.23
CA LEU M 104 13.09 -13.75 59.17
C LEU M 104 12.66 -13.45 60.61
N GLU M 105 12.43 -12.17 60.95
CA GLU M 105 11.89 -11.73 62.27
C GLU M 105 10.55 -12.43 62.51
N THR M 106 9.60 -12.27 61.58
CA THR M 106 8.22 -12.84 61.63
C THR M 106 8.26 -14.36 61.84
N LEU M 107 9.24 -15.05 61.24
CA LEU M 107 9.32 -16.54 61.15
C LEU M 107 10.01 -17.13 62.39
N LEU M 108 10.97 -16.42 63.00
CA LEU M 108 11.80 -16.92 64.13
C LEU M 108 11.26 -16.45 65.49
N ASP M 109 9.98 -16.05 65.57
CA ASP M 109 9.26 -15.76 66.84
C ASP M 109 9.91 -14.54 67.54
N LEU M 110 10.46 -13.60 66.77
CA LEU M 110 11.10 -12.36 67.29
C LEU M 110 10.12 -11.19 67.14
N PRO M 111 10.23 -10.11 67.95
CA PRO M 111 9.50 -8.87 67.68
C PRO M 111 9.90 -8.20 66.36
N ARG M 112 9.08 -7.27 65.87
CA ARG M 112 9.34 -6.53 64.60
C ARG M 112 10.53 -5.60 64.80
N TYR M 113 11.34 -5.43 63.74
CA TYR M 113 12.56 -4.59 63.64
C TYR M 113 13.76 -5.20 64.39
N GLU M 114 13.59 -6.36 65.06
CA GLU M 114 14.60 -6.96 65.99
C GLU M 114 15.94 -7.15 65.28
N LEU M 115 15.93 -7.66 64.04
CA LEU M 115 17.13 -7.85 63.18
C LEU M 115 17.48 -6.52 62.49
N GLN M 116 16.51 -5.65 62.23
CA GLN M 116 16.68 -4.42 61.41
C GLN M 116 17.43 -3.31 62.18
N LYS M 117 17.50 -3.40 63.51
CA LYS M 117 18.24 -2.40 64.35
C LYS M 117 19.72 -2.77 64.43
N LEU M 118 20.07 -4.05 64.20
CA LEU M 118 21.48 -4.55 64.20
C LEU M 118 22.09 -4.41 62.81
N ALA M 119 21.27 -4.25 61.76
CA ALA M 119 21.70 -4.12 60.35
C ALA M 119 22.62 -2.90 60.20
N LEU M 120 23.67 -3.04 59.39
CA LEU M 120 24.53 -1.92 58.91
C LEU M 120 23.94 -1.41 57.59
N LEU M 121 23.07 -0.39 57.66
CA LEU M 121 22.21 0.07 56.54
C LEU M 121 23.02 0.92 55.56
N LYS M 122 22.39 1.24 54.41
CA LYS M 122 22.98 2.01 53.28
C LYS M 122 22.96 3.51 53.64
N SER M 123 23.80 4.31 52.97
CA SER M 123 23.90 5.79 53.14
C SER M 123 24.29 6.44 51.81
N ASP M 124 23.60 7.53 51.44
CA ASP M 124 23.80 8.27 50.16
C ASP M 124 24.97 9.27 50.27
N ILE M 125 25.33 9.67 51.50
CA ILE M 125 26.41 10.67 51.78
C ILE M 125 27.76 10.09 51.31
N LYS M 126 28.50 10.87 50.51
CA LYS M 126 29.86 10.53 50.00
C LYS M 126 30.91 11.27 50.83
N PHE M 127 31.94 10.56 51.29
CA PHE M 127 33.12 11.13 52.00
C PHE M 127 34.20 11.47 50.97
N ASN M 128 33.90 12.46 50.11
CA ASN M 128 34.77 12.93 49.00
C ASN M 128 35.03 11.76 48.04
N SER M 129 33.98 11.34 47.31
CA SER M 129 33.96 10.20 46.35
C SER M 129 34.35 8.89 47.05
N SER M 130 33.90 8.72 48.30
CA SER M 130 34.01 7.47 49.10
C SER M 130 32.61 7.10 49.63
N VAL M 131 32.07 5.96 49.18
CA VAL M 131 30.73 5.43 49.59
C VAL M 131 30.77 5.17 51.10
N ALA M 132 29.68 5.50 51.80
CA ALA M 132 29.55 5.45 53.28
C ALA M 132 28.53 4.38 53.69
N LEU M 133 28.49 4.07 54.98
CA LEU M 133 27.70 2.99 55.61
C LEU M 133 27.04 3.54 56.89
N TYR M 134 25.80 3.13 57.20
CA TYR M 134 25.00 3.72 58.30
C TYR M 134 24.80 2.73 59.45
N ASN M 135 25.21 3.12 60.66
CA ASN M 135 24.85 2.50 61.97
C ASN M 135 23.98 3.51 62.75
N ASN M 136 23.30 3.07 63.81
CA ASN M 136 22.32 3.87 64.60
C ASN M 136 22.86 5.29 64.85
N GLY M 137 22.38 6.26 64.06
CA GLY M 137 22.73 7.69 64.14
C GLY M 137 23.95 8.07 63.32
N VAL M 138 24.93 7.17 63.20
CA VAL M 138 26.32 7.47 62.73
C VAL M 138 26.51 6.89 61.32
N ASP M 139 27.16 7.65 60.43
CA ASP M 139 27.55 7.18 59.08
C ASP M 139 29.09 7.14 59.01
N ILE M 140 29.65 6.03 58.54
CA ILE M 140 31.10 5.68 58.55
C ILE M 140 31.56 5.52 57.09
N PRO M 141 32.79 5.98 56.73
CA PRO M 141 33.40 5.62 55.46
C PRO M 141 33.70 4.12 55.36
N LEU M 142 33.40 3.51 54.21
CA LEU M 142 33.50 2.04 53.97
C LEU M 142 34.96 1.57 54.03
N ARG M 143 35.93 2.46 53.84
CA ARG M 143 37.39 2.20 54.02
C ARG M 143 37.69 1.82 55.48
N PHE M 144 36.95 2.37 56.45
CA PHE M 144 37.22 2.22 57.91
C PHE M 144 36.57 0.96 58.49
N ILE M 145 35.80 0.21 57.70
CA ILE M 145 35.20 -1.10 58.10
C ILE M 145 36.24 -2.21 57.87
N ARG M 146 36.28 -3.20 58.76
CA ARG M 146 37.26 -4.34 58.74
C ARG M 146 36.75 -5.45 57.83
N HIS M 147 35.47 -5.80 57.95
CA HIS M 147 34.83 -6.99 57.31
C HIS M 147 34.30 -6.67 55.91
N HIS M 148 34.59 -5.49 55.36
CA HIS M 148 34.13 -5.06 54.01
C HIS M 148 34.99 -5.75 52.94
N ALA M 149 34.37 -6.13 51.81
CA ALA M 149 35.03 -6.62 50.57
C ALA M 149 35.63 -8.01 50.73
N GLU M 150 35.95 -8.44 51.97
CA GLU M 150 36.52 -9.77 52.33
C GLU M 150 37.92 -9.91 51.72
N GLU M 151 38.90 -9.23 52.32
CA GLU M 151 40.36 -9.43 52.06
C GLU M 151 40.70 -10.89 52.39
N ALA M 152 41.40 -11.58 51.47
CA ALA M 152 41.66 -13.03 51.44
C ALA M 152 41.77 -13.61 52.87
N VAL M 153 42.60 -12.99 53.71
CA VAL M 153 42.77 -13.32 55.17
C VAL M 153 42.87 -12.00 55.95
N ASP M 154 41.89 -11.74 56.83
CA ASP M 154 41.81 -10.54 57.70
C ASP M 154 41.32 -10.96 59.09
N SER M 155 41.46 -10.05 60.08
CA SER M 155 41.10 -10.27 61.50
C SER M 155 40.11 -9.18 61.96
N ILE M 156 38.99 -9.60 62.56
CA ILE M 156 38.13 -8.72 63.42
C ILE M 156 38.60 -8.92 64.86
N PRO M 157 39.37 -7.97 65.45
CA PRO M 157 40.03 -8.21 66.72
C PRO M 157 39.04 -8.21 67.90
N VAL M 158 39.39 -8.97 68.95
CA VAL M 158 38.47 -9.42 70.03
C VAL M 158 39.08 -9.06 71.40
N CYS M 159 38.31 -8.37 72.25
CA CYS M 159 38.63 -8.15 73.69
C CYS M 159 38.33 -9.46 74.43
N SER M 160 39.37 -10.12 74.95
CA SER M 160 39.32 -11.51 75.51
C SER M 160 38.47 -11.52 76.78
N GLN M 161 38.87 -10.74 77.79
CA GLN M 161 38.19 -10.67 79.11
C GLN M 161 36.87 -9.88 79.00
N CYS M 162 36.57 -9.29 77.83
CA CYS M 162 35.21 -8.78 77.47
C CYS M 162 34.30 -9.96 77.09
N LEU M 163 34.81 -10.96 76.36
CA LEU M 163 34.07 -12.22 76.04
C LEU M 163 33.83 -13.01 77.34
N ALA M 164 34.77 -12.96 78.28
CA ALA M 164 34.70 -13.63 79.60
C ALA M 164 33.41 -13.24 80.34
N GLU M 165 32.99 -11.97 80.25
CA GLU M 165 31.75 -11.45 80.88
C GLU M 165 30.53 -11.95 80.11
N GLU M 166 30.48 -11.70 78.79
CA GLU M 166 29.38 -12.13 77.88
C GLU M 166 29.95 -12.38 76.48
N ALA M 167 29.66 -13.55 75.91
CA ALA M 167 30.11 -13.99 74.56
C ALA M 167 29.24 -13.34 73.49
N TYR M 168 29.66 -12.18 72.99
CA TYR M 168 29.08 -11.47 71.82
C TYR M 168 30.08 -10.45 71.28
N ILE M 169 29.91 -10.06 70.01
CA ILE M 169 30.78 -9.08 69.29
C ILE M 169 30.07 -7.73 69.27
N LYS M 170 30.75 -6.67 69.74
CA LYS M 170 30.29 -5.27 69.67
C LYS M 170 30.51 -4.75 68.25
N GLN M 171 29.76 -3.71 67.86
CA GLN M 171 29.83 -3.07 66.51
C GLN M 171 31.11 -2.21 66.41
N SER M 172 31.67 -1.77 67.54
CA SER M 172 32.87 -0.91 67.64
C SER M 172 34.13 -1.64 67.12
N TRP M 173 34.17 -2.98 67.21
CA TRP M 173 35.36 -3.80 66.84
C TRP M 173 35.45 -4.00 65.31
N HIS M 174 34.41 -3.64 64.56
CA HIS M 174 34.39 -3.66 63.07
C HIS M 174 35.06 -2.41 62.48
N ILE M 175 35.36 -1.40 63.32
CA ILE M 175 36.02 -0.12 62.90
C ILE M 175 37.53 -0.30 63.02
N LYS M 176 38.29 0.11 62.00
CA LYS M 176 39.76 -0.13 61.89
C LYS M 176 40.54 0.75 62.88
N TRP M 177 39.96 1.86 63.35
CA TRP M 177 40.61 2.82 64.30
C TRP M 177 40.60 2.29 65.73
N VAL M 178 39.73 1.32 66.06
CA VAL M 178 39.57 0.74 67.43
C VAL M 178 40.51 -0.47 67.56
N ASN M 179 41.54 -0.37 68.41
CA ASN M 179 42.54 -1.44 68.66
C ASN M 179 42.63 -1.82 70.15
N ALA M 180 41.82 -1.22 71.01
CA ALA M 180 41.92 -1.64 72.42
C ALA M 180 40.58 -1.59 73.11
N CYS M 181 40.45 -2.21 74.28
CA CYS M 181 39.17 -2.23 75.05
C CYS M 181 39.10 -0.99 75.92
N THR M 182 38.03 -0.81 76.67
CA THR M 182 38.13 -0.09 77.96
C THR M 182 37.55 -1.06 78.97
N LYS M 183 36.39 -1.60 78.56
CA LYS M 183 35.60 -2.70 79.17
C LYS M 183 36.64 -3.59 79.83
N HIS M 184 37.63 -2.90 80.41
CA HIS M 184 38.69 -3.86 80.86
C HIS M 184 40.08 -3.23 80.71
N GLN M 185 40.26 -2.29 79.78
CA GLN M 185 41.51 -1.49 79.60
C GLN M 185 42.64 -2.45 79.18
N CYS M 186 42.47 -3.09 78.02
CA CYS M 186 43.37 -4.13 77.46
C CYS M 186 43.40 -4.05 75.93
N ALA M 187 44.52 -4.43 75.32
CA ALA M 187 44.71 -4.51 73.85
C ALA M 187 43.86 -5.64 73.28
N LEU M 188 43.27 -5.44 72.10
CA LEU M 188 42.43 -6.45 71.40
C LEU M 188 43.34 -7.56 70.85
N LEU M 189 42.83 -8.79 70.84
CA LEU M 189 43.52 -10.01 70.35
C LEU M 189 43.19 -10.22 68.87
N HIS M 190 44.22 -10.32 68.01
CA HIS M 190 44.11 -10.41 66.53
C HIS M 190 44.23 -11.87 66.07
N ASN M 191 45.24 -12.61 66.55
CA ASN M 191 45.61 -13.96 66.05
C ASN M 191 45.41 -15.02 67.15
N CYS M 192 45.28 -16.29 66.73
CA CYS M 192 45.10 -17.49 67.60
C CYS M 192 46.36 -17.72 68.44
N PRO M 193 46.25 -18.06 69.73
CA PRO M 193 47.42 -18.42 70.55
C PRO M 193 48.09 -19.76 70.20
N GLU M 194 47.43 -20.64 69.44
CA GLU M 194 47.97 -21.97 69.02
C GLU M 194 48.66 -21.83 67.65
N CYS M 195 47.89 -21.52 66.60
CA CYS M 195 48.32 -21.57 65.17
C CYS M 195 48.96 -20.25 64.73
N TYR M 196 48.67 -19.14 65.43
CA TYR M 196 48.97 -17.74 64.99
C TYR M 196 48.25 -17.47 63.66
N ALA M 197 47.00 -17.93 63.54
CA ALA M 197 46.06 -17.66 62.44
C ALA M 197 45.11 -16.54 62.87
N PRO M 198 44.81 -15.54 62.00
CA PRO M 198 43.95 -14.41 62.41
C PRO M 198 42.54 -14.82 62.84
N ILE M 199 42.03 -14.18 63.90
CA ILE M 199 40.68 -14.44 64.52
C ILE M 199 39.62 -13.67 63.71
N ASN M 200 38.74 -14.41 63.03
CA ASN M 200 37.59 -13.88 62.25
C ASN M 200 36.37 -14.74 62.58
N TYR M 201 35.38 -14.17 63.28
CA TYR M 201 34.19 -14.88 63.82
C TYR M 201 33.12 -15.08 62.72
N ILE M 202 33.27 -14.41 61.57
CA ILE M 202 32.43 -14.63 60.36
C ILE M 202 32.92 -15.90 59.64
N GLU M 203 34.24 -16.01 59.41
CA GLU M 203 34.87 -17.13 58.65
C GLU M 203 34.76 -18.44 59.43
N ASN M 204 34.88 -18.37 60.76
CA ASN M 204 34.94 -19.56 61.67
C ASN M 204 33.54 -19.92 62.18
N GLU M 205 32.55 -19.02 62.04
CA GLU M 205 31.15 -19.18 62.54
C GLU M 205 31.18 -19.56 64.03
N SER M 206 32.03 -18.89 64.81
CA SER M 206 32.25 -19.16 66.26
C SER M 206 32.74 -17.88 66.96
N ILE M 207 31.94 -17.35 67.90
CA ILE M 207 32.24 -16.12 68.67
C ILE M 207 33.27 -16.43 69.75
N THR M 208 33.06 -17.53 70.49
CA THR M 208 33.80 -17.87 71.74
C THR M 208 35.09 -18.63 71.40
N HIS M 209 35.04 -19.57 70.45
CA HIS M 209 36.13 -20.52 70.11
C HIS M 209 36.81 -20.13 68.80
N CYS M 210 38.10 -20.48 68.67
CA CYS M 210 38.91 -20.44 67.43
C CYS M 210 38.73 -21.77 66.67
N SER M 211 38.97 -21.76 65.36
CA SER M 211 39.06 -22.98 64.50
C SER M 211 40.30 -23.79 64.91
N CYS M 212 41.37 -23.11 65.32
CA CYS M 212 42.65 -23.68 65.82
C CYS M 212 42.43 -24.54 67.08
N GLY M 213 41.43 -24.19 67.90
CA GLY M 213 41.02 -24.98 69.08
C GLY M 213 39.64 -24.59 69.59
N PHE M 214 42.09 -22.40 71.07
CA PHE M 214 41.24 -21.99 72.23
C PHE M 214 40.64 -23.24 72.89
N GLU M 215 41.46 -23.97 73.65
CA GLU M 215 41.05 -25.12 74.51
C GLU M 215 40.82 -24.64 75.95
N LEU M 216 41.63 -23.69 76.41
CA LEU M 216 41.61 -23.10 77.79
C LEU M 216 40.69 -21.87 77.78
N SER M 217 40.67 -21.10 78.87
CA SER M 217 39.94 -19.82 79.00
C SER M 217 40.66 -18.73 78.18
N CYS M 218 40.08 -17.53 78.12
CA CYS M 218 40.57 -16.36 77.35
C CYS M 218 42.01 -16.01 77.75
N ALA M 219 42.86 -15.69 76.78
CA ALA M 219 44.34 -15.57 76.92
C ALA M 219 44.72 -14.26 77.61
N SER M 220 46.02 -14.10 77.91
CA SER M 220 46.63 -12.89 78.52
C SER M 220 46.76 -11.78 77.47
N THR M 221 47.07 -10.56 77.92
CA THR M 221 47.05 -9.31 77.10
C THR M 221 48.22 -8.39 77.49
N SER M 222 48.72 -7.62 76.51
CA SER M 222 49.49 -6.37 76.74
C SER M 222 48.51 -5.32 77.27
N PRO M 223 48.81 -4.62 78.39
CA PRO M 223 47.80 -3.79 79.07
C PRO M 223 47.36 -2.59 78.21
N VAL M 224 48.08 -1.46 78.26
CA VAL M 224 47.75 -0.19 77.53
C VAL M 224 48.96 0.74 77.62
N ASN M 225 49.01 1.76 76.74
CA ASN M 225 49.90 2.95 76.89
C ASN M 225 49.32 3.82 78.02
N THR M 226 47.99 3.73 78.24
CA THR M 226 47.23 4.11 79.46
C THR M 226 46.54 5.47 79.25
N LEU M 227 47.15 6.35 78.45
CA LEU M 227 46.62 7.69 78.06
C LEU M 227 45.97 7.60 76.66
N SER M 228 46.28 6.57 75.87
CA SER M 228 45.69 6.33 74.52
C SER M 228 44.20 5.95 74.62
N ILE M 229 43.74 5.46 75.78
CA ILE M 229 42.33 5.00 75.97
C ILE M 229 41.41 6.23 76.07
N GLU M 230 41.84 7.29 76.76
CA GLU M 230 41.05 8.55 76.93
C GLU M 230 41.07 9.36 75.62
N HIS M 231 41.98 9.06 74.68
CA HIS M 231 41.94 9.55 73.28
C HIS M 231 40.75 8.92 72.56
N LEU M 232 40.72 7.59 72.49
CA LEU M 232 39.71 6.78 71.75
C LEU M 232 38.33 6.91 72.42
N ASN M 233 38.27 7.07 73.75
CA ASN M 233 36.99 7.25 74.49
C ASN M 233 36.40 8.62 74.18
N LYS M 234 37.23 9.62 73.87
CA LYS M 234 36.78 10.97 73.41
C LYS M 234 36.24 10.87 71.97
N LEU M 235 36.80 9.97 71.14
CA LEU M 235 36.36 9.75 69.74
C LEU M 235 34.92 9.27 69.72
N LEU M 236 34.63 8.15 70.41
CA LEU M 236 33.34 7.42 70.33
C LEU M 236 32.29 8.02 71.28
N ASP M 237 32.61 9.10 72.01
CA ASP M 237 31.61 9.98 72.68
C ASP M 237 30.81 10.69 71.59
N LYS M 238 29.50 10.88 71.80
CA LYS M 238 28.51 11.14 70.73
C LYS M 238 28.69 12.55 70.14
N GLY M 239 28.00 13.57 70.66
CA GLY M 239 27.85 14.87 69.98
C GLY M 239 27.66 16.05 70.93
N GLU M 240 28.61 16.28 71.85
CA GLU M 240 28.76 17.53 72.65
C GLU M 240 29.96 17.42 73.59
N ARG M 241 30.80 18.47 73.62
CA ARG M 241 31.79 18.85 74.67
C ARG M 241 33.13 19.23 74.01
N ASN M 242 33.77 20.28 74.53
CA ASN M 242 35.00 20.92 73.97
C ASN M 242 36.21 20.58 74.83
N ASP M 243 37.41 20.73 74.27
CA ASP M 243 38.72 20.45 74.94
C ASP M 243 39.83 21.22 74.20
N SER M 244 41.09 20.90 74.48
CA SER M 244 42.30 21.50 73.84
C SER M 244 42.35 21.13 72.35
N ASN M 245 42.09 19.86 72.02
CA ASN M 245 42.22 19.29 70.65
C ASN M 245 40.98 19.61 69.83
N PRO M 246 41.10 20.35 68.69
CA PRO M 246 39.99 20.57 67.77
C PRO M 246 39.26 19.32 67.22
N LEU M 247 39.95 18.18 67.12
CA LEU M 247 39.37 16.90 66.62
C LEU M 247 38.30 16.39 67.61
N PHE M 248 38.62 16.33 68.90
CA PHE M 248 37.73 15.87 69.99
C PHE M 248 36.91 17.04 70.56
N ASN M 249 36.86 18.18 69.86
CA ASN M 249 36.08 19.39 70.24
C ASN M 249 34.60 19.11 69.99
N ASN M 250 33.73 20.11 70.22
CA ASN M 250 32.26 20.04 69.99
C ASN M 250 31.99 19.65 68.52
N MET M 251 31.94 18.34 68.26
CA MET M 251 31.62 17.73 66.94
C MET M 251 30.80 16.45 67.17
N THR M 252 30.15 15.95 66.11
CA THR M 252 29.43 14.65 66.07
C THR M 252 30.34 13.64 65.36
N LEU M 253 30.20 12.35 65.71
CA LEU M 253 31.15 11.24 65.37
C LEU M 253 31.37 11.13 63.86
N THR M 254 30.34 11.38 63.04
CA THR M 254 30.39 11.22 61.56
C THR M 254 31.41 12.17 60.93
N GLU M 255 31.56 13.39 61.47
CA GLU M 255 32.53 14.42 60.98
C GLU M 255 33.91 14.17 61.58
N ARG M 256 33.96 13.54 62.76
CA ARG M 256 35.23 13.14 63.44
C ARG M 256 35.96 12.11 62.58
N PHE M 257 35.23 11.29 61.82
CA PHE M 257 35.76 10.32 60.83
C PHE M 257 36.18 11.05 59.54
N ALA M 258 35.43 12.08 59.14
CA ALA M 258 35.72 12.95 57.96
C ALA M 258 37.11 13.58 58.11
N ALA M 259 37.44 14.08 59.30
CA ALA M 259 38.75 14.68 59.65
C ALA M 259 39.87 13.65 59.49
N LEU M 260 39.64 12.41 59.96
CA LEU M 260 40.62 11.29 59.91
C LEU M 260 40.87 10.89 58.44
N LEU M 261 39.83 10.84 57.61
CA LEU M 261 39.96 10.49 56.16
C LEU M 261 40.72 11.60 55.42
N TRP M 262 40.46 12.87 55.76
CA TRP M 262 41.18 14.06 55.22
C TRP M 262 42.67 13.97 55.56
N TYR M 263 43.00 13.60 56.80
CA TYR M 263 44.38 13.47 57.33
C TYR M 263 45.15 12.40 56.54
N GLN M 264 44.51 11.28 56.21
CA GLN M 264 45.16 10.10 55.56
C GLN M 264 45.64 10.48 54.15
N GLU M 265 44.72 10.91 53.29
CA GLU M 265 44.97 11.17 51.83
C GLU M 265 45.88 12.40 51.63
N ARG M 266 46.07 13.25 52.64
CA ARG M 266 47.00 14.42 52.59
C ARG M 266 48.45 13.92 52.64
N TYR M 267 48.76 12.95 53.51
CA TYR M 267 50.13 12.42 53.78
C TYR M 267 50.26 10.95 53.33
N SER M 268 49.30 10.46 52.52
CA SER M 268 49.28 9.10 51.93
C SER M 268 49.39 8.04 53.03
N GLN M 269 48.64 8.21 54.12
CA GLN M 269 48.55 7.28 55.27
C GLN M 269 47.32 6.38 55.09
N THR M 270 47.17 5.80 53.90
CA THR M 270 46.00 4.99 53.46
C THR M 270 45.94 3.69 54.27
N ASP M 271 47.06 2.97 54.37
CA ASP M 271 47.18 1.65 55.06
C ASP M 271 47.44 1.85 56.56
N ASN M 272 47.97 3.01 56.97
CA ASN M 272 48.22 3.35 58.40
C ASN M 272 46.88 3.68 59.07
N PHE M 273 46.61 3.06 60.23
CA PHE M 273 45.36 3.21 61.03
C PHE M 273 45.69 3.45 62.51
N CYS M 274 46.88 3.98 62.81
CA CYS M 274 47.32 4.34 64.19
C CYS M 274 46.63 5.64 64.61
N LEU M 275 45.81 5.59 65.67
CA LEU M 275 45.00 6.72 66.16
C LEU M 275 45.89 7.81 66.78
N ASN M 276 46.97 7.41 67.46
CA ASN M 276 47.90 8.33 68.19
C ASN M 276 48.69 9.20 67.19
N ASP M 277 48.86 8.76 65.94
CA ASP M 277 49.56 9.50 64.87
C ASP M 277 48.70 10.65 64.32
N ALA M 278 47.39 10.65 64.58
CA ALA M 278 46.41 11.66 64.11
C ALA M 278 46.13 12.72 65.19
N VAL M 279 45.94 12.28 66.44
CA VAL M 279 45.50 13.15 67.58
C VAL M 279 46.63 14.09 68.00
N ASN M 280 47.89 13.66 67.92
CA ASN M 280 49.09 14.50 68.20
C ASN M 280 49.25 15.54 67.08
N TYR M 281 48.93 15.17 65.84
CA TYR M 281 48.95 16.06 64.64
C TYR M 281 47.90 17.16 64.80
N PHE M 282 46.66 16.78 65.12
CA PHE M 282 45.50 17.73 65.21
C PHE M 282 45.54 18.54 66.51
N SER M 283 46.40 18.20 67.48
CA SER M 283 46.57 18.96 68.76
C SER M 283 47.13 20.36 68.48
N LYS M 284 47.95 20.51 67.43
CA LYS M 284 48.64 21.78 67.04
C LYS M 284 47.97 22.39 65.79
N TRP M 285 46.69 22.05 65.54
CA TRP M 285 46.00 22.11 64.22
C TRP M 285 46.31 23.41 63.47
N PRO M 286 45.99 24.62 64.00
CA PRO M 286 46.05 25.85 63.21
C PRO M 286 47.45 26.17 62.65
N ALA M 287 48.50 25.91 63.44
CA ALA M 287 49.91 26.22 63.11
C ALA M 287 50.44 25.31 61.98
N VAL M 288 50.05 24.03 61.96
CA VAL M 288 50.61 23.00 61.04
C VAL M 288 50.09 23.26 59.62
N PHE M 289 48.83 23.72 59.49
CA PHE M 289 48.10 23.87 58.21
C PHE M 289 48.39 25.24 57.58
N ASN M 290 48.63 26.26 58.40
CA ASN M 290 49.01 27.64 57.95
C ASN M 290 50.38 27.57 57.27
N THR M 291 51.41 27.09 57.99
CA THR M 291 52.83 26.99 57.52
C THR M 291 52.93 26.11 56.27
N GLU M 292 52.05 25.11 56.13
CA GLU M 292 51.94 24.24 54.93
C GLU M 292 51.39 25.05 53.75
N LEU M 293 50.52 26.04 54.01
CA LEU M 293 49.87 26.89 52.98
C LEU M 293 50.71 28.17 52.71
N ASP M 294 51.64 28.51 53.61
CA ASP M 294 52.46 29.76 53.52
C ASP M 294 53.55 29.60 52.45
N GLU M 295 54.19 28.42 52.38
CA GLU M 295 55.27 28.12 51.39
C GLU M 295 54.69 28.02 49.98
N LEU M 296 53.42 27.62 49.83
CA LEU M 296 52.72 27.54 48.50
C LEU M 296 52.42 28.96 47.98
N SER M 297 52.20 29.93 48.88
CA SER M 297 51.97 31.36 48.55
C SER M 297 53.30 32.05 48.19
N LYS M 298 54.36 31.80 48.98
CA LYS M 298 55.72 32.36 48.77
C LYS M 298 56.34 31.79 47.48
N ASN M 299 56.11 30.50 47.21
CA ASN M 299 56.64 29.77 46.01
C ASN M 299 55.52 29.56 44.99
N ALA M 300 54.69 30.59 44.76
CA ALA M 300 53.61 30.60 43.74
C ALA M 300 54.18 31.09 42.40
N GLU M 301 54.98 32.17 42.44
CA GLU M 301 55.66 32.78 41.27
C GLU M 301 56.67 31.80 40.66
N MET M 302 57.28 30.94 41.49
CA MET M 302 58.36 30.00 41.10
C MET M 302 57.82 28.93 40.11
N LYS M 303 56.56 28.51 40.27
CA LYS M 303 55.95 27.36 39.54
C LYS M 303 55.29 27.80 38.22
N LEU M 304 55.17 29.12 37.98
CA LEU M 304 54.32 29.70 36.89
C LEU M 304 54.81 29.23 35.51
N ILE M 305 53.92 28.60 34.75
CA ILE M 305 54.05 28.32 33.27
C ILE M 305 53.27 29.38 32.48
N ASP M 306 52.30 30.06 33.12
CA ASP M 306 51.48 31.16 32.53
C ASP M 306 51.37 32.30 33.56
N LEU M 307 50.52 33.31 33.30
CA LEU M 307 50.23 34.42 34.25
C LEU M 307 49.22 33.92 35.29
N PHE M 308 49.10 34.61 36.42
CA PHE M 308 48.20 34.24 37.56
C PHE M 308 46.74 34.17 37.10
N ASN M 309 46.31 35.06 36.20
CA ASN M 309 44.89 35.19 35.75
C ASN M 309 44.52 34.06 34.77
N LYS M 310 45.47 33.25 34.31
CA LYS M 310 45.23 32.11 33.38
C LYS M 310 45.39 30.76 34.11
N THR M 311 46.28 30.65 35.09
CA THR M 311 46.58 29.41 35.85
C THR M 311 45.42 29.09 36.82
N GLU M 312 45.16 27.80 37.05
CA GLU M 312 44.11 27.29 37.98
C GLU M 312 44.66 27.28 39.42
N PHE M 313 43.77 27.10 40.40
CA PHE M 313 44.12 27.09 41.85
C PHE M 313 44.87 25.81 42.23
N LYS M 314 44.43 24.66 41.70
CA LYS M 314 44.98 23.31 42.02
C LYS M 314 46.38 23.13 41.42
N PHE M 315 46.79 23.97 40.46
CA PHE M 315 48.15 23.98 39.86
C PHE M 315 49.18 24.42 40.93
N ILE M 316 48.80 25.37 41.79
CA ILE M 316 49.68 25.97 42.84
C ILE M 316 49.44 25.25 44.18
N PHE M 317 48.19 25.26 44.68
CA PHE M 317 47.84 24.85 46.06
C PHE M 317 47.58 23.34 46.15
N GLY M 318 47.07 22.73 45.08
CA GLY M 318 46.97 21.27 44.90
C GLY M 318 45.90 20.62 45.77
N ASP M 319 44.67 20.53 45.24
CA ASP M 319 43.60 19.60 45.69
C ASP M 319 43.02 20.01 47.06
N ALA M 320 43.58 21.03 47.73
CA ALA M 320 43.33 21.35 49.16
C ALA M 320 41.88 21.81 49.39
N ILE M 321 41.19 22.31 48.36
CA ILE M 321 39.80 22.85 48.44
C ILE M 321 38.78 21.70 48.29
N LEU M 322 38.96 20.82 47.30
CA LEU M 322 37.95 19.77 46.94
C LEU M 322 38.12 18.54 47.84
N ALA M 323 39.29 18.36 48.46
CA ALA M 323 39.58 17.31 49.45
C ALA M 323 38.95 17.66 50.80
N CYS M 324 38.73 18.96 51.07
CA CYS M 324 38.15 19.50 52.34
C CYS M 324 36.84 18.81 52.67
N PRO M 325 36.57 18.44 53.96
CA PRO M 325 35.26 17.91 54.35
C PRO M 325 34.11 18.86 54.00
N SER M 326 33.10 18.34 53.31
CA SER M 326 31.94 19.11 52.76
C SER M 326 31.07 19.64 53.91
N THR M 327 30.43 20.79 53.70
CA THR M 327 29.50 21.47 54.64
C THR M 327 28.07 21.34 54.12
N GLN M 328 27.68 20.11 53.72
CA GLN M 328 26.31 19.76 53.27
C GLN M 328 25.41 19.51 54.49
N LYS M 329 25.97 19.38 55.70
CA LYS M 329 25.23 19.11 56.96
C LYS M 329 24.84 20.45 57.62
N GLN M 330 23.53 20.71 57.74
CA GLN M 330 22.92 21.77 58.61
C GLN M 330 23.25 23.19 58.13
N SER M 331 24.20 23.36 57.20
CA SER M 331 25.00 24.59 56.99
C SER M 331 25.90 24.85 58.22
N GLU M 332 26.35 23.77 58.88
CA GLU M 332 27.36 23.78 59.98
C GLU M 332 28.72 23.47 59.34
N SER M 333 29.65 24.43 59.40
CA SER M 333 30.97 24.37 58.74
C SER M 333 31.90 23.45 59.55
N HIS M 334 32.80 22.73 58.87
CA HIS M 334 33.83 21.86 59.49
C HIS M 334 34.97 22.76 60.01
N PHE M 335 35.65 22.33 61.09
CA PHE M 335 36.78 23.08 61.72
C PHE M 335 37.95 23.16 60.74
N ILE M 336 38.11 22.14 59.88
CA ILE M 336 39.09 22.12 58.75
C ILE M 336 38.68 23.17 57.72
N TYR M 337 37.38 23.25 57.39
CA TYR M 337 36.81 24.19 56.39
C TYR M 337 36.91 25.64 56.89
N ARG M 338 36.66 25.87 58.18
CA ARG M 338 36.75 27.22 58.82
C ARG M 338 38.20 27.72 58.79
N ALA M 339 39.18 26.84 59.01
CA ALA M 339 40.63 27.15 59.05
C ALA M 339 41.15 27.46 57.63
N LEU M 340 40.73 26.69 56.62
CA LEU M 340 41.14 26.83 55.20
C LEU M 340 40.76 28.22 54.67
N LEU M 341 39.46 28.54 54.72
CA LEU M 341 38.86 29.75 54.09
C LEU M 341 39.36 31.02 54.81
N ASP M 342 39.50 30.98 56.13
CA ASP M 342 40.02 32.10 56.97
C ASP M 342 41.47 32.44 56.57
N TYR M 343 42.22 31.51 55.98
CA TYR M 343 43.54 31.78 55.35
C TYR M 343 43.34 32.48 54.00
N LEU M 344 42.31 32.08 53.22
CA LEU M 344 42.00 32.66 51.89
C LEU M 344 41.45 34.09 52.04
N VAL M 345 40.80 34.40 53.17
CA VAL M 345 40.28 35.78 53.47
C VAL M 345 41.48 36.74 53.67
N THR M 346 42.53 36.31 54.38
CA THR M 346 43.75 37.12 54.64
C THR M 346 44.70 37.09 53.44
N LEU M 347 44.49 36.18 52.48
CA LEU M 347 45.27 36.11 51.21
C LEU M 347 44.88 37.28 50.32
N VAL M 348 43.58 37.52 50.11
CA VAL M 348 43.03 38.66 49.29
C VAL M 348 43.23 39.98 50.05
N GLU M 349 43.45 39.93 51.37
CA GLU M 349 43.79 41.11 52.22
C GLU M 349 45.19 41.62 51.84
N SER M 350 46.17 40.72 51.72
CA SER M 350 47.60 41.02 51.43
C SER M 350 47.84 41.23 49.93
N ASN M 351 46.90 40.81 49.07
CA ASN M 351 46.94 40.96 47.60
C ASN M 351 45.88 41.98 47.16
N PRO M 352 46.14 43.30 47.26
CA PRO M 352 45.19 44.31 46.78
C PRO M 352 45.09 44.34 45.25
N LYS M 353 43.96 44.82 44.73
CA LYS M 353 43.58 44.74 43.30
C LYS M 353 44.39 45.76 42.50
N THR M 354 45.53 45.33 41.94
CA THR M 354 46.43 46.15 41.07
C THR M 354 46.41 45.56 39.65
N LYS M 355 46.95 46.30 38.68
CA LYS M 355 46.92 45.98 37.22
C LYS M 355 47.72 44.69 36.96
N LYS M 356 48.89 44.55 37.60
CA LYS M 356 49.70 43.29 37.65
C LYS M 356 48.87 42.22 38.35
N PRO M 357 48.71 41.01 37.75
CA PRO M 357 48.00 39.91 38.41
C PRO M 357 48.86 39.24 39.49
N ASN M 358 48.25 38.89 40.63
CA ASN M 358 48.93 38.33 41.83
C ASN M 358 48.19 37.05 42.26
N ALA M 359 48.52 36.48 43.43
CA ALA M 359 48.13 35.13 43.89
C ALA M 359 46.61 35.01 44.14
N ALA M 360 45.87 36.13 44.20
CA ALA M 360 44.40 36.16 44.41
C ALA M 360 43.63 36.10 43.07
N ASP M 361 44.33 36.08 41.93
CA ASP M 361 43.72 35.99 40.57
C ASP M 361 43.74 34.54 40.06
N LEU M 362 43.98 33.54 40.94
CA LEU M 362 43.98 32.10 40.55
C LEU M 362 42.55 31.68 40.21
N LEU M 363 42.40 30.90 39.13
CA LEU M 363 41.08 30.45 38.60
C LEU M 363 40.57 29.30 39.48
N VAL M 364 39.29 29.41 39.87
CA VAL M 364 38.53 28.45 40.72
C VAL M 364 37.39 27.89 39.86
N SER M 365 37.24 26.55 39.86
CA SER M 365 36.16 25.82 39.14
C SER M 365 34.89 25.83 39.99
N VAL M 366 33.80 25.30 39.43
CA VAL M 366 32.41 25.45 39.96
C VAL M 366 32.22 24.52 41.18
N LEU M 367 32.89 23.36 41.22
CA LEU M 367 32.90 22.44 42.38
C LEU M 367 33.67 23.08 43.55
N GLU M 368 34.85 23.65 43.27
CA GLU M 368 35.67 24.39 44.27
C GLU M 368 34.94 25.65 44.74
N ALA M 369 34.19 26.29 43.84
CA ALA M 369 33.32 27.46 44.12
C ALA M 369 32.13 27.03 44.99
N ALA M 370 31.55 25.86 44.72
CA ALA M 370 30.40 25.27 45.46
C ALA M 370 30.78 24.99 46.91
N THR M 371 31.99 24.47 47.15
CA THR M 371 32.54 24.17 48.50
C THR M 371 32.77 25.47 49.28
N LEU M 372 33.40 26.47 48.66
CA LEU M 372 33.74 27.78 49.29
C LEU M 372 32.47 28.55 49.67
N LEU M 373 31.37 28.37 48.93
CA LEU M 373 30.03 28.96 49.25
C LEU M 373 29.28 28.05 50.23
N GLY M 374 29.50 26.72 50.14
CA GLY M 374 28.85 25.73 51.01
C GLY M 374 27.40 25.50 50.62
N THR M 375 27.13 25.39 49.32
CA THR M 375 25.79 25.18 48.70
C THR M 375 25.89 24.06 47.66
N SER M 376 24.77 23.72 47.02
CA SER M 376 24.69 22.76 45.88
C SER M 376 25.35 23.37 44.64
N VAL M 377 25.72 22.54 43.66
CA VAL M 377 26.48 22.96 42.45
C VAL M 377 25.52 23.63 41.45
N GLU M 378 24.25 23.21 41.42
CA GLU M 378 23.16 23.81 40.59
C GLU M 378 22.91 25.24 41.07
N GLN M 379 22.88 25.46 42.39
CA GLN M 379 22.69 26.80 43.02
C GLN M 379 23.79 27.77 42.53
N VAL M 380 25.02 27.28 42.35
CA VAL M 380 26.20 28.11 41.93
C VAL M 380 26.16 28.28 40.40
N TYR M 381 25.62 27.31 39.65
CA TYR M 381 25.31 27.43 38.20
C TYR M 381 24.20 28.48 37.98
N ARG M 382 23.26 28.57 38.92
CA ARG M 382 22.09 29.50 38.82
C ARG M 382 22.56 30.93 39.07
N LEU M 383 23.52 31.13 39.98
CA LEU M 383 24.21 32.44 40.18
C LEU M 383 24.93 32.84 38.89
N TYR M 384 25.48 31.87 38.15
CA TYR M 384 26.08 32.07 36.79
C TYR M 384 24.98 32.38 35.77
N GLN M 385 23.80 31.73 35.89
CA GLN M 385 22.64 31.91 34.97
C GLN M 385 22.18 33.37 34.96
N ASN M 386 21.96 33.96 36.15
CA ASN M 386 21.45 35.35 36.33
C ASN M 386 22.58 36.37 36.21
N GLY M 387 23.85 35.94 36.28
CA GLY M 387 25.03 36.80 36.13
C GLY M 387 25.37 37.52 37.43
N ILE M 388 25.31 36.81 38.56
CA ILE M 388 25.66 37.31 39.93
C ILE M 388 27.17 37.11 40.12
N LEU M 389 27.65 35.88 39.90
CA LEU M 389 29.10 35.53 39.81
C LEU M 389 29.50 35.53 38.33
N GLN M 390 30.62 36.18 38.01
CA GLN M 390 31.03 36.54 36.62
C GLN M 390 32.27 35.72 36.22
N THR M 391 32.28 35.19 34.99
CA THR M 391 33.33 34.28 34.47
C THR M 391 34.60 35.09 34.13
N ALA M 392 35.72 34.41 33.90
CA ALA M 392 37.05 35.00 33.62
C ALA M 392 37.05 35.67 32.24
N PHE M 393 36.76 34.89 31.19
CA PHE M 393 36.74 35.32 29.77
C PHE M 393 35.47 34.72 29.13
N ARG M 394 34.63 35.58 28.53
CA ARG M 394 33.22 35.25 28.15
C ARG M 394 33.22 34.15 27.09
N HIS M 395 32.20 33.28 27.13
CA HIS M 395 32.00 32.14 26.20
C HIS M 395 31.44 32.64 24.87
N LYS M 396 31.27 31.73 23.89
CA LYS M 396 30.86 32.09 22.51
C LYS M 396 29.84 31.08 21.97
N MET M 397 28.66 31.07 22.59
CA MET M 397 27.33 30.72 22.02
C MET M 397 26.95 29.25 22.30
N ASN M 398 27.92 28.33 22.38
CA ASN M 398 27.67 26.87 22.60
C ASN M 398 28.45 26.31 23.81
N GLN M 399 29.27 27.12 24.49
CA GLN M 399 30.13 26.66 25.62
C GLN M 399 29.27 26.53 26.89
N ARG M 400 28.95 25.28 27.28
CA ARG M 400 28.46 24.92 28.64
C ARG M 400 29.70 24.64 29.49
N ILE M 401 29.83 25.29 30.65
CA ILE M 401 31.08 25.30 31.49
C ILE M 401 31.39 23.86 31.91
N ASN M 402 32.62 23.41 31.62
CA ASN M 402 33.18 22.12 32.13
C ASN M 402 33.32 22.23 33.64
N PRO M 403 32.65 21.36 34.45
CA PRO M 403 32.70 21.47 35.91
C PRO M 403 34.09 21.41 36.60
N TYR M 404 35.14 20.98 35.90
CA TYR M 404 36.52 20.83 36.43
C TYR M 404 37.43 21.95 35.91
N LYS M 405 37.18 22.47 34.71
CA LYS M 405 37.86 23.67 34.13
C LYS M 405 37.59 24.88 35.02
N GLY M 406 38.65 25.59 35.45
CA GLY M 406 38.59 26.76 36.35
C GLY M 406 37.91 27.95 35.68
N ALA M 407 36.72 28.31 36.14
CA ALA M 407 35.79 29.27 35.50
C ALA M 407 35.97 30.67 36.11
N PHE M 408 35.70 30.80 37.41
CA PHE M 408 35.71 32.10 38.16
C PHE M 408 37.09 32.35 38.75
N PHE M 409 37.40 33.61 39.08
CA PHE M 409 38.58 34.01 39.88
C PHE M 409 38.33 33.62 41.35
N LEU M 410 39.41 33.40 42.11
CA LEU M 410 39.35 33.25 43.60
C LEU M 410 38.89 34.60 44.23
N ARG M 411 39.18 35.71 43.56
CA ARG M 411 39.08 37.11 44.07
C ARG M 411 37.65 37.42 44.55
N HIS M 412 36.70 37.68 43.64
CA HIS M 412 35.35 38.22 43.97
C HIS M 412 34.42 37.11 44.48
N VAL M 413 34.80 35.84 44.31
CA VAL M 413 34.12 34.65 44.93
C VAL M 413 34.19 34.78 46.46
N ILE M 414 35.32 35.27 47.00
CA ILE M 414 35.53 35.54 48.45
C ILE M 414 34.69 36.76 48.85
N GLU M 415 34.82 37.88 48.11
CA GLU M 415 34.09 39.15 48.38
C GLU M 415 32.57 38.90 48.35
N TYR M 416 32.09 37.97 47.51
CA TYR M 416 30.68 37.51 47.50
C TYR M 416 30.36 36.77 48.81
N LYS M 417 31.29 35.95 49.30
CA LYS M 417 31.10 35.15 50.55
C LYS M 417 31.13 36.08 51.77
N THR M 418 31.94 37.14 51.74
CA THR M 418 32.04 38.15 52.84
C THR M 418 30.81 39.06 52.85
N SER M 419 30.06 39.15 51.73
CA SER M 419 28.77 39.87 51.64
C SER M 419 27.74 39.22 52.59
N PHE M 420 27.75 37.89 52.68
CA PHE M 420 26.97 37.08 53.67
C PHE M 420 27.73 37.04 55.00
N GLY M 421 27.16 37.61 56.06
CA GLY M 421 27.79 37.71 57.40
C GLY M 421 27.41 36.55 58.30
N ASN M 422 28.40 35.75 58.72
CA ASN M 422 28.27 34.72 59.80
C ASN M 422 29.09 35.20 61.02
N ASP M 423 28.84 34.57 62.18
CA ASP M 423 29.17 35.12 63.52
C ASP M 423 30.69 35.24 63.73
N LYS M 424 31.46 34.24 63.28
CA LYS M 424 32.93 34.15 63.50
C LYS M 424 33.69 34.71 62.29
N ALA M 425 33.28 35.89 61.79
CA ALA M 425 34.05 36.72 60.83
C ALA M 425 35.05 37.57 61.61
N ARG M 426 36.14 37.99 60.97
CA ARG M 426 37.27 38.75 61.60
C ARG M 426 36.94 40.25 61.68
N MET M 427 35.76 40.68 61.19
CA MET M 427 35.34 42.11 61.11
C MET M 427 35.08 42.66 62.52
N TYR M 428 34.32 41.93 63.33
CA TYR M 428 33.89 42.34 64.70
C TYR M 428 35.05 42.15 65.68
#